data_4RU1
#
_entry.id   4RU1
#
_cell.length_a   52.537
_cell.length_b   149.976
_cell.length_c   221.631
_cell.angle_alpha   90.00
_cell.angle_beta   91.85
_cell.angle_gamma   90.00
#
_symmetry.space_group_name_H-M   'P 1 21 1'
#
loop_
_entity.id
_entity.type
_entity.pdbx_description
1 polymer 'Monosaccharide ABC transporter substrate-binding protein, CUT2 family'
2 non-polymer 1,2,3,4,5,6-HEXAHYDROXY-CYCLOHEXANE
3 non-polymer 'CITRIC ACID'
4 water water
#
_entity_poly.entity_id   1
_entity_poly.type   'polypeptide(L)'
_entity_poly.pdbx_seq_one_letter_code
;SMAQSTEQAAASAGKANTPHLTIAMITHQQPGDTFWDIIRKGALAAAAKDNVTLKYSNDPDSTKEAVLIQDAVNAKVDGI
AVTIPDPPALIPAIKQAVAAGIPVVAFNAGIDQWKESGALMYFGQDETVAGQAAGARATSEGFKHVLCVLQAQGQVQLES
RCNGVQQTFKGQYTKLYVNGADQPSVRTTIAAKLKQDPSIDLVITLGAPIAQLAIQAVKDAGSNAKIATFDFNTQVPAEI
ENGQLQWAIDQQPYVEGYEAVDSLWLYITNGDTIGGGEAVKTGPFFVDKSNVAAVAKFAERGTR
;
_entity_poly.pdbx_strand_id   A,B,C,D,E,F,G,H,I,J,K,L
#
# COMPACT_ATOMS: atom_id res chain seq x y z
N ASN A 17 -24.72 -39.11 7.25
CA ASN A 17 -24.31 -37.82 7.88
C ASN A 17 -23.98 -36.81 6.78
N THR A 18 -22.99 -37.11 5.95
CA THR A 18 -22.49 -36.14 4.98
C THR A 18 -22.49 -36.75 3.56
N PRO A 19 -22.45 -35.90 2.49
CA PRO A 19 -22.47 -36.57 1.20
C PRO A 19 -21.11 -37.24 0.89
N HIS A 20 -21.15 -38.35 0.18
CA HIS A 20 -19.93 -39.05 -0.12
C HIS A 20 -19.57 -38.70 -1.55
N LEU A 21 -18.32 -38.29 -1.76
CA LEU A 21 -17.82 -37.86 -3.05
C LEU A 21 -16.68 -38.73 -3.55
N THR A 22 -16.64 -38.90 -4.87
CA THR A 22 -15.54 -39.59 -5.52
C THR A 22 -14.79 -38.60 -6.38
N ILE A 23 -13.52 -38.38 -6.02
CA ILE A 23 -12.67 -37.42 -6.79
CA ILE A 23 -12.67 -37.42 -6.77
C ILE A 23 -11.51 -38.14 -7.43
N ALA A 24 -11.35 -37.93 -8.77
CA ALA A 24 -10.18 -38.43 -9.54
C ALA A 24 -9.08 -37.44 -9.50
N MET A 25 -7.92 -37.83 -8.99
CA MET A 25 -6.68 -36.99 -9.09
C MET A 25 -5.77 -37.63 -10.12
N ILE A 26 -5.47 -36.88 -11.20
CA ILE A 26 -4.79 -37.37 -12.38
C ILE A 26 -3.55 -36.54 -12.60
N THR A 27 -2.40 -37.21 -12.60
CA THR A 27 -1.16 -36.51 -12.71
C THR A 27 -0.23 -37.14 -13.78
N HIS A 28 0.89 -36.46 -13.97
CA HIS A 28 1.97 -36.86 -14.89
C HIS A 28 3.16 -37.52 -14.21
N GLN A 29 2.98 -37.94 -12.93
CA GLN A 29 4.01 -38.55 -12.08
C GLN A 29 4.75 -39.64 -12.89
N GLN A 30 6.06 -39.50 -12.95
CA GLN A 30 6.91 -40.62 -13.38
C GLN A 30 6.95 -41.61 -12.25
N PRO A 31 6.79 -42.90 -12.52
CA PRO A 31 6.90 -43.85 -11.38
C PRO A 31 8.19 -43.74 -10.64
N GLY A 32 8.09 -43.64 -9.33
CA GLY A 32 9.25 -43.52 -8.47
C GLY A 32 9.70 -42.09 -8.14
N ASP A 33 8.98 -41.09 -8.64
CA ASP A 33 9.22 -39.67 -8.32
C ASP A 33 8.50 -39.37 -7.00
N THR A 34 9.29 -39.34 -5.93
CA THR A 34 8.80 -39.24 -4.60
C THR A 34 8.12 -37.89 -4.27
N PHE A 35 8.33 -36.89 -5.11
CA PHE A 35 7.64 -35.61 -4.93
C PHE A 35 6.16 -35.82 -4.81
N TRP A 36 5.63 -36.77 -5.55
CA TRP A 36 4.19 -36.97 -5.75
C TRP A 36 3.64 -37.66 -4.47
N ASP A 37 4.50 -38.34 -3.70
CA ASP A 37 4.04 -38.88 -2.38
C ASP A 37 3.63 -37.73 -1.45
N ILE A 38 4.27 -36.57 -1.53
CA ILE A 38 3.86 -35.47 -0.67
C ILE A 38 2.54 -34.89 -1.16
N ILE A 39 2.38 -34.72 -2.47
CA ILE A 39 1.08 -34.32 -3.09
C ILE A 39 -0.01 -35.25 -2.58
N ARG A 40 0.27 -36.54 -2.65
CA ARG A 40 -0.77 -37.50 -2.23
C ARG A 40 -1.12 -37.48 -0.74
N LYS A 41 -0.14 -37.22 0.11
CA LYS A 41 -0.41 -37.08 1.59
C LYS A 41 -1.33 -35.90 1.83
N GLY A 42 -1.08 -34.76 1.17
CA GLY A 42 -2.06 -33.64 1.25
C GLY A 42 -3.48 -33.90 0.80
N ALA A 43 -3.52 -34.55 -0.35
CA ALA A 43 -4.80 -34.91 -0.95
C ALA A 43 -5.57 -35.87 -0.04
N LEU A 44 -4.91 -36.90 0.52
CA LEU A 44 -5.59 -37.86 1.41
C LEU A 44 -5.97 -37.21 2.71
N ALA A 45 -5.23 -36.18 3.13
CA ALA A 45 -5.59 -35.52 4.44
C ALA A 45 -6.91 -34.75 4.25
N ALA A 46 -7.07 -34.12 3.07
CA ALA A 46 -8.34 -33.47 2.71
C ALA A 46 -9.48 -34.44 2.54
N ALA A 47 -9.16 -35.54 1.90
CA ALA A 47 -10.16 -36.51 1.46
C ALA A 47 -10.74 -37.18 2.74
N ALA A 48 -9.87 -37.47 3.72
CA ALA A 48 -10.26 -38.03 5.02
C ALA A 48 -11.32 -37.13 5.74
N LYS A 49 -11.21 -35.82 5.58
CA LYS A 49 -12.07 -34.85 6.29
C LYS A 49 -13.32 -34.57 5.51
N ASP A 50 -13.27 -34.77 4.19
CA ASP A 50 -14.36 -34.32 3.31
C ASP A 50 -15.23 -35.46 2.82
N ASN A 51 -15.02 -36.64 3.39
CA ASN A 51 -15.78 -37.83 2.95
C ASN A 51 -15.66 -38.09 1.44
N VAL A 52 -14.41 -38.08 0.99
CA VAL A 52 -14.07 -38.29 -0.41
C VAL A 52 -13.35 -39.62 -0.54
N THR A 53 -13.74 -40.38 -1.56
CA THR A 53 -12.91 -41.48 -2.04
C THR A 53 -12.02 -40.90 -3.15
N LEU A 54 -10.73 -40.95 -2.96
CA LEU A 54 -9.73 -40.38 -3.85
C LEU A 54 -9.25 -41.46 -4.75
N LYS A 55 -9.47 -41.30 -6.04
CA LYS A 55 -8.93 -42.20 -7.03
C LYS A 55 -7.73 -41.49 -7.67
N TYR A 56 -6.55 -42.03 -7.42
CA TYR A 56 -5.32 -41.45 -7.94
C TYR A 56 -4.81 -42.23 -9.12
N SER A 57 -4.51 -41.53 -10.24
CA SER A 57 -3.94 -42.16 -11.42
C SER A 57 -2.92 -41.25 -12.06
N ASN A 58 -2.01 -41.86 -12.77
CA ASN A 58 -0.91 -41.12 -13.36
C ASN A 58 -0.26 -41.78 -14.54
N ASP A 59 0.29 -40.92 -15.40
CA ASP A 59 1.14 -41.42 -16.48
C ASP A 59 2.01 -40.31 -17.00
N PRO A 60 3.33 -40.59 -17.14
CA PRO A 60 4.19 -39.51 -17.69
C PRO A 60 4.07 -39.30 -19.21
N ASP A 61 3.33 -40.17 -19.90
CA ASP A 61 2.95 -39.97 -21.33
C ASP A 61 1.63 -39.17 -21.36
N SER A 62 1.74 -37.91 -21.78
CA SER A 62 0.57 -37.07 -21.80
C SER A 62 -0.60 -37.60 -22.62
N THR A 63 -0.34 -38.43 -23.66
CA THR A 63 -1.47 -39.02 -24.43
C THR A 63 -2.20 -39.97 -23.50
N LYS A 64 -1.40 -40.69 -22.68
CA LYS A 64 -1.98 -41.65 -21.71
C LYS A 64 -2.69 -40.87 -20.53
N GLU A 65 -2.11 -39.76 -20.09
CA GLU A 65 -2.82 -38.94 -19.09
C GLU A 65 -4.17 -38.41 -19.61
N ALA A 66 -4.23 -38.03 -20.89
CA ALA A 66 -5.49 -37.65 -21.49
C ALA A 66 -6.49 -38.78 -21.32
N VAL A 67 -6.09 -40.00 -21.64
CA VAL A 67 -6.97 -41.14 -21.55
C VAL A 67 -7.46 -41.33 -20.11
N LEU A 68 -6.57 -41.13 -19.13
CA LEU A 68 -6.99 -41.18 -17.72
C LEU A 68 -8.10 -40.15 -17.42
N ILE A 69 -8.09 -38.96 -18.02
CA ILE A 69 -9.15 -37.94 -17.82
C ILE A 69 -10.45 -38.51 -18.35
N GLN A 70 -10.41 -39.04 -19.58
CA GLN A 70 -11.59 -39.73 -20.18
C GLN A 70 -12.18 -40.86 -19.32
N ASP A 71 -11.30 -41.68 -18.73
CA ASP A 71 -11.69 -42.80 -17.81
C ASP A 71 -12.51 -42.22 -16.70
N ALA A 72 -12.03 -41.13 -16.07
CA ALA A 72 -12.78 -40.53 -14.95
C ALA A 72 -14.10 -39.83 -15.42
N VAL A 73 -14.15 -39.25 -16.60
CA VAL A 73 -15.37 -38.68 -17.12
C VAL A 73 -16.36 -39.82 -17.33
N ASN A 74 -15.88 -40.90 -17.93
CA ASN A 74 -16.78 -42.06 -18.20
C ASN A 74 -17.29 -42.78 -16.94
N ALA A 75 -16.51 -42.70 -15.87
CA ALA A 75 -16.84 -43.22 -14.56
C ALA A 75 -17.79 -42.33 -13.68
N LYS A 76 -18.03 -41.12 -14.18
CA LYS A 76 -18.96 -40.17 -13.62
C LYS A 76 -18.52 -39.75 -12.23
N VAL A 77 -17.20 -39.51 -12.06
CA VAL A 77 -16.68 -38.98 -10.79
C VAL A 77 -17.37 -37.63 -10.48
N ASP A 78 -17.31 -37.26 -9.20
CA ASP A 78 -17.88 -35.96 -8.77
C ASP A 78 -17.00 -34.75 -9.10
N GLY A 79 -15.68 -34.98 -9.27
CA GLY A 79 -14.74 -33.94 -9.65
C GLY A 79 -13.44 -34.58 -10.04
N ILE A 80 -12.70 -33.76 -10.75
CA ILE A 80 -11.41 -34.08 -11.27
C ILE A 80 -10.41 -33.01 -10.84
N ALA A 81 -9.28 -33.49 -10.30
CA ALA A 81 -8.11 -32.69 -10.06
C ALA A 81 -7.00 -33.15 -10.99
N VAL A 82 -6.50 -32.26 -11.85
CA VAL A 82 -5.62 -32.66 -12.93
C VAL A 82 -4.41 -31.76 -13.09
N THR A 83 -3.28 -32.35 -13.48
CA THR A 83 -2.04 -31.58 -13.83
C THR A 83 -1.95 -31.35 -15.35
N ILE A 84 -1.38 -30.25 -15.80
CA ILE A 84 -1.37 -29.92 -17.22
C ILE A 84 0.07 -29.56 -17.64
N PRO A 85 0.97 -30.58 -17.66
CA PRO A 85 2.32 -30.33 -18.10
C PRO A 85 2.44 -30.12 -19.61
N ASP A 86 1.52 -30.72 -20.38
CA ASP A 86 1.56 -30.67 -21.86
C ASP A 86 0.20 -30.21 -22.33
N PRO A 87 -0.08 -28.90 -22.36
CA PRO A 87 -1.40 -28.38 -22.70
C PRO A 87 -1.93 -28.87 -24.05
N PRO A 88 -1.11 -28.89 -25.13
CA PRO A 88 -1.73 -29.38 -26.40
C PRO A 88 -2.34 -30.76 -26.27
N ALA A 89 -1.68 -31.62 -25.47
CA ALA A 89 -2.08 -33.03 -25.36
C ALA A 89 -3.25 -33.25 -24.41
N LEU A 90 -3.55 -32.27 -23.55
CA LEU A 90 -4.44 -32.48 -22.39
C LEU A 90 -5.63 -31.58 -22.37
N ILE A 91 -5.53 -30.36 -22.93
CA ILE A 91 -6.65 -29.41 -22.98
C ILE A 91 -7.96 -29.94 -23.60
N PRO A 92 -7.84 -30.66 -24.73
CA PRO A 92 -9.10 -31.18 -25.33
C PRO A 92 -9.85 -32.14 -24.37
N ALA A 93 -9.13 -33.03 -23.67
CA ALA A 93 -9.79 -33.94 -22.74
C ALA A 93 -10.32 -33.18 -21.55
N ILE A 94 -9.63 -32.13 -21.12
CA ILE A 94 -10.16 -31.36 -20.02
C ILE A 94 -11.47 -30.64 -20.42
N LYS A 95 -11.46 -30.05 -21.63
CA LYS A 95 -12.68 -29.43 -22.16
C LYS A 95 -13.81 -30.41 -22.25
N GLN A 96 -13.51 -31.64 -22.65
CA GLN A 96 -14.55 -32.66 -22.68
C GLN A 96 -15.10 -32.93 -21.30
N ALA A 97 -14.24 -32.99 -20.29
CA ALA A 97 -14.74 -33.29 -18.93
C ALA A 97 -15.65 -32.16 -18.48
N VAL A 98 -15.22 -30.90 -18.71
CA VAL A 98 -16.08 -29.74 -18.38
C VAL A 98 -17.46 -29.76 -19.08
N ALA A 99 -17.47 -30.11 -20.35
CA ALA A 99 -18.73 -30.19 -21.13
C ALA A 99 -19.60 -31.31 -20.63
N ALA A 100 -19.01 -32.32 -20.05
CA ALA A 100 -19.81 -33.36 -19.44
C ALA A 100 -20.34 -33.00 -18.02
N GLY A 101 -20.13 -31.77 -17.55
CA GLY A 101 -20.67 -31.35 -16.25
C GLY A 101 -19.86 -31.70 -15.02
N ILE A 102 -18.64 -32.23 -15.21
CA ILE A 102 -17.80 -32.57 -14.06
C ILE A 102 -16.90 -31.42 -13.75
N PRO A 103 -16.93 -30.92 -12.48
CA PRO A 103 -16.05 -29.79 -12.14
C PRO A 103 -14.58 -30.21 -12.11
N VAL A 104 -13.73 -29.37 -12.68
N VAL A 104 -13.74 -29.32 -12.64
CA VAL A 104 -12.30 -29.65 -12.66
CA VAL A 104 -12.29 -29.56 -12.80
C VAL A 104 -11.52 -28.53 -12.00
C VAL A 104 -11.45 -28.50 -12.08
N VAL A 105 -10.52 -28.96 -11.26
CA VAL A 105 -9.50 -28.11 -10.66
C VAL A 105 -8.17 -28.57 -11.20
N ALA A 106 -7.31 -27.60 -11.57
CA ALA A 106 -5.95 -27.89 -12.08
C ALA A 106 -4.94 -27.59 -11.00
N PHE A 107 -3.82 -28.27 -11.00
CA PHE A 107 -2.86 -28.04 -9.99
C PHE A 107 -1.48 -28.47 -10.50
N ASN A 108 -0.44 -27.90 -9.87
CA ASN A 108 0.96 -28.26 -10.03
C ASN A 108 1.59 -27.82 -11.38
N ALA A 109 0.95 -28.17 -12.51
CA ALA A 109 1.44 -27.78 -13.81
C ALA A 109 0.33 -27.22 -14.63
N GLY A 110 0.64 -26.18 -15.42
CA GLY A 110 -0.28 -25.55 -16.37
C GLY A 110 -0.88 -24.22 -15.90
N ILE A 111 -0.15 -23.44 -15.12
CA ILE A 111 -0.71 -22.24 -14.52
C ILE A 111 -1.18 -21.23 -15.64
N ASP A 112 -0.50 -21.23 -16.80
N ASP A 112 -0.57 -21.16 -16.83
CA ASP A 112 -0.84 -20.35 -17.94
CA ASP A 112 -1.10 -20.20 -17.86
C ASP A 112 -2.02 -20.86 -18.82
C ASP A 112 -2.07 -20.85 -18.86
N GLN A 113 -2.39 -22.12 -18.66
CA GLN A 113 -3.37 -22.78 -19.55
C GLN A 113 -4.65 -23.29 -18.91
N TRP A 114 -4.78 -23.27 -17.59
CA TRP A 114 -5.93 -23.92 -16.97
C TRP A 114 -7.21 -23.15 -17.28
N LYS A 115 -7.19 -21.85 -17.32
CA LYS A 115 -8.43 -21.09 -17.41
C LYS A 115 -9.10 -21.31 -18.74
N GLU A 116 -8.34 -21.37 -19.82
CA GLU A 116 -8.90 -21.63 -21.17
C GLU A 116 -9.64 -22.96 -21.22
N SER A 117 -9.17 -23.93 -20.44
CA SER A 117 -9.70 -25.28 -20.44
C SER A 117 -11.10 -25.38 -19.83
N GLY A 118 -11.53 -24.35 -19.08
CA GLY A 118 -12.78 -24.42 -18.27
C GLY A 118 -12.62 -24.93 -16.85
N ALA A 119 -11.40 -25.38 -16.53
CA ALA A 119 -11.05 -25.63 -15.14
C ALA A 119 -11.44 -24.38 -14.27
N LEU A 120 -11.93 -24.67 -13.06
CA LEU A 120 -12.52 -23.63 -12.19
C LEU A 120 -11.44 -22.87 -11.44
N MET A 121 -10.36 -23.56 -11.08
CA MET A 121 -9.38 -23.03 -10.15
C MET A 121 -8.00 -23.64 -10.46
N TYR A 122 -6.95 -23.09 -9.90
CA TYR A 122 -5.62 -23.65 -10.05
C TYR A 122 -4.86 -23.45 -8.79
N PHE A 123 -4.11 -24.45 -8.34
CA PHE A 123 -3.21 -24.40 -7.12
C PHE A 123 -1.79 -24.79 -7.50
N GLY A 124 -0.86 -23.85 -7.28
CA GLY A 124 0.56 -24.11 -7.42
C GLY A 124 1.33 -22.87 -7.37
N GLN A 125 2.57 -22.96 -7.85
CA GLN A 125 3.40 -21.75 -7.89
C GLN A 125 3.65 -21.32 -9.30
N ASP A 126 3.86 -20.02 -9.47
CA ASP A 126 4.06 -19.46 -10.75
C ASP A 126 5.52 -19.72 -11.05
N GLU A 127 5.74 -20.61 -11.98
CA GLU A 127 7.05 -21.16 -12.18
C GLU A 127 8.02 -20.19 -12.91
N THR A 128 7.51 -19.42 -13.87
CA THR A 128 8.26 -18.28 -14.44
C THR A 128 8.73 -17.33 -13.34
N VAL A 129 7.81 -16.93 -12.44
CA VAL A 129 8.22 -16.05 -11.33
C VAL A 129 9.24 -16.73 -10.44
N ALA A 130 9.08 -18.03 -10.16
CA ALA A 130 10.06 -18.66 -9.27
C ALA A 130 11.43 -18.70 -9.97
N GLY A 131 11.45 -19.00 -11.27
CA GLY A 131 12.71 -19.00 -12.06
C GLY A 131 13.33 -17.62 -12.09
N GLN A 132 12.53 -16.59 -12.34
CA GLN A 132 13.03 -15.20 -12.33
C GLN A 132 13.60 -14.85 -10.99
N ALA A 133 12.94 -15.27 -9.91
CA ALA A 133 13.49 -15.02 -8.58
C ALA A 133 14.81 -15.77 -8.33
N ALA A 134 14.88 -17.02 -8.82
CA ALA A 134 16.09 -17.83 -8.61
C ALA A 134 17.27 -17.20 -9.40
N GLY A 135 17.03 -16.68 -10.59
CA GLY A 135 18.10 -16.08 -11.41
C GLY A 135 18.68 -14.85 -10.73
N ALA A 136 17.80 -14.03 -10.17
CA ALA A 136 18.21 -12.81 -9.48
C ALA A 136 18.93 -13.15 -8.19
N ARG A 137 18.44 -14.13 -7.46
CA ARG A 137 19.08 -14.55 -6.26
C ARG A 137 20.47 -15.11 -6.59
N ALA A 138 20.59 -15.96 -7.61
CA ALA A 138 21.89 -16.53 -7.99
C ALA A 138 22.90 -15.42 -8.34
N THR A 139 22.45 -14.39 -9.04
CA THR A 139 23.32 -13.28 -9.45
C THR A 139 23.79 -12.53 -8.19
N SER A 140 22.85 -12.33 -7.26
CA SER A 140 23.18 -11.68 -5.98
C SER A 140 24.17 -12.48 -5.12
N GLU A 141 24.12 -13.80 -5.15
CA GLU A 141 25.04 -14.66 -4.43
C GLU A 141 26.37 -14.85 -5.14
N GLY A 142 26.58 -14.18 -6.27
CA GLY A 142 27.91 -14.04 -6.91
C GLY A 142 28.19 -15.09 -7.96
N PHE A 143 27.17 -15.83 -8.33
CA PHE A 143 27.42 -16.89 -9.35
C PHE A 143 27.48 -16.31 -10.72
N LYS A 144 28.30 -16.90 -11.57
CA LYS A 144 28.57 -16.41 -12.92
C LYS A 144 28.10 -17.32 -14.06
N HIS A 145 27.94 -18.63 -13.81
CA HIS A 145 27.59 -19.59 -14.84
C HIS A 145 26.71 -20.68 -14.26
N VAL A 146 25.39 -20.54 -14.51
CA VAL A 146 24.45 -21.54 -14.00
C VAL A 146 24.11 -22.65 -15.00
N LEU A 147 24.01 -23.89 -14.49
CA LEU A 147 23.48 -25.05 -15.22
C LEU A 147 22.15 -25.39 -14.64
N CYS A 148 21.12 -25.31 -15.48
CA CYS A 148 19.77 -25.70 -15.05
C CYS A 148 19.52 -27.11 -15.57
N VAL A 149 19.17 -28.03 -14.68
CA VAL A 149 19.03 -29.47 -15.00
C VAL A 149 17.57 -29.79 -15.03
N LEU A 150 17.10 -30.31 -16.17
CA LEU A 150 15.68 -30.65 -16.35
C LEU A 150 15.53 -32.13 -16.50
N GLN A 151 14.66 -32.75 -15.71
CA GLN A 151 14.55 -34.19 -15.72
C GLN A 151 13.56 -34.76 -16.70
N ALA A 152 12.89 -33.91 -17.46
CA ALA A 152 11.96 -34.35 -18.50
C ALA A 152 11.95 -33.24 -19.52
N GLN A 153 11.66 -33.63 -20.75
CA GLN A 153 11.36 -32.70 -21.86
C GLN A 153 9.89 -32.49 -22.09
N GLY A 154 9.60 -31.30 -22.59
CA GLY A 154 8.23 -30.97 -23.02
C GLY A 154 7.26 -30.77 -21.87
N GLN A 155 7.75 -30.31 -20.72
CA GLN A 155 6.87 -30.08 -19.59
C GLN A 155 6.85 -28.57 -19.23
N VAL A 156 5.70 -27.94 -19.37
CA VAL A 156 5.66 -26.46 -19.36
C VAL A 156 6.18 -25.96 -18.00
N GLN A 157 5.88 -26.67 -16.93
CA GLN A 157 6.23 -26.19 -15.59
C GLN A 157 7.73 -26.21 -15.34
N LEU A 158 8.43 -27.12 -15.98
CA LEU A 158 9.87 -27.20 -15.91
C LEU A 158 10.49 -26.16 -16.84
N GLU A 159 10.00 -26.06 -18.07
CA GLU A 159 10.56 -25.11 -18.97
C GLU A 159 10.40 -23.69 -18.47
N SER A 160 9.27 -23.40 -17.81
CA SER A 160 9.05 -22.05 -17.29
C SER A 160 10.10 -21.72 -16.26
N ARG A 161 10.46 -22.67 -15.41
CA ARG A 161 11.46 -22.41 -14.39
C ARG A 161 12.81 -21.99 -15.02
N CYS A 162 13.22 -22.79 -16.00
CA CYS A 162 14.49 -22.48 -16.68
C CYS A 162 14.40 -21.20 -17.49
N ASN A 163 13.30 -20.99 -18.19
CA ASN A 163 13.20 -19.71 -18.93
C ASN A 163 13.27 -18.52 -17.93
N GLY A 164 12.64 -18.68 -16.76
CA GLY A 164 12.65 -17.58 -15.83
C GLY A 164 14.04 -17.29 -15.35
N VAL A 165 14.84 -18.32 -15.03
CA VAL A 165 16.22 -18.14 -14.59
C VAL A 165 17.00 -17.38 -15.69
N GLN A 166 16.80 -17.77 -16.95
CA GLN A 166 17.59 -17.17 -18.03
C GLN A 166 17.34 -15.69 -18.14
N GLN A 167 16.08 -15.25 -17.89
CA GLN A 167 15.68 -13.86 -17.98
C GLN A 167 16.41 -12.94 -17.04
N THR A 168 16.60 -13.40 -15.81
CA THR A 168 17.19 -12.55 -14.76
C THR A 168 18.64 -12.86 -14.36
N PHE A 169 19.15 -14.06 -14.63
CA PHE A 169 20.56 -14.40 -14.25
C PHE A 169 21.49 -13.56 -15.16
N LYS A 170 22.35 -12.76 -14.56
CA LYS A 170 23.19 -11.86 -15.36
C LYS A 170 24.30 -12.55 -16.14
N GLY A 171 24.75 -13.69 -15.64
CA GLY A 171 25.86 -14.43 -16.24
C GLY A 171 25.51 -15.44 -17.30
N GLN A 172 26.36 -16.43 -17.50
CA GLN A 172 26.12 -17.46 -18.50
C GLN A 172 25.12 -18.50 -18.04
N TYR A 173 24.36 -18.98 -19.02
CA TYR A 173 23.27 -19.94 -18.77
C TYR A 173 23.36 -21.12 -19.68
N THR A 174 23.27 -22.30 -19.07
CA THR A 174 23.31 -23.54 -19.80
C THR A 174 22.21 -24.47 -19.28
N LYS A 175 21.47 -25.15 -20.19
CA LYS A 175 20.45 -26.10 -19.84
C LYS A 175 21.03 -27.48 -20.13
N LEU A 176 20.65 -28.45 -19.29
CA LEU A 176 20.99 -29.83 -19.49
C LEU A 176 19.76 -30.71 -19.19
N TYR A 177 19.36 -31.51 -20.15
CA TYR A 177 18.33 -32.47 -20.00
C TYR A 177 18.94 -33.81 -19.56
N VAL A 178 18.27 -34.45 -18.60
CA VAL A 178 18.68 -35.79 -18.09
C VAL A 178 17.46 -36.60 -18.00
N ASN A 179 17.65 -37.92 -17.96
CA ASN A 179 16.54 -38.85 -17.89
C ASN A 179 16.23 -39.13 -16.45
N GLY A 180 15.21 -38.47 -15.92
CA GLY A 180 14.87 -38.51 -14.45
C GLY A 180 14.51 -39.95 -13.96
N ALA A 181 14.00 -40.75 -14.90
CA ALA A 181 13.75 -42.18 -14.74
C ALA A 181 14.97 -43.08 -14.58
N ASP A 182 16.14 -42.61 -15.01
CA ASP A 182 17.37 -43.42 -14.88
C ASP A 182 18.34 -42.69 -13.97
N GLN A 183 18.18 -42.81 -12.67
CA GLN A 183 19.01 -42.07 -11.73
C GLN A 183 20.53 -42.19 -11.92
N PRO A 184 21.06 -43.41 -12.19
CA PRO A 184 22.51 -43.52 -12.32
C PRO A 184 23.02 -42.72 -13.54
N SER A 185 22.26 -42.70 -14.62
CA SER A 185 22.56 -41.87 -15.78
C SER A 185 22.51 -40.37 -15.46
N VAL A 186 21.55 -39.95 -14.64
CA VAL A 186 21.48 -38.54 -14.24
C VAL A 186 22.82 -38.12 -13.60
N ARG A 187 23.25 -38.94 -12.69
CA ARG A 187 24.48 -38.69 -11.98
C ARG A 187 25.75 -38.56 -12.89
N THR A 188 25.93 -39.53 -13.77
CA THR A 188 27.08 -39.48 -14.67
C THR A 188 26.99 -38.35 -15.69
N THR A 189 25.79 -37.99 -16.11
CA THR A 189 25.61 -36.97 -17.12
C THR A 189 25.94 -35.66 -16.46
N ILE A 190 25.42 -35.42 -15.25
CA ILE A 190 25.77 -34.15 -14.60
C ILE A 190 27.27 -34.07 -14.35
N ALA A 191 27.88 -35.14 -13.84
CA ALA A 191 29.32 -35.05 -13.56
C ALA A 191 30.15 -34.75 -14.81
N ALA A 192 29.81 -35.37 -15.91
CA ALA A 192 30.48 -35.16 -17.20
C ALA A 192 30.38 -33.70 -17.64
N LYS A 193 29.20 -33.11 -17.53
CA LYS A 193 29.00 -31.74 -17.93
CA LYS A 193 28.99 -31.75 -17.93
C LYS A 193 29.84 -30.83 -17.07
N LEU A 194 29.89 -31.10 -15.74
CA LEU A 194 30.71 -30.27 -14.85
C LEU A 194 32.20 -30.38 -15.17
N LYS A 195 32.67 -31.59 -15.44
CA LYS A 195 34.10 -31.80 -15.77
C LYS A 195 34.48 -31.10 -17.07
N GLN A 196 33.55 -31.13 -18.01
CA GLN A 196 33.80 -30.59 -19.34
C GLN A 196 33.84 -29.09 -19.30
N ASP A 197 33.10 -28.48 -18.39
CA ASP A 197 33.10 -27.05 -18.28
C ASP A 197 33.24 -26.59 -16.81
N PRO A 198 34.46 -26.39 -16.35
CA PRO A 198 34.67 -26.02 -14.98
C PRO A 198 34.21 -24.61 -14.61
N SER A 199 33.85 -23.80 -15.64
CA SER A 199 33.27 -22.53 -15.36
C SER A 199 31.88 -22.60 -14.71
N ILE A 200 31.19 -23.73 -14.86
CA ILE A 200 29.94 -23.85 -14.17
C ILE A 200 30.16 -23.80 -12.68
N ASP A 201 29.49 -22.82 -12.05
CA ASP A 201 29.64 -22.60 -10.64
C ASP A 201 28.37 -22.77 -9.82
N LEU A 202 27.20 -22.89 -10.48
CA LEU A 202 25.94 -23.22 -9.75
C LEU A 202 25.16 -24.22 -10.66
N VAL A 203 24.67 -25.28 -10.04
CA VAL A 203 23.73 -26.22 -10.68
C VAL A 203 22.40 -25.97 -9.95
N ILE A 204 21.36 -25.65 -10.72
CA ILE A 204 19.97 -25.63 -10.20
C ILE A 204 19.20 -26.82 -10.71
N THR A 205 18.81 -27.69 -9.75
CA THR A 205 18.02 -28.86 -10.02
C THR A 205 16.54 -28.54 -9.82
N LEU A 206 15.66 -29.22 -10.60
CA LEU A 206 14.22 -28.95 -10.63
C LEU A 206 13.37 -29.93 -9.78
N GLY A 207 14.05 -30.78 -9.00
CA GLY A 207 13.43 -31.61 -8.01
C GLY A 207 14.44 -32.08 -7.00
N ALA A 208 13.94 -32.41 -5.83
CA ALA A 208 14.83 -32.84 -4.72
C ALA A 208 15.59 -34.16 -4.98
N PRO A 209 14.96 -35.14 -5.63
CA PRO A 209 15.73 -36.33 -5.96
C PRO A 209 16.89 -36.03 -6.88
N ILE A 210 16.68 -35.13 -7.83
CA ILE A 210 17.77 -34.75 -8.79
C ILE A 210 18.85 -33.97 -8.05
N ALA A 211 18.46 -33.09 -7.09
CA ALA A 211 19.40 -32.49 -6.20
C ALA A 211 20.37 -33.46 -5.58
N GLN A 212 19.88 -34.61 -5.11
CA GLN A 212 20.76 -35.58 -4.48
C GLN A 212 21.83 -36.06 -5.40
N LEU A 213 21.44 -36.33 -6.66
CA LEU A 213 22.34 -36.82 -7.67
C LEU A 213 23.37 -35.76 -8.06
N ALA A 214 22.95 -34.49 -8.06
CA ALA A 214 23.82 -33.42 -8.40
C ALA A 214 24.92 -33.22 -7.34
N ILE A 215 24.54 -33.37 -6.07
CA ILE A 215 25.49 -33.18 -4.98
C ILE A 215 26.59 -34.27 -5.17
N GLN A 216 26.17 -35.47 -5.51
CA GLN A 216 27.11 -36.54 -5.69
C GLN A 216 27.96 -36.36 -6.95
N ALA A 217 27.32 -35.88 -8.03
CA ALA A 217 28.01 -35.53 -9.30
C ALA A 217 29.06 -34.47 -9.16
N VAL A 218 28.79 -33.46 -8.37
CA VAL A 218 29.78 -32.46 -8.16
C VAL A 218 31.02 -33.07 -7.53
N LYS A 219 30.87 -33.94 -6.52
CA LYS A 219 32.05 -34.63 -5.87
C LYS A 219 32.77 -35.51 -6.88
N ASP A 220 31.99 -36.27 -7.63
CA ASP A 220 32.56 -37.19 -8.60
C ASP A 220 33.46 -36.43 -9.63
N ALA A 221 32.96 -35.29 -10.11
CA ALA A 221 33.61 -34.46 -11.09
C ALA A 221 34.80 -33.64 -10.52
N GLY A 222 35.01 -33.64 -9.21
CA GLY A 222 35.97 -32.75 -8.57
C GLY A 222 35.70 -31.29 -8.89
N SER A 223 34.41 -30.92 -9.00
CA SER A 223 34.02 -29.55 -9.33
C SER A 223 33.83 -28.70 -8.07
N ASN A 224 33.84 -27.39 -8.28
CA ASN A 224 33.65 -26.42 -7.20
C ASN A 224 32.29 -25.83 -7.29
N ALA A 225 31.45 -26.35 -8.21
CA ALA A 225 30.12 -25.82 -8.32
C ALA A 225 29.27 -26.04 -7.04
N LYS A 226 28.44 -25.08 -6.74
CA LYS A 226 27.45 -25.26 -5.71
C LYS A 226 26.15 -25.80 -6.33
N ILE A 227 25.20 -26.21 -5.48
CA ILE A 227 23.93 -26.83 -5.92
C ILE A 227 22.82 -26.07 -5.15
N ALA A 228 21.72 -25.83 -5.85
CA ALA A 228 20.45 -25.29 -5.32
C ALA A 228 19.33 -26.04 -5.96
N THR A 229 18.15 -26.10 -5.32
CA THR A 229 17.08 -26.94 -5.88
C THR A 229 15.72 -26.34 -5.69
N PHE A 230 14.82 -26.82 -6.54
CA PHE A 230 13.41 -26.73 -6.24
C PHE A 230 13.04 -27.93 -5.36
N ASP A 231 12.19 -27.70 -4.35
CA ASP A 231 11.51 -28.74 -3.52
C ASP A 231 12.34 -29.30 -2.41
N PHE A 232 11.63 -29.95 -1.50
CA PHE A 232 12.23 -30.70 -0.42
C PHE A 232 12.05 -32.18 -0.64
N ASN A 233 12.97 -32.97 -0.11
CA ASN A 233 12.69 -34.36 0.31
C ASN A 233 13.29 -34.53 1.71
N THR A 234 13.36 -35.77 2.18
CA THR A 234 13.72 -36.01 3.54
C THR A 234 15.16 -35.57 3.80
N GLN A 235 15.97 -35.52 2.72
CA GLN A 235 17.39 -35.21 2.83
C GLN A 235 17.77 -33.72 2.75
N VAL A 236 16.89 -32.92 2.16
CA VAL A 236 17.19 -31.53 1.88
C VAL A 236 17.47 -30.66 3.11
N PRO A 237 16.68 -30.75 4.17
CA PRO A 237 16.97 -29.93 5.34
C PRO A 237 18.43 -30.02 5.84
N ALA A 238 18.91 -31.24 6.07
CA ALA A 238 20.33 -31.47 6.45
C ALA A 238 21.30 -30.86 5.50
N GLU A 239 20.98 -31.03 4.21
CA GLU A 239 21.79 -30.49 3.13
C GLU A 239 21.90 -28.99 3.15
N ILE A 240 20.82 -28.29 3.45
CA ILE A 240 20.88 -26.84 3.64
C ILE A 240 21.71 -26.47 4.89
N GLU A 241 21.46 -27.16 5.99
CA GLU A 241 22.24 -26.94 7.23
C GLU A 241 23.76 -27.10 7.09
N ASN A 242 24.20 -28.14 6.38
CA ASN A 242 25.63 -28.44 6.20
C ASN A 242 26.28 -27.79 4.95
N GLY A 243 25.53 -26.98 4.20
CA GLY A 243 26.09 -26.29 3.05
C GLY A 243 26.12 -27.10 1.72
N GLN A 244 25.57 -28.29 1.68
CA GLN A 244 25.50 -29.09 0.47
C GLN A 244 24.55 -28.48 -0.54
N LEU A 245 23.53 -27.74 -0.06
CA LEU A 245 22.58 -27.03 -0.92
C LEU A 245 22.51 -25.58 -0.51
N GLN A 246 22.60 -24.64 -1.43
CA GLN A 246 22.48 -23.22 -1.12
C GLN A 246 21.11 -22.84 -0.58
N TRP A 247 20.07 -23.40 -1.18
CA TRP A 247 18.71 -23.08 -0.84
C TRP A 247 17.82 -24.05 -1.57
N ALA A 248 16.55 -24.11 -1.16
CA ALA A 248 15.50 -24.93 -1.83
C ALA A 248 14.31 -24.04 -1.92
N ILE A 249 13.62 -24.10 -3.04
CA ILE A 249 12.39 -23.37 -3.28
C ILE A 249 11.21 -24.27 -2.96
N ASP A 250 10.40 -23.89 -2.00
CA ASP A 250 9.24 -24.66 -1.59
C ASP A 250 7.99 -24.17 -2.35
N GLN A 251 7.33 -25.14 -2.98
CA GLN A 251 6.04 -24.96 -3.64
C GLN A 251 4.87 -25.54 -2.88
N GLN A 252 5.15 -26.17 -1.73
CA GLN A 252 4.15 -26.78 -0.84
C GLN A 252 3.26 -27.76 -1.58
N PRO A 253 3.88 -28.87 -2.00
CA PRO A 253 3.03 -29.94 -2.55
C PRO A 253 1.92 -30.45 -1.69
N TYR A 254 2.10 -30.45 -0.38
CA TYR A 254 1.04 -30.91 0.49
C TYR A 254 -0.17 -30.05 0.31
N VAL A 255 0.07 -28.73 0.21
CA VAL A 255 -1.00 -27.76 0.00
C VAL A 255 -1.66 -27.93 -1.38
N GLU A 256 -0.85 -28.07 -2.40
CA GLU A 256 -1.39 -28.34 -3.74
C GLU A 256 -2.36 -29.52 -3.76
N GLY A 257 -1.93 -30.66 -3.24
CA GLY A 257 -2.82 -31.84 -3.22
C GLY A 257 -3.99 -31.69 -2.31
N TYR A 258 -3.77 -31.09 -1.13
CA TYR A 258 -4.85 -30.82 -0.22
C TYR A 258 -5.92 -29.92 -0.79
N GLU A 259 -5.48 -28.81 -1.34
CA GLU A 259 -6.46 -27.88 -1.86
C GLU A 259 -7.18 -28.35 -3.13
N ALA A 260 -6.48 -29.14 -3.94
CA ALA A 260 -7.12 -29.70 -5.12
C ALA A 260 -8.37 -30.43 -4.69
N VAL A 261 -8.28 -31.18 -3.61
CA VAL A 261 -9.40 -31.96 -3.10
C VAL A 261 -10.40 -31.04 -2.36
N ASP A 262 -9.94 -30.27 -1.38
CA ASP A 262 -10.83 -29.49 -0.52
C ASP A 262 -11.57 -28.39 -1.27
N SER A 263 -10.97 -27.80 -2.30
CA SER A 263 -11.60 -26.84 -3.13
C SER A 263 -12.75 -27.45 -3.90
N LEU A 264 -12.55 -28.69 -4.39
CA LEU A 264 -13.68 -29.36 -5.06
C LEU A 264 -14.82 -29.61 -4.06
N TRP A 265 -14.47 -29.89 -2.83
CA TRP A 265 -15.50 -30.12 -1.79
C TRP A 265 -16.25 -28.80 -1.55
N LEU A 266 -15.57 -27.67 -1.43
CA LEU A 266 -16.24 -26.39 -1.30
C LEU A 266 -17.13 -26.01 -2.48
N TYR A 267 -16.67 -26.29 -3.69
CA TYR A 267 -17.48 -26.01 -4.88
C TYR A 267 -18.74 -26.88 -4.89
N ILE A 268 -18.58 -28.17 -4.68
CA ILE A 268 -19.70 -29.11 -4.84
C ILE A 268 -20.71 -28.86 -3.71
N THR A 269 -20.26 -28.59 -2.51
CA THR A 269 -21.20 -28.45 -1.38
C THR A 269 -21.82 -27.05 -1.27
N ASN A 270 -21.09 -26.01 -1.65
CA ASN A 270 -21.54 -24.62 -1.43
C ASN A 270 -21.34 -23.67 -2.62
N GLY A 271 -20.94 -24.19 -3.78
CA GLY A 271 -20.75 -23.41 -5.03
C GLY A 271 -19.56 -22.44 -4.98
N ASP A 272 -18.73 -22.61 -3.95
CA ASP A 272 -17.64 -21.65 -3.79
C ASP A 272 -16.43 -21.95 -4.63
N THR A 273 -15.65 -20.89 -4.96
CA THR A 273 -14.33 -21.00 -5.57
C THR A 273 -13.33 -20.25 -4.72
N ILE A 274 -12.05 -20.49 -4.96
CA ILE A 274 -10.98 -19.77 -4.30
C ILE A 274 -10.07 -19.23 -5.36
N GLY A 275 -9.67 -17.98 -5.30
CA GLY A 275 -8.75 -17.39 -6.30
C GLY A 275 -9.34 -16.39 -7.25
N GLY A 276 -10.66 -16.32 -7.35
CA GLY A 276 -11.36 -15.37 -8.23
C GLY A 276 -10.86 -15.30 -9.65
N GLY A 277 -10.79 -16.43 -10.34
CA GLY A 277 -10.37 -16.46 -11.75
C GLY A 277 -8.90 -16.44 -11.99
N GLU A 278 -8.12 -16.41 -10.88
CA GLU A 278 -6.68 -16.51 -10.99
C GLU A 278 -6.19 -17.61 -10.06
N ALA A 279 -4.97 -18.03 -10.29
CA ALA A 279 -4.37 -19.10 -9.52
C ALA A 279 -4.27 -18.72 -8.06
N VAL A 280 -4.42 -19.70 -7.19
CA VAL A 280 -4.05 -19.66 -5.77
C VAL A 280 -2.61 -20.16 -5.58
N LYS A 281 -1.78 -19.30 -4.98
CA LYS A 281 -0.36 -19.51 -4.93
C LYS A 281 0.00 -20.34 -3.72
N THR A 282 0.89 -21.32 -3.94
CA THR A 282 1.40 -22.18 -2.85
C THR A 282 2.90 -21.95 -2.67
N GLY A 283 3.45 -21.03 -3.49
CA GLY A 283 4.94 -20.70 -3.45
C GLY A 283 5.11 -19.62 -4.48
N PRO A 284 6.32 -19.20 -4.76
CA PRO A 284 7.56 -19.77 -4.24
C PRO A 284 7.91 -19.20 -2.88
N PHE A 285 8.69 -19.98 -2.13
CA PHE A 285 9.32 -19.51 -0.91
C PHE A 285 10.71 -20.14 -0.79
N PHE A 286 11.74 -19.31 -0.61
CA PHE A 286 13.13 -19.78 -0.46
C PHE A 286 13.47 -20.16 0.93
N VAL A 287 13.92 -21.38 1.09
CA VAL A 287 14.33 -21.85 2.38
C VAL A 287 15.83 -21.99 2.33
N ASP A 288 16.51 -21.41 3.34
CA ASP A 288 17.99 -21.37 3.42
C ASP A 288 18.37 -21.60 4.89
N LYS A 289 19.64 -21.38 5.23
CA LYS A 289 20.10 -21.69 6.59
C LYS A 289 19.37 -20.89 7.64
N SER A 290 18.85 -19.72 7.27
CA SER A 290 18.17 -18.85 8.20
C SER A 290 16.76 -19.32 8.65
N ASN A 291 16.09 -20.11 7.83
CA ASN A 291 14.72 -20.53 8.13
C ASN A 291 14.37 -22.01 7.99
N VAL A 292 15.39 -22.83 7.71
CA VAL A 292 15.18 -24.24 7.52
C VAL A 292 14.68 -25.02 8.74
N ALA A 293 15.11 -24.58 9.93
CA ALA A 293 14.67 -25.23 11.17
C ALA A 293 13.14 -25.38 11.31
N ALA A 294 12.41 -24.38 10.84
CA ALA A 294 10.95 -24.39 10.84
C ALA A 294 10.34 -25.50 9.96
N VAL A 295 11.05 -25.93 8.94
CA VAL A 295 10.54 -26.93 8.01
C VAL A 295 11.11 -28.34 8.18
N ALA A 296 12.26 -28.45 8.84
CA ALA A 296 12.98 -29.67 8.74
C ALA A 296 12.28 -30.92 9.19
N LYS A 297 11.72 -30.90 10.41
CA LYS A 297 11.01 -32.05 10.94
C LYS A 297 9.90 -32.48 10.00
N PHE A 298 9.19 -31.51 9.43
CA PHE A 298 8.08 -31.81 8.54
C PHE A 298 8.54 -32.46 7.21
N ALA A 299 9.58 -31.87 6.64
CA ALA A 299 10.24 -32.46 5.45
C ALA A 299 10.77 -33.87 5.73
N GLU A 300 11.36 -34.04 6.91
CA GLU A 300 11.96 -35.33 7.27
C GLU A 300 10.91 -36.45 7.49
N ARG A 301 9.63 -36.10 7.78
CA ARG A 301 8.53 -37.07 7.81
C ARG A 301 7.78 -37.18 6.48
N GLY A 302 8.26 -36.50 5.45
CA GLY A 302 7.67 -36.62 4.12
C GLY A 302 6.40 -35.82 3.92
N THR A 303 6.15 -34.77 4.72
CA THR A 303 4.86 -34.07 4.54
C THR A 303 5.10 -32.68 4.05
N ARG A 304 6.36 -32.32 3.75
CA ARG A 304 6.72 -31.01 3.14
C ARG A 304 7.80 -31.26 2.09
N ASN B 17 81.49 -50.78 -38.97
CA ASN B 17 81.79 -52.08 -38.31
C ASN B 17 80.61 -53.04 -38.34
N THR B 18 79.65 -52.84 -37.45
CA THR B 18 78.56 -53.79 -37.28
C THR B 18 77.18 -53.15 -37.53
N PRO B 19 76.17 -54.01 -37.78
CA PRO B 19 74.83 -53.48 -38.03
C PRO B 19 74.22 -52.80 -36.81
N HIS B 20 73.61 -51.64 -37.01
CA HIS B 20 72.96 -50.95 -35.90
C HIS B 20 71.53 -51.45 -35.90
N LEU B 21 71.02 -51.79 -34.71
CA LEU B 21 69.66 -52.34 -34.54
C LEU B 21 68.87 -51.47 -33.62
N THR B 22 67.58 -51.36 -33.90
CA THR B 22 66.62 -50.78 -32.99
C THR B 22 65.74 -51.89 -32.38
N ILE B 23 65.72 -51.96 -31.04
CA ILE B 23 64.91 -52.95 -30.30
C ILE B 23 63.92 -52.23 -29.40
N ALA B 24 62.65 -52.50 -29.60
CA ALA B 24 61.61 -51.98 -28.65
C ALA B 24 61.49 -52.91 -27.46
N MET B 25 61.68 -52.44 -26.23
CA MET B 25 61.37 -53.19 -25.04
C MET B 25 60.05 -52.57 -24.43
N ILE B 26 59.03 -53.39 -24.29
CA ILE B 26 57.68 -52.95 -23.99
C ILE B 26 57.20 -53.70 -22.78
N THR B 27 56.85 -53.01 -21.69
CA THR B 27 56.56 -53.68 -20.46
C THR B 27 55.29 -53.14 -19.78
N HIS B 28 54.94 -53.71 -18.64
CA HIS B 28 53.74 -53.35 -17.93
C HIS B 28 54.11 -52.50 -16.64
N GLN B 29 55.33 -51.97 -16.59
CA GLN B 29 55.82 -51.22 -15.46
C GLN B 29 54.86 -50.13 -15.04
N GLN B 30 54.55 -50.12 -13.74
CA GLN B 30 53.85 -48.97 -13.11
C GLN B 30 54.90 -47.90 -12.91
N PRO B 31 54.61 -46.64 -13.30
CA PRO B 31 55.57 -45.59 -12.95
C PRO B 31 55.86 -45.56 -11.47
N GLY B 32 57.17 -45.52 -11.15
CA GLY B 32 57.59 -45.55 -9.76
C GLY B 32 58.07 -46.88 -9.20
N ASP B 33 57.74 -47.97 -9.92
CA ASP B 33 58.18 -49.32 -9.57
C ASP B 33 59.64 -49.54 -10.01
N THR B 34 60.51 -49.48 -9.01
CA THR B 34 61.96 -49.52 -9.17
C THR B 34 62.54 -50.85 -9.62
N PHE B 35 61.76 -51.93 -9.55
CA PHE B 35 62.23 -53.23 -10.06
C PHE B 35 62.70 -53.05 -11.52
N TRP B 36 61.94 -52.24 -12.25
CA TRP B 36 62.17 -52.05 -13.64
C TRP B 36 63.42 -51.31 -13.99
N ASP B 37 63.98 -50.59 -13.01
CA ASP B 37 65.28 -49.98 -13.26
C ASP B 37 66.40 -51.01 -13.38
N ILE B 38 66.24 -52.12 -12.65
CA ILE B 38 67.23 -53.22 -12.72
C ILE B 38 67.16 -53.93 -14.09
N ILE B 39 65.92 -54.23 -14.49
CA ILE B 39 65.62 -54.75 -15.84
C ILE B 39 66.30 -53.92 -16.91
N ARG B 40 66.10 -52.57 -16.81
CA ARG B 40 66.66 -51.67 -17.78
C ARG B 40 68.14 -51.59 -17.72
N LYS B 41 68.77 -51.67 -16.55
CA LYS B 41 70.25 -51.67 -16.51
C LYS B 41 70.78 -52.90 -17.26
N GLY B 42 70.18 -54.07 -17.07
CA GLY B 42 70.64 -55.22 -17.85
C GLY B 42 70.43 -55.06 -19.35
N ALA B 43 69.26 -54.57 -19.71
CA ALA B 43 68.91 -54.40 -21.12
C ALA B 43 69.94 -53.40 -21.78
N LEU B 44 70.22 -52.33 -21.10
CA LEU B 44 71.16 -51.31 -21.60
C LEU B 44 72.58 -51.84 -21.70
N ALA B 45 72.96 -52.69 -20.74
CA ALA B 45 74.29 -53.31 -20.76
C ALA B 45 74.48 -54.17 -22.03
N ALA B 46 73.42 -54.90 -22.41
CA ALA B 46 73.46 -55.64 -23.67
C ALA B 46 73.48 -54.74 -24.85
N ALA B 47 72.63 -53.74 -24.81
CA ALA B 47 72.50 -52.80 -25.94
C ALA B 47 73.82 -52.11 -26.30
N ALA B 48 74.54 -51.69 -25.27
CA ALA B 48 75.85 -51.05 -25.45
C ALA B 48 76.83 -51.94 -26.17
N LYS B 49 76.80 -53.24 -25.88
CA LYS B 49 77.72 -54.19 -26.55
C LYS B 49 77.24 -54.58 -27.95
N ASP B 50 75.95 -54.48 -28.20
CA ASP B 50 75.30 -55.01 -29.33
C ASP B 50 74.95 -54.02 -30.45
N ASN B 51 75.38 -52.77 -30.31
CA ASN B 51 75.06 -51.70 -31.29
C ASN B 51 73.53 -51.58 -31.46
N VAL B 52 72.87 -51.56 -30.31
CA VAL B 52 71.39 -51.52 -30.26
C VAL B 52 70.91 -50.20 -29.63
N THR B 53 69.95 -49.56 -30.29
CA THR B 53 69.18 -48.46 -29.72
C THR B 53 67.96 -49.05 -29.12
N LEU B 54 67.95 -49.01 -27.79
CA LEU B 54 66.91 -49.59 -26.95
C LEU B 54 65.79 -48.52 -26.80
N LYS B 55 64.61 -48.79 -27.33
CA LYS B 55 63.42 -47.92 -27.15
C LYS B 55 62.58 -48.55 -26.09
N TYR B 56 62.51 -47.97 -24.91
CA TYR B 56 61.79 -48.58 -23.79
C TYR B 56 60.45 -47.85 -23.62
N SER B 57 59.36 -48.63 -23.59
CA SER B 57 58.00 -48.09 -23.35
C SER B 57 57.29 -48.96 -22.38
N ASN B 58 56.32 -48.41 -21.66
CA ASN B 58 55.60 -49.19 -20.64
C ASN B 58 54.23 -48.60 -20.37
N ASP B 59 53.31 -49.48 -19.99
CA ASP B 59 52.06 -48.97 -19.37
C ASP B 59 51.46 -50.11 -18.59
N PRO B 60 51.07 -49.84 -17.33
CA PRO B 60 50.42 -50.84 -16.53
C PRO B 60 48.97 -51.21 -17.00
N ASP B 61 48.40 -50.42 -17.93
CA ASP B 61 47.10 -50.71 -18.49
C ASP B 61 47.32 -51.59 -19.73
N SER B 62 46.85 -52.84 -19.71
CA SER B 62 47.15 -53.74 -20.83
C SER B 62 46.59 -53.33 -22.25
N THR B 63 45.49 -52.59 -22.27
CA THR B 63 44.99 -51.99 -23.49
C THR B 63 46.05 -51.04 -24.06
N LYS B 64 46.68 -50.28 -23.18
CA LYS B 64 47.67 -49.35 -23.58
C LYS B 64 48.98 -50.04 -23.99
N GLU B 65 49.39 -51.07 -23.25
CA GLU B 65 50.55 -51.87 -23.60
C GLU B 65 50.38 -52.46 -24.97
N ALA B 66 49.18 -52.94 -25.29
CA ALA B 66 48.92 -53.49 -26.64
C ALA B 66 49.12 -52.46 -27.72
N VAL B 67 48.76 -51.22 -27.41
CA VAL B 67 49.02 -50.15 -28.39
C VAL B 67 50.54 -49.93 -28.56
N LEU B 68 51.32 -49.98 -27.46
CA LEU B 68 52.80 -49.77 -27.59
C LEU B 68 53.39 -50.85 -28.50
N ILE B 69 52.88 -52.07 -28.40
CA ILE B 69 53.31 -53.14 -29.28
C ILE B 69 53.04 -52.78 -30.77
N GLN B 70 51.81 -52.36 -31.05
CA GLN B 70 51.54 -51.96 -32.42
C GLN B 70 52.38 -50.70 -32.86
N ASP B 71 52.64 -49.76 -31.97
CA ASP B 71 53.54 -48.65 -32.22
C ASP B 71 54.90 -49.12 -32.72
N ALA B 72 55.42 -50.18 -32.08
CA ALA B 72 56.73 -50.69 -32.43
C ALA B 72 56.73 -51.37 -33.79
N VAL B 73 55.62 -52.05 -34.10
CA VAL B 73 55.46 -52.71 -35.37
C VAL B 73 55.41 -51.64 -36.48
N ASN B 74 54.63 -50.60 -36.25
CA ASN B 74 54.49 -49.49 -37.21
C ASN B 74 55.79 -48.75 -37.52
N ALA B 75 56.64 -48.64 -36.50
CA ALA B 75 57.97 -48.06 -36.57
C ALA B 75 59.02 -48.96 -37.23
N LYS B 76 58.64 -50.21 -37.55
CA LYS B 76 59.49 -51.21 -38.17
C LYS B 76 60.82 -51.41 -37.40
N VAL B 77 60.71 -51.60 -36.07
CA VAL B 77 61.86 -51.97 -35.25
C VAL B 77 62.38 -53.32 -35.73
N ASP B 78 63.61 -53.62 -35.37
CA ASP B 78 64.25 -54.86 -35.72
C ASP B 78 63.90 -56.05 -34.80
N GLY B 79 63.40 -55.72 -33.62
CA GLY B 79 62.91 -56.74 -32.69
C GLY B 79 62.20 -56.11 -31.53
N ILE B 80 61.29 -56.93 -30.99
CA ILE B 80 60.48 -56.59 -29.82
C ILE B 80 60.77 -57.56 -28.64
N ALA B 81 61.06 -57.00 -27.48
CA ALA B 81 61.12 -57.69 -26.15
C ALA B 81 59.88 -57.19 -25.42
N VAL B 82 59.04 -58.13 -25.04
CA VAL B 82 57.72 -57.76 -24.44
C VAL B 82 57.36 -58.63 -23.24
N THR B 83 56.64 -58.03 -22.29
CA THR B 83 56.14 -58.71 -21.12
C THR B 83 54.66 -59.01 -21.38
N ILE B 84 54.16 -60.12 -20.80
CA ILE B 84 52.81 -60.57 -21.05
C ILE B 84 52.07 -60.87 -19.70
N PRO B 85 51.78 -59.80 -18.93
CA PRO B 85 51.03 -60.03 -17.69
C PRO B 85 49.55 -60.34 -17.87
N ASP B 86 49.02 -60.05 -19.06
CA ASP B 86 47.58 -60.16 -19.38
C ASP B 86 47.42 -60.76 -20.78
N PRO B 87 47.55 -62.06 -20.88
CA PRO B 87 47.58 -62.74 -22.19
C PRO B 87 46.37 -62.39 -23.08
N PRO B 88 45.13 -62.42 -22.55
CA PRO B 88 44.02 -62.11 -23.43
C PRO B 88 44.06 -60.73 -24.06
N ALA B 89 44.63 -59.72 -23.37
CA ALA B 89 44.66 -58.35 -23.86
C ALA B 89 45.86 -58.15 -24.81
N LEU B 90 46.87 -59.05 -24.72
CA LEU B 90 48.19 -58.73 -25.41
C LEU B 90 48.59 -59.75 -26.52
N ILE B 91 48.13 -61.01 -26.42
CA ILE B 91 48.47 -62.03 -27.38
C ILE B 91 48.08 -61.63 -28.81
N PRO B 92 46.89 -61.03 -29.03
CA PRO B 92 46.62 -60.62 -30.41
C PRO B 92 47.61 -59.65 -31.01
N ALA B 93 48.04 -58.65 -30.27
CA ALA B 93 49.01 -57.71 -30.73
C ALA B 93 50.35 -58.36 -30.98
N ILE B 94 50.69 -59.31 -30.14
CA ILE B 94 51.98 -60.04 -30.33
C ILE B 94 51.90 -60.83 -31.61
N LYS B 95 50.77 -61.48 -31.84
CA LYS B 95 50.65 -62.26 -33.08
C LYS B 95 50.71 -61.37 -34.27
N GLN B 96 50.18 -60.15 -34.23
CA GLN B 96 50.35 -59.20 -35.34
CA GLN B 96 50.34 -59.18 -35.33
C GLN B 96 51.80 -58.87 -35.64
N ALA B 97 52.61 -58.66 -34.58
CA ALA B 97 53.98 -58.28 -34.69
C ALA B 97 54.72 -59.42 -35.38
N VAL B 98 54.43 -60.65 -34.97
CA VAL B 98 55.02 -61.86 -35.58
C VAL B 98 54.65 -61.96 -37.07
N ALA B 99 53.40 -61.69 -37.39
CA ALA B 99 52.99 -61.79 -38.80
C ALA B 99 53.54 -60.65 -39.65
N ALA B 100 53.98 -59.56 -39.02
CA ALA B 100 54.73 -58.49 -39.71
C ALA B 100 56.19 -58.82 -39.96
N GLY B 101 56.64 -60.00 -39.50
CA GLY B 101 58.01 -60.43 -39.65
C GLY B 101 58.95 -59.82 -38.62
N ILE B 102 58.47 -59.20 -37.54
CA ILE B 102 59.40 -58.69 -36.52
C ILE B 102 59.59 -59.79 -35.48
N PRO B 103 60.86 -60.14 -35.18
CA PRO B 103 61.07 -61.16 -34.16
C PRO B 103 60.70 -60.62 -32.77
N VAL B 104 60.10 -61.49 -31.98
CA VAL B 104 59.62 -61.14 -30.62
C VAL B 104 60.19 -62.10 -29.60
N VAL B 105 60.77 -61.52 -28.56
CA VAL B 105 61.13 -62.31 -27.38
C VAL B 105 60.30 -61.87 -26.20
N ALA B 106 59.77 -62.79 -25.37
CA ALA B 106 59.00 -62.40 -24.20
C ALA B 106 59.87 -62.52 -22.97
N PHE B 107 59.53 -61.82 -21.95
CA PHE B 107 60.25 -61.92 -20.71
C PHE B 107 59.40 -61.45 -19.53
N ASN B 108 59.85 -61.86 -18.37
CA ASN B 108 59.28 -61.46 -17.08
C ASN B 108 57.87 -61.97 -16.71
N ALA B 109 56.87 -61.75 -17.58
CA ALA B 109 55.55 -62.23 -17.26
C ALA B 109 55.03 -62.92 -18.54
N GLY B 110 54.37 -64.05 -18.35
CA GLY B 110 53.76 -64.81 -19.45
C GLY B 110 54.39 -66.13 -19.79
N ILE B 111 54.97 -66.79 -18.79
CA ILE B 111 55.74 -68.01 -19.06
C ILE B 111 54.89 -69.07 -19.72
N ASP B 112 53.59 -69.16 -19.40
CA ASP B 112 52.82 -70.24 -20.09
C ASP B 112 52.06 -69.77 -21.33
N GLN B 113 52.23 -68.54 -21.78
CA GLN B 113 51.49 -68.00 -22.89
C GLN B 113 52.38 -67.50 -24.04
N TRP B 114 53.68 -67.30 -23.80
CA TRP B 114 54.50 -66.79 -24.85
C TRP B 114 54.55 -67.69 -26.10
N LYS B 115 54.59 -69.01 -25.94
CA LYS B 115 54.91 -69.80 -27.09
C LYS B 115 53.78 -69.72 -28.12
N GLU B 116 52.53 -69.75 -27.66
CA GLU B 116 51.41 -69.76 -28.60
C GLU B 116 51.26 -68.39 -29.27
N SER B 117 51.86 -67.36 -28.68
CA SER B 117 51.87 -66.03 -29.33
C SER B 117 52.78 -65.94 -30.56
N GLY B 118 53.70 -66.88 -30.75
CA GLY B 118 54.73 -66.81 -31.80
C GLY B 118 56.03 -66.12 -31.39
N ALA B 119 56.08 -65.61 -30.14
CA ALA B 119 57.36 -65.22 -29.54
C ALA B 119 58.35 -66.38 -29.63
N LEU B 120 59.60 -66.04 -29.86
CA LEU B 120 60.66 -67.02 -30.15
C LEU B 120 61.21 -67.67 -28.90
N MET B 121 61.19 -66.93 -27.77
CA MET B 121 61.98 -67.26 -26.61
C MET B 121 61.30 -66.61 -25.42
N TYR B 122 61.59 -67.07 -24.23
CA TYR B 122 61.11 -66.50 -22.96
C TYR B 122 62.26 -66.50 -21.99
N PHE B 123 62.40 -65.41 -21.27
CA PHE B 123 63.34 -65.34 -20.13
C PHE B 123 62.65 -64.93 -18.84
N GLY B 124 62.79 -65.70 -17.75
CA GLY B 124 62.18 -65.37 -16.50
C GLY B 124 62.18 -66.55 -15.60
N GLN B 125 61.43 -66.45 -14.52
CA GLN B 125 61.32 -67.53 -13.60
C GLN B 125 59.89 -68.11 -13.63
N ASP B 126 59.80 -69.41 -13.40
CA ASP B 126 58.54 -70.09 -13.26
C ASP B 126 57.95 -69.76 -11.95
N GLU B 127 56.95 -68.88 -12.04
CA GLU B 127 56.40 -68.27 -10.83
C GLU B 127 55.57 -69.26 -10.04
N THR B 128 54.92 -70.18 -10.71
CA THR B 128 54.24 -71.26 -9.99
C THR B 128 55.25 -72.08 -9.16
N VAL B 129 56.33 -72.50 -9.81
CA VAL B 129 57.40 -73.21 -9.12
C VAL B 129 57.92 -72.39 -7.96
N ALA B 130 58.17 -71.07 -8.16
CA ALA B 130 58.69 -70.24 -7.05
C ALA B 130 57.66 -70.17 -5.94
N GLY B 131 56.38 -70.06 -6.30
CA GLY B 131 55.33 -70.04 -5.29
C GLY B 131 55.25 -71.34 -4.49
N GLN B 132 55.30 -72.47 -5.17
CA GLN B 132 55.26 -73.81 -4.56
C GLN B 132 56.42 -73.98 -3.60
N ALA B 133 57.58 -73.49 -4.01
CA ALA B 133 58.81 -73.53 -3.14
C ALA B 133 58.61 -72.62 -1.94
N ALA B 134 58.05 -71.42 -2.11
CA ALA B 134 57.74 -70.52 -1.01
C ALA B 134 56.72 -71.07 0.02
N GLY B 135 55.68 -71.77 -0.45
CA GLY B 135 54.62 -72.30 0.43
C GLY B 135 55.28 -73.39 1.23
N ALA B 136 56.10 -74.21 0.60
CA ALA B 136 56.81 -75.30 1.35
C ALA B 136 57.76 -74.79 2.44
N ARG B 137 58.56 -73.81 2.07
CA ARG B 137 59.49 -73.15 2.98
C ARG B 137 58.80 -72.54 4.14
N ALA B 138 57.69 -71.85 3.91
CA ALA B 138 57.02 -71.08 4.96
C ALA B 138 56.44 -72.10 5.96
N THR B 139 55.92 -73.19 5.43
CA THR B 139 55.45 -74.29 6.31
C THR B 139 56.61 -74.90 7.12
N SER B 140 57.75 -75.15 6.49
CA SER B 140 58.90 -75.78 7.20
C SER B 140 59.37 -74.83 8.30
N GLU B 141 59.27 -73.53 8.03
CA GLU B 141 59.65 -72.49 8.99
C GLU B 141 58.66 -72.28 10.12
N GLY B 142 57.53 -73.02 10.15
CA GLY B 142 56.59 -73.00 11.28
C GLY B 142 55.46 -71.98 11.21
N PHE B 143 55.33 -71.29 10.07
CA PHE B 143 54.27 -70.31 9.94
C PHE B 143 52.93 -71.02 9.72
N LYS B 144 51.87 -70.42 10.27
CA LYS B 144 50.49 -70.98 10.24
C LYS B 144 49.39 -70.19 9.49
N HIS B 145 49.69 -68.96 9.07
CA HIS B 145 48.70 -68.10 8.41
C HIS B 145 49.43 -67.04 7.61
N VAL B 146 49.54 -67.33 6.29
CA VAL B 146 50.21 -66.47 5.33
C VAL B 146 49.25 -65.48 4.74
N LEU B 147 49.72 -64.23 4.61
CA LEU B 147 49.09 -63.16 3.84
C LEU B 147 49.94 -62.86 2.67
N CYS B 148 49.42 -63.21 1.47
CA CYS B 148 50.04 -62.85 0.22
C CYS B 148 49.50 -61.52 -0.25
N VAL B 149 50.40 -60.58 -0.46
CA VAL B 149 50.09 -59.22 -0.83
C VAL B 149 50.43 -59.03 -2.31
N LEU B 150 49.41 -58.65 -3.07
CA LEU B 150 49.59 -58.47 -4.53
C LEU B 150 49.38 -57.00 -4.83
N GLN B 151 50.29 -56.36 -5.56
CA GLN B 151 50.22 -54.95 -5.84
C GLN B 151 49.50 -54.50 -7.11
N ALA B 152 48.98 -55.50 -7.83
CA ALA B 152 48.14 -55.24 -8.96
C ALA B 152 47.19 -56.44 -9.06
N GLN B 153 46.07 -56.18 -9.73
CA GLN B 153 45.13 -57.20 -10.10
C GLN B 153 45.30 -57.56 -11.57
N GLY B 154 44.86 -58.75 -11.93
CA GLY B 154 44.85 -59.29 -13.31
C GLY B 154 46.24 -59.48 -13.91
N GLN B 155 47.21 -59.89 -13.09
CA GLN B 155 48.59 -60.07 -13.65
C GLN B 155 49.01 -61.50 -13.41
N VAL B 156 49.22 -62.28 -14.51
CA VAL B 156 49.39 -63.69 -14.39
C VAL B 156 50.58 -64.10 -13.57
N GLN B 157 51.67 -63.31 -13.65
CA GLN B 157 52.86 -63.64 -12.92
C GLN B 157 52.74 -63.50 -11.43
N LEU B 158 51.91 -62.58 -10.99
CA LEU B 158 51.60 -62.37 -9.57
C LEU B 158 50.65 -63.42 -9.09
N GLU B 159 49.59 -63.66 -9.88
CA GLU B 159 48.64 -64.68 -9.48
C GLU B 159 49.28 -66.07 -9.43
N SER B 160 50.20 -66.38 -10.33
CA SER B 160 50.88 -67.68 -10.27
C SER B 160 51.66 -67.91 -9.01
N ARG B 161 52.36 -66.87 -8.56
CA ARG B 161 53.09 -66.96 -7.32
C ARG B 161 52.20 -67.37 -6.15
N CYS B 162 51.08 -66.70 -6.01
CA CYS B 162 50.21 -66.95 -4.82
C CYS B 162 49.49 -68.28 -4.97
N ASN B 163 49.05 -68.64 -6.18
CA ASN B 163 48.47 -69.94 -6.43
C ASN B 163 49.49 -71.00 -6.09
N GLY B 164 50.76 -70.80 -6.47
CA GLY B 164 51.82 -71.75 -6.08
C GLY B 164 51.93 -71.92 -4.58
N VAL B 165 51.89 -70.80 -3.85
CA VAL B 165 52.00 -70.84 -2.37
C VAL B 165 50.83 -71.65 -1.81
N GLN B 166 49.61 -71.38 -2.27
CA GLN B 166 48.36 -72.06 -1.81
C GLN B 166 48.45 -73.55 -1.95
N GLN B 167 49.17 -74.02 -2.97
CA GLN B 167 49.28 -75.43 -3.20
C GLN B 167 50.08 -76.22 -2.16
N THR B 168 51.10 -75.61 -1.55
CA THR B 168 52.09 -76.31 -0.74
C THR B 168 52.14 -75.77 0.71
N PHE B 169 51.67 -74.54 0.93
CA PHE B 169 51.45 -74.00 2.29
C PHE B 169 50.33 -74.72 3.06
N LYS B 170 50.71 -75.26 4.23
CA LYS B 170 49.82 -76.15 5.00
C LYS B 170 48.75 -75.41 5.87
N GLY B 171 49.05 -74.20 6.29
CA GLY B 171 48.16 -73.41 7.14
C GLY B 171 47.17 -72.56 6.39
N GLN B 172 46.70 -71.54 7.06
CA GLN B 172 45.67 -70.70 6.50
C GLN B 172 46.30 -69.73 5.51
N TYR B 173 45.55 -69.42 4.48
CA TYR B 173 46.05 -68.62 3.36
C TYR B 173 45.05 -67.48 3.12
N THR B 174 45.58 -66.26 3.02
CA THR B 174 44.80 -65.06 2.73
C THR B 174 45.54 -64.22 1.71
N LYS B 175 44.78 -63.57 0.82
CA LYS B 175 45.31 -62.65 -0.15
C LYS B 175 44.81 -61.26 0.17
N LEU B 176 45.67 -60.30 -0.07
CA LEU B 176 45.38 -58.88 -0.05
C LEU B 176 45.84 -58.13 -1.25
N TYR B 177 44.94 -57.43 -1.93
CA TYR B 177 45.28 -56.56 -3.04
C TYR B 177 45.48 -55.12 -2.60
N VAL B 178 46.63 -54.56 -2.93
CA VAL B 178 46.97 -53.21 -2.62
C VAL B 178 47.22 -52.43 -3.91
N ASN B 179 47.10 -51.10 -3.87
CA ASN B 179 47.39 -50.25 -5.01
C ASN B 179 48.85 -49.87 -5.08
N GLY B 180 49.67 -50.67 -5.77
CA GLY B 180 51.14 -50.49 -5.77
C GLY B 180 51.62 -49.09 -6.10
N ALA B 181 50.92 -48.41 -6.99
CA ALA B 181 51.22 -47.01 -7.33
C ALA B 181 51.24 -46.05 -6.13
N ASP B 182 50.55 -46.38 -5.07
CA ASP B 182 50.25 -45.40 -4.03
C ASP B 182 50.79 -46.03 -2.79
N GLN B 183 52.03 -45.69 -2.46
CA GLN B 183 52.73 -46.41 -1.37
C GLN B 183 52.14 -46.14 0.01
N PRO B 184 51.73 -44.89 0.27
CA PRO B 184 51.03 -44.68 1.52
C PRO B 184 49.79 -45.56 1.63
N SER B 185 49.03 -45.75 0.55
CA SER B 185 47.91 -46.63 0.57
C SER B 185 48.27 -48.06 0.90
N VAL B 186 49.35 -48.53 0.30
CA VAL B 186 49.89 -49.86 0.55
C VAL B 186 50.16 -50.05 2.02
N ARG B 187 50.97 -49.18 2.62
CA ARG B 187 51.27 -49.31 4.02
C ARG B 187 50.03 -49.28 4.91
N THR B 188 49.15 -48.35 4.64
CA THR B 188 47.95 -48.22 5.52
C THR B 188 47.03 -49.46 5.39
N THR B 189 46.88 -50.00 4.16
CA THR B 189 46.03 -51.17 3.88
C THR B 189 46.57 -52.45 4.58
N ILE B 190 47.88 -52.66 4.48
CA ILE B 190 48.49 -53.81 5.10
C ILE B 190 48.36 -53.69 6.65
N ALA B 191 48.66 -52.53 7.18
CA ALA B 191 48.66 -52.26 8.63
C ALA B 191 47.24 -52.57 9.12
N ALA B 192 46.22 -52.05 8.41
CA ALA B 192 44.84 -52.27 8.83
C ALA B 192 44.45 -53.75 8.82
N LYS B 193 44.92 -54.53 7.79
CA LYS B 193 44.68 -55.91 7.65
C LYS B 193 45.31 -56.71 8.80
N LEU B 194 46.51 -56.35 9.18
CA LEU B 194 47.16 -57.08 10.27
C LEU B 194 46.56 -56.75 11.67
N LYS B 195 46.07 -55.50 11.80
CA LYS B 195 45.44 -55.03 13.08
C LYS B 195 44.15 -55.84 13.23
N GLN B 196 43.47 -56.02 12.10
CA GLN B 196 42.18 -56.75 12.09
C GLN B 196 42.30 -58.27 12.31
N ASP B 197 43.42 -58.87 11.93
CA ASP B 197 43.65 -60.30 12.11
C ASP B 197 45.03 -60.58 12.63
N PRO B 198 45.19 -60.55 13.95
CA PRO B 198 46.44 -60.84 14.60
C PRO B 198 46.99 -62.28 14.37
N SER B 199 46.17 -63.24 13.92
CA SER B 199 46.66 -64.56 13.57
C SER B 199 47.57 -64.60 12.31
N ILE B 200 47.57 -63.56 11.46
CA ILE B 200 48.50 -63.58 10.26
C ILE B 200 49.90 -63.60 10.88
N ASP B 201 50.73 -64.57 10.50
CA ASP B 201 52.09 -64.61 11.04
C ASP B 201 53.24 -64.48 10.06
N LEU B 202 52.92 -64.53 8.77
CA LEU B 202 53.89 -64.30 7.71
C LEU B 202 53.19 -63.47 6.61
N VAL B 203 53.85 -62.40 6.16
CA VAL B 203 53.40 -61.63 5.06
C VAL B 203 54.40 -61.93 3.95
N ILE B 204 53.93 -62.44 2.79
CA ILE B 204 54.76 -62.58 1.59
C ILE B 204 54.41 -61.45 0.59
N THR B 205 55.38 -60.58 0.31
CA THR B 205 55.22 -59.52 -0.65
C THR B 205 55.82 -59.97 -1.98
N LEU B 206 55.27 -59.43 -3.08
CA LEU B 206 55.65 -59.89 -4.43
C LEU B 206 56.52 -58.87 -5.10
N GLY B 207 57.03 -57.89 -4.32
CA GLY B 207 58.06 -57.03 -4.83
C GLY B 207 58.81 -56.43 -3.66
N ALA B 208 60.04 -55.97 -3.88
CA ALA B 208 60.85 -55.46 -2.77
C ALA B 208 60.40 -54.09 -2.26
N PRO B 209 59.95 -53.19 -3.13
CA PRO B 209 59.38 -51.92 -2.60
C PRO B 209 58.20 -52.19 -1.65
N ILE B 210 57.37 -53.19 -1.99
CA ILE B 210 56.24 -53.53 -1.16
C ILE B 210 56.75 -54.13 0.13
N ALA B 211 57.87 -54.84 0.10
CA ALA B 211 58.42 -55.43 1.30
C ALA B 211 58.77 -54.35 2.34
N GLN B 212 59.31 -53.24 1.89
CA GLN B 212 59.70 -52.17 2.81
C GLN B 212 58.45 -51.63 3.48
N LEU B 213 57.39 -51.51 2.71
CA LEU B 213 56.10 -50.97 3.29
C LEU B 213 55.51 -51.99 4.29
N ALA B 214 55.57 -53.27 3.96
CA ALA B 214 55.16 -54.34 4.89
C ALA B 214 55.94 -54.35 6.19
N ILE B 215 57.24 -54.08 6.11
CA ILE B 215 58.03 -54.10 7.34
C ILE B 215 57.53 -53.00 8.27
N GLN B 216 57.26 -51.84 7.69
CA GLN B 216 56.76 -50.70 8.47
C GLN B 216 55.31 -50.97 8.94
N ALA B 217 54.49 -51.57 8.07
CA ALA B 217 53.12 -51.86 8.41
C ALA B 217 52.93 -52.84 9.58
N VAL B 218 53.82 -53.82 9.71
CA VAL B 218 53.80 -54.74 10.82
C VAL B 218 54.03 -53.97 12.14
N LYS B 219 54.94 -53.02 12.10
CA LYS B 219 55.23 -52.19 13.31
C LYS B 219 54.06 -51.27 13.57
N ASP B 220 53.53 -50.64 12.52
CA ASP B 220 52.29 -49.82 12.70
C ASP B 220 51.19 -50.59 13.41
N ALA B 221 51.00 -51.87 13.05
CA ALA B 221 49.84 -52.67 13.50
C ALA B 221 50.00 -53.28 14.91
N GLY B 222 51.24 -53.34 15.34
CA GLY B 222 51.56 -54.05 16.56
C GLY B 222 51.47 -55.54 16.35
N SER B 223 51.84 -55.93 15.14
CA SER B 223 51.66 -57.31 14.69
C SER B 223 52.87 -58.14 15.03
N ASN B 224 52.63 -59.44 15.23
CA ASN B 224 53.73 -60.40 15.39
C ASN B 224 54.15 -61.09 14.10
N ALA B 225 53.60 -60.68 12.96
CA ALA B 225 53.99 -61.22 11.70
C ALA B 225 55.46 -60.95 11.37
N LYS B 226 56.02 -61.93 10.68
CA LYS B 226 57.26 -61.81 9.97
C LYS B 226 56.99 -61.55 8.43
N ILE B 227 58.02 -61.16 7.67
CA ILE B 227 57.91 -60.69 6.26
C ILE B 227 58.94 -61.43 5.42
N ALA B 228 58.53 -61.91 4.25
CA ALA B 228 59.44 -62.54 3.29
C ALA B 228 59.06 -61.92 1.94
N THR B 229 59.93 -61.96 0.93
CA THR B 229 59.60 -61.25 -0.32
C THR B 229 60.13 -61.95 -1.52
N PHE B 230 59.53 -61.57 -2.64
CA PHE B 230 60.16 -61.69 -3.95
C PHE B 230 61.02 -60.46 -4.23
N ASP B 231 62.19 -60.70 -4.85
CA ASP B 231 63.08 -59.61 -5.40
C ASP B 231 63.99 -58.97 -4.38
N PHE B 232 65.04 -58.37 -4.89
CA PHE B 232 65.90 -57.40 -4.20
C PHE B 232 65.55 -55.96 -4.62
N ASN B 233 65.82 -55.05 -3.70
CA ASN B 233 66.07 -53.68 -4.02
C ASN B 233 67.30 -53.33 -3.16
N THR B 234 67.70 -52.08 -3.15
CA THR B 234 68.98 -51.75 -2.51
C THR B 234 68.94 -52.00 -0.97
N GLN B 235 67.75 -52.03 -0.38
CA GLN B 235 67.56 -52.22 1.02
C GLN B 235 67.39 -53.63 1.54
N VAL B 236 67.14 -54.61 0.63
CA VAL B 236 66.87 -55.99 1.05
C VAL B 236 68.06 -56.76 1.66
N PRO B 237 69.31 -56.56 1.16
CA PRO B 237 70.36 -57.29 1.84
C PRO B 237 70.48 -56.93 3.38
N ALA B 238 70.45 -55.67 3.72
CA ALA B 238 70.55 -55.29 5.13
C ALA B 238 69.36 -55.83 5.90
N GLU B 239 68.19 -55.81 5.26
CA GLU B 239 66.98 -56.37 5.82
C GLU B 239 67.16 -57.84 6.18
N ILE B 240 67.73 -58.61 5.24
CA ILE B 240 68.00 -60.01 5.51
C ILE B 240 69.01 -60.20 6.66
N GLU B 241 70.08 -59.42 6.62
CA GLU B 241 71.14 -59.42 7.65
C GLU B 241 70.59 -59.14 9.05
N ASN B 242 69.71 -58.15 9.17
CA ASN B 242 69.18 -57.75 10.50
C ASN B 242 67.86 -58.44 10.87
N GLY B 243 67.41 -59.38 10.06
CA GLY B 243 66.24 -60.21 10.30
C GLY B 243 64.90 -59.56 10.05
N GLN B 244 64.86 -58.37 9.48
CA GLN B 244 63.59 -57.76 9.07
C GLN B 244 62.84 -58.53 7.96
N LEU B 245 63.63 -59.19 7.13
CA LEU B 245 63.09 -60.13 6.14
C LEU B 245 63.64 -61.53 6.38
N GLN B 246 62.79 -62.55 6.23
CA GLN B 246 63.18 -63.92 6.41
C GLN B 246 64.01 -64.45 5.27
N TRP B 247 63.63 -64.04 4.04
CA TRP B 247 64.33 -64.46 2.81
C TRP B 247 63.75 -63.65 1.65
N ALA B 248 64.52 -63.66 0.52
CA ALA B 248 64.08 -63.02 -0.73
C ALA B 248 64.35 -63.92 -1.89
N ILE B 249 63.40 -64.01 -2.81
CA ILE B 249 63.49 -64.83 -3.99
C ILE B 249 64.00 -63.97 -5.12
N ASP B 250 65.17 -64.35 -5.67
CA ASP B 250 65.80 -63.66 -6.75
C ASP B 250 65.39 -64.30 -8.09
N GLN B 251 64.86 -63.47 -8.98
CA GLN B 251 64.58 -63.82 -10.36
C GLN B 251 65.56 -63.18 -11.38
N GLN B 252 66.54 -62.46 -10.83
CA GLN B 252 67.61 -61.91 -11.71
C GLN B 252 67.06 -61.03 -12.85
N PRO B 253 66.37 -59.96 -12.47
CA PRO B 253 65.95 -59.00 -13.50
C PRO B 253 67.05 -58.46 -14.45
N TYR B 254 68.27 -58.32 -13.95
CA TYR B 254 69.32 -57.83 -14.87
C TYR B 254 69.50 -58.86 -15.99
N VAL B 255 69.42 -60.16 -15.64
CA VAL B 255 69.57 -61.18 -16.65
C VAL B 255 68.39 -61.20 -17.65
N GLU B 256 67.16 -61.01 -17.09
CA GLU B 256 65.97 -60.92 -17.93
C GLU B 256 66.08 -59.83 -19.00
N GLY B 257 66.48 -58.67 -18.53
CA GLY B 257 66.58 -57.49 -19.42
C GLY B 257 67.71 -57.68 -20.41
N TYR B 258 68.83 -58.15 -19.90
CA TYR B 258 70.03 -58.39 -20.73
C TYR B 258 69.81 -59.46 -21.82
N GLU B 259 69.23 -60.59 -21.43
CA GLU B 259 68.96 -61.64 -22.39
C GLU B 259 67.88 -61.28 -23.38
N ALA B 260 66.86 -60.54 -22.95
CA ALA B 260 65.87 -60.19 -23.92
C ALA B 260 66.51 -59.44 -25.10
N VAL B 261 67.48 -58.56 -24.81
CA VAL B 261 68.10 -57.83 -25.90
C VAL B 261 69.16 -58.69 -26.61
N ASP B 262 70.05 -59.31 -25.84
CA ASP B 262 71.15 -60.01 -26.46
C ASP B 262 70.69 -61.24 -27.22
N SER B 263 69.58 -61.88 -26.77
CA SER B 263 69.01 -62.94 -27.56
C SER B 263 68.44 -62.49 -28.91
N LEU B 264 67.80 -61.33 -28.95
CA LEU B 264 67.44 -60.76 -30.21
C LEU B 264 68.63 -60.53 -31.12
N TRP B 265 69.71 -60.02 -30.54
CA TRP B 265 70.93 -59.82 -31.31
C TRP B 265 71.43 -61.17 -31.93
N LEU B 266 71.40 -62.24 -31.13
CA LEU B 266 71.78 -63.59 -31.64
C LEU B 266 70.87 -64.04 -32.73
N TYR B 267 69.55 -63.79 -32.59
CA TYR B 267 68.62 -64.24 -33.64
C TYR B 267 68.77 -63.46 -34.94
N ILE B 268 68.88 -62.15 -34.80
CA ILE B 268 68.92 -61.30 -35.95
C ILE B 268 70.23 -61.49 -36.72
N THR B 269 71.37 -61.60 -36.01
CA THR B 269 72.68 -61.72 -36.66
C THR B 269 73.00 -63.16 -37.12
N ASN B 270 72.54 -64.17 -36.42
CA ASN B 270 72.99 -65.54 -36.77
C ASN B 270 71.83 -66.58 -36.70
N GLY B 271 70.55 -66.13 -36.58
CA GLY B 271 69.39 -67.05 -36.57
C GLY B 271 69.27 -67.91 -35.31
N ASP B 272 70.07 -67.64 -34.28
CA ASP B 272 70.07 -68.53 -33.12
C ASP B 272 68.93 -68.20 -32.16
N THR B 273 68.52 -69.23 -31.39
CA THR B 273 67.67 -69.07 -30.23
C THR B 273 68.35 -69.70 -29.04
N ILE B 274 67.79 -69.49 -27.86
CA ILE B 274 68.26 -70.08 -26.63
C ILE B 274 67.00 -70.67 -26.00
N GLY B 275 67.07 -71.89 -25.44
CA GLY B 275 65.98 -72.46 -24.70
C GLY B 275 65.36 -73.66 -25.37
N GLY B 276 65.61 -73.87 -26.66
CA GLY B 276 64.88 -74.93 -27.40
C GLY B 276 63.36 -75.03 -27.27
N GLY B 277 62.61 -73.97 -27.51
CA GLY B 277 61.14 -74.04 -27.43
C GLY B 277 60.56 -73.99 -26.07
N GLU B 278 61.44 -73.85 -25.07
CA GLU B 278 61.02 -73.63 -23.71
C GLU B 278 61.84 -72.43 -23.09
N ALA B 279 61.27 -71.97 -21.96
CA ALA B 279 61.78 -70.87 -21.30
C ALA B 279 63.22 -71.10 -20.85
N VAL B 280 63.94 -70.01 -20.85
CA VAL B 280 65.25 -69.94 -20.15
C VAL B 280 65.01 -69.38 -18.77
N LYS B 281 65.39 -70.15 -17.77
CA LYS B 281 65.21 -69.78 -16.37
C LYS B 281 66.23 -68.76 -15.87
N THR B 282 65.73 -67.78 -15.13
CA THR B 282 66.54 -66.85 -14.42
C THR B 282 66.40 -66.95 -12.93
N GLY B 283 65.61 -67.90 -12.48
CA GLY B 283 65.33 -68.06 -11.10
C GLY B 283 64.37 -69.25 -10.99
N PRO B 284 63.85 -69.57 -9.81
CA PRO B 284 64.02 -68.85 -8.54
C PRO B 284 65.25 -69.29 -7.78
N PHE B 285 65.75 -68.38 -6.94
CA PHE B 285 66.85 -68.70 -6.02
C PHE B 285 66.55 -67.97 -4.73
N PHE B 286 66.56 -68.71 -3.64
CA PHE B 286 66.29 -68.15 -2.29
C PHE B 286 67.56 -67.62 -1.69
N VAL B 287 67.45 -66.40 -1.22
CA VAL B 287 68.55 -65.77 -0.57
C VAL B 287 68.13 -65.50 0.87
N ASP B 288 69.01 -65.87 1.80
CA ASP B 288 68.77 -65.76 3.25
C ASP B 288 70.11 -65.36 3.90
N LYS B 289 70.19 -65.36 5.21
CA LYS B 289 71.43 -64.87 5.88
C LYS B 289 72.65 -65.76 5.47
N SER B 290 72.42 -67.01 5.06
CA SER B 290 73.55 -67.87 4.69
C SER B 290 74.28 -67.47 3.41
N ASN B 291 73.58 -66.76 2.52
CA ASN B 291 74.17 -66.53 1.19
C ASN B 291 73.97 -65.10 0.70
N VAL B 292 73.47 -64.23 1.56
CA VAL B 292 73.26 -62.87 1.11
C VAL B 292 74.54 -62.08 0.78
N ALA B 293 75.63 -62.48 1.43
CA ALA B 293 76.89 -61.72 1.29
C ALA B 293 77.34 -61.67 -0.17
N ALA B 294 77.17 -62.77 -0.90
CA ALA B 294 77.50 -62.84 -2.35
C ALA B 294 76.79 -61.80 -3.20
N VAL B 295 75.59 -61.36 -2.83
CA VAL B 295 74.77 -60.51 -3.65
C VAL B 295 74.64 -59.09 -3.11
N ALA B 296 75.00 -58.88 -1.83
CA ALA B 296 74.72 -57.63 -1.20
C ALA B 296 75.25 -56.43 -1.89
N LYS B 297 76.56 -56.42 -2.25
CA LYS B 297 77.14 -55.24 -2.90
C LYS B 297 76.47 -54.89 -4.23
N PHE B 298 76.15 -55.94 -5.00
CA PHE B 298 75.51 -55.75 -6.27
C PHE B 298 74.07 -55.24 -6.11
N ALA B 299 73.32 -55.80 -5.16
CA ALA B 299 71.95 -55.26 -4.97
C ALA B 299 71.98 -53.85 -4.44
N GLU B 300 72.96 -53.54 -3.60
CA GLU B 300 73.08 -52.15 -3.10
C GLU B 300 73.40 -51.09 -4.16
N ARG B 301 73.99 -51.54 -5.28
CA ARG B 301 74.32 -50.63 -6.37
C ARG B 301 73.22 -50.67 -7.46
N GLY B 302 72.18 -51.46 -7.23
CA GLY B 302 71.00 -51.45 -8.12
C GLY B 302 71.06 -52.32 -9.34
N THR B 303 72.05 -53.23 -9.39
CA THR B 303 72.18 -54.10 -10.56
C THR B 303 71.73 -55.55 -10.27
N ARG B 304 71.25 -55.82 -9.07
CA ARG B 304 70.68 -57.09 -8.65
C ARG B 304 69.33 -56.95 -7.93
N PRO C 19 -92.05 53.04 17.02
CA PRO C 19 -92.36 52.14 15.90
C PRO C 19 -91.08 51.53 15.30
N HIS C 20 -91.13 50.25 14.98
CA HIS C 20 -89.93 49.59 14.45
C HIS C 20 -89.69 50.05 13.02
N LEU C 21 -88.44 50.43 12.69
CA LEU C 21 -88.07 50.83 11.36
C LEU C 21 -86.95 49.95 10.85
N THR C 22 -86.85 49.80 9.55
CA THR C 22 -85.72 49.17 8.86
C THR C 22 -85.03 50.25 8.07
N ILE C 23 -83.73 50.40 8.33
CA ILE C 23 -82.89 51.36 7.60
C ILE C 23 -81.73 50.67 6.85
N ALA C 24 -81.63 50.91 5.55
CA ALA C 24 -80.51 50.40 4.73
C ALA C 24 -79.39 51.45 4.78
N MET C 25 -78.19 51.05 5.22
CA MET C 25 -76.94 51.85 5.11
C MET C 25 -76.08 51.23 4.05
N ILE C 26 -75.81 51.97 3.00
CA ILE C 26 -75.21 51.46 1.81
C ILE C 26 -73.97 52.25 1.56
N THR C 27 -72.83 51.59 1.47
CA THR C 27 -71.56 52.32 1.29
C THR C 27 -70.66 51.76 0.21
N HIS C 28 -69.49 52.38 0.07
CA HIS C 28 -68.51 51.97 -0.92
C HIS C 28 -67.33 51.23 -0.29
N GLN C 29 -67.49 50.78 0.97
CA GLN C 29 -66.40 50.16 1.75
C GLN C 29 -65.74 49.07 0.95
N GLN C 30 -64.39 49.13 0.87
CA GLN C 30 -63.57 47.93 0.50
C GLN C 30 -63.60 46.94 1.66
N PRO C 31 -63.92 45.65 1.41
CA PRO C 31 -63.82 44.71 2.50
C PRO C 31 -62.48 44.79 3.19
N GLY C 32 -62.56 44.83 4.52
CA GLY C 32 -61.36 44.95 5.32
C GLY C 32 -60.93 46.36 5.69
N ASP C 33 -61.52 47.39 5.11
CA ASP C 33 -61.19 48.80 5.46
C ASP C 33 -61.87 49.11 6.81
N THR C 34 -61.08 49.15 7.85
CA THR C 34 -61.61 49.23 9.18
C THR C 34 -62.23 50.52 9.56
N PHE C 35 -62.00 51.61 8.78
CA PHE C 35 -62.62 52.87 9.07
C PHE C 35 -64.10 52.65 9.16
N TRP C 36 -64.63 51.78 8.29
CA TRP C 36 -66.09 51.51 8.25
C TRP C 36 -66.65 50.81 9.49
N ASP C 37 -65.79 50.17 10.26
CA ASP C 37 -66.31 49.51 11.50
C ASP C 37 -66.62 50.63 12.51
N ILE C 38 -65.94 51.80 12.40
CA ILE C 38 -66.21 52.91 13.34
C ILE C 38 -67.54 53.59 12.94
N ILE C 39 -67.72 53.79 11.61
CA ILE C 39 -69.02 54.28 11.05
C ILE C 39 -70.11 53.34 11.60
N ARG C 40 -69.92 52.02 11.49
CA ARG C 40 -70.97 51.07 11.90
C ARG C 40 -71.28 51.08 13.38
N LYS C 41 -70.24 51.24 14.22
CA LYS C 41 -70.47 51.39 15.69
C LYS C 41 -71.40 52.54 15.93
N GLY C 42 -71.18 53.69 15.25
CA GLY C 42 -72.06 54.86 15.46
C GLY C 42 -73.48 54.58 15.01
N ALA C 43 -73.54 53.97 13.82
CA ALA C 43 -74.85 53.63 13.26
C ALA C 43 -75.64 52.68 14.17
N LEU C 44 -74.99 51.65 14.69
CA LEU C 44 -75.67 50.64 15.55
C LEU C 44 -76.07 51.26 16.89
N ALA C 45 -75.27 52.22 17.40
CA ALA C 45 -75.63 52.89 18.67
C ALA C 45 -76.93 53.68 18.53
N ALA C 46 -77.07 54.45 17.42
CA ALA C 46 -78.36 55.05 17.08
C ALA C 46 -79.48 54.04 16.90
N ALA C 47 -79.19 53.02 16.15
CA ALA C 47 -80.22 52.03 15.76
C ALA C 47 -80.81 51.37 17.00
N ALA C 48 -79.95 51.11 17.99
CA ALA C 48 -80.43 50.40 19.21
C ALA C 48 -81.33 51.28 20.06
N LYS C 49 -81.16 52.61 19.98
CA LYS C 49 -81.97 53.53 20.72
C LYS C 49 -83.24 53.85 20.01
N ASP C 50 -83.17 53.77 18.68
CA ASP C 50 -84.28 54.08 17.79
C ASP C 50 -85.20 52.99 17.27
N ASN C 51 -85.08 51.75 17.78
CA ASN C 51 -85.93 50.64 17.36
C ASN C 51 -85.81 50.39 15.87
N VAL C 52 -84.56 50.44 15.41
CA VAL C 52 -84.19 50.31 13.98
C VAL C 52 -83.46 48.99 13.76
N THR C 53 -83.87 48.23 12.75
CA THR C 53 -83.03 47.15 12.20
C THR C 53 -82.16 47.76 11.09
N LEU C 54 -80.86 47.83 11.35
CA LEU C 54 -79.88 48.38 10.43
C LEU C 54 -79.43 47.27 9.51
N LYS C 55 -79.70 47.44 8.25
CA LYS C 55 -79.19 46.57 7.15
C LYS C 55 -78.00 47.26 6.51
N TYR C 56 -76.79 46.79 6.74
CA TYR C 56 -75.57 47.33 6.15
C TYR C 56 -75.15 46.53 4.96
N SER C 57 -74.87 47.26 3.91
CA SER C 57 -74.33 46.70 2.65
C SER C 57 -73.32 47.59 2.00
N ASN C 58 -72.43 47.03 1.19
CA ASN C 58 -71.31 47.80 0.67
C ASN C 58 -70.74 47.11 -0.54
N ASP C 59 -70.27 47.92 -1.46
CA ASP C 59 -69.43 47.45 -2.52
C ASP C 59 -68.52 48.58 -3.03
N PRO C 60 -67.22 48.26 -3.25
CA PRO C 60 -66.32 49.26 -3.78
C PRO C 60 -66.47 49.50 -5.28
N ASP C 61 -67.24 48.63 -5.97
CA ASP C 61 -67.57 48.83 -7.34
C ASP C 61 -68.86 49.72 -7.29
N SER C 62 -68.80 50.94 -7.78
CA SER C 62 -69.97 51.84 -7.72
C SER C 62 -71.16 51.36 -8.54
N THR C 63 -70.90 50.60 -9.63
CA THR C 63 -71.98 49.92 -10.37
C THR C 63 -72.73 49.01 -9.39
N LYS C 64 -71.99 48.27 -8.59
CA LYS C 64 -72.57 47.37 -7.65
C LYS C 64 -73.25 48.11 -6.45
N GLU C 65 -72.67 49.23 -6.04
CA GLU C 65 -73.28 50.02 -4.97
C GLU C 65 -74.63 50.54 -5.46
N ALA C 66 -74.70 50.96 -6.71
CA ALA C 66 -76.00 51.38 -7.31
C ALA C 66 -77.02 50.25 -7.21
N VAL C 67 -76.60 49.02 -7.45
CA VAL C 67 -77.52 47.86 -7.37
C VAL C 67 -78.02 47.69 -5.91
N LEU C 68 -77.13 47.80 -4.93
CA LEU C 68 -77.57 47.72 -3.51
C LEU C 68 -78.64 48.78 -3.19
N ILE C 69 -78.55 49.95 -3.80
CA ILE C 69 -79.55 51.04 -3.52
C ILE C 69 -80.87 50.54 -4.06
N GLN C 70 -80.84 50.09 -5.30
CA GLN C 70 -82.09 49.56 -5.89
CA GLN C 70 -82.04 49.51 -5.92
C GLN C 70 -82.59 48.33 -5.11
N ASP C 71 -81.70 47.50 -4.54
CA ASP C 71 -82.13 46.35 -3.71
C ASP C 71 -82.94 46.84 -2.51
N ALA C 72 -82.49 47.96 -1.93
CA ALA C 72 -83.16 48.48 -0.72
C ALA C 72 -84.52 49.07 -1.06
N VAL C 73 -84.56 49.75 -2.20
CA VAL C 73 -85.77 50.35 -2.72
C VAL C 73 -86.79 49.22 -2.94
N ASN C 74 -86.37 48.15 -3.58
CA ASN C 74 -87.30 47.03 -3.81
C ASN C 74 -87.75 46.35 -2.54
N ALA C 75 -86.92 46.34 -1.52
CA ALA C 75 -87.23 45.80 -0.18
C ALA C 75 -88.14 46.71 0.61
N LYS C 76 -88.45 47.91 0.10
CA LYS C 76 -89.34 48.87 0.80
C LYS C 76 -88.87 49.20 2.22
N VAL C 77 -87.57 49.43 2.32
CA VAL C 77 -87.00 49.92 3.55
C VAL C 77 -87.66 51.25 3.91
N ASP C 78 -87.63 51.59 5.22
CA ASP C 78 -88.16 52.87 5.69
C ASP C 78 -87.26 54.11 5.39
N GLY C 79 -85.98 53.87 5.21
CA GLY C 79 -85.08 54.92 4.86
C GLY C 79 -83.74 54.33 4.40
N ILE C 80 -82.96 55.18 3.69
CA ILE C 80 -81.65 54.82 3.20
C ILE C 80 -80.63 55.85 3.59
N ALA C 81 -79.52 55.37 4.11
CA ALA C 81 -78.32 56.18 4.38
C ALA C 81 -77.27 55.72 3.32
N VAL C 82 -76.74 56.65 2.53
CA VAL C 82 -75.88 56.29 1.41
C VAL C 82 -74.67 57.16 1.28
N THR C 83 -73.57 56.58 0.82
CA THR C 83 -72.38 57.34 0.39
C THR C 83 -72.40 57.58 -1.11
N ILE C 84 -71.77 58.71 -1.50
CA ILE C 84 -71.75 59.18 -2.86
C ILE C 84 -70.29 59.47 -3.31
N PRO C 85 -69.42 58.42 -3.39
CA PRO C 85 -68.06 58.67 -3.90
C PRO C 85 -68.01 58.88 -5.39
N ASP C 86 -68.96 58.30 -6.14
CA ASP C 86 -68.95 58.25 -7.66
C ASP C 86 -70.28 58.81 -8.14
N PRO C 87 -70.44 60.13 -8.10
CA PRO C 87 -71.78 60.69 -8.44
C PRO C 87 -72.37 60.20 -9.83
N PRO C 88 -71.56 60.15 -10.92
CA PRO C 88 -72.23 59.73 -12.18
C PRO C 88 -72.86 58.34 -12.12
N ALA C 89 -72.25 57.47 -11.33
CA ALA C 89 -72.67 56.08 -11.19
C ALA C 89 -73.81 55.85 -10.23
N LEU C 90 -74.01 56.81 -9.30
CA LEU C 90 -74.89 56.59 -8.13
C LEU C 90 -76.08 57.49 -8.06
N ILE C 91 -75.97 58.70 -8.56
CA ILE C 91 -77.07 59.64 -8.45
C ILE C 91 -78.36 59.16 -9.13
N PRO C 92 -78.26 58.51 -10.31
CA PRO C 92 -79.53 58.00 -10.87
C PRO C 92 -80.28 57.04 -9.97
N ALA C 93 -79.58 56.12 -9.27
CA ALA C 93 -80.21 55.17 -8.35
C ALA C 93 -80.77 55.87 -7.11
N ILE C 94 -80.02 56.89 -6.64
CA ILE C 94 -80.50 57.65 -5.50
C ILE C 94 -81.80 58.39 -5.89
N LYS C 95 -81.84 58.98 -7.04
CA LYS C 95 -83.02 59.70 -7.51
C LYS C 95 -84.18 58.74 -7.65
N GLN C 96 -83.90 57.52 -8.10
CA GLN C 96 -84.94 56.45 -8.09
C GLN C 96 -85.53 56.20 -6.73
N ALA C 97 -84.68 56.05 -5.72
CA ALA C 97 -85.14 55.84 -4.40
C ALA C 97 -86.04 56.98 -3.93
N VAL C 98 -85.57 58.22 -4.15
CA VAL C 98 -86.38 59.37 -3.77
C VAL C 98 -87.73 59.39 -4.51
N ALA C 99 -87.76 59.17 -5.83
CA ALA C 99 -89.03 59.06 -6.54
C ALA C 99 -89.97 57.99 -5.98
N ALA C 100 -89.41 56.92 -5.43
CA ALA C 100 -90.22 55.83 -4.81
C ALA C 100 -90.76 56.17 -3.43
N GLY C 101 -90.41 57.33 -2.91
CA GLY C 101 -90.87 57.76 -1.58
C GLY C 101 -90.09 57.31 -0.37
N ILE C 102 -88.84 56.88 -0.60
CA ILE C 102 -87.98 56.42 0.49
C ILE C 102 -87.06 57.59 0.82
N PRO C 103 -87.09 58.06 2.08
CA PRO C 103 -86.18 59.17 2.50
C PRO C 103 -84.70 58.71 2.46
N VAL C 104 -83.88 59.59 1.93
CA VAL C 104 -82.46 59.32 1.74
C VAL C 104 -81.66 60.38 2.52
N VAL C 105 -80.71 59.93 3.30
CA VAL C 105 -79.67 60.78 3.91
C VAL C 105 -78.34 60.34 3.34
N ALA C 106 -77.52 61.30 2.88
CA ALA C 106 -76.20 60.98 2.36
C ALA C 106 -75.17 61.28 3.47
N PHE C 107 -74.09 60.54 3.46
CA PHE C 107 -73.02 60.79 4.43
C PHE C 107 -71.65 60.36 3.91
N ASN C 108 -70.63 60.84 4.58
CA ASN C 108 -69.23 60.50 4.34
C ASN C 108 -68.60 60.96 3.05
N ALA C 109 -69.23 60.60 1.94
CA ALA C 109 -68.74 61.03 0.63
C ALA C 109 -69.90 61.62 -0.12
N GLY C 110 -69.63 62.75 -0.79
CA GLY C 110 -70.60 63.41 -1.69
C GLY C 110 -71.11 64.70 -1.21
N ILE C 111 -70.33 65.47 -0.45
CA ILE C 111 -70.83 66.65 0.11
C ILE C 111 -71.29 67.67 -0.98
N ASP C 112 -70.62 67.71 -2.08
CA ASP C 112 -70.94 68.65 -3.17
C ASP C 112 -72.06 68.17 -4.06
N GLN C 113 -72.55 66.96 -3.90
CA GLN C 113 -73.54 66.31 -4.75
C GLN C 113 -74.77 65.79 -4.05
N TRP C 114 -74.85 65.88 -2.72
CA TRP C 114 -76.01 65.25 -2.05
C TRP C 114 -77.28 65.97 -2.39
N LYS C 115 -77.24 67.27 -2.51
CA LYS C 115 -78.48 68.04 -2.67
C LYS C 115 -79.12 67.77 -4.03
N GLU C 116 -78.27 67.63 -5.06
CA GLU C 116 -78.78 67.41 -6.40
C GLU C 116 -79.30 65.98 -6.56
N SER C 117 -78.93 65.07 -5.65
CA SER C 117 -79.40 63.69 -5.75
C SER C 117 -80.80 63.51 -5.15
N GLY C 118 -81.28 64.51 -4.42
CA GLY C 118 -82.56 64.47 -3.69
C GLY C 118 -82.51 63.96 -2.28
N ALA C 119 -81.27 63.64 -1.88
CA ALA C 119 -81.04 63.36 -0.44
C ALA C 119 -81.49 64.51 0.42
N LEU C 120 -81.99 64.21 1.62
CA LEU C 120 -82.59 65.25 2.46
C LEU C 120 -81.51 66.06 3.24
N MET C 121 -80.37 65.38 3.58
CA MET C 121 -79.37 65.88 4.48
C MET C 121 -78.05 65.24 4.11
N TYR C 122 -76.99 65.76 4.74
CA TYR C 122 -75.64 65.19 4.57
C TYR C 122 -74.87 65.38 5.89
N PHE C 123 -74.11 64.39 6.29
CA PHE C 123 -73.25 64.37 7.43
C PHE C 123 -71.86 64.00 7.05
N GLY C 124 -70.93 64.88 7.30
CA GLY C 124 -69.49 64.53 7.01
C GLY C 124 -68.63 65.79 7.07
N GLN C 125 -67.37 65.79 6.55
CA GLN C 125 -66.61 67.04 6.54
C GLN C 125 -66.49 67.64 5.17
N ASP C 126 -66.26 68.96 5.07
CA ASP C 126 -65.97 69.53 3.80
C ASP C 126 -64.51 69.07 3.54
N GLU C 127 -64.34 68.27 2.50
CA GLU C 127 -63.04 67.65 2.26
C GLU C 127 -62.07 68.67 1.59
N THR C 128 -62.60 69.59 0.81
CA THR C 128 -61.78 70.68 0.22
C THR C 128 -61.21 71.54 1.34
N VAL C 129 -62.07 71.91 2.28
CA VAL C 129 -61.63 72.65 3.42
C VAL C 129 -60.55 71.92 4.26
N ALA C 130 -60.80 70.62 4.46
CA ALA C 130 -59.85 69.83 5.24
C ALA C 130 -58.49 69.75 4.50
N GLY C 131 -58.51 69.57 3.20
CA GLY C 131 -57.29 69.49 2.42
C GLY C 131 -56.57 70.83 2.41
N GLN C 132 -57.30 71.92 2.25
CA GLN C 132 -56.67 73.24 2.32
C GLN C 132 -55.97 73.45 3.66
N ALA C 133 -56.63 73.11 4.76
CA ALA C 133 -55.97 73.19 6.07
C ALA C 133 -54.73 72.34 6.21
N ALA C 134 -54.76 71.16 5.59
CA ALA C 134 -53.63 70.26 5.68
C ALA C 134 -52.44 70.84 4.94
N GLY C 135 -52.70 71.39 3.79
CA GLY C 135 -51.62 72.03 3.00
C GLY C 135 -51.03 73.21 3.74
N ALA C 136 -51.88 74.03 4.34
CA ALA C 136 -51.41 75.22 5.05
C ALA C 136 -50.56 74.78 6.27
N ARG C 137 -51.03 73.77 6.98
CA ARG C 137 -50.30 73.26 8.14
C ARG C 137 -48.97 72.67 7.74
N ALA C 138 -48.95 71.91 6.67
CA ALA C 138 -47.72 71.30 6.22
C ALA C 138 -46.67 72.36 5.82
N THR C 139 -47.16 73.39 5.16
CA THR C 139 -46.26 74.51 4.84
C THR C 139 -45.75 75.18 6.15
N SER C 140 -46.63 75.38 7.13
CA SER C 140 -46.29 75.98 8.42
CA SER C 140 -46.26 76.01 8.40
C SER C 140 -45.21 75.19 9.14
N GLU C 141 -45.18 73.85 8.96
CA GLU C 141 -44.29 72.92 9.64
C GLU C 141 -42.95 72.71 8.90
N GLY C 142 -42.73 73.44 7.83
CA GLY C 142 -41.43 73.40 7.15
C GLY C 142 -41.33 72.45 5.99
N PHE C 143 -42.40 71.73 5.66
CA PHE C 143 -42.35 70.77 4.53
C PHE C 143 -42.34 71.41 3.17
N LYS C 144 -41.51 70.85 2.29
CA LYS C 144 -41.27 71.44 0.99
C LYS C 144 -41.78 70.61 -0.17
N HIS C 145 -42.08 69.31 0.02
CA HIS C 145 -42.53 68.43 -1.05
C HIS C 145 -43.42 67.35 -0.49
N VAL C 146 -44.73 67.52 -0.68
CA VAL C 146 -45.73 66.59 -0.17
C VAL C 146 -46.09 65.56 -1.23
N LEU C 147 -46.17 64.29 -0.84
CA LEU C 147 -46.76 63.25 -1.56
C LEU C 147 -48.12 62.93 -0.94
N CYS C 148 -49.22 63.13 -1.70
CA CYS C 148 -50.54 62.70 -1.30
C CYS C 148 -50.87 61.34 -1.86
N VAL C 149 -51.27 60.39 -1.02
CA VAL C 149 -51.45 58.99 -1.41
C VAL C 149 -52.95 58.70 -1.40
N LEU C 150 -53.54 58.28 -2.51
CA LEU C 150 -54.95 58.02 -2.65
C LEU C 150 -55.14 56.53 -2.89
N GLN C 151 -55.96 55.89 -2.07
CA GLN C 151 -56.10 54.42 -2.11
C GLN C 151 -57.15 53.97 -3.07
N ALA C 152 -57.81 54.86 -3.79
CA ALA C 152 -58.76 54.52 -4.84
C ALA C 152 -58.75 55.63 -5.85
N GLN C 153 -59.10 55.32 -7.09
CA GLN C 153 -59.41 56.31 -8.09
C GLN C 153 -60.88 56.67 -8.23
N GLY C 154 -61.13 57.86 -8.73
CA GLY C 154 -62.50 58.28 -9.09
C GLY C 154 -63.42 58.52 -7.90
N GLN C 155 -62.84 58.80 -6.73
CA GLN C 155 -63.67 59.07 -5.55
C GLN C 155 -63.62 60.50 -5.09
N VAL C 156 -64.75 61.18 -5.16
CA VAL C 156 -64.76 62.61 -5.02
C VAL C 156 -64.26 63.09 -3.70
N GLN C 157 -64.58 62.38 -2.62
CA GLN C 157 -64.06 62.75 -1.31
C GLN C 157 -62.56 62.66 -1.15
N LEU C 158 -61.93 61.70 -1.82
CA LEU C 158 -60.45 61.56 -1.79
C LEU C 158 -59.83 62.64 -2.67
N GLU C 159 -60.38 62.83 -3.87
CA GLU C 159 -59.90 63.87 -4.78
C GLU C 159 -59.98 65.24 -4.20
N SER C 160 -61.10 65.53 -3.50
CA SER C 160 -61.25 66.89 -2.88
C SER C 160 -60.15 67.16 -1.88
N ARG C 161 -59.81 66.15 -1.08
CA ARG C 161 -58.76 66.36 -0.09
C ARG C 161 -57.45 66.74 -0.77
N CYS C 162 -57.08 66.01 -1.82
CA CYS C 162 -55.77 66.26 -2.47
C CYS C 162 -55.81 67.58 -3.24
N ASN C 163 -56.91 67.88 -3.89
CA ASN C 163 -57.08 69.13 -4.53
C ASN C 163 -56.91 70.32 -3.53
N GLY C 164 -57.47 70.21 -2.32
CA GLY C 164 -57.36 71.23 -1.31
C GLY C 164 -55.92 71.38 -0.90
N VAL C 165 -55.21 70.27 -0.70
CA VAL C 165 -53.75 70.36 -0.31
C VAL C 165 -52.97 71.10 -1.37
N GLN C 166 -53.21 70.77 -2.63
CA GLN C 166 -52.53 71.45 -3.70
C GLN C 166 -52.80 72.95 -3.69
N GLN C 167 -54.01 73.39 -3.37
CA GLN C 167 -54.28 74.80 -3.35
C GLN C 167 -53.51 75.61 -2.34
N THR C 168 -53.17 75.08 -1.21
CA THR C 168 -52.53 75.90 -0.15
C THR C 168 -51.08 75.47 0.10
N PHE C 169 -50.65 74.28 -0.29
CA PHE C 169 -49.25 73.89 0.00
C PHE C 169 -48.33 74.66 -0.92
N LYS C 170 -47.38 75.38 -0.29
CA LYS C 170 -46.55 76.29 -1.05
C LYS C 170 -45.45 75.61 -1.88
N GLY C 171 -45.05 74.44 -1.47
CA GLY C 171 -43.97 73.72 -2.12
C GLY C 171 -44.43 72.79 -3.22
N GLN C 172 -43.65 71.76 -3.50
CA GLN C 172 -43.93 70.81 -4.60
C GLN C 172 -44.97 69.80 -4.15
N TYR C 173 -45.88 69.47 -5.03
CA TYR C 173 -47.05 68.59 -4.77
C TYR C 173 -47.05 67.44 -5.73
N THR C 174 -47.08 66.21 -5.23
CA THR C 174 -47.10 65.05 -6.04
C THR C 174 -48.22 64.15 -5.52
N LYS C 175 -48.94 63.49 -6.44
CA LYS C 175 -49.95 62.51 -6.10
C LYS C 175 -49.49 61.09 -6.44
N LEU C 176 -49.89 60.14 -5.61
CA LEU C 176 -49.68 58.74 -5.88
C LEU C 176 -50.94 57.89 -5.64
N TYR C 177 -51.39 57.16 -6.64
CA TYR C 177 -52.53 56.28 -6.54
C TYR C 177 -51.98 54.89 -6.16
N VAL C 178 -52.52 54.31 -5.11
CA VAL C 178 -52.19 52.97 -4.73
C VAL C 178 -53.46 52.09 -4.69
N ASN C 179 -53.27 50.76 -4.70
CA ASN C 179 -54.42 49.93 -4.78
C ASN C 179 -54.68 49.49 -3.38
N GLY C 180 -55.65 50.17 -2.76
CA GLY C 180 -55.96 49.90 -1.34
C GLY C 180 -56.31 48.45 -0.98
N ALA C 181 -56.90 47.71 -1.93
CA ALA C 181 -57.14 46.25 -1.83
C ALA C 181 -55.92 45.34 -1.66
N ASP C 182 -54.75 45.79 -2.12
CA ASP C 182 -53.56 44.94 -2.29
C ASP C 182 -52.46 45.63 -1.49
N GLN C 183 -52.39 45.38 -0.21
CA GLN C 183 -51.47 46.12 0.63
C GLN C 183 -49.94 45.82 0.40
N PRO C 184 -49.54 44.62 -0.09
CA PRO C 184 -48.11 44.50 -0.46
C PRO C 184 -47.81 45.44 -1.62
N SER C 185 -48.79 45.58 -2.51
CA SER C 185 -48.69 46.58 -3.52
C SER C 185 -48.47 47.98 -2.93
N VAL C 186 -49.32 48.36 -1.96
CA VAL C 186 -49.39 49.72 -1.45
C VAL C 186 -47.99 50.05 -0.85
N ARG C 187 -47.51 49.11 -0.08
CA ARG C 187 -46.25 49.34 0.64
C ARG C 187 -45.10 49.43 -0.37
N THR C 188 -45.06 48.53 -1.35
CA THR C 188 -44.03 48.50 -2.40
C THR C 188 -44.05 49.84 -3.16
N THR C 189 -45.24 50.31 -3.56
CA THR C 189 -45.39 51.47 -4.41
C THR C 189 -44.99 52.75 -3.61
N ILE C 190 -45.44 52.91 -2.38
CA ILE C 190 -45.08 54.11 -1.60
C ILE C 190 -43.54 54.15 -1.42
N ALA C 191 -42.96 53.02 -1.04
CA ALA C 191 -41.55 52.97 -0.83
C ALA C 191 -40.80 53.29 -2.09
N ALA C 192 -41.20 52.70 -3.22
CA ALA C 192 -40.51 52.97 -4.50
C ALA C 192 -40.51 54.47 -4.85
N LYS C 193 -41.64 55.10 -4.59
CA LYS C 193 -41.74 56.48 -4.88
C LYS C 193 -40.82 57.30 -4.04
N LEU C 194 -40.75 56.96 -2.76
CA LEU C 194 -39.89 57.73 -1.88
C LEU C 194 -38.40 57.54 -2.16
N LYS C 195 -38.03 56.30 -2.51
CA LYS C 195 -36.62 56.04 -2.91
C LYS C 195 -36.24 56.85 -4.18
N GLN C 196 -37.19 56.94 -5.08
CA GLN C 196 -36.97 57.52 -6.38
C GLN C 196 -36.95 58.99 -6.34
N ASP C 197 -37.62 59.61 -5.36
CA ASP C 197 -37.56 61.04 -5.18
C ASP C 197 -37.26 61.44 -3.73
N PRO C 198 -35.95 61.49 -3.37
CA PRO C 198 -35.61 61.81 -1.97
C PRO C 198 -36.06 63.18 -1.48
N SER C 199 -36.51 64.04 -2.39
CA SER C 199 -36.94 65.39 -2.05
C SER C 199 -38.29 65.36 -1.33
N ILE C 200 -39.04 64.26 -1.48
CA ILE C 200 -40.35 64.14 -0.80
C ILE C 200 -40.07 64.14 0.71
N ASP C 201 -40.59 65.14 1.43
CA ASP C 201 -40.42 65.20 2.87
C ASP C 201 -41.66 64.98 3.78
N LEU C 202 -42.85 64.85 3.15
CA LEU C 202 -44.07 64.60 3.88
C LEU C 202 -44.95 63.72 3.03
N VAL C 203 -45.47 62.66 3.62
CA VAL C 203 -46.48 61.83 3.01
C VAL C 203 -47.78 62.11 3.76
N ILE C 204 -48.83 62.44 3.02
CA ILE C 204 -50.13 62.57 3.59
C ILE C 204 -50.94 61.39 3.08
N THR C 205 -51.38 60.50 3.99
CA THR C 205 -52.28 59.41 3.66
C THR C 205 -53.73 59.81 3.95
N LEU C 206 -54.67 59.24 3.20
CA LEU C 206 -56.11 59.56 3.30
C LEU C 206 -56.93 58.59 4.13
N GLY C 207 -56.25 57.63 4.80
CA GLY C 207 -56.90 56.78 5.78
C GLY C 207 -55.86 56.24 6.73
N ALA C 208 -56.31 55.87 7.93
CA ALA C 208 -55.41 55.41 8.98
C ALA C 208 -54.75 54.07 8.65
N PRO C 209 -55.45 53.11 8.04
CA PRO C 209 -54.78 51.91 7.62
C PRO C 209 -53.66 52.14 6.60
N ILE C 210 -53.82 53.08 5.68
CA ILE C 210 -52.78 53.40 4.68
C ILE C 210 -51.63 54.11 5.46
N ALA C 211 -51.92 54.95 6.41
CA ALA C 211 -50.86 55.51 7.28
C ALA C 211 -49.91 54.41 7.76
N GLN C 212 -50.47 53.30 8.26
CA GLN C 212 -49.59 52.22 8.80
C GLN C 212 -48.58 51.75 7.77
N LEU C 213 -49.04 51.58 6.51
CA LEU C 213 -48.20 51.11 5.45
C LEU C 213 -47.17 52.17 5.09
N ALA C 214 -47.55 53.44 5.13
CA ALA C 214 -46.65 54.55 4.81
C ALA C 214 -45.54 54.65 5.83
N ILE C 215 -45.85 54.49 7.10
CA ILE C 215 -44.76 54.44 8.12
C ILE C 215 -43.75 53.34 7.79
N GLN C 216 -44.19 52.14 7.39
N GLN C 216 -44.22 52.14 7.41
CA GLN C 216 -43.23 51.12 7.03
CA GLN C 216 -43.32 51.07 7.02
C GLN C 216 -42.49 51.45 5.75
C GLN C 216 -42.52 51.43 5.76
N ALA C 217 -43.21 51.99 4.77
CA ALA C 217 -42.64 52.26 3.50
C ALA C 217 -41.55 53.27 3.58
N VAL C 218 -41.69 54.26 4.43
CA VAL C 218 -40.64 55.24 4.66
C VAL C 218 -39.34 54.60 5.05
N LYS C 219 -39.41 53.72 6.04
CA LYS C 219 -38.19 52.99 6.43
C LYS C 219 -37.68 52.03 5.34
N ASP C 220 -38.58 51.30 4.65
CA ASP C 220 -38.12 50.44 3.60
C ASP C 220 -37.33 51.21 2.53
N ALA C 221 -37.78 52.44 2.22
CA ALA C 221 -37.18 53.29 1.20
C ALA C 221 -35.82 53.95 1.62
N GLY C 222 -35.54 53.95 2.93
CA GLY C 222 -34.44 54.74 3.49
C GLY C 222 -34.67 56.22 3.25
N SER C 223 -35.97 56.60 3.32
CA SER C 223 -36.42 57.99 3.19
C SER C 223 -36.43 58.78 4.49
N ASN C 224 -36.26 60.11 4.40
CA ASN C 224 -36.37 61.00 5.50
C ASN C 224 -37.75 61.69 5.65
N ALA C 225 -38.70 61.20 4.87
CA ALA C 225 -40.08 61.77 4.97
C ALA C 225 -40.74 61.50 6.30
N LYS C 226 -41.63 62.41 6.68
CA LYS C 226 -42.55 62.26 7.78
C LYS C 226 -43.92 61.91 7.19
N ILE C 227 -44.84 61.54 8.06
CA ILE C 227 -46.15 61.06 7.65
C ILE C 227 -47.21 61.79 8.46
N ALA C 228 -48.31 62.15 7.82
CA ALA C 228 -49.53 62.64 8.49
C ALA C 228 -50.73 62.00 7.82
N THR C 229 -51.87 62.00 8.53
CA THR C 229 -52.98 61.26 7.98
C THR C 229 -54.32 61.93 8.24
N PHE C 230 -55.24 61.48 7.39
CA PHE C 230 -56.63 61.54 7.75
C PHE C 230 -57.01 60.29 8.55
N ASP C 231 -57.83 60.55 9.59
CA ASP C 231 -58.53 59.49 10.47
C ASP C 231 -57.68 58.89 11.54
N PHE C 232 -58.40 58.36 12.54
CA PHE C 232 -57.80 57.52 13.55
C PHE C 232 -58.06 56.05 13.24
N ASN C 233 -57.13 55.18 13.63
CA ASN C 233 -57.50 53.75 13.91
C ASN C 233 -56.92 53.56 15.33
N THR C 234 -56.88 52.30 15.77
CA THR C 234 -56.43 52.07 17.08
C THR C 234 -54.94 52.36 17.33
N GLN C 235 -54.14 52.42 16.27
CA GLN C 235 -52.68 52.58 16.31
C GLN C 235 -52.28 54.09 16.31
N VAL C 236 -53.19 54.96 15.85
CA VAL C 236 -52.87 56.35 15.61
C VAL C 236 -52.50 57.11 16.89
N PRO C 237 -53.18 56.89 18.03
CA PRO C 237 -52.83 57.74 19.20
C PRO C 237 -51.40 57.52 19.64
N ALA C 238 -51.00 56.26 19.72
CA ALA C 238 -49.59 55.98 20.08
C ALA C 238 -48.58 56.46 19.02
N GLU C 239 -48.97 56.51 17.77
CA GLU C 239 -48.11 57.02 16.72
C GLU C 239 -47.97 58.56 16.79
N ILE C 240 -49.03 59.27 17.19
CA ILE C 240 -48.87 60.67 17.41
C ILE C 240 -47.94 60.87 18.59
N GLU C 241 -48.17 60.13 19.66
CA GLU C 241 -47.35 60.32 20.88
C GLU C 241 -45.87 60.05 20.65
N ASN C 242 -45.55 59.05 19.87
CA ASN C 242 -44.13 58.68 19.66
C ASN C 242 -43.51 59.34 18.37
N GLY C 243 -44.27 60.20 17.71
CA GLY C 243 -43.79 60.97 16.52
C GLY C 243 -43.82 60.24 15.19
N GLN C 244 -44.30 59.02 15.17
CA GLN C 244 -44.51 58.32 13.91
C GLN C 244 -45.46 59.04 12.95
N LEU C 245 -46.43 59.75 13.49
CA LEU C 245 -47.38 60.56 12.69
C LEU C 245 -47.32 61.98 13.19
N GLN C 246 -47.26 62.99 12.30
CA GLN C 246 -47.19 64.35 12.70
C GLN C 246 -48.55 64.86 13.28
N TRP C 247 -49.64 64.32 12.73
CA TRP C 247 -50.98 64.74 13.14
C TRP C 247 -51.97 63.88 12.36
N ALA C 248 -53.18 63.87 12.86
CA ALA C 248 -54.28 63.15 12.22
C ALA C 248 -55.49 64.09 12.14
N ILE C 249 -56.25 64.04 11.03
CA ILE C 249 -57.49 64.86 10.90
C ILE C 249 -58.72 63.95 11.18
N ASP C 250 -59.53 64.35 12.18
CA ASP C 250 -60.71 63.66 12.63
C ASP C 250 -61.92 64.25 11.90
N GLN C 251 -62.63 63.34 11.23
CA GLN C 251 -63.91 63.59 10.63
C GLN C 251 -65.10 63.01 11.45
N GLN C 252 -64.79 62.32 12.56
CA GLN C 252 -65.80 61.72 13.44
C GLN C 252 -66.69 60.72 12.73
N PRO C 253 -66.13 59.62 12.20
CA PRO C 253 -67.00 58.61 11.63
C PRO C 253 -68.12 58.08 12.52
N TYR C 254 -67.93 58.04 13.84
CA TYR C 254 -69.03 57.55 14.70
C TYR C 254 -70.20 58.51 14.58
N VAL C 255 -69.93 59.84 14.56
CA VAL C 255 -70.98 60.82 14.39
C VAL C 255 -71.63 60.68 13.03
N GLU C 256 -70.84 60.44 11.97
CA GLU C 256 -71.47 60.29 10.64
C GLU C 256 -72.39 59.13 10.60
N GLY C 257 -71.96 57.95 11.07
CA GLY C 257 -72.84 56.80 11.10
C GLY C 257 -74.06 56.95 12.01
N TYR C 258 -73.79 57.51 13.17
CA TYR C 258 -74.81 57.77 14.15
C TYR C 258 -75.89 58.69 13.60
N GLU C 259 -75.47 59.86 13.07
CA GLU C 259 -76.45 60.82 12.63
C GLU C 259 -77.18 60.38 11.35
N ALA C 260 -76.51 59.56 10.53
CA ALA C 260 -77.16 59.04 9.33
C ALA C 260 -78.43 58.28 9.74
N VAL C 261 -78.33 57.49 10.83
CA VAL C 261 -79.50 56.69 11.31
C VAL C 261 -80.44 57.59 12.12
N ASP C 262 -79.90 58.36 13.06
CA ASP C 262 -80.80 59.10 13.94
C ASP C 262 -81.53 60.20 13.23
N SER C 263 -80.91 60.83 12.25
CA SER C 263 -81.61 61.86 11.45
C SER C 263 -82.76 61.22 10.69
N LEU C 264 -82.56 60.02 10.14
CA LEU C 264 -83.67 59.34 9.45
C LEU C 264 -84.81 59.06 10.47
N TRP C 265 -84.44 58.65 11.67
CA TRP C 265 -85.48 58.56 12.75
C TRP C 265 -86.26 59.86 12.98
N LEU C 266 -85.55 60.98 13.06
CA LEU C 266 -86.20 62.28 13.30
C LEU C 266 -87.12 62.62 12.13
N TYR C 267 -86.66 62.32 10.91
CA TYR C 267 -87.45 62.68 9.76
C TYR C 267 -88.70 61.80 9.63
N ILE C 268 -88.53 60.51 9.87
CA ILE C 268 -89.64 59.56 9.69
C ILE C 268 -90.67 59.78 10.79
N THR C 269 -90.21 59.97 12.01
CA THR C 269 -91.11 60.11 13.10
C THR C 269 -91.69 61.52 13.28
N ASN C 270 -91.00 62.60 12.85
CA ASN C 270 -91.53 63.92 13.17
C ASN C 270 -91.29 64.93 12.08
N GLY C 271 -90.85 64.46 10.93
CA GLY C 271 -90.68 65.29 9.73
C GLY C 271 -89.49 66.25 9.82
N ASP C 272 -88.61 66.06 10.83
CA ASP C 272 -87.52 66.98 11.02
C ASP C 272 -86.32 66.72 10.13
N THR C 273 -85.55 67.77 9.91
CA THR C 273 -84.25 67.66 9.30
C THR C 273 -83.24 68.42 10.18
N ILE C 274 -81.94 68.29 9.88
CA ILE C 274 -80.86 68.95 10.57
C ILE C 274 -80.02 69.55 9.44
N GLY C 275 -79.61 70.81 9.61
CA GLY C 275 -78.64 71.46 8.77
C GLY C 275 -79.16 72.67 8.04
N GLY C 276 -80.46 73.00 8.21
CA GLY C 276 -80.87 74.27 7.57
C GLY C 276 -80.80 74.23 6.06
N GLY C 277 -80.80 73.07 5.47
CA GLY C 277 -80.69 72.94 4.01
C GLY C 277 -79.29 72.75 3.42
N GLU C 278 -78.30 72.76 4.30
CA GLU C 278 -76.90 72.59 3.94
C GLU C 278 -76.36 71.43 4.80
N ALA C 279 -75.22 70.94 4.39
CA ALA C 279 -74.56 69.86 5.10
C ALA C 279 -74.32 70.12 6.56
N VAL C 280 -74.37 69.06 7.35
CA VAL C 280 -73.99 69.11 8.77
C VAL C 280 -72.53 68.67 8.90
N LYS C 281 -71.72 69.57 9.40
CA LYS C 281 -70.27 69.29 9.55
C LYS C 281 -69.93 68.39 10.75
N THR C 282 -69.04 67.43 10.50
CA THR C 282 -68.49 66.54 11.54
C THR C 282 -67.00 66.70 11.70
N GLY C 283 -66.39 67.63 10.97
CA GLY C 283 -64.94 67.83 11.02
C GLY C 283 -64.70 68.96 10.04
N PRO C 284 -63.45 69.25 9.72
CA PRO C 284 -62.26 68.57 10.21
C PRO C 284 -61.85 69.11 11.62
N PHE C 285 -61.05 68.30 12.32
CA PHE C 285 -60.42 68.73 13.58
C PHE C 285 -59.09 68.05 13.59
N PHE C 286 -58.05 68.83 13.81
CA PHE C 286 -56.68 68.27 13.86
C PHE C 286 -56.25 67.82 15.24
N VAL C 287 -55.65 66.66 15.28
CA VAL C 287 -55.23 66.09 16.54
C VAL C 287 -53.72 65.85 16.40
N ASP C 288 -53.01 66.19 17.48
CA ASP C 288 -51.55 66.23 17.51
C ASP C 288 -51.15 65.96 18.99
N LYS C 289 -49.85 66.10 19.28
CA LYS C 289 -49.41 65.71 20.63
C LYS C 289 -50.13 66.56 21.70
N SER C 290 -50.51 67.79 21.36
CA SER C 290 -51.19 68.66 22.32
C SER C 290 -52.52 68.20 22.84
N ASN C 291 -53.26 67.44 22.03
CA ASN C 291 -54.67 67.19 22.32
C ASN C 291 -55.10 65.76 22.09
N VAL C 292 -54.11 64.90 21.83
CA VAL C 292 -54.40 63.52 21.55
C VAL C 292 -54.94 62.78 22.79
N ALA C 293 -54.52 63.21 23.99
CA ALA C 293 -54.96 62.61 25.26
C ALA C 293 -56.47 62.53 25.44
N ALA C 294 -57.16 63.51 24.90
CA ALA C 294 -58.60 63.61 25.00
C ALA C 294 -59.32 62.47 24.26
N VAL C 295 -58.65 61.89 23.24
CA VAL C 295 -59.32 60.99 22.32
C VAL C 295 -58.65 59.61 22.24
N ALA C 296 -57.46 59.51 22.80
CA ALA C 296 -56.73 58.27 22.67
C ALA C 296 -57.48 57.03 23.09
N LYS C 297 -58.07 57.03 24.28
CA LYS C 297 -58.76 55.86 24.77
C LYS C 297 -59.94 55.38 23.88
N PHE C 298 -60.72 56.37 23.43
CA PHE C 298 -61.84 56.19 22.55
C PHE C 298 -61.37 55.62 21.17
N ALA C 299 -60.27 56.19 20.60
CA ALA C 299 -59.73 55.57 19.38
C ALA C 299 -59.21 54.19 19.55
N GLU C 300 -58.62 53.95 20.74
CA GLU C 300 -58.07 52.64 21.03
C GLU C 300 -59.16 51.55 21.19
N ARG C 301 -60.40 51.94 21.56
CA ARG C 301 -61.52 51.02 21.62
C ARG C 301 -62.31 50.99 20.33
N GLY C 302 -61.92 51.76 19.30
CA GLY C 302 -62.58 51.62 17.99
C GLY C 302 -63.86 52.43 17.82
N THR C 303 -64.05 53.41 18.69
CA THR C 303 -65.23 54.25 18.55
C THR C 303 -64.92 55.71 18.06
N ARG C 304 -63.66 56.04 17.83
CA ARG C 304 -63.25 57.32 17.26
C ARG C 304 -62.18 57.12 16.19
N THR D 18 -4.34 -33.57 13.95
CA THR D 18 -5.49 -34.18 14.69
C THR D 18 -5.68 -33.74 16.15
N PRO D 19 -4.61 -33.28 16.87
CA PRO D 19 -4.86 -32.82 18.26
C PRO D 19 -5.95 -31.72 18.36
N HIS D 20 -6.78 -31.74 19.41
CA HIS D 20 -7.79 -30.72 19.56
C HIS D 20 -7.22 -29.29 19.70
N LEU D 21 -7.80 -28.35 18.95
CA LEU D 21 -7.32 -26.98 18.95
C LEU D 21 -8.45 -26.05 19.32
N THR D 22 -8.07 -24.90 19.85
CA THR D 22 -8.94 -23.76 20.07
C THR D 22 -8.46 -22.59 19.20
N ILE D 23 -9.38 -22.01 18.45
CA ILE D 23 -9.11 -20.90 17.57
C ILE D 23 -10.07 -19.79 17.90
N ALA D 24 -9.54 -18.60 18.15
CA ALA D 24 -10.30 -17.36 18.34
C ALA D 24 -10.46 -16.63 16.99
N MET D 25 -11.70 -16.31 16.62
CA MET D 25 -12.05 -15.49 15.51
C MET D 25 -12.60 -14.22 16.12
N ILE D 26 -11.89 -13.17 15.80
CA ILE D 26 -12.12 -11.82 16.36
C ILE D 26 -12.39 -10.86 15.24
N THR D 27 -13.60 -10.26 15.26
CA THR D 27 -14.06 -9.37 14.19
C THR D 27 -14.60 -8.03 14.70
N HIS D 28 -14.94 -7.18 13.74
CA HIS D 28 -15.51 -5.82 13.96
C HIS D 28 -17.04 -5.78 13.78
N GLN D 29 -17.67 -6.93 13.78
CA GLN D 29 -19.09 -7.06 13.51
C GLN D 29 -19.88 -6.14 14.44
N GLN D 30 -20.78 -5.37 13.86
CA GLN D 30 -21.76 -4.64 14.63
C GLN D 30 -22.82 -5.67 14.94
N PRO D 31 -23.26 -5.80 16.22
CA PRO D 31 -24.35 -6.76 16.52
C PRO D 31 -25.58 -6.56 15.70
N GLY D 32 -26.09 -7.68 15.17
CA GLY D 32 -27.17 -7.64 14.21
C GLY D 32 -26.84 -7.57 12.70
N ASP D 33 -25.58 -7.37 12.35
CA ASP D 33 -25.15 -7.31 10.94
C ASP D 33 -25.07 -8.74 10.45
N THR D 34 -25.99 -9.13 9.62
CA THR D 34 -26.11 -10.54 9.31
C THR D 34 -25.03 -11.09 8.40
N PHE D 35 -24.27 -10.19 7.76
CA PHE D 35 -23.18 -10.65 6.92
C PHE D 35 -22.28 -11.63 7.70
N TRP D 36 -22.09 -11.32 8.96
CA TRP D 36 -21.17 -12.02 9.81
C TRP D 36 -21.64 -13.45 10.16
N ASP D 37 -22.94 -13.71 10.05
CA ASP D 37 -23.45 -15.05 10.24
C ASP D 37 -23.00 -15.97 9.10
N ILE D 38 -22.82 -15.38 7.88
CA ILE D 38 -22.29 -16.17 6.72
C ILE D 38 -20.82 -16.55 6.98
N ILE D 39 -20.06 -15.54 7.42
CA ILE D 39 -18.67 -15.77 7.85
C ILE D 39 -18.58 -16.94 8.81
N ARG D 40 -19.40 -16.87 9.86
CA ARG D 40 -19.40 -17.86 10.91
C ARG D 40 -19.83 -19.22 10.45
N LYS D 41 -20.79 -19.31 9.54
CA LYS D 41 -21.08 -20.63 8.97
C LYS D 41 -19.87 -21.27 8.30
N GLY D 42 -19.12 -20.47 7.55
CA GLY D 42 -17.88 -20.96 6.92
C GLY D 42 -16.88 -21.43 7.94
N ALA D 43 -16.65 -20.60 8.96
CA ALA D 43 -15.70 -20.92 10.02
C ALA D 43 -16.07 -22.19 10.81
N LEU D 44 -17.36 -22.32 11.15
CA LEU D 44 -17.85 -23.51 11.87
C LEU D 44 -17.76 -24.78 11.06
N ALA D 45 -17.91 -24.68 9.73
CA ALA D 45 -17.83 -25.83 8.84
C ALA D 45 -16.35 -26.30 8.83
N ALA D 46 -15.37 -25.40 8.76
CA ALA D 46 -13.97 -25.83 8.94
C ALA D 46 -13.68 -26.44 10.31
N ALA D 47 -14.18 -25.79 11.34
CA ALA D 47 -13.87 -26.20 12.70
C ALA D 47 -14.44 -27.62 12.98
N ALA D 48 -15.58 -27.94 12.41
CA ALA D 48 -16.22 -29.24 12.55
C ALA D 48 -15.33 -30.30 11.98
N LYS D 49 -14.68 -30.03 10.83
CA LYS D 49 -13.72 -30.97 10.19
C LYS D 49 -12.39 -31.06 10.84
N ASP D 50 -12.00 -29.96 11.48
CA ASP D 50 -10.63 -29.81 11.92
C ASP D 50 -10.35 -29.98 13.41
N ASN D 51 -11.30 -30.53 14.16
CA ASN D 51 -11.16 -30.73 15.64
C ASN D 51 -10.81 -29.45 16.34
N VAL D 52 -11.55 -28.41 15.98
CA VAL D 52 -11.35 -27.03 16.48
C VAL D 52 -12.56 -26.59 17.25
N THR D 53 -12.28 -26.05 18.45
CA THR D 53 -13.27 -25.29 19.18
C THR D 53 -13.15 -23.83 18.75
N LEU D 54 -14.19 -23.30 18.12
CA LEU D 54 -14.14 -21.92 17.66
C LEU D 54 -14.66 -20.96 18.69
N LYS D 55 -13.84 -19.97 19.08
CA LYS D 55 -14.33 -18.94 19.99
C LYS D 55 -14.45 -17.68 19.16
N TYR D 56 -15.68 -17.22 18.95
CA TYR D 56 -15.98 -16.03 18.20
C TYR D 56 -16.27 -14.88 19.13
N SER D 57 -15.68 -13.73 18.86
CA SER D 57 -15.95 -12.50 19.59
C SER D 57 -15.85 -11.34 18.62
N ASN D 58 -16.52 -10.24 18.94
CA ASN D 58 -16.53 -9.10 18.08
C ASN D 58 -16.84 -7.76 18.76
N ASP D 59 -16.32 -6.70 18.21
CA ASP D 59 -16.72 -5.37 18.65
C ASP D 59 -16.52 -4.38 17.54
N PRO D 60 -17.55 -3.58 17.26
CA PRO D 60 -17.31 -2.55 16.23
C PRO D 60 -16.50 -1.29 16.58
N ASP D 61 -16.10 -1.17 17.86
CA ASP D 61 -15.14 -0.17 18.33
C ASP D 61 -13.75 -0.87 18.25
N SER D 62 -12.88 -0.34 17.39
CA SER D 62 -11.56 -0.96 17.14
C SER D 62 -10.69 -0.96 18.39
N THR D 63 -10.84 0.01 19.31
CA THR D 63 -10.06 -0.11 20.60
C THR D 63 -10.54 -1.33 21.41
N LYS D 64 -11.85 -1.56 21.47
CA LYS D 64 -12.42 -2.74 22.10
C LYS D 64 -12.05 -4.03 21.33
N GLU D 65 -12.00 -3.97 20.01
CA GLU D 65 -11.56 -5.18 19.23
C GLU D 65 -10.11 -5.52 19.60
N ALA D 66 -9.26 -4.49 19.82
CA ALA D 66 -7.87 -4.75 20.27
C ALA D 66 -7.78 -5.49 21.60
N VAL D 67 -8.68 -5.16 22.53
CA VAL D 67 -8.70 -5.91 23.76
C VAL D 67 -9.12 -7.35 23.58
N LEU D 68 -10.03 -7.63 22.66
CA LEU D 68 -10.42 -9.03 22.41
C LEU D 68 -9.23 -9.87 22.01
N ILE D 69 -8.31 -9.30 21.26
CA ILE D 69 -7.08 -10.00 20.83
C ILE D 69 -6.26 -10.38 22.04
N GLN D 70 -6.00 -9.39 22.91
CA GLN D 70 -5.30 -9.66 24.13
C GLN D 70 -5.96 -10.73 24.98
N ASP D 71 -7.30 -10.69 25.09
CA ASP D 71 -8.06 -11.71 25.76
C ASP D 71 -7.77 -13.09 25.20
N ALA D 72 -7.71 -13.20 23.87
CA ALA D 72 -7.46 -14.48 23.23
C ALA D 72 -6.03 -14.99 23.55
N VAL D 73 -5.08 -14.05 23.49
CA VAL D 73 -3.70 -14.38 23.89
C VAL D 73 -3.66 -14.89 25.36
N ASN D 74 -4.32 -14.17 26.24
CA ASN D 74 -4.32 -14.60 27.65
C ASN D 74 -4.94 -15.95 27.85
N ALA D 75 -5.91 -16.32 26.99
CA ALA D 75 -6.54 -17.61 27.07
C ALA D 75 -5.76 -18.75 26.43
N LYS D 76 -4.58 -18.43 25.87
CA LYS D 76 -3.64 -19.38 25.24
C LYS D 76 -4.32 -20.17 24.12
N VAL D 77 -5.09 -19.46 23.31
CA VAL D 77 -5.60 -20.13 22.09
C VAL D 77 -4.50 -20.62 21.15
N ASP D 78 -4.82 -21.61 20.28
CA ASP D 78 -3.81 -22.11 19.36
C ASP D 78 -3.60 -21.22 18.15
N GLY D 79 -4.58 -20.39 17.84
CA GLY D 79 -4.47 -19.51 16.67
C GLY D 79 -5.56 -18.47 16.74
N ILE D 80 -5.27 -17.36 16.12
CA ILE D 80 -6.18 -16.24 15.99
C ILE D 80 -6.46 -15.87 14.51
N ALA D 81 -7.75 -15.73 14.20
CA ALA D 81 -8.17 -15.20 12.89
C ALA D 81 -8.81 -13.84 13.22
N VAL D 82 -8.32 -12.77 12.62
CA VAL D 82 -8.72 -11.42 13.04
C VAL D 82 -9.00 -10.55 11.84
N THR D 83 -9.92 -9.57 11.97
CA THR D 83 -10.15 -8.58 10.95
C THR D 83 -9.46 -7.28 11.32
N ILE D 84 -9.08 -6.46 10.31
CA ILE D 84 -8.27 -5.28 10.51
C ILE D 84 -8.93 -4.09 9.81
N PRO D 85 -10.07 -3.65 10.35
CA PRO D 85 -10.72 -2.47 9.71
C PRO D 85 -10.02 -1.11 10.06
N ASP D 86 -9.32 -1.10 11.20
CA ASP D 86 -8.61 0.09 11.71
C ASP D 86 -7.18 -0.33 12.08
N PRO D 87 -6.31 -0.31 11.07
CA PRO D 87 -4.95 -0.81 11.27
C PRO D 87 -4.16 -0.08 12.41
N PRO D 88 -4.29 1.25 12.57
CA PRO D 88 -3.51 1.83 13.71
C PRO D 88 -3.97 1.38 15.11
N ALA D 89 -5.23 1.08 15.21
CA ALA D 89 -5.79 0.62 16.46
C ALA D 89 -5.53 -0.84 16.78
N LEU D 90 -5.22 -1.63 15.77
CA LEU D 90 -5.22 -3.07 15.84
C LEU D 90 -3.89 -3.73 15.60
N ILE D 91 -3.07 -3.15 14.72
CA ILE D 91 -1.71 -3.66 14.48
C ILE D 91 -0.83 -3.90 15.76
N PRO D 92 -0.77 -2.93 16.69
CA PRO D 92 0.05 -3.20 17.91
C PRO D 92 -0.35 -4.52 18.64
N ALA D 93 -1.65 -4.70 18.90
CA ALA D 93 -2.13 -5.87 19.55
C ALA D 93 -1.82 -7.12 18.69
N ILE D 94 -1.94 -7.02 17.36
CA ILE D 94 -1.67 -8.22 16.52
C ILE D 94 -0.20 -8.57 16.68
N LYS D 95 0.66 -7.56 16.57
CA LYS D 95 2.10 -7.80 16.71
C LYS D 95 2.37 -8.45 18.06
N GLN D 96 1.74 -7.97 19.11
CA GLN D 96 1.91 -8.58 20.41
C GLN D 96 1.53 -10.06 20.46
N ALA D 97 0.40 -10.42 19.86
CA ALA D 97 -0.01 -11.79 19.80
C ALA D 97 1.03 -12.67 19.14
N VAL D 98 1.51 -12.19 18.00
CA VAL D 98 2.51 -12.86 17.21
C VAL D 98 3.77 -13.00 18.07
N ALA D 99 4.18 -11.92 18.76
CA ALA D 99 5.37 -11.98 19.63
C ALA D 99 5.26 -12.96 20.78
N ALA D 100 4.05 -13.15 21.28
CA ALA D 100 3.75 -14.13 22.33
C ALA D 100 3.71 -15.58 21.85
N GLY D 101 3.79 -15.82 20.53
CA GLY D 101 3.87 -17.17 20.03
C GLY D 101 2.56 -17.69 19.42
N ILE D 102 1.54 -16.85 19.24
CA ILE D 102 0.22 -17.30 18.73
C ILE D 102 0.19 -16.95 17.23
N PRO D 103 0.01 -17.97 16.39
CA PRO D 103 -0.12 -17.66 14.94
C PRO D 103 -1.45 -16.91 14.67
N VAL D 104 -1.35 -15.96 13.75
CA VAL D 104 -2.45 -15.07 13.36
C VAL D 104 -2.64 -15.12 11.86
N VAL D 105 -3.90 -15.26 11.46
CA VAL D 105 -4.36 -15.07 10.09
C VAL D 105 -5.31 -13.86 10.08
N ALA D 106 -5.26 -13.06 9.01
CA ALA D 106 -6.12 -11.93 8.87
C ALA D 106 -7.15 -12.22 7.75
N PHE D 107 -8.32 -11.62 7.90
CA PHE D 107 -9.33 -11.75 6.88
C PHE D 107 -10.30 -10.58 6.82
N ASN D 108 -11.02 -10.49 5.71
CA ASN D 108 -12.09 -9.52 5.47
C ASN D 108 -11.72 -8.03 5.35
N ALA D 109 -10.99 -7.49 6.31
CA ALA D 109 -10.61 -6.14 6.28
C ALA D 109 -9.12 -6.06 6.59
N GLY D 110 -8.45 -5.16 5.85
CA GLY D 110 -7.04 -4.86 6.06
C GLY D 110 -6.12 -5.42 5.03
N ILE D 111 -6.59 -5.62 3.82
CA ILE D 111 -5.74 -6.28 2.84
C ILE D 111 -4.44 -5.54 2.52
N ASP D 112 -4.44 -4.22 2.66
CA ASP D 112 -3.25 -3.45 2.47
C ASP D 112 -2.35 -3.37 3.68
N GLN D 113 -2.80 -3.80 4.85
CA GLN D 113 -2.03 -3.65 6.10
C GLN D 113 -1.69 -4.97 6.79
N TRP D 114 -2.15 -6.12 6.27
CA TRP D 114 -1.99 -7.34 7.08
C TRP D 114 -0.55 -7.79 7.19
N LYS D 115 0.28 -7.56 6.14
CA LYS D 115 1.66 -8.01 6.22
C LYS D 115 2.40 -7.33 7.35
N GLU D 116 2.09 -6.05 7.58
CA GLU D 116 2.86 -5.28 8.58
C GLU D 116 2.53 -5.72 9.99
N SER D 117 1.38 -6.41 10.15
CA SER D 117 0.86 -6.83 11.45
C SER D 117 1.54 -8.06 12.01
N GLY D 118 2.23 -8.80 11.15
CA GLY D 118 2.76 -10.12 11.46
C GLY D 118 1.81 -11.28 11.24
N ALA D 119 0.58 -11.01 10.83
CA ALA D 119 -0.29 -12.07 10.30
C ALA D 119 0.37 -12.87 9.20
N LEU D 120 0.10 -14.18 9.17
CA LEU D 120 0.77 -15.09 8.25
C LEU D 120 0.11 -15.07 6.90
N MET D 121 -1.19 -14.76 6.86
CA MET D 121 -1.96 -14.95 5.62
C MET D 121 -3.04 -13.93 5.66
N TYR D 122 -3.75 -13.79 4.53
CA TYR D 122 -4.92 -12.92 4.42
C TYR D 122 -5.91 -13.56 3.47
N PHE D 123 -7.20 -13.55 3.82
CA PHE D 123 -8.26 -14.00 2.95
C PHE D 123 -9.32 -12.90 2.74
N GLY D 124 -9.51 -12.50 1.50
CA GLY D 124 -10.51 -11.49 1.19
C GLY D 124 -10.43 -10.99 -0.24
N GLN D 125 -11.10 -9.88 -0.52
CA GLN D 125 -11.05 -9.26 -1.84
C GLN D 125 -10.31 -7.93 -1.76
N ASP D 126 -9.72 -7.52 -2.88
CA ASP D 126 -9.15 -6.24 -2.98
C ASP D 126 -10.31 -5.30 -3.22
N GLU D 127 -10.51 -4.45 -2.23
CA GLU D 127 -11.74 -3.66 -2.17
C GLU D 127 -11.71 -2.46 -3.11
N THR D 128 -10.51 -1.90 -3.27
CA THR D 128 -10.26 -0.88 -4.27
C THR D 128 -10.59 -1.42 -5.67
N VAL D 129 -10.06 -2.59 -6.00
CA VAL D 129 -10.38 -3.19 -7.30
C VAL D 129 -11.91 -3.48 -7.47
N ALA D 130 -12.54 -3.96 -6.43
CA ALA D 130 -13.99 -4.18 -6.50
C ALA D 130 -14.71 -2.83 -6.75
N GLY D 131 -14.27 -1.80 -6.05
CA GLY D 131 -14.76 -0.43 -6.29
C GLY D 131 -14.58 0.05 -7.71
N GLN D 132 -13.38 -0.11 -8.22
CA GLN D 132 -13.05 0.32 -9.57
C GLN D 132 -14.03 -0.43 -10.51
N ALA D 133 -14.13 -1.76 -10.34
CA ALA D 133 -15.02 -2.52 -11.22
C ALA D 133 -16.48 -2.07 -11.13
N ALA D 134 -16.94 -1.73 -9.94
CA ALA D 134 -18.31 -1.28 -9.78
C ALA D 134 -18.49 0.07 -10.50
N GLY D 135 -17.51 0.96 -10.43
CA GLY D 135 -17.68 2.29 -11.02
C GLY D 135 -17.67 2.17 -12.53
N ALA D 136 -16.84 1.30 -13.09
CA ALA D 136 -16.79 1.10 -14.54
C ALA D 136 -18.07 0.47 -15.09
N ARG D 137 -18.55 -0.52 -14.35
CA ARG D 137 -19.76 -1.19 -14.71
C ARG D 137 -20.93 -0.21 -14.62
N ALA D 138 -21.03 0.58 -13.56
CA ALA D 138 -22.06 1.56 -13.48
C ALA D 138 -22.05 2.57 -14.65
N THR D 139 -20.86 3.06 -15.05
CA THR D 139 -20.73 3.94 -16.21
C THR D 139 -21.19 3.20 -17.48
N SER D 140 -20.73 1.97 -17.65
N SER D 140 -20.72 1.98 -17.66
CA SER D 140 -21.16 1.16 -18.81
CA SER D 140 -21.14 1.17 -18.83
C SER D 140 -22.67 0.96 -18.90
C SER D 140 -22.66 0.96 -18.91
N GLU D 141 -23.32 0.91 -17.74
CA GLU D 141 -24.74 0.73 -17.62
C GLU D 141 -25.53 2.04 -17.81
N GLY D 142 -24.88 3.18 -18.07
CA GLY D 142 -25.57 4.42 -18.41
C GLY D 142 -25.91 5.27 -17.20
N PHE D 143 -25.38 4.93 -16.02
CA PHE D 143 -25.59 5.82 -14.88
C PHE D 143 -24.66 7.00 -14.85
N LYS D 144 -25.25 8.12 -14.40
CA LYS D 144 -24.63 9.41 -14.50
C LYS D 144 -24.30 10.07 -13.16
N HIS D 145 -24.89 9.59 -12.08
CA HIS D 145 -24.58 10.18 -10.76
C HIS D 145 -24.79 9.13 -9.66
N VAL D 146 -23.67 8.60 -9.16
CA VAL D 146 -23.69 7.53 -8.19
C VAL D 146 -23.59 8.09 -6.77
N LEU D 147 -24.35 7.45 -5.92
CA LEU D 147 -24.29 7.60 -4.46
C LEU D 147 -23.72 6.33 -3.82
N CYS D 148 -22.58 6.47 -3.13
CA CYS D 148 -21.88 5.37 -2.50
C CYS D 148 -22.13 5.52 -1.03
N VAL D 149 -22.75 4.51 -0.42
CA VAL D 149 -23.23 4.62 0.96
C VAL D 149 -22.31 3.78 1.88
N LEU D 150 -21.67 4.41 2.89
CA LEU D 150 -20.72 3.74 3.84
C LEU D 150 -21.44 3.68 5.19
N GLN D 151 -21.47 2.55 5.83
CA GLN D 151 -22.31 2.38 7.06
C GLN D 151 -21.52 2.46 8.39
N ALA D 152 -20.25 2.83 8.25
CA ALA D 152 -19.37 3.05 9.42
C ALA D 152 -18.21 3.96 9.01
N GLN D 153 -17.68 4.73 9.97
CA GLN D 153 -16.45 5.51 9.80
C GLN D 153 -15.18 4.73 10.22
N GLY D 154 -14.06 5.16 9.67
CA GLY D 154 -12.78 4.58 10.07
C GLY D 154 -12.63 3.10 9.71
N GLN D 155 -13.22 2.64 8.58
CA GLN D 155 -13.00 1.28 8.16
C GLN D 155 -12.42 1.19 6.80
N VAL D 156 -11.17 0.74 6.76
CA VAL D 156 -10.38 0.76 5.54
C VAL D 156 -11.06 0.03 4.36
N GLN D 157 -11.82 -1.01 4.67
CA GLN D 157 -12.34 -1.88 3.63
C GLN D 157 -13.49 -1.14 3.00
N LEU D 158 -14.17 -0.32 3.80
CA LEU D 158 -15.30 0.45 3.18
C LEU D 158 -14.82 1.65 2.38
N GLU D 159 -13.88 2.37 2.96
CA GLU D 159 -13.20 3.49 2.30
C GLU D 159 -12.60 3.08 0.97
N SER D 160 -11.93 1.92 0.91
CA SER D 160 -11.35 1.48 -0.32
C SER D 160 -12.40 1.26 -1.41
N ARG D 161 -13.58 0.71 -1.07
CA ARG D 161 -14.62 0.51 -2.10
C ARG D 161 -15.02 1.83 -2.71
N CYS D 162 -15.23 2.84 -1.86
CA CYS D 162 -15.67 4.12 -2.32
C CYS D 162 -14.65 4.84 -3.11
N ASN D 163 -13.40 4.79 -2.68
CA ASN D 163 -12.37 5.37 -3.47
C ASN D 163 -12.21 4.71 -4.83
N GLY D 164 -12.39 3.40 -4.89
CA GLY D 164 -12.36 2.71 -6.18
C GLY D 164 -13.49 3.18 -7.10
N VAL D 165 -14.72 3.26 -6.60
CA VAL D 165 -15.79 3.78 -7.40
C VAL D 165 -15.48 5.19 -7.91
N GLN D 166 -15.00 6.04 -7.01
CA GLN D 166 -14.60 7.41 -7.40
C GLN D 166 -13.57 7.42 -8.54
N GLN D 167 -12.61 6.50 -8.48
CA GLN D 167 -11.54 6.44 -9.47
C GLN D 167 -12.05 6.17 -10.87
N THR D 168 -13.07 5.31 -11.01
CA THR D 168 -13.49 4.91 -12.36
C THR D 168 -14.85 5.41 -12.88
N PHE D 169 -15.72 5.78 -11.96
CA PHE D 169 -17.03 6.25 -12.40
C PHE D 169 -16.88 7.59 -13.11
N LYS D 170 -17.32 7.66 -14.36
CA LYS D 170 -17.02 8.86 -15.14
C LYS D 170 -18.00 10.01 -14.85
N GLY D 171 -19.16 9.74 -14.26
CA GLY D 171 -20.05 10.81 -13.92
C GLY D 171 -19.78 11.44 -12.57
N GLN D 172 -20.83 11.92 -11.95
CA GLN D 172 -20.78 12.59 -10.66
C GLN D 172 -20.83 11.59 -9.55
N TYR D 173 -20.02 11.86 -8.53
CA TYR D 173 -19.77 10.91 -7.44
C TYR D 173 -20.18 11.64 -6.16
N THR D 174 -20.98 11.00 -5.31
CA THR D 174 -21.42 11.47 -4.03
C THR D 174 -21.14 10.34 -3.06
N LYS D 175 -20.51 10.65 -1.93
CA LYS D 175 -20.28 9.78 -0.84
C LYS D 175 -21.16 10.15 0.32
N LEU D 176 -21.79 9.15 0.92
CA LEU D 176 -22.68 9.35 2.06
C LEU D 176 -22.36 8.37 3.19
N TYR D 177 -22.08 8.87 4.42
CA TYR D 177 -21.97 8.06 5.61
C TYR D 177 -23.34 7.95 6.23
N VAL D 178 -23.67 6.74 6.73
CA VAL D 178 -24.90 6.45 7.45
C VAL D 178 -24.49 5.70 8.69
N ASN D 179 -25.36 5.71 9.71
CA ASN D 179 -25.05 5.04 10.97
C ASN D 179 -25.59 3.63 11.00
N GLY D 180 -24.74 2.68 10.63
CA GLY D 180 -25.09 1.26 10.69
C GLY D 180 -25.58 0.73 12.04
N ALA D 181 -25.07 1.30 13.14
CA ALA D 181 -25.60 1.01 14.48
C ALA D 181 -27.09 1.49 14.73
N ASP D 182 -27.80 2.01 13.70
CA ASP D 182 -29.18 2.57 13.82
C ASP D 182 -29.90 2.55 12.47
N GLN D 183 -30.51 1.41 12.13
CA GLN D 183 -31.05 1.19 10.77
C GLN D 183 -32.22 2.12 10.41
N PRO D 184 -33.12 2.39 11.37
CA PRO D 184 -34.06 3.45 11.06
C PRO D 184 -33.41 4.74 10.53
N SER D 185 -32.31 5.22 11.13
CA SER D 185 -31.66 6.43 10.64
C SER D 185 -31.02 6.27 9.28
N VAL D 186 -30.51 5.08 8.99
CA VAL D 186 -29.95 4.84 7.66
C VAL D 186 -30.99 5.09 6.59
N ARG D 187 -32.16 4.48 6.73
CA ARG D 187 -33.29 4.79 5.82
C ARG D 187 -33.51 6.29 5.61
N THR D 188 -33.67 7.05 6.69
CA THR D 188 -33.98 8.45 6.59
C THR D 188 -32.86 9.31 5.98
N THR D 189 -31.63 8.94 6.30
CA THR D 189 -30.45 9.63 5.80
C THR D 189 -30.27 9.43 4.29
N ILE D 190 -30.47 8.21 3.84
CA ILE D 190 -30.41 7.96 2.39
C ILE D 190 -31.52 8.70 1.71
N ALA D 191 -32.75 8.60 2.23
CA ALA D 191 -33.87 9.31 1.59
C ALA D 191 -33.64 10.80 1.46
N ALA D 192 -33.12 11.39 2.53
CA ALA D 192 -32.87 12.80 2.56
C ALA D 192 -31.86 13.23 1.49
N LYS D 193 -30.83 12.42 1.29
CA LYS D 193 -29.83 12.73 0.30
C LYS D 193 -30.44 12.60 -1.11
N LEU D 194 -31.26 11.58 -1.30
CA LEU D 194 -31.87 11.39 -2.63
C LEU D 194 -32.84 12.55 -2.96
N LYS D 195 -33.45 13.10 -1.92
CA LYS D 195 -34.36 14.25 -2.10
C LYS D 195 -33.59 15.51 -2.46
N GLN D 196 -32.44 15.71 -1.84
CA GLN D 196 -31.66 16.83 -2.11
C GLN D 196 -30.97 16.79 -3.45
N ASP D 197 -30.71 15.57 -3.93
CA ASP D 197 -29.94 15.30 -5.18
C ASP D 197 -30.79 14.38 -6.09
N PRO D 198 -31.86 14.89 -6.69
CA PRO D 198 -32.73 14.16 -7.57
C PRO D 198 -31.99 13.59 -8.84
N SER D 199 -30.81 14.14 -9.17
CA SER D 199 -30.02 13.63 -10.28
C SER D 199 -29.34 12.30 -9.93
N ILE D 200 -29.23 11.92 -8.68
CA ILE D 200 -28.66 10.60 -8.32
C ILE D 200 -29.49 9.53 -9.02
N ASP D 201 -28.79 8.71 -9.82
CA ASP D 201 -29.48 7.62 -10.57
C ASP D 201 -29.04 6.21 -10.20
N LEU D 202 -28.02 6.08 -9.33
CA LEU D 202 -27.61 4.76 -8.82
C LEU D 202 -27.13 4.93 -7.38
N VAL D 203 -27.67 4.14 -6.47
CA VAL D 203 -27.14 4.01 -5.11
C VAL D 203 -26.35 2.68 -5.07
N ILE D 204 -25.07 2.72 -4.70
CA ILE D 204 -24.31 1.53 -4.33
C ILE D 204 -24.16 1.45 -2.82
N THR D 205 -24.74 0.39 -2.27
CA THR D 205 -24.61 0.03 -0.87
C THR D 205 -23.48 -0.96 -0.62
N LEU D 206 -22.83 -0.88 0.52
CA LEU D 206 -21.64 -1.68 0.80
C LEU D 206 -21.93 -2.86 1.70
N GLY D 207 -23.21 -3.10 1.96
CA GLY D 207 -23.73 -4.30 2.55
C GLY D 207 -25.17 -4.57 2.13
N ALA D 208 -25.52 -5.85 2.16
CA ALA D 208 -26.86 -6.26 1.72
C ALA D 208 -27.99 -5.85 2.64
N PRO D 209 -27.77 -5.84 3.96
CA PRO D 209 -28.79 -5.20 4.79
C PRO D 209 -29.05 -3.77 4.46
N ILE D 210 -28.00 -3.02 4.13
CA ILE D 210 -28.12 -1.63 3.78
C ILE D 210 -28.87 -1.55 2.47
N ALA D 211 -28.60 -2.42 1.49
CA ALA D 211 -29.39 -2.40 0.28
C ALA D 211 -30.87 -2.41 0.51
N GLN D 212 -31.34 -3.16 1.50
CA GLN D 212 -32.79 -3.24 1.77
C GLN D 212 -33.27 -1.86 2.19
N LEU D 213 -32.45 -1.16 3.00
CA LEU D 213 -32.87 0.17 3.53
C LEU D 213 -32.83 1.20 2.42
N ALA D 214 -31.90 1.06 1.46
CA ALA D 214 -31.90 1.90 0.26
C ALA D 214 -33.09 1.70 -0.63
N ILE D 215 -33.48 0.44 -0.82
CA ILE D 215 -34.67 0.14 -1.60
C ILE D 215 -35.87 0.91 -1.05
N GLN D 216 -36.00 0.94 0.25
CA GLN D 216 -37.15 1.63 0.89
C GLN D 216 -36.92 3.17 0.79
N ALA D 217 -35.69 3.61 0.99
CA ALA D 217 -35.37 5.06 0.87
C ALA D 217 -35.70 5.63 -0.48
N VAL D 218 -35.46 4.90 -1.55
CA VAL D 218 -35.83 5.40 -2.88
C VAL D 218 -37.35 5.68 -2.93
N LYS D 219 -38.10 4.72 -2.41
CA LYS D 219 -39.58 4.85 -2.39
C LYS D 219 -39.86 6.12 -1.63
N ASP D 220 -39.32 6.23 -0.40
CA ASP D 220 -39.53 7.40 0.48
C ASP D 220 -39.23 8.78 -0.13
N ALA D 221 -38.21 8.83 -0.95
CA ALA D 221 -37.74 10.09 -1.54
C ALA D 221 -38.54 10.47 -2.74
N GLY D 222 -39.20 9.49 -3.34
CA GLY D 222 -39.79 9.62 -4.64
C GLY D 222 -38.76 9.60 -5.77
N SER D 223 -37.67 8.86 -5.57
CA SER D 223 -36.51 8.93 -6.50
C SER D 223 -36.65 7.91 -7.58
N ASN D 224 -35.96 8.22 -8.65
CA ASN D 224 -35.81 7.34 -9.80
C ASN D 224 -34.59 6.40 -9.71
N ALA D 225 -33.77 6.57 -8.68
CA ALA D 225 -32.50 5.82 -8.63
C ALA D 225 -32.68 4.29 -8.56
N LYS D 226 -31.79 3.63 -9.29
CA LYS D 226 -31.60 2.19 -9.15
C LYS D 226 -30.68 1.90 -7.98
N ILE D 227 -30.59 0.63 -7.59
CA ILE D 227 -29.75 0.29 -6.46
C ILE D 227 -28.85 -0.90 -6.87
N ALA D 228 -27.63 -0.92 -6.38
CA ALA D 228 -26.72 -2.12 -6.51
C ALA D 228 -26.04 -2.30 -5.21
N THR D 229 -25.43 -3.47 -4.96
CA THR D 229 -24.84 -3.69 -3.66
C THR D 229 -23.62 -4.57 -3.66
N PHE D 230 -22.84 -4.43 -2.57
CA PHE D 230 -21.93 -5.51 -2.15
C PHE D 230 -22.70 -6.51 -1.32
N ASP D 231 -22.42 -7.79 -1.63
CA ASP D 231 -22.81 -8.93 -0.84
C ASP D 231 -24.23 -9.42 -1.11
N PHE D 232 -24.46 -10.69 -0.73
CA PHE D 232 -25.81 -11.29 -0.63
C PHE D 232 -26.26 -11.26 0.81
N ASN D 233 -27.60 -11.23 0.92
CA ASN D 233 -28.33 -11.73 2.06
C ASN D 233 -29.44 -12.63 1.49
N THR D 234 -30.38 -13.10 2.33
CA THR D 234 -31.36 -14.05 1.86
C THR D 234 -32.34 -13.40 0.82
N GLN D 235 -32.47 -12.08 0.86
CA GLN D 235 -33.37 -11.30 -0.02
C GLN D 235 -32.73 -10.89 -1.37
N VAL D 236 -31.41 -10.89 -1.44
CA VAL D 236 -30.76 -10.40 -2.65
C VAL D 236 -31.09 -11.21 -3.90
N PRO D 237 -31.10 -12.57 -3.86
CA PRO D 237 -31.36 -13.25 -5.13
C PRO D 237 -32.68 -12.83 -5.78
N ALA D 238 -33.72 -12.78 -4.98
CA ALA D 238 -35.03 -12.41 -5.55
C ALA D 238 -35.03 -11.00 -6.03
N GLU D 239 -34.35 -10.12 -5.30
CA GLU D 239 -34.21 -8.77 -5.76
C GLU D 239 -33.44 -8.54 -7.06
N ILE D 240 -32.43 -9.38 -7.37
CA ILE D 240 -31.77 -9.33 -8.67
C ILE D 240 -32.80 -9.94 -9.71
N GLU D 241 -33.54 -10.96 -9.32
CA GLU D 241 -34.42 -11.62 -10.27
C GLU D 241 -35.64 -10.72 -10.61
N ASN D 242 -36.02 -9.80 -9.74
CA ASN D 242 -37.18 -8.91 -10.01
C ASN D 242 -36.77 -7.48 -10.40
N GLY D 243 -35.48 -7.25 -10.48
CA GLY D 243 -34.94 -5.99 -10.91
C GLY D 243 -34.80 -4.93 -9.82
N GLN D 244 -35.06 -5.24 -8.55
CA GLN D 244 -34.93 -4.25 -7.47
C GLN D 244 -33.45 -3.91 -7.21
N LEU D 245 -32.57 -4.85 -7.54
CA LEU D 245 -31.11 -4.66 -7.50
C LEU D 245 -30.49 -4.89 -8.85
N GLN D 246 -29.58 -4.03 -9.29
CA GLN D 246 -28.96 -4.26 -10.61
C GLN D 246 -27.99 -5.43 -10.63
N TRP D 247 -27.27 -5.59 -9.54
CA TRP D 247 -26.23 -6.63 -9.39
C TRP D 247 -25.82 -6.65 -7.93
N ALA D 248 -25.11 -7.71 -7.56
CA ALA D 248 -24.47 -7.83 -6.27
C ALA D 248 -23.03 -8.33 -6.42
N ILE D 249 -22.09 -7.80 -5.65
CA ILE D 249 -20.70 -8.20 -5.70
C ILE D 249 -20.38 -9.21 -4.59
N ASP D 250 -20.04 -10.45 -4.97
CA ASP D 250 -19.80 -11.56 -4.03
C ASP D 250 -18.33 -11.56 -3.63
N GLN D 251 -18.06 -11.48 -2.34
CA GLN D 251 -16.69 -11.64 -1.80
C GLN D 251 -16.52 -13.02 -1.12
N GLN D 252 -17.57 -13.84 -1.12
CA GLN D 252 -17.57 -15.19 -0.55
C GLN D 252 -17.15 -15.18 0.94
N PRO D 253 -18.04 -14.62 1.77
CA PRO D 253 -17.76 -14.73 3.19
C PRO D 253 -17.66 -16.11 3.76
N TYR D 254 -18.38 -17.07 3.18
CA TYR D 254 -18.21 -18.44 3.69
C TYR D 254 -16.79 -18.89 3.50
N VAL D 255 -16.18 -18.58 2.35
CA VAL D 255 -14.79 -18.94 2.11
C VAL D 255 -13.81 -18.18 3.05
N GLU D 256 -14.06 -16.89 3.25
CA GLU D 256 -13.21 -16.11 4.18
C GLU D 256 -13.16 -16.77 5.55
N GLY D 257 -14.32 -17.09 6.09
CA GLY D 257 -14.35 -17.64 7.42
C GLY D 257 -13.84 -19.07 7.47
N TYR D 258 -14.17 -19.86 6.46
CA TYR D 258 -13.73 -21.24 6.37
C TYR D 258 -12.23 -21.30 6.27
N GLU D 259 -11.63 -20.52 5.36
CA GLU D 259 -10.19 -20.51 5.18
C GLU D 259 -9.42 -19.90 6.32
N ALA D 260 -10.00 -18.93 7.00
CA ALA D 260 -9.33 -18.36 8.21
C ALA D 260 -9.10 -19.46 9.23
N VAL D 261 -10.04 -20.39 9.38
CA VAL D 261 -9.90 -21.51 10.35
C VAL D 261 -9.07 -22.65 9.73
N ASP D 262 -9.39 -23.10 8.51
CA ASP D 262 -8.68 -24.22 7.93
C ASP D 262 -7.22 -23.90 7.66
N SER D 263 -6.91 -22.64 7.29
CA SER D 263 -5.51 -22.31 7.06
C SER D 263 -4.74 -22.33 8.33
N LEU D 264 -5.37 -21.94 9.45
CA LEU D 264 -4.69 -22.12 10.72
C LEU D 264 -4.45 -23.60 11.09
N TRP D 265 -5.44 -24.45 10.85
CA TRP D 265 -5.22 -25.93 10.95
C TRP D 265 -3.97 -26.38 10.09
N LEU D 266 -3.87 -25.95 8.83
CA LEU D 266 -2.76 -26.31 7.98
C LEU D 266 -1.44 -25.83 8.55
N TYR D 267 -1.43 -24.63 9.07
CA TYR D 267 -0.23 -24.05 9.65
C TYR D 267 0.16 -24.78 10.91
N ILE D 268 -0.82 -24.98 11.79
CA ILE D 268 -0.47 -25.61 13.06
C ILE D 268 0.01 -27.04 12.85
N THR D 269 -0.71 -27.80 12.02
CA THR D 269 -0.41 -29.23 11.84
C THR D 269 0.79 -29.56 10.93
N ASN D 270 1.10 -28.70 9.94
CA ASN D 270 2.11 -29.00 8.96
C ASN D 270 2.93 -27.82 8.51
N GLY D 271 2.86 -26.69 9.19
CA GLY D 271 3.65 -25.52 8.85
C GLY D 271 3.29 -24.77 7.59
N ASP D 272 2.21 -25.13 6.94
CA ASP D 272 1.91 -24.61 5.64
C ASP D 272 1.19 -23.28 5.70
N THR D 273 1.32 -22.57 4.58
CA THR D 273 0.59 -21.33 4.33
C THR D 273 -0.02 -21.40 2.95
N ILE D 274 -0.93 -20.51 2.71
CA ILE D 274 -1.60 -20.35 1.41
C ILE D 274 -1.39 -18.91 0.98
N GLY D 275 -1.00 -18.69 -0.27
CA GLY D 275 -0.96 -17.35 -0.86
C GLY D 275 0.40 -16.88 -1.39
N GLY D 276 1.47 -17.62 -1.09
CA GLY D 276 2.83 -17.23 -1.57
C GLY D 276 3.25 -15.89 -1.03
N GLY D 277 2.86 -15.58 0.21
CA GLY D 277 3.20 -14.31 0.87
C GLY D 277 2.29 -13.15 0.50
N GLU D 278 1.28 -13.43 -0.29
CA GLU D 278 0.29 -12.48 -0.70
C GLU D 278 -1.13 -12.89 -0.32
N ALA D 279 -2.05 -11.95 -0.39
CA ALA D 279 -3.47 -12.27 -0.09
C ALA D 279 -4.06 -13.32 -1.00
N VAL D 280 -4.86 -14.17 -0.37
CA VAL D 280 -5.69 -15.18 -1.10
C VAL D 280 -7.03 -14.56 -1.47
N LYS D 281 -7.31 -14.39 -2.75
CA LYS D 281 -8.48 -13.71 -3.27
C LYS D 281 -9.74 -14.55 -3.18
N THR D 282 -10.80 -13.95 -2.63
CA THR D 282 -12.13 -14.59 -2.53
C THR D 282 -13.21 -13.86 -3.35
N GLY D 283 -12.84 -12.79 -4.04
CA GLY D 283 -13.69 -12.04 -4.91
C GLY D 283 -12.90 -10.88 -5.46
N PRO D 284 -13.45 -9.96 -6.20
CA PRO D 284 -14.85 -9.80 -6.45
C PRO D 284 -15.40 -10.64 -7.62
N PHE D 285 -16.68 -10.96 -7.53
CA PHE D 285 -17.39 -11.54 -8.65
C PHE D 285 -18.79 -10.91 -8.68
N PHE D 286 -19.19 -10.48 -9.86
CA PHE D 286 -20.47 -9.80 -10.08
C PHE D 286 -21.55 -10.84 -10.40
N VAL D 287 -22.59 -10.79 -9.62
CA VAL D 287 -23.77 -11.64 -9.81
C VAL D 287 -24.92 -10.76 -10.28
N ASP D 288 -25.53 -11.19 -11.36
CA ASP D 288 -26.64 -10.48 -12.01
C ASP D 288 -27.66 -11.47 -12.52
N LYS D 289 -28.62 -11.01 -13.28
CA LYS D 289 -29.63 -11.94 -13.81
C LYS D 289 -29.03 -13.11 -14.53
N SER D 290 -27.91 -12.97 -15.20
CA SER D 290 -27.40 -14.07 -16.01
C SER D 290 -26.96 -15.25 -15.18
N ASN D 291 -26.51 -14.99 -13.94
CA ASN D 291 -25.87 -16.01 -13.13
C ASN D 291 -26.40 -16.12 -11.70
N VAL D 292 -27.50 -15.44 -11.36
CA VAL D 292 -28.02 -15.56 -9.99
C VAL D 292 -28.54 -16.95 -9.67
N ALA D 293 -29.04 -17.65 -10.70
CA ALA D 293 -29.65 -18.95 -10.43
C ALA D 293 -28.70 -19.94 -9.75
N ALA D 294 -27.41 -19.82 -10.02
CA ALA D 294 -26.44 -20.75 -9.44
C ALA D 294 -26.25 -20.53 -7.96
N VAL D 295 -26.44 -19.28 -7.51
CA VAL D 295 -26.22 -18.99 -6.09
C VAL D 295 -27.47 -18.83 -5.24
N ALA D 296 -28.64 -18.65 -5.88
CA ALA D 296 -29.82 -18.22 -5.13
C ALA D 296 -30.17 -19.11 -3.95
N LYS D 297 -30.15 -20.44 -4.13
CA LYS D 297 -30.55 -21.29 -3.04
C LYS D 297 -29.60 -21.21 -1.84
N PHE D 298 -28.31 -21.16 -2.17
CA PHE D 298 -27.30 -21.06 -1.18
C PHE D 298 -27.41 -19.74 -0.38
N ALA D 299 -27.63 -18.62 -1.08
CA ALA D 299 -27.81 -17.34 -0.40
C ALA D 299 -29.04 -17.33 0.43
N GLU D 300 -30.10 -18.01 -0.05
CA GLU D 300 -31.37 -18.03 0.71
C GLU D 300 -31.25 -18.92 1.98
N ARG D 301 -30.32 -19.87 2.02
CA ARG D 301 -30.06 -20.65 3.23
C ARG D 301 -28.96 -19.99 4.11
N GLY D 302 -28.43 -18.85 3.70
CA GLY D 302 -27.46 -18.11 4.55
C GLY D 302 -26.03 -18.58 4.50
N THR D 303 -25.69 -19.36 3.46
CA THR D 303 -24.29 -19.89 3.32
C THR D 303 -23.50 -19.20 2.21
N ARG D 304 -24.11 -18.25 1.54
CA ARG D 304 -23.46 -17.41 0.53
C ARG D 304 -23.88 -15.96 0.66
N PRO E 19 68.41 -122.42 3.22
CA PRO E 19 68.56 -121.90 4.63
C PRO E 19 67.69 -120.67 4.89
N HIS E 20 67.04 -120.63 6.04
CA HIS E 20 66.03 -119.63 6.31
C HIS E 20 66.65 -118.27 6.48
N LEU E 21 65.99 -117.28 5.85
CA LEU E 21 66.49 -115.91 5.83
C LEU E 21 65.37 -115.02 6.24
N THR E 22 65.76 -113.88 6.84
CA THR E 22 64.84 -112.82 7.07
C THR E 22 65.28 -111.63 6.22
N ILE E 23 64.32 -111.06 5.49
CA ILE E 23 64.58 -109.92 4.64
C ILE E 23 63.65 -108.83 5.04
N ALA E 24 64.15 -107.61 5.30
CA ALA E 24 63.31 -106.43 5.57
C ALA E 24 63.07 -105.68 4.30
N MET E 25 61.81 -105.35 4.02
CA MET E 25 61.45 -104.50 2.88
C MET E 25 60.91 -103.26 3.48
N ILE E 26 61.54 -102.16 3.17
CA ILE E 26 61.29 -100.86 3.79
C ILE E 26 60.97 -99.85 2.70
N THR E 27 59.78 -99.30 2.77
CA THR E 27 59.34 -98.40 1.73
C THR E 27 58.72 -97.10 2.27
N HIS E 28 58.28 -96.24 1.30
CA HIS E 28 57.71 -94.90 1.58
C HIS E 28 56.20 -94.91 1.43
N GLN E 29 55.64 -96.09 1.33
CA GLN E 29 54.18 -96.24 1.14
C GLN E 29 53.36 -95.36 2.09
N GLN E 30 52.47 -94.59 1.51
CA GLN E 30 51.40 -93.92 2.27
C GLN E 30 50.35 -94.90 2.55
N PRO E 31 49.89 -94.99 3.81
CA PRO E 31 48.84 -95.97 4.18
C PRO E 31 47.61 -95.80 3.28
N GLY E 32 47.08 -96.88 2.70
CA GLY E 32 46.03 -96.67 1.72
C GLY E 32 46.40 -96.61 0.25
N ASP E 33 47.67 -96.37 -0.10
CA ASP E 33 48.11 -96.29 -1.51
C ASP E 33 48.22 -97.76 -2.03
N THR E 34 47.24 -98.15 -2.86
CA THR E 34 47.13 -99.55 -3.28
C THR E 34 48.22 -100.08 -4.22
N PHE E 35 48.98 -99.14 -4.80
CA PHE E 35 50.12 -99.55 -5.62
C PHE E 35 51.06 -100.49 -4.87
N TRP E 36 51.26 -100.23 -3.56
CA TRP E 36 52.18 -100.97 -2.75
C TRP E 36 51.70 -102.37 -2.43
N ASP E 37 50.42 -102.63 -2.55
CA ASP E 37 49.98 -104.02 -2.34
C ASP E 37 50.46 -104.93 -3.49
N ILE E 38 50.62 -104.31 -4.64
CA ILE E 38 51.09 -105.04 -5.86
C ILE E 38 52.57 -105.37 -5.65
N ILE E 39 53.32 -104.37 -5.23
CA ILE E 39 54.73 -104.54 -4.83
C ILE E 39 54.81 -105.71 -3.87
N ARG E 40 53.93 -105.70 -2.84
CA ARG E 40 54.01 -106.73 -1.81
C ARG E 40 53.65 -108.10 -2.30
N LYS E 41 52.66 -108.21 -3.18
CA LYS E 41 52.39 -109.52 -3.79
C LYS E 41 53.61 -110.14 -4.44
N GLY E 42 54.33 -109.34 -5.22
CA GLY E 42 55.56 -109.83 -5.80
C GLY E 42 56.65 -110.23 -4.83
N ALA E 43 56.86 -109.38 -3.84
CA ALA E 43 57.83 -109.72 -2.81
C ALA E 43 57.45 -110.99 -2.05
N LEU E 44 56.18 -111.14 -1.72
CA LEU E 44 55.70 -112.34 -1.02
C LEU E 44 55.83 -113.61 -1.86
N ALA E 45 55.62 -113.50 -3.19
CA ALA E 45 55.72 -114.65 -4.07
C ALA E 45 57.20 -115.10 -4.05
N ALA E 46 58.15 -114.15 -4.13
CA ALA E 46 59.57 -114.53 -4.08
C ALA E 46 59.90 -115.15 -2.73
N ALA E 47 59.41 -114.52 -1.64
CA ALA E 47 59.72 -115.00 -0.26
C ALA E 47 59.31 -116.47 -0.07
N ALA E 48 58.13 -116.80 -0.53
CA ALA E 48 57.56 -118.14 -0.42
C ALA E 48 58.42 -119.14 -1.07
N LYS E 49 58.98 -118.81 -2.21
CA LYS E 49 59.85 -119.72 -2.90
C LYS E 49 61.20 -119.80 -2.29
N ASP E 50 61.64 -118.74 -1.64
CA ASP E 50 63.01 -118.64 -1.26
C ASP E 50 63.29 -118.87 0.24
N ASN E 51 62.31 -119.43 0.97
CA ASN E 51 62.48 -119.67 2.41
C ASN E 51 62.92 -118.38 3.12
N VAL E 52 62.16 -117.32 2.85
CA VAL E 52 62.34 -116.05 3.43
C VAL E 52 61.14 -115.61 4.25
N THR E 53 61.42 -115.01 5.42
CA THR E 53 60.44 -114.34 6.18
C THR E 53 60.58 -112.84 5.77
N LEU E 54 59.58 -112.30 5.12
CA LEU E 54 59.55 -110.91 4.72
C LEU E 54 58.97 -110.02 5.79
N LYS E 55 59.79 -109.08 6.22
CA LYS E 55 59.37 -108.11 7.23
C LYS E 55 59.20 -106.80 6.49
N TYR E 56 57.96 -106.39 6.27
CA TYR E 56 57.59 -105.23 5.50
C TYR E 56 57.25 -104.09 6.48
N SER E 57 57.88 -102.95 6.24
CA SER E 57 57.63 -101.73 7.04
C SER E 57 57.61 -100.54 6.12
N ASN E 58 56.89 -99.48 6.48
CA ASN E 58 56.78 -98.30 5.68
C ASN E 58 56.47 -97.06 6.44
N ASP E 59 57.00 -95.97 5.94
CA ASP E 59 56.53 -94.66 6.34
C ASP E 59 56.74 -93.61 5.25
N PRO E 60 55.68 -92.81 4.92
CA PRO E 60 55.90 -91.75 3.94
C PRO E 60 56.67 -90.49 4.38
N ASP E 61 57.02 -90.45 5.65
CA ASP E 61 57.92 -89.45 6.20
C ASP E 61 59.32 -90.08 6.11
N SER E 62 60.14 -89.48 5.27
CA SER E 62 61.50 -90.03 4.99
C SER E 62 62.36 -90.08 6.22
N THR E 63 62.09 -89.23 7.21
CA THR E 63 62.87 -89.26 8.45
C THR E 63 62.57 -90.50 9.23
N LYS E 64 61.30 -90.88 9.25
CA LYS E 64 60.78 -92.05 9.85
C LYS E 64 61.18 -93.28 9.05
N GLU E 65 61.19 -93.16 7.73
CA GLU E 65 61.72 -94.24 6.93
C GLU E 65 63.19 -94.56 7.24
N ALA E 66 64.00 -93.53 7.45
CA ALA E 66 65.42 -93.76 7.88
C ALA E 66 65.55 -94.55 9.18
N VAL E 67 64.63 -94.30 10.10
CA VAL E 67 64.61 -95.08 11.39
C VAL E 67 64.23 -96.54 11.16
N LEU E 68 63.31 -96.79 10.20
CA LEU E 68 62.97 -98.20 9.85
C LEU E 68 64.17 -99.04 9.39
N ILE E 69 65.08 -98.37 8.66
CA ILE E 69 66.32 -99.02 8.21
C ILE E 69 67.17 -99.45 9.40
N GLN E 70 67.34 -98.49 10.32
CA GLN E 70 68.10 -98.74 11.60
C GLN E 70 67.47 -99.91 12.39
N ASP E 71 66.15 -100.01 12.44
CA ASP E 71 65.45 -101.09 13.14
C ASP E 71 65.81 -102.44 12.54
N ALA E 72 65.83 -102.50 11.18
CA ALA E 72 66.15 -103.72 10.46
C ALA E 72 67.63 -104.19 10.69
N VAL E 73 68.50 -103.18 10.75
CA VAL E 73 69.91 -103.41 11.15
C VAL E 73 69.98 -103.93 12.61
N ASN E 74 69.30 -103.27 13.54
CA ASN E 74 69.37 -103.71 14.96
C ASN E 74 68.83 -105.14 15.08
N ALA E 75 67.86 -105.48 14.21
CA ALA E 75 67.27 -106.82 14.13
C ALA E 75 68.13 -107.89 13.48
N LYS E 76 69.24 -107.48 12.88
CA LYS E 76 70.18 -108.36 12.25
C LYS E 76 69.52 -109.16 11.12
N VAL E 77 68.61 -108.52 10.39
CA VAL E 77 68.07 -109.13 9.16
C VAL E 77 69.19 -109.57 8.20
N ASP E 78 68.90 -110.54 7.36
CA ASP E 78 69.90 -111.06 6.39
C ASP E 78 70.07 -110.12 5.18
N GLY E 79 69.09 -109.26 4.91
CA GLY E 79 69.22 -108.36 3.82
C GLY E 79 68.11 -107.36 3.91
N ILE E 80 68.28 -106.22 3.23
CA ILE E 80 67.33 -105.10 3.23
C ILE E 80 67.05 -104.73 1.77
N ALA E 81 65.76 -104.62 1.47
CA ALA E 81 65.26 -103.99 0.23
C ALA E 81 64.58 -102.66 0.57
N VAL E 82 65.09 -101.59 -0.04
CA VAL E 82 64.67 -100.23 0.37
C VAL E 82 64.31 -99.33 -0.77
N THR E 83 63.39 -98.38 -0.52
CA THR E 83 63.12 -97.36 -1.53
C THR E 83 63.77 -96.03 -1.12
N ILE E 84 64.19 -95.22 -2.09
CA ILE E 84 64.90 -94.00 -1.81
C ILE E 84 64.19 -92.80 -2.44
N PRO E 85 63.01 -92.41 -1.91
CA PRO E 85 62.35 -91.19 -2.51
C PRO E 85 63.04 -89.90 -2.10
N ASP E 86 63.74 -89.94 -0.96
CA ASP E 86 64.43 -88.73 -0.41
C ASP E 86 65.92 -89.09 -0.13
N PRO E 87 66.82 -89.00 -1.13
CA PRO E 87 68.23 -89.43 -0.97
C PRO E 87 68.96 -88.75 0.20
N PRO E 88 68.81 -87.43 0.39
CA PRO E 88 69.49 -86.82 1.55
C PRO E 88 69.09 -87.42 2.87
N ALA E 89 67.83 -87.77 3.04
CA ALA E 89 67.34 -88.23 4.31
C ALA E 89 67.62 -89.70 4.54
N LEU E 90 67.94 -90.46 3.48
CA LEU E 90 68.00 -91.89 3.54
C LEU E 90 69.36 -92.52 3.24
N ILE E 91 70.17 -91.90 2.42
CA ILE E 91 71.45 -92.48 2.09
C ILE E 91 72.35 -92.69 3.35
N PRO E 92 72.37 -91.76 4.32
CA PRO E 92 73.26 -92.00 5.45
C PRO E 92 72.89 -93.30 6.15
N ALA E 93 71.60 -93.56 6.34
CA ALA E 93 71.12 -94.76 7.01
C ALA E 93 71.43 -96.01 6.16
N ILE E 94 71.22 -95.92 4.85
CA ILE E 94 71.64 -97.02 3.95
C ILE E 94 73.18 -97.33 4.04
N LYS E 95 73.99 -96.30 3.94
CA LYS E 95 75.42 -96.45 4.12
C LYS E 95 75.75 -97.11 5.46
N GLN E 96 75.00 -96.75 6.49
CA GLN E 96 75.22 -97.37 7.81
C GLN E 96 74.89 -98.83 7.80
N ALA E 97 73.78 -99.19 7.19
CA ALA E 97 73.42 -100.57 7.02
C ALA E 97 74.47 -101.35 6.30
N VAL E 98 75.00 -100.79 5.21
CA VAL E 98 76.00 -101.48 4.42
C VAL E 98 77.27 -101.66 5.34
N ALA E 99 77.62 -100.58 6.09
CA ALA E 99 78.83 -100.59 6.91
C ALA E 99 78.69 -101.63 8.00
N ALA E 100 77.46 -101.93 8.41
CA ALA E 100 77.19 -102.92 9.48
C ALA E 100 77.13 -104.35 8.97
N GLY E 101 77.31 -104.58 7.67
CA GLY E 101 77.41 -105.92 7.15
C GLY E 101 76.16 -106.47 6.46
N ILE E 102 75.14 -105.62 6.32
CA ILE E 102 73.86 -106.06 5.81
C ILE E 102 73.79 -105.68 4.33
N PRO E 103 73.53 -106.70 3.49
CA PRO E 103 73.43 -106.35 2.03
C PRO E 103 72.12 -105.64 1.74
N VAL E 104 72.17 -104.61 0.90
N VAL E 104 72.17 -104.70 0.80
CA VAL E 104 70.97 -103.86 0.53
CA VAL E 104 71.05 -103.85 0.47
C VAL E 104 70.80 -103.72 -0.97
C VAL E 104 70.83 -103.86 -1.03
N VAL E 105 69.54 -103.92 -1.39
CA VAL E 105 69.11 -103.70 -2.77
C VAL E 105 68.10 -102.59 -2.66
N ALA E 106 68.15 -101.68 -3.65
CA ALA E 106 67.18 -100.57 -3.71
C ALA E 106 66.19 -100.83 -4.83
N PHE E 107 65.03 -100.25 -4.73
CA PHE E 107 64.01 -100.44 -5.75
C PHE E 107 62.99 -99.31 -5.71
N ASN E 108 62.28 -99.14 -6.84
CA ASN E 108 61.15 -98.23 -7.04
C ASN E 108 61.45 -96.73 -7.12
N ALA E 109 62.19 -96.21 -6.11
CA ALA E 109 62.58 -94.82 -6.12
C ALA E 109 64.05 -94.72 -5.84
N GLY E 110 64.72 -93.76 -6.51
CA GLY E 110 66.11 -93.45 -6.22
C GLY E 110 67.09 -93.94 -7.26
N ILE E 111 66.69 -94.08 -8.50
CA ILE E 111 67.53 -94.74 -9.51
C ILE E 111 68.85 -93.98 -9.72
N ASP E 112 68.80 -92.66 -9.56
CA ASP E 112 69.98 -91.83 -9.76
C ASP E 112 70.93 -91.85 -8.59
N GLN E 113 70.52 -92.43 -7.47
CA GLN E 113 71.23 -92.32 -6.18
C GLN E 113 71.56 -93.62 -5.54
N TRP E 114 71.09 -94.73 -6.08
CA TRP E 114 71.29 -96.00 -5.35
C TRP E 114 72.77 -96.41 -5.26
N LYS E 115 73.53 -96.18 -6.32
CA LYS E 115 74.89 -96.71 -6.35
C LYS E 115 75.74 -96.04 -5.28
N GLU E 116 75.54 -94.74 -5.11
CA GLU E 116 76.26 -93.96 -4.10
C GLU E 116 75.87 -94.49 -2.72
N SER E 117 74.68 -95.09 -2.55
CA SER E 117 74.20 -95.52 -1.23
C SER E 117 74.96 -96.71 -0.71
N GLY E 118 75.62 -97.48 -1.58
CA GLY E 118 76.22 -98.76 -1.25
C GLY E 118 75.33 -99.96 -1.60
N ALA E 119 74.06 -99.68 -1.94
CA ALA E 119 73.14 -100.72 -2.41
C ALA E 119 73.77 -101.53 -3.57
N LEU E 120 73.57 -102.82 -3.59
CA LEU E 120 74.26 -103.72 -4.59
C LEU E 120 73.63 -103.64 -6.00
N MET E 121 72.33 -103.33 -6.02
CA MET E 121 71.48 -103.42 -7.23
C MET E 121 70.32 -102.46 -7.07
N TYR E 122 69.59 -102.24 -8.18
CA TYR E 122 68.36 -101.44 -8.23
C TYR E 122 67.43 -102.05 -9.19
N PHE E 123 66.17 -102.07 -8.83
CA PHE E 123 65.05 -102.57 -9.70
C PHE E 123 63.96 -101.52 -9.85
N GLY E 124 63.68 -101.14 -11.07
CA GLY E 124 62.63 -100.16 -11.34
C GLY E 124 62.81 -99.54 -12.70
N GLN E 125 62.11 -98.47 -12.96
CA GLN E 125 62.23 -97.83 -14.25
C GLN E 125 62.86 -96.48 -14.07
N ASP E 126 63.50 -96.05 -15.14
CA ASP E 126 64.11 -94.69 -15.19
C ASP E 126 62.99 -93.70 -15.37
N GLU E 127 62.75 -92.91 -14.33
CA GLU E 127 61.52 -92.11 -14.25
C GLU E 127 61.69 -90.87 -15.12
N THR E 128 62.89 -90.37 -15.30
CA THR E 128 63.20 -89.27 -16.25
C THR E 128 62.86 -89.82 -17.67
N VAL E 129 63.30 -91.05 -18.04
CA VAL E 129 63.03 -91.57 -19.37
C VAL E 129 61.53 -91.82 -19.56
N ALA E 130 60.87 -92.29 -18.49
CA ALA E 130 59.44 -92.55 -18.55
C ALA E 130 58.68 -91.24 -18.76
N GLY E 131 59.04 -90.19 -18.03
CA GLY E 131 58.41 -88.95 -18.31
C GLY E 131 58.72 -88.33 -19.68
N GLN E 132 59.96 -88.40 -20.12
CA GLN E 132 60.31 -87.94 -21.46
C GLN E 132 59.47 -88.67 -22.54
N ALA E 133 59.35 -89.97 -22.36
CA ALA E 133 58.52 -90.79 -23.26
C ALA E 133 57.06 -90.32 -23.25
N ALA E 134 56.53 -90.03 -22.09
CA ALA E 134 55.18 -89.58 -21.96
C ALA E 134 54.92 -88.24 -22.63
N GLY E 135 55.82 -87.29 -22.44
CA GLY E 135 55.72 -85.99 -23.05
C GLY E 135 55.76 -86.10 -24.56
N ALA E 136 56.61 -86.98 -25.07
CA ALA E 136 56.79 -87.13 -26.52
C ALA E 136 55.61 -87.78 -27.16
N ARG E 137 55.03 -88.75 -26.46
CA ARG E 137 53.85 -89.39 -26.90
C ARG E 137 52.69 -88.42 -26.87
N ALA E 138 52.50 -87.66 -25.79
CA ALA E 138 51.45 -86.66 -25.78
C ALA E 138 51.55 -85.67 -26.91
N THR E 139 52.77 -85.23 -27.22
CA THR E 139 52.96 -84.31 -28.37
C THR E 139 52.52 -85.03 -29.67
N SER E 140 53.02 -86.23 -29.89
CA SER E 140 52.63 -86.98 -31.08
C SER E 140 51.12 -87.23 -31.21
N GLU E 141 50.43 -87.33 -30.08
CA GLU E 141 48.98 -87.60 -29.99
C GLU E 141 48.14 -86.32 -30.21
N GLY E 142 48.79 -85.17 -30.38
CA GLY E 142 48.11 -83.93 -30.71
C GLY E 142 47.75 -83.05 -29.53
N PHE E 143 48.13 -83.42 -28.32
CA PHE E 143 47.76 -82.55 -27.16
C PHE E 143 48.59 -81.30 -27.14
N LYS E 144 47.92 -80.21 -26.70
CA LYS E 144 48.58 -78.89 -26.70
C LYS E 144 48.86 -78.36 -25.30
N HIS E 145 48.24 -78.90 -24.27
CA HIS E 145 48.46 -78.39 -22.89
C HIS E 145 48.25 -79.51 -21.83
N VAL E 146 49.38 -79.97 -21.27
CA VAL E 146 49.32 -81.01 -20.27
CA VAL E 146 49.41 -81.00 -20.26
C VAL E 146 49.36 -80.45 -18.86
N LEU E 147 48.57 -81.11 -17.98
CA LEU E 147 48.63 -80.90 -16.54
C LEU E 147 49.22 -82.16 -15.93
N CYS E 148 50.32 -82.03 -15.19
CA CYS E 148 50.98 -83.11 -14.51
C CYS E 148 50.62 -83.02 -13.04
N VAL E 149 50.01 -84.05 -12.43
CA VAL E 149 49.55 -83.99 -11.09
C VAL E 149 50.49 -84.76 -10.18
N LEU E 150 51.03 -84.13 -9.13
CA LEU E 150 51.98 -84.83 -8.20
C LEU E 150 51.30 -85.01 -6.87
N GLN E 151 51.17 -86.23 -6.39
CA GLN E 151 50.35 -86.50 -5.20
C GLN E 151 51.08 -86.49 -3.85
N ALA E 152 52.37 -86.23 -3.91
CA ALA E 152 53.22 -86.05 -2.74
C ALA E 152 54.37 -85.09 -3.12
N GLN E 153 54.88 -84.44 -2.09
CA GLN E 153 56.05 -83.63 -2.23
C GLN E 153 57.31 -84.41 -1.76
N GLY E 154 58.46 -83.97 -2.20
CA GLY E 154 59.77 -84.56 -1.73
C GLY E 154 60.12 -85.94 -2.23
N GLN E 155 59.54 -86.29 -3.37
CA GLN E 155 59.71 -87.61 -3.92
C GLN E 155 60.47 -87.54 -5.23
N VAL E 156 61.75 -87.98 -5.28
CA VAL E 156 62.57 -87.76 -6.50
C VAL E 156 61.91 -88.46 -7.70
N GLN E 157 61.31 -89.58 -7.47
CA GLN E 157 60.73 -90.41 -8.54
C GLN E 157 59.54 -89.67 -9.19
N LEU E 158 58.73 -89.00 -8.37
CA LEU E 158 57.65 -88.19 -8.91
C LEU E 158 58.13 -86.93 -9.65
N GLU E 159 59.09 -86.24 -9.02
CA GLU E 159 59.61 -85.04 -9.63
C GLU E 159 60.29 -85.40 -10.96
N SER E 160 61.07 -86.51 -11.04
CA SER E 160 61.70 -86.89 -12.28
C SER E 160 60.65 -87.12 -13.42
N ARG E 161 59.49 -87.74 -13.09
CA ARG E 161 58.49 -87.98 -14.11
C ARG E 161 57.97 -86.66 -14.69
N CYS E 162 57.62 -85.72 -13.79
CA CYS E 162 57.04 -84.46 -14.27
C CYS E 162 58.05 -83.62 -14.97
N ASN E 163 59.30 -83.61 -14.48
CA ASN E 163 60.30 -82.85 -15.20
C ASN E 163 60.57 -83.48 -16.56
N GLY E 164 60.45 -84.78 -16.68
CA GLY E 164 60.65 -85.41 -17.99
C GLY E 164 59.56 -85.08 -18.98
N VAL E 165 58.35 -85.09 -18.52
CA VAL E 165 57.18 -84.71 -19.33
C VAL E 165 57.38 -83.28 -19.84
N GLN E 166 57.75 -82.35 -18.96
CA GLN E 166 57.92 -80.97 -19.31
C GLN E 166 58.93 -80.85 -20.37
N GLN E 167 60.01 -81.59 -20.21
CA GLN E 167 61.14 -81.52 -21.09
C GLN E 167 60.80 -81.81 -22.58
N THR E 168 59.96 -82.83 -22.86
CA THR E 168 59.74 -83.26 -24.18
C THR E 168 58.38 -82.84 -24.75
N PHE E 169 57.46 -82.39 -23.86
CA PHE E 169 56.14 -81.92 -24.36
C PHE E 169 56.24 -80.55 -24.97
N LYS E 170 55.92 -80.45 -26.27
CA LYS E 170 56.10 -79.20 -27.06
C LYS E 170 55.11 -78.08 -26.84
N GLY E 171 54.03 -78.36 -26.11
CA GLY E 171 53.00 -77.40 -25.78
C GLY E 171 53.12 -76.79 -24.40
N GLN E 172 52.01 -76.29 -23.89
CA GLN E 172 51.93 -75.71 -22.57
C GLN E 172 51.98 -76.79 -21.51
N TYR E 173 52.44 -76.38 -20.34
CA TYR E 173 52.66 -77.34 -19.21
C TYR E 173 52.29 -76.67 -17.89
N THR E 174 51.54 -77.41 -17.10
CA THR E 174 51.12 -77.00 -15.77
C THR E 174 51.43 -78.12 -14.79
N LYS E 175 52.04 -77.77 -13.66
CA LYS E 175 52.42 -78.73 -12.64
C LYS E 175 51.64 -78.39 -11.38
N LEU E 176 50.96 -79.37 -10.85
CA LEU E 176 50.03 -79.27 -9.75
C LEU E 176 50.28 -80.25 -8.62
N TYR E 177 50.48 -79.74 -7.38
CA TYR E 177 50.63 -80.61 -6.23
C TYR E 177 49.24 -80.78 -5.68
N VAL E 178 48.97 -82.01 -5.28
CA VAL E 178 47.75 -82.37 -4.58
C VAL E 178 48.18 -83.24 -3.42
N ASN E 179 47.28 -83.40 -2.48
CA ASN E 179 47.54 -84.20 -1.29
C ASN E 179 46.95 -85.62 -1.41
N GLY E 180 47.76 -86.61 -1.86
CA GLY E 180 47.23 -87.94 -2.27
C GLY E 180 46.44 -88.70 -1.21
N ALA E 181 46.77 -88.37 0.04
CA ALA E 181 46.15 -88.86 1.29
C ALA E 181 44.71 -88.41 1.49
N ASP E 182 44.36 -87.32 0.85
CA ASP E 182 43.02 -86.73 1.06
C ASP E 182 42.33 -86.73 -0.30
N GLN E 183 41.66 -87.84 -0.63
CA GLN E 183 41.20 -88.00 -2.01
C GLN E 183 40.16 -86.96 -2.42
N PRO E 184 39.23 -86.61 -1.52
CA PRO E 184 38.26 -85.57 -1.88
C PRO E 184 38.90 -84.23 -2.26
N SER E 185 39.95 -83.84 -1.52
CA SER E 185 40.69 -82.60 -1.90
C SER E 185 41.39 -82.76 -3.25
N VAL E 186 41.78 -83.97 -3.58
CA VAL E 186 42.48 -84.13 -4.88
C VAL E 186 41.53 -83.82 -6.03
N ARG E 187 40.35 -84.38 -5.91
CA ARG E 187 39.34 -84.23 -6.92
C ARG E 187 38.95 -82.75 -7.08
N THR E 188 38.66 -82.07 -5.98
CA THR E 188 38.30 -80.66 -6.06
C THR E 188 39.41 -79.77 -6.59
N THR E 189 40.65 -80.05 -6.17
CA THR E 189 41.80 -79.30 -6.59
C THR E 189 42.03 -79.46 -8.12
N ILE E 190 41.96 -80.68 -8.58
CA ILE E 190 42.12 -80.89 -10.04
C ILE E 190 40.99 -80.22 -10.83
N ALA E 191 39.73 -80.44 -10.39
CA ALA E 191 38.59 -79.81 -11.05
C ALA E 191 38.74 -78.29 -11.18
N ALA E 192 39.18 -77.67 -10.08
CA ALA E 192 39.37 -76.23 -10.04
C ALA E 192 40.41 -75.77 -11.04
N LYS E 193 41.50 -76.52 -11.15
CA LYS E 193 42.52 -76.16 -12.05
C LYS E 193 41.98 -76.26 -13.52
N LEU E 194 41.16 -77.28 -13.82
CA LEU E 194 40.63 -77.52 -15.15
C LEU E 194 39.66 -76.44 -15.52
N LYS E 195 38.98 -75.94 -14.46
CA LYS E 195 38.08 -74.83 -14.74
C LYS E 195 38.78 -73.52 -15.08
N GLN E 196 39.84 -73.24 -14.37
CA GLN E 196 40.54 -72.00 -14.61
C GLN E 196 41.45 -72.06 -15.82
N ASP E 197 41.86 -73.28 -16.17
CA ASP E 197 42.73 -73.55 -17.34
C ASP E 197 41.98 -74.42 -18.37
N PRO E 198 40.93 -73.94 -18.99
CA PRO E 198 40.21 -74.72 -19.99
C PRO E 198 41.05 -75.22 -21.18
N SER E 199 42.20 -74.60 -21.44
CA SER E 199 43.06 -75.06 -22.51
C SER E 199 43.77 -76.35 -22.21
N ILE E 200 43.74 -76.80 -20.97
CA ILE E 200 44.31 -78.10 -20.64
C ILE E 200 43.53 -79.18 -21.40
N ASP E 201 44.23 -79.95 -22.19
CA ASP E 201 43.63 -81.05 -22.94
C ASP E 201 44.11 -82.48 -22.58
N LEU E 202 45.06 -82.58 -21.66
CA LEU E 202 45.54 -83.90 -21.16
C LEU E 202 46.01 -83.70 -19.72
N VAL E 203 45.45 -84.54 -18.86
CA VAL E 203 45.90 -84.65 -17.46
C VAL E 203 46.72 -85.93 -17.41
N ILE E 204 47.94 -85.87 -16.87
CA ILE E 204 48.79 -87.04 -16.61
C ILE E 204 48.94 -87.15 -15.09
N THR E 205 48.45 -88.29 -14.56
CA THR E 205 48.55 -88.57 -13.15
C THR E 205 49.64 -89.60 -12.95
N LEU E 206 50.25 -89.54 -11.78
CA LEU E 206 51.40 -90.33 -11.44
C LEU E 206 51.11 -91.57 -10.63
N GLY E 207 49.83 -91.91 -10.45
CA GLY E 207 49.41 -93.12 -9.90
C GLY E 207 47.98 -93.46 -10.30
N ALA E 208 47.68 -94.77 -10.33
CA ALA E 208 46.36 -95.22 -10.80
C ALA E 208 45.21 -94.75 -9.90
N PRO E 209 45.41 -94.70 -8.57
CA PRO E 209 44.34 -94.15 -7.72
C PRO E 209 44.06 -92.66 -8.07
N ILE E 210 45.09 -91.91 -8.39
CA ILE E 210 44.94 -90.47 -8.66
C ILE E 210 44.26 -90.36 -10.00
N ALA E 211 44.57 -91.27 -10.93
CA ALA E 211 43.78 -91.32 -12.16
C ALA E 211 42.28 -91.32 -12.01
N GLN E 212 41.82 -92.12 -11.05
CA GLN E 212 40.38 -92.27 -10.83
C GLN E 212 39.81 -90.89 -10.46
N LEU E 213 40.53 -90.16 -9.62
CA LEU E 213 40.06 -88.84 -9.16
C LEU E 213 40.08 -87.82 -10.31
N ALA E 214 41.07 -87.93 -11.20
CA ALA E 214 41.16 -87.07 -12.35
C ALA E 214 40.02 -87.28 -13.30
N ILE E 215 39.61 -88.54 -13.51
CA ILE E 215 38.50 -88.80 -14.42
C ILE E 215 37.25 -88.11 -13.88
N GLN E 216 37.03 -88.25 -12.57
CA GLN E 216 35.91 -87.59 -11.90
C GLN E 216 36.04 -86.07 -12.06
N ALA E 217 37.22 -85.52 -11.81
CA ALA E 217 37.42 -84.08 -11.89
C ALA E 217 37.12 -83.44 -13.23
N VAL E 218 37.48 -84.11 -14.30
CA VAL E 218 37.17 -83.65 -15.67
C VAL E 218 35.65 -83.41 -15.85
N LYS E 219 34.89 -84.36 -15.34
CA LYS E 219 33.42 -84.28 -15.40
C LYS E 219 32.97 -83.09 -14.55
N ASP E 220 33.53 -82.97 -13.34
CA ASP E 220 33.12 -81.90 -12.38
C ASP E 220 33.32 -80.54 -13.00
N ALA E 221 34.41 -80.41 -13.73
CA ALA E 221 34.80 -79.18 -14.38
C ALA E 221 34.02 -78.85 -15.64
N GLY E 222 33.40 -79.86 -16.24
CA GLY E 222 32.87 -79.76 -17.61
C GLY E 222 34.02 -79.61 -18.64
N SER E 223 35.17 -80.28 -18.39
CA SER E 223 36.37 -80.13 -19.22
C SER E 223 36.32 -81.08 -20.39
N ASN E 224 36.97 -80.64 -21.45
CA ASN E 224 37.32 -81.47 -22.61
C ASN E 224 38.58 -82.37 -22.41
N ALA E 225 39.24 -82.27 -21.25
CA ALA E 225 40.56 -82.94 -21.18
C ALA E 225 40.48 -84.45 -21.17
N LYS E 226 41.50 -85.07 -21.78
CA LYS E 226 41.74 -86.50 -21.67
C LYS E 226 42.60 -86.79 -20.44
N ILE E 227 42.70 -88.04 -20.08
CA ILE E 227 43.46 -88.50 -18.94
C ILE E 227 44.37 -89.64 -19.36
N ALA E 228 45.54 -89.64 -18.81
CA ALA E 228 46.48 -90.77 -18.93
C ALA E 228 47.25 -90.94 -17.67
N THR E 229 47.89 -92.08 -17.41
CA THR E 229 48.39 -92.34 -16.03
C THR E 229 49.62 -93.24 -16.02
N PHE E 230 50.42 -93.14 -14.96
CA PHE E 230 51.36 -94.15 -14.57
C PHE E 230 50.58 -95.16 -13.77
N ASP E 231 50.89 -96.43 -14.04
CA ASP E 231 50.44 -97.62 -13.32
C ASP E 231 49.03 -98.10 -13.69
N PHE E 232 48.84 -99.35 -13.29
CA PHE E 232 47.53 -100.00 -13.21
C PHE E 232 47.00 -100.03 -11.80
N ASN E 233 45.67 -100.04 -11.70
CA ASN E 233 44.99 -100.61 -10.56
C ASN E 233 43.89 -101.48 -11.18
N THR E 234 42.97 -101.96 -10.38
CA THR E 234 42.04 -102.90 -10.91
C THR E 234 41.06 -102.24 -11.89
N GLN E 235 40.99 -100.93 -11.90
CA GLN E 235 40.02 -100.19 -12.73
C GLN E 235 40.59 -99.76 -14.10
N VAL E 236 41.92 -99.74 -14.20
CA VAL E 236 42.56 -99.15 -15.38
C VAL E 236 42.28 -99.89 -16.68
N PRO E 237 42.37 -101.24 -16.68
CA PRO E 237 42.07 -101.94 -17.96
C PRO E 237 40.73 -101.53 -18.63
N ALA E 238 39.66 -101.49 -17.85
CA ALA E 238 38.34 -101.09 -18.37
C ALA E 238 38.33 -99.68 -18.88
N GLU E 239 39.08 -98.80 -18.24
CA GLU E 239 39.15 -97.47 -18.66
C GLU E 239 39.98 -97.23 -19.91
N ILE E 240 41.00 -98.06 -20.15
CA ILE E 240 41.71 -98.01 -21.40
C ILE E 240 40.74 -98.54 -22.48
N GLU E 241 40.04 -99.60 -22.12
CA GLU E 241 39.14 -100.29 -23.12
C GLU E 241 38.02 -99.35 -23.52
N ASN E 242 37.59 -98.47 -22.61
CA ASN E 242 36.37 -97.64 -22.89
C ASN E 242 36.79 -96.18 -23.23
N GLY E 243 38.09 -95.91 -23.32
CA GLY E 243 38.57 -94.58 -23.63
C GLY E 243 38.61 -93.56 -22.47
N GLN E 244 38.26 -93.98 -21.27
CA GLN E 244 38.46 -93.03 -20.14
C GLN E 244 39.94 -92.71 -19.86
N LEU E 245 40.86 -93.62 -20.20
CA LEU E 245 42.27 -93.33 -20.10
C LEU E 245 42.91 -93.55 -21.45
N GLN E 246 43.79 -92.69 -21.86
CA GLN E 246 44.45 -92.83 -23.13
C GLN E 246 45.46 -93.95 -23.16
N TRP E 247 46.18 -94.11 -22.05
CA TRP E 247 47.21 -95.12 -21.92
C TRP E 247 47.64 -95.16 -20.48
N ALA E 248 48.35 -96.19 -20.07
CA ALA E 248 48.89 -96.36 -18.74
C ALA E 248 50.32 -96.82 -18.90
N ILE E 249 51.21 -96.22 -18.14
CA ILE E 249 52.61 -96.66 -18.17
C ILE E 249 52.91 -97.70 -17.08
N ASP E 250 53.36 -98.92 -17.48
CA ASP E 250 53.60 -100.03 -16.58
C ASP E 250 55.07 -100.04 -16.15
N GLN E 251 55.31 -99.99 -14.84
CA GLN E 251 56.63 -100.17 -14.25
C GLN E 251 56.79 -101.55 -13.63
N GLN E 252 55.75 -102.37 -13.69
CA GLN E 252 55.81 -103.73 -13.13
C GLN E 252 56.18 -103.74 -11.64
N PRO E 253 55.34 -103.14 -10.81
CA PRO E 253 55.54 -103.28 -9.37
C PRO E 253 55.72 -104.74 -8.87
N TYR E 254 55.02 -105.71 -9.42
CA TYR E 254 55.18 -107.14 -8.99
C TYR E 254 56.64 -107.57 -9.25
N VAL E 255 57.24 -107.19 -10.39
CA VAL E 255 58.68 -107.59 -10.67
C VAL E 255 59.62 -106.81 -9.72
N GLU E 256 59.32 -105.54 -9.44
CA GLU E 256 60.14 -104.75 -8.52
C GLU E 256 60.22 -105.42 -7.15
N GLY E 257 59.07 -105.74 -6.56
CA GLY E 257 58.97 -106.41 -5.22
C GLY E 257 59.60 -107.77 -5.28
N TYR E 258 59.29 -108.51 -6.32
CA TYR E 258 59.78 -109.86 -6.49
C TYR E 258 61.27 -109.93 -6.56
N GLU E 259 61.83 -109.13 -7.45
CA GLU E 259 63.27 -109.11 -7.62
C GLU E 259 64.01 -108.59 -6.47
N ALA E 260 63.44 -107.61 -5.79
CA ALA E 260 64.13 -107.06 -4.63
C ALA E 260 64.40 -108.21 -3.67
N VAL E 261 63.46 -109.12 -3.50
CA VAL E 261 63.67 -110.21 -2.59
C VAL E 261 64.51 -111.33 -3.22
N ASP E 262 64.17 -111.74 -4.46
CA ASP E 262 64.86 -112.89 -5.04
C ASP E 262 66.30 -112.56 -5.37
N SER E 263 66.60 -111.32 -5.71
CA SER E 263 68.02 -110.94 -5.97
C SER E 263 68.84 -111.01 -4.71
N LEU E 264 68.24 -110.67 -3.55
CA LEU E 264 68.97 -110.86 -2.28
C LEU E 264 69.24 -112.33 -1.96
N TRP E 265 68.27 -113.18 -2.27
CA TRP E 265 68.43 -114.62 -2.19
C TRP E 265 69.62 -115.06 -3.07
N LEU E 266 69.63 -114.66 -4.34
CA LEU E 266 70.75 -114.98 -5.24
C LEU E 266 72.11 -114.52 -4.71
N TYR E 267 72.10 -113.35 -4.12
CA TYR E 267 73.35 -112.75 -3.57
C TYR E 267 73.83 -113.49 -2.35
N ILE E 268 72.90 -113.68 -1.40
CA ILE E 268 73.29 -114.35 -0.17
C ILE E 268 73.74 -115.79 -0.41
N THR E 269 73.03 -116.50 -1.28
CA THR E 269 73.26 -117.92 -1.46
C THR E 269 74.40 -118.28 -2.40
N ASN E 270 74.68 -117.40 -3.39
CA ASN E 270 75.66 -117.77 -4.41
C ASN E 270 76.47 -116.56 -4.88
N GLY E 271 76.34 -115.42 -4.20
CA GLY E 271 77.23 -114.29 -4.42
C GLY E 271 76.88 -113.54 -5.70
N ASP E 272 75.74 -113.87 -6.30
CA ASP E 272 75.42 -113.28 -7.60
C ASP E 272 74.73 -111.92 -7.50
N THR E 273 74.91 -111.14 -8.59
CA THR E 273 74.14 -109.94 -8.83
C THR E 273 73.49 -110.02 -10.20
N ILE E 274 72.61 -109.05 -10.45
CA ILE E 274 71.94 -108.92 -11.74
C ILE E 274 72.12 -107.45 -12.13
N GLY E 275 72.44 -107.16 -13.37
CA GLY E 275 72.45 -105.81 -13.91
C GLY E 275 73.80 -105.35 -14.45
N GLY E 276 74.89 -106.10 -14.24
CA GLY E 276 76.21 -105.66 -14.75
C GLY E 276 76.68 -104.33 -14.11
N GLY E 277 76.31 -104.06 -12.86
CA GLY E 277 76.71 -102.81 -12.20
C GLY E 277 75.73 -101.66 -12.43
N GLU E 278 74.67 -101.86 -13.22
CA GLU E 278 73.64 -100.83 -13.44
C GLU E 278 72.25 -101.34 -13.05
N ALA E 279 71.26 -100.44 -13.03
CA ALA E 279 69.86 -100.80 -12.69
C ALA E 279 69.28 -101.82 -13.68
N VAL E 280 68.44 -102.71 -13.14
CA VAL E 280 67.68 -103.66 -13.88
C VAL E 280 66.36 -102.99 -14.14
N LYS E 281 66.01 -102.83 -15.40
CA LYS E 281 64.83 -102.13 -15.81
C LYS E 281 63.61 -102.98 -15.75
N THR E 282 62.56 -102.41 -15.22
CA THR E 282 61.26 -103.09 -15.18
C THR E 282 60.19 -102.33 -15.98
N GLY E 283 60.60 -101.23 -16.58
CA GLY E 283 59.73 -100.45 -17.46
C GLY E 283 60.57 -99.34 -18.02
N PRO E 284 60.00 -98.37 -18.72
CA PRO E 284 58.58 -98.21 -18.91
C PRO E 284 58.07 -99.04 -20.07
N PHE E 285 56.80 -99.38 -20.00
CA PHE E 285 56.08 -99.89 -21.14
C PHE E 285 54.68 -99.26 -21.21
N PHE E 286 54.29 -98.74 -22.38
CA PHE E 286 52.99 -98.15 -22.55
C PHE E 286 51.92 -99.17 -22.90
N VAL E 287 50.83 -99.17 -22.14
CA VAL E 287 49.71 -100.06 -22.40
C VAL E 287 48.53 -99.21 -22.86
N ASP E 288 47.94 -99.64 -23.96
CA ASP E 288 46.88 -98.90 -24.65
C ASP E 288 45.89 -99.90 -25.19
N LYS E 289 44.94 -99.45 -26.00
CA LYS E 289 43.95 -100.42 -26.54
C LYS E 289 44.54 -101.60 -27.30
N SER E 290 45.70 -101.44 -27.89
CA SER E 290 46.28 -102.51 -28.71
C SER E 290 46.80 -103.68 -27.91
N ASN E 291 47.18 -103.46 -26.62
CA ASN E 291 47.88 -104.45 -25.86
C ASN E 291 47.27 -104.66 -24.47
N VAL E 292 46.18 -103.94 -24.16
CA VAL E 292 45.61 -104.02 -22.85
C VAL E 292 45.03 -105.42 -22.56
N ALA E 293 44.54 -106.14 -23.57
CA ALA E 293 43.99 -107.48 -23.28
C ALA E 293 44.92 -108.47 -22.56
N ALA E 294 46.17 -108.38 -22.94
CA ALA E 294 47.19 -109.23 -22.33
C ALA E 294 47.34 -109.01 -20.83
N VAL E 295 47.15 -107.78 -20.40
CA VAL E 295 47.33 -107.47 -18.92
C VAL E 295 46.05 -107.41 -18.07
N ALA E 296 44.89 -107.26 -18.72
CA ALA E 296 43.67 -106.90 -17.99
C ALA E 296 43.32 -107.83 -16.82
N LYS E 297 43.40 -109.14 -17.02
CA LYS E 297 42.99 -110.05 -15.93
C LYS E 297 43.94 -109.94 -14.76
N PHE E 298 45.21 -109.74 -15.06
CA PHE E 298 46.23 -109.74 -14.04
C PHE E 298 46.07 -108.43 -13.26
N ALA E 299 45.83 -107.32 -13.93
CA ALA E 299 45.65 -106.09 -13.24
C ALA E 299 44.37 -106.13 -12.37
N GLU E 300 43.32 -106.71 -12.93
CA GLU E 300 42.06 -106.88 -12.18
C GLU E 300 42.16 -107.75 -10.90
N ARG E 301 43.13 -108.64 -10.86
CA ARG E 301 43.38 -109.46 -9.66
C ARG E 301 44.43 -108.81 -8.74
N GLY E 302 44.95 -107.62 -9.13
CA GLY E 302 45.93 -106.88 -8.34
C GLY E 302 47.34 -107.46 -8.29
N THR E 303 47.72 -108.18 -9.34
CA THR E 303 49.13 -108.61 -9.48
C THR E 303 49.90 -107.88 -10.57
N ARG E 304 49.26 -106.94 -11.26
CA ARG E 304 49.88 -106.07 -12.26
C ARG E 304 49.42 -104.65 -12.04
N PRO F 19 -63.62 38.02 42.24
CA PRO F 19 -62.46 38.52 43.01
C PRO F 19 -61.32 38.89 42.05
N HIS F 20 -60.78 40.11 42.18
CA HIS F 20 -59.88 40.65 41.18
C HIS F 20 -58.50 40.00 41.19
N LEU F 21 -58.02 39.66 39.99
CA LEU F 21 -56.73 39.03 39.86
C LEU F 21 -55.86 39.83 38.86
N THR F 22 -54.56 39.69 39.04
CA THR F 22 -53.63 40.25 38.06
C THR F 22 -52.84 39.08 37.46
N ILE F 23 -52.82 38.98 36.15
CA ILE F 23 -52.14 37.92 35.42
C ILE F 23 -51.08 38.59 34.52
N ALA F 24 -49.84 38.19 34.66
CA ALA F 24 -48.79 38.60 33.71
C ALA F 24 -48.68 37.66 32.56
N MET F 25 -48.80 38.20 31.38
CA MET F 25 -48.56 37.46 30.07
C MET F 25 -47.19 37.97 29.60
N ILE F 26 -46.24 37.04 29.41
CA ILE F 26 -44.87 37.37 29.06
C ILE F 26 -44.49 36.62 27.82
N THR F 27 -44.16 37.37 26.78
CA THR F 27 -43.85 36.74 25.50
C THR F 27 -42.50 37.10 24.89
N HIS F 28 -42.22 36.49 23.73
CA HIS F 28 -41.03 36.79 22.90
C HIS F 28 -41.28 37.67 21.70
N GLN F 29 -42.44 38.32 21.67
CA GLN F 29 -42.83 39.28 20.63
C GLN F 29 -41.69 40.22 20.20
N GLN F 30 -41.34 40.17 18.92
CA GLN F 30 -40.47 41.20 18.33
C GLN F 30 -41.36 42.41 18.14
N PRO F 31 -40.98 43.61 18.68
CA PRO F 31 -41.99 44.68 18.49
C PRO F 31 -42.42 44.87 17.01
N GLY F 32 -43.71 45.13 16.82
CA GLY F 32 -44.31 45.21 15.50
C GLY F 32 -44.68 43.88 14.81
N ASP F 33 -44.33 42.72 15.40
CA ASP F 33 -44.84 41.43 14.92
C ASP F 33 -46.29 41.38 15.35
N THR F 34 -47.16 41.62 14.39
CA THR F 34 -48.58 41.83 14.69
C THR F 34 -49.35 40.54 15.04
N PHE F 35 -48.73 39.37 14.84
CA PHE F 35 -49.32 38.15 15.33
C PHE F 35 -49.74 38.28 16.80
N TRP F 36 -48.86 38.94 17.58
CA TRP F 36 -49.02 39.11 19.00
C TRP F 36 -50.22 39.98 19.34
N ASP F 37 -50.68 40.81 18.42
CA ASP F 37 -51.84 41.63 18.68
C ASP F 37 -53.06 40.72 18.71
N ILE F 38 -53.05 39.62 17.93
CA ILE F 38 -54.19 38.70 17.93
C ILE F 38 -54.20 37.90 19.24
N ILE F 39 -53.04 37.41 19.68
CA ILE F 39 -52.88 36.77 20.99
C ILE F 39 -53.46 37.68 22.08
N ARG F 40 -53.09 38.97 22.03
CA ARG F 40 -53.54 39.88 23.07
C ARG F 40 -55.02 40.20 23.01
N LYS F 41 -55.63 40.21 21.82
CA LYS F 41 -57.09 40.35 21.78
C LYS F 41 -57.77 39.19 22.48
N GLY F 42 -57.32 37.99 22.29
CA GLY F 42 -57.94 36.88 23.02
C GLY F 42 -57.68 36.97 24.51
N ALA F 43 -56.45 37.23 24.89
CA ALA F 43 -56.13 37.41 26.33
C ALA F 43 -56.96 38.50 27.04
N LEU F 44 -57.16 39.63 26.35
CA LEU F 44 -58.00 40.70 26.89
C LEU F 44 -59.45 40.37 26.95
N ALA F 45 -59.96 39.57 26.00
CA ALA F 45 -61.36 39.15 26.00
C ALA F 45 -61.61 38.25 27.21
N ALA F 46 -60.65 37.38 27.54
CA ALA F 46 -60.82 36.56 28.70
C ALA F 46 -60.69 37.42 29.97
N ALA F 47 -59.72 38.34 29.97
CA ALA F 47 -59.46 39.14 31.15
C ALA F 47 -60.68 40.01 31.55
N ALA F 48 -61.37 40.54 30.52
CA ALA F 48 -62.58 41.36 30.72
C ALA F 48 -63.66 40.54 31.39
N LYS F 49 -63.84 39.28 31.02
CA LYS F 49 -64.85 38.48 31.68
C LYS F 49 -64.47 37.93 33.07
N ASP F 50 -63.21 37.82 33.38
CA ASP F 50 -62.70 37.14 34.57
C ASP F 50 -62.19 38.06 35.74
N ASN F 51 -62.54 39.33 35.62
CA ASN F 51 -62.10 40.35 36.55
C ASN F 51 -60.57 40.34 36.71
N VAL F 52 -59.88 40.27 35.54
CA VAL F 52 -58.41 40.16 35.51
C VAL F 52 -57.82 41.45 34.92
N THR F 53 -56.80 41.98 35.58
CA THR F 53 -55.90 42.99 35.02
C THR F 53 -54.77 42.22 34.32
N LEU F 54 -54.67 42.41 33.01
CA LEU F 54 -53.68 41.66 32.20
C LEU F 54 -52.43 42.57 32.10
N LYS F 55 -51.32 42.12 32.64
CA LYS F 55 -50.06 42.81 32.49
C LYS F 55 -49.29 42.11 31.38
N TYR F 56 -49.13 42.78 30.25
CA TYR F 56 -48.49 42.18 29.06
C TYR F 56 -47.05 42.76 28.97
N SER F 57 -46.08 41.87 28.79
CA SER F 57 -44.73 42.29 28.49
C SER F 57 -44.09 41.35 27.49
N ASN F 58 -43.09 41.85 26.79
CA ASN F 58 -42.43 41.05 25.77
C ASN F 58 -40.99 41.51 25.51
N ASP F 59 -40.16 40.55 25.11
CA ASP F 59 -38.87 40.92 24.58
C ASP F 59 -38.38 39.74 23.73
N PRO F 60 -37.87 40.03 22.55
CA PRO F 60 -37.39 38.93 21.67
C PRO F 60 -36.04 38.39 22.02
N ASP F 61 -35.36 39.07 22.92
CA ASP F 61 -34.15 38.58 23.52
C ASP F 61 -34.54 37.79 24.73
N SER F 62 -34.23 36.53 24.65
CA SER F 62 -34.71 35.58 25.63
C SER F 62 -34.08 35.82 27.01
N THR F 63 -32.88 36.40 27.03
CA THR F 63 -32.31 36.82 28.32
C THR F 63 -33.24 37.85 28.96
N LYS F 64 -33.79 38.74 28.15
CA LYS F 64 -34.59 39.84 28.62
C LYS F 64 -35.97 39.31 28.96
N GLU F 65 -36.46 38.38 28.16
CA GLU F 65 -37.69 37.69 28.56
C GLU F 65 -37.62 37.06 29.92
N ALA F 66 -36.56 36.39 30.25
CA ALA F 66 -36.38 35.86 31.53
C ALA F 66 -36.42 36.94 32.64
N VAL F 67 -35.86 38.12 32.38
CA VAL F 67 -35.96 39.21 33.36
C VAL F 67 -37.42 39.63 33.58
N LEU F 68 -38.19 39.64 32.50
CA LEU F 68 -39.60 39.99 32.58
C LEU F 68 -40.35 38.98 33.47
N ILE F 69 -40.02 37.70 33.43
CA ILE F 69 -40.61 36.72 34.35
C ILE F 69 -40.36 37.13 35.80
N GLN F 70 -39.11 37.49 36.14
CA GLN F 70 -38.79 37.85 37.53
C GLN F 70 -39.47 39.16 37.86
N ASP F 71 -39.61 40.10 36.91
CA ASP F 71 -40.39 41.35 37.17
C ASP F 71 -41.84 40.99 37.62
N ALA F 72 -42.46 40.01 36.96
CA ALA F 72 -43.79 39.58 37.36
C ALA F 72 -43.83 38.98 38.72
N VAL F 73 -42.86 38.17 39.09
CA VAL F 73 -42.78 37.56 40.38
C VAL F 73 -42.69 38.72 41.41
N ASN F 74 -41.86 39.71 41.12
CA ASN F 74 -41.64 40.85 42.08
C ASN F 74 -42.88 41.68 42.27
N ALA F 75 -43.70 41.69 41.26
CA ALA F 75 -44.98 42.35 41.28
C ALA F 75 -46.06 41.55 42.03
N LYS F 76 -45.72 40.32 42.44
CA LYS F 76 -46.59 39.37 43.13
C LYS F 76 -47.91 39.12 42.40
N VAL F 77 -47.80 38.85 41.11
CA VAL F 77 -49.00 38.59 40.32
C VAL F 77 -49.62 37.26 40.79
N ASP F 78 -50.88 37.11 40.49
CA ASP F 78 -51.66 35.92 40.85
C ASP F 78 -51.41 34.76 39.86
N GLY F 79 -50.91 35.07 38.66
CA GLY F 79 -50.60 34.00 37.69
C GLY F 79 -49.73 34.53 36.58
N ILE F 80 -48.99 33.63 35.94
CA ILE F 80 -48.10 33.98 34.80
C ILE F 80 -48.45 33.04 33.62
N ALA F 81 -48.65 33.70 32.48
CA ALA F 81 -48.80 32.98 31.18
C ALA F 81 -47.55 33.30 30.38
N VAL F 82 -46.80 32.28 29.96
CA VAL F 82 -45.46 32.54 29.41
C VAL F 82 -45.21 31.73 28.14
N THR F 83 -44.45 32.28 27.22
CA THR F 83 -43.94 31.55 26.02
C THR F 83 -42.54 31.01 26.29
N ILE F 84 -42.20 29.88 25.66
CA ILE F 84 -40.86 29.24 25.90
C ILE F 84 -40.20 28.91 24.55
N PRO F 85 -39.86 29.93 23.78
CA PRO F 85 -39.13 29.68 22.50
C PRO F 85 -37.69 29.24 22.68
N ASP F 86 -37.08 29.58 23.82
CA ASP F 86 -35.69 29.33 24.09
C ASP F 86 -35.63 28.70 25.42
N PRO F 87 -35.82 27.39 25.47
CA PRO F 87 -35.92 26.72 26.76
C PRO F 87 -34.64 26.93 27.67
N PRO F 88 -33.38 26.96 27.13
CA PRO F 88 -32.25 27.19 28.09
C PRO F 88 -32.19 28.57 28.70
N ALA F 89 -32.66 29.56 27.96
CA ALA F 89 -32.68 30.91 28.42
C ALA F 89 -33.84 31.05 29.45
N LEU F 90 -34.89 30.22 29.36
CA LEU F 90 -36.11 30.55 30.15
C LEU F 90 -36.59 29.58 31.17
N ILE F 91 -36.37 28.30 30.98
CA ILE F 91 -36.74 27.32 32.03
C ILE F 91 -36.31 27.72 33.50
N PRO F 92 -35.07 28.19 33.70
CA PRO F 92 -34.71 28.53 35.10
C PRO F 92 -35.64 29.62 35.72
N ALA F 93 -35.98 30.64 34.95
CA ALA F 93 -36.84 31.75 35.49
C ALA F 93 -38.21 31.22 35.70
N ILE F 94 -38.70 30.31 34.85
CA ILE F 94 -40.03 29.76 35.06
C ILE F 94 -40.12 28.93 36.32
N LYS F 95 -39.11 28.08 36.52
CA LYS F 95 -39.01 27.26 37.71
C LYS F 95 -38.99 28.14 38.95
N GLN F 96 -38.33 29.28 38.89
CA GLN F 96 -38.23 30.20 40.06
C GLN F 96 -39.61 30.80 40.36
N ALA F 97 -40.40 31.13 39.33
CA ALA F 97 -41.71 31.64 39.54
C ALA F 97 -42.64 30.62 40.17
N VAL F 98 -42.52 29.38 39.72
CA VAL F 98 -43.29 28.29 40.22
C VAL F 98 -42.94 28.05 41.71
N ALA F 99 -41.66 28.12 42.03
CA ALA F 99 -41.18 27.83 43.40
C ALA F 99 -41.69 28.91 44.35
N ALA F 100 -41.83 30.11 43.81
CA ALA F 100 -42.44 31.26 44.49
C ALA F 100 -43.94 31.18 44.80
N GLY F 101 -44.60 30.12 44.32
CA GLY F 101 -46.03 29.86 44.51
C GLY F 101 -46.93 30.57 43.51
N ILE F 102 -46.37 30.96 42.37
CA ILE F 102 -47.21 31.59 41.38
C ILE F 102 -47.54 30.53 40.28
N PRO F 103 -48.84 30.24 40.03
CA PRO F 103 -49.22 29.24 39.02
C PRO F 103 -48.81 29.79 37.66
N VAL F 104 -48.23 28.92 36.82
N VAL F 104 -48.31 28.87 36.81
CA VAL F 104 -47.86 29.36 35.46
CA VAL F 104 -47.74 29.22 35.46
C VAL F 104 -48.46 28.42 34.41
C VAL F 104 -48.47 28.37 34.40
N VAL F 105 -48.96 29.02 33.35
CA VAL F 105 -49.41 28.30 32.13
C VAL F 105 -48.50 28.76 31.01
N ALA F 106 -48.15 27.82 30.17
CA ALA F 106 -47.30 28.12 29.03
C ALA F 106 -48.15 28.06 27.73
N PHE F 107 -47.71 28.79 26.69
CA PHE F 107 -48.47 28.83 25.48
C PHE F 107 -47.62 29.25 24.33
N ASN F 108 -48.12 28.94 23.14
CA ASN F 108 -47.55 29.30 21.86
C ASN F 108 -46.23 28.64 21.44
N ALA F 109 -45.25 28.72 22.32
CA ALA F 109 -43.95 28.11 22.04
C ALA F 109 -43.50 27.30 23.21
N GLY F 110 -42.93 26.11 22.95
CA GLY F 110 -42.38 25.22 24.01
C GLY F 110 -43.18 23.97 24.26
N ILE F 111 -43.93 23.47 23.27
CA ILE F 111 -44.74 22.28 23.52
C ILE F 111 -44.00 21.05 24.01
N ASP F 112 -42.76 20.89 23.60
CA ASP F 112 -41.98 19.76 24.11
C ASP F 112 -41.32 20.02 25.46
N GLN F 113 -41.35 21.27 25.97
CA GLN F 113 -40.57 21.64 27.19
C GLN F 113 -41.37 22.23 28.33
N TRP F 114 -42.67 22.44 28.13
CA TRP F 114 -43.46 23.06 29.20
C TRP F 114 -43.53 22.22 30.47
N LYS F 115 -43.65 20.92 30.35
CA LYS F 115 -43.83 20.11 31.58
C LYS F 115 -42.60 20.28 32.43
N GLU F 116 -41.41 20.27 31.83
CA GLU F 116 -40.15 20.43 32.61
C GLU F 116 -40.01 21.75 33.32
N SER F 117 -40.78 22.75 32.91
CA SER F 117 -40.71 24.11 33.46
C SER F 117 -41.50 24.15 34.79
N GLY F 118 -42.37 23.18 34.99
CA GLY F 118 -43.35 23.29 36.07
C GLY F 118 -44.70 23.99 35.76
N ALA F 119 -44.86 24.48 34.55
CA ALA F 119 -46.10 25.06 34.10
C ALA F 119 -47.17 23.94 34.20
N LEU F 120 -48.36 24.34 34.49
CA LEU F 120 -49.46 23.49 34.77
C LEU F 120 -50.13 22.97 33.50
N MET F 121 -50.11 23.78 32.40
CA MET F 121 -50.89 23.52 31.18
C MET F 121 -50.11 24.10 30.01
N TYR F 122 -50.52 23.74 28.79
CA TYR F 122 -49.99 24.31 27.56
C TYR F 122 -51.04 24.46 26.57
N PHE F 123 -51.06 25.58 25.88
CA PHE F 123 -52.01 25.86 24.76
C PHE F 123 -51.27 26.24 23.53
N GLY F 124 -51.42 25.47 22.45
CA GLY F 124 -50.83 25.73 21.16
C GLY F 124 -50.92 24.55 20.22
N GLN F 125 -50.12 24.52 19.16
CA GLN F 125 -50.14 23.39 18.24
C GLN F 125 -48.83 22.64 18.23
N ASP F 126 -48.92 21.40 17.83
CA ASP F 126 -47.78 20.57 17.65
C ASP F 126 -47.15 21.02 16.33
N GLU F 127 -46.04 21.73 16.48
CA GLU F 127 -45.44 22.39 15.36
C GLU F 127 -44.74 21.37 14.44
N THR F 128 -44.18 20.28 15.02
CA THR F 128 -43.60 19.17 14.17
C THR F 128 -44.74 18.63 13.29
N VAL F 129 -45.91 18.35 13.86
CA VAL F 129 -47.06 17.82 13.15
C VAL F 129 -47.54 18.82 12.06
N ALA F 130 -47.61 20.09 12.43
CA ALA F 130 -47.93 21.11 11.45
C ALA F 130 -46.93 21.16 10.30
N GLY F 131 -45.64 21.13 10.60
CA GLY F 131 -44.63 21.12 9.50
C GLY F 131 -44.76 19.89 8.60
N GLN F 132 -44.85 18.72 9.24
CA GLN F 132 -45.06 17.47 8.48
C GLN F 132 -46.28 17.59 7.54
N ALA F 133 -47.39 18.11 8.05
CA ALA F 133 -48.58 18.28 7.20
C ALA F 133 -48.29 19.21 6.01
N ALA F 134 -47.62 20.29 6.31
CA ALA F 134 -47.25 21.27 5.23
C ALA F 134 -46.39 20.61 4.18
N GLY F 135 -45.41 19.81 4.57
CA GLY F 135 -44.58 19.19 3.56
C GLY F 135 -45.33 18.16 2.74
N ALA F 136 -46.25 17.43 3.34
CA ALA F 136 -47.08 16.46 2.61
C ALA F 136 -48.02 17.18 1.64
N ARG F 137 -48.60 18.28 2.10
CA ARG F 137 -49.51 19.03 1.27
C ARG F 137 -48.73 19.59 0.07
N ALA F 138 -47.55 20.19 0.34
CA ALA F 138 -46.73 20.74 -0.71
C ALA F 138 -46.34 19.66 -1.72
N THR F 139 -46.02 18.44 -1.27
CA THR F 139 -45.79 17.32 -2.18
C THR F 139 -46.97 17.03 -3.13
N SER F 140 -48.16 17.02 -2.52
CA SER F 140 -49.40 16.71 -3.25
C SER F 140 -49.67 17.78 -4.30
N GLU F 141 -49.35 19.03 -4.01
CA GLU F 141 -49.57 20.14 -4.90
C GLU F 141 -48.48 20.24 -5.99
N GLY F 142 -47.50 19.29 -6.00
CA GLY F 142 -46.59 19.11 -7.14
C GLY F 142 -45.36 20.00 -7.10
N PHE F 143 -45.08 20.60 -5.92
CA PHE F 143 -43.91 21.46 -5.78
C PHE F 143 -42.67 20.56 -5.63
N LYS F 144 -41.58 21.07 -6.15
CA LYS F 144 -40.34 20.31 -6.28
C LYS F 144 -39.16 20.77 -5.41
N HIS F 145 -39.26 22.01 -4.94
CA HIS F 145 -38.17 22.65 -4.23
C HIS F 145 -38.70 23.77 -3.34
N VAL F 146 -38.76 23.45 -2.04
CA VAL F 146 -39.22 24.38 -1.03
C VAL F 146 -38.08 25.14 -0.40
N LEU F 147 -38.38 26.42 -0.18
CA LEU F 147 -37.60 27.36 0.59
C LEU F 147 -38.37 27.68 1.86
N CYS F 148 -37.84 27.26 3.00
N CYS F 148 -37.84 27.24 3.01
CA CYS F 148 -38.44 27.64 4.25
CA CYS F 148 -38.43 27.53 4.33
C CYS F 148 -37.73 28.76 4.87
C CYS F 148 -37.74 28.73 4.93
N VAL F 149 -38.47 29.80 5.23
CA VAL F 149 -37.88 31.02 5.70
C VAL F 149 -38.18 31.16 7.18
N LEU F 150 -37.14 31.38 7.96
CA LEU F 150 -37.31 31.49 9.44
C LEU F 150 -36.85 32.85 9.86
N GLN F 151 -37.65 33.54 10.66
CA GLN F 151 -37.41 34.93 10.97
C GLN F 151 -36.69 35.18 12.29
N ALA F 152 -36.25 34.10 12.92
CA ALA F 152 -35.42 34.16 14.05
C ALA F 152 -34.65 32.82 14.17
N GLN F 153 -33.50 32.84 14.88
CA GLN F 153 -32.73 31.67 15.22
C GLN F 153 -32.94 31.25 16.64
N GLY F 154 -32.79 29.98 16.86
CA GLY F 154 -32.86 29.43 18.22
C GLY F 154 -34.27 29.50 18.82
N GLN F 155 -35.29 29.34 17.98
CA GLN F 155 -36.66 29.31 18.48
C GLN F 155 -37.26 27.91 18.18
N VAL F 156 -37.53 27.18 19.25
CA VAL F 156 -37.90 25.77 19.11
C VAL F 156 -39.13 25.58 18.19
N GLN F 157 -40.11 26.47 18.32
CA GLN F 157 -41.33 26.38 17.58
C GLN F 157 -41.14 26.59 16.05
N LEU F 158 -40.18 27.41 15.67
CA LEU F 158 -39.92 27.63 14.26
C LEU F 158 -39.10 26.48 13.72
N GLU F 159 -38.12 26.05 14.53
CA GLU F 159 -37.29 24.94 14.11
C GLU F 159 -38.09 23.67 13.91
N SER F 160 -39.06 23.43 14.82
CA SER F 160 -39.96 22.25 14.66
C SER F 160 -40.76 22.26 13.38
N ARG F 161 -41.26 23.45 13.02
CA ARG F 161 -42.00 23.53 11.76
C ARG F 161 -41.12 23.17 10.59
N CYS F 162 -39.99 23.86 10.54
N CYS F 162 -39.96 23.79 10.45
CA CYS F 162 -39.02 23.68 9.47
CA CYS F 162 -39.19 23.50 9.25
C CYS F 162 -38.62 22.21 9.33
C CYS F 162 -38.65 22.08 9.29
N ASN F 163 -38.25 21.59 10.46
CA ASN F 163 -37.83 20.19 10.51
C ASN F 163 -38.94 19.24 10.06
N GLY F 164 -40.19 19.49 10.39
CA GLY F 164 -41.27 18.69 9.98
C GLY F 164 -41.52 18.78 8.45
N VAL F 165 -41.39 19.97 7.91
CA VAL F 165 -41.57 20.15 6.44
C VAL F 165 -40.54 19.26 5.76
N GLN F 166 -39.29 19.40 6.20
CA GLN F 166 -38.21 18.61 5.55
C GLN F 166 -38.48 17.12 5.62
N GLN F 167 -39.02 16.67 6.72
CA GLN F 167 -39.26 15.24 6.86
C GLN F 167 -40.18 14.71 5.78
N THR F 168 -41.23 15.46 5.44
CA THR F 168 -42.25 14.88 4.61
C THR F 168 -42.27 15.35 3.16
N PHE F 169 -41.62 16.49 2.91
CA PHE F 169 -41.57 17.02 1.56
C PHE F 169 -40.70 16.16 0.67
N LYS F 170 -41.30 15.65 -0.39
CA LYS F 170 -40.60 14.74 -1.30
C LYS F 170 -40.02 15.60 -2.40
N GLY F 171 -39.02 16.39 -2.07
CA GLY F 171 -38.38 17.26 -3.04
C GLY F 171 -37.19 17.93 -2.38
N GLN F 172 -36.58 18.86 -3.08
CA GLN F 172 -35.45 19.55 -2.49
C GLN F 172 -35.88 20.53 -1.42
N TYR F 173 -35.02 20.74 -0.46
CA TYR F 173 -35.36 21.55 0.70
C TYR F 173 -34.25 22.51 0.99
N THR F 174 -34.58 23.78 1.03
CA THR F 174 -33.61 24.83 1.47
C THR F 174 -34.15 25.65 2.62
N LYS F 175 -33.30 26.00 3.56
CA LYS F 175 -33.70 26.76 4.72
C LYS F 175 -33.02 28.13 4.60
N LEU F 176 -33.70 29.23 4.93
CA LEU F 176 -33.13 30.56 4.94
C LEU F 176 -33.56 31.34 6.20
N TYR F 177 -32.57 31.82 6.99
CA TYR F 177 -32.79 32.69 8.15
C TYR F 177 -32.79 34.06 7.68
N VAL F 178 -33.79 34.81 8.17
CA VAL F 178 -33.95 36.24 7.90
C VAL F 178 -34.11 36.96 9.23
N ASN F 179 -33.71 38.24 9.25
CA ASN F 179 -33.86 39.06 10.52
C ASN F 179 -35.22 39.72 10.52
N GLY F 180 -36.17 39.07 11.17
CA GLY F 180 -37.54 39.61 11.24
C GLY F 180 -37.67 41.04 11.78
N ALA F 181 -36.75 41.46 12.64
CA ALA F 181 -36.73 42.86 13.14
C ALA F 181 -36.36 43.90 12.05
N ASP F 182 -35.98 43.43 10.87
CA ASP F 182 -35.46 44.27 9.76
C ASP F 182 -36.13 43.86 8.48
N GLN F 183 -37.38 44.31 8.32
CA GLN F 183 -38.24 43.90 7.23
C GLN F 183 -37.66 44.19 5.84
N PRO F 184 -37.00 45.33 5.64
CA PRO F 184 -36.34 45.54 4.33
C PRO F 184 -35.29 44.43 3.97
N SER F 185 -34.46 44.05 4.94
N SER F 185 -34.46 44.06 4.95
CA SER F 185 -33.52 42.93 4.76
CA SER F 185 -33.52 42.94 4.78
C SER F 185 -34.21 41.61 4.39
C SER F 185 -34.19 41.62 4.42
N VAL F 186 -35.37 41.37 5.01
CA VAL F 186 -36.12 40.15 4.79
C VAL F 186 -36.48 40.10 3.29
N ARG F 187 -37.09 41.18 2.84
CA ARG F 187 -37.49 41.20 1.46
C ARG F 187 -36.28 40.98 0.50
N THR F 188 -35.21 41.80 0.70
CA THR F 188 -34.11 41.74 -0.19
C THR F 188 -33.38 40.39 -0.14
N THR F 189 -33.32 39.75 1.05
CA THR F 189 -32.60 38.48 1.14
C THR F 189 -33.43 37.33 0.46
N ILE F 190 -34.74 37.30 0.66
CA ILE F 190 -35.59 36.33 -0.05
C ILE F 190 -35.46 36.52 -1.54
N ALA F 191 -35.61 37.75 -2.00
CA ALA F 191 -35.54 38.05 -3.43
C ALA F 191 -34.18 37.54 -4.02
N ALA F 192 -33.03 37.80 -3.37
CA ALA F 192 -31.74 37.27 -3.89
C ALA F 192 -31.70 35.77 -3.95
N LYS F 193 -32.19 35.11 -2.88
CA LYS F 193 -32.19 33.71 -2.87
C LYS F 193 -32.97 33.10 -4.06
N LEU F 194 -34.14 33.63 -4.31
CA LEU F 194 -34.96 33.19 -5.40
C LEU F 194 -34.33 33.44 -6.77
N LYS F 195 -33.63 34.56 -6.90
CA LYS F 195 -32.99 34.84 -8.16
C LYS F 195 -31.81 33.90 -8.39
N GLN F 196 -31.09 33.64 -7.33
CA GLN F 196 -29.99 32.72 -7.38
C GLN F 196 -30.39 31.27 -7.62
N ASP F 197 -31.61 30.89 -7.26
CA ASP F 197 -32.03 29.52 -7.55
C ASP F 197 -33.45 29.51 -8.08
N PRO F 198 -33.60 29.67 -9.43
CA PRO F 198 -34.91 29.68 -10.04
C PRO F 198 -35.69 28.38 -9.88
N SER F 199 -35.05 27.28 -9.45
CA SER F 199 -35.77 26.04 -9.21
C SER F 199 -36.63 26.09 -7.96
N ILE F 200 -36.34 27.01 -7.03
CA ILE F 200 -37.23 27.11 -5.86
C ILE F 200 -38.64 27.44 -6.36
N ASP F 201 -39.61 26.59 -6.00
CA ASP F 201 -40.98 26.76 -6.48
C ASP F 201 -42.05 26.97 -5.42
N LEU F 202 -41.69 26.89 -4.13
CA LEU F 202 -42.62 27.22 -3.06
C LEU F 202 -41.83 27.82 -1.90
N VAL F 203 -42.18 29.03 -1.47
CA VAL F 203 -41.62 29.65 -0.24
C VAL F 203 -42.61 29.35 0.88
N ILE F 204 -42.19 28.70 1.98
CA ILE F 204 -43.05 28.56 3.16
C ILE F 204 -42.57 29.55 4.21
N THR F 205 -43.39 30.51 4.57
CA THR F 205 -43.09 31.42 5.62
C THR F 205 -43.71 30.97 6.93
N LEU F 206 -43.13 31.35 8.02
CA LEU F 206 -43.55 30.95 9.36
C LEU F 206 -44.32 32.00 10.12
N GLY F 207 -44.61 33.11 9.44
CA GLY F 207 -45.53 34.13 9.94
C GLY F 207 -46.13 34.91 8.82
N ALA F 208 -47.31 35.47 9.04
CA ALA F 208 -48.02 36.21 8.05
C ALA F 208 -47.38 37.49 7.62
N PRO F 209 -46.86 38.32 8.56
CA PRO F 209 -46.06 39.51 8.10
C PRO F 209 -44.94 39.12 7.15
N ILE F 210 -44.20 38.02 7.43
CA ILE F 210 -43.14 37.56 6.56
C ILE F 210 -43.69 37.13 5.22
N ALA F 211 -44.84 36.48 5.22
CA ALA F 211 -45.47 36.12 3.96
C ALA F 211 -45.70 37.35 3.02
N GLN F 212 -46.02 38.50 3.62
CA GLN F 212 -46.31 39.75 2.84
C GLN F 212 -44.98 40.09 2.13
N LEU F 213 -43.85 40.00 2.87
CA LEU F 213 -42.53 40.29 2.31
C LEU F 213 -42.10 39.30 1.21
N ALA F 214 -42.49 38.04 1.35
CA ALA F 214 -42.17 37.03 0.40
C ALA F 214 -42.96 37.26 -0.87
N ILE F 215 -44.18 37.76 -0.74
CA ILE F 215 -45.05 38.05 -1.89
C ILE F 215 -44.34 39.11 -2.70
N GLN F 216 -43.83 40.15 -2.01
N GLN F 216 -43.81 40.15 -2.07
CA GLN F 216 -43.06 41.26 -2.61
CA GLN F 216 -43.11 41.18 -2.86
C GLN F 216 -41.78 40.71 -3.27
C GLN F 216 -41.79 40.63 -3.37
N ALA F 217 -41.07 39.84 -2.57
CA ALA F 217 -39.83 39.28 -3.06
C ALA F 217 -39.94 38.45 -4.31
N VAL F 218 -41.02 37.64 -4.41
CA VAL F 218 -41.18 36.80 -5.59
C VAL F 218 -41.32 37.71 -6.84
N LYS F 219 -42.09 38.79 -6.69
CA LYS F 219 -42.25 39.73 -7.79
C LYS F 219 -40.94 40.39 -8.11
N ASP F 220 -40.17 40.79 -7.08
CA ASP F 220 -38.86 41.45 -7.29
C ASP F 220 -37.91 40.59 -8.09
N ALA F 221 -37.94 39.29 -7.85
CA ALA F 221 -37.00 38.35 -8.41
C ALA F 221 -37.53 37.87 -9.78
N GLY F 222 -38.78 38.17 -10.08
CA GLY F 222 -39.47 37.57 -11.28
C GLY F 222 -39.57 36.07 -11.20
N SER F 223 -39.61 35.59 -9.97
CA SER F 223 -39.62 34.15 -9.71
C SER F 223 -40.92 33.47 -10.05
N ASN F 224 -40.81 32.19 -10.31
CA ASN F 224 -41.99 31.29 -10.50
C ASN F 224 -42.50 30.72 -9.16
N ALA F 225 -41.88 31.05 -8.00
CA ALA F 225 -42.26 30.49 -6.77
C ALA F 225 -43.66 30.92 -6.29
N LYS F 226 -44.35 29.95 -5.65
CA LYS F 226 -45.60 30.22 -4.97
C LYS F 226 -45.25 30.48 -3.50
N ILE F 227 -46.19 30.95 -2.76
CA ILE F 227 -45.99 31.24 -1.32
C ILE F 227 -47.10 30.61 -0.51
N ALA F 228 -46.74 30.02 0.62
CA ALA F 228 -47.69 29.46 1.58
C ALA F 228 -47.23 29.90 2.95
N THR F 229 -48.10 29.99 3.93
CA THR F 229 -47.68 30.55 5.21
C THR F 229 -48.31 29.85 6.44
N PHE F 230 -47.66 30.01 7.60
CA PHE F 230 -48.33 29.87 8.87
C PHE F 230 -48.98 31.20 9.24
N ASP F 231 -50.23 31.12 9.76
CA ASP F 231 -51.00 32.18 10.39
C ASP F 231 -51.75 33.04 9.44
N PHE F 232 -52.83 33.63 9.97
CA PHE F 232 -53.43 34.79 9.37
C PHE F 232 -52.91 36.09 9.92
N ASN F 233 -52.97 37.11 9.05
CA ASN F 233 -53.03 38.52 9.51
C ASN F 233 -54.20 39.12 8.72
N THR F 234 -54.39 40.44 8.73
CA THR F 234 -55.61 41.00 8.14
C THR F 234 -55.66 40.87 6.60
N GLN F 235 -54.51 40.64 5.99
CA GLN F 235 -54.31 40.63 4.54
CA GLN F 235 -54.44 40.59 4.51
C GLN F 235 -54.45 39.16 3.96
N VAL F 236 -54.22 38.17 4.81
CA VAL F 236 -54.17 36.81 4.35
C VAL F 236 -55.45 36.31 3.60
N PRO F 237 -56.67 36.61 4.11
CA PRO F 237 -57.84 36.16 3.39
C PRO F 237 -57.91 36.60 1.90
N ALA F 238 -57.68 37.89 1.70
CA ALA F 238 -57.62 38.39 0.32
C ALA F 238 -56.54 37.70 -0.49
N GLU F 239 -55.41 37.44 0.15
CA GLU F 239 -54.32 36.76 -0.56
C GLU F 239 -54.59 35.32 -0.90
N ILE F 240 -55.35 34.60 -0.08
CA ILE F 240 -55.79 33.23 -0.43
C ILE F 240 -56.76 33.39 -1.55
N GLU F 241 -57.67 34.38 -1.47
CA GLU F 241 -58.75 34.45 -2.45
C GLU F 241 -58.25 34.80 -3.84
N ASN F 242 -57.25 35.67 -3.94
CA ASN F 242 -56.64 36.03 -5.27
C ASN F 242 -55.46 35.13 -5.72
N GLY F 243 -55.14 34.14 -4.92
CA GLY F 243 -54.08 33.26 -5.22
C GLY F 243 -52.64 33.75 -4.97
N GLN F 244 -52.44 34.88 -4.33
CA GLN F 244 -51.12 35.21 -3.85
C GLN F 244 -50.55 34.21 -2.83
N LEU F 245 -51.44 33.62 -2.01
CA LEU F 245 -51.01 32.57 -1.02
C LEU F 245 -51.71 31.29 -1.35
N GLN F 246 -51.05 30.17 -1.26
CA GLN F 246 -51.68 28.87 -1.58
C GLN F 246 -52.60 28.45 -0.47
N TRP F 247 -52.13 28.69 0.76
CA TRP F 247 -52.88 28.30 1.96
C TRP F 247 -52.21 28.91 3.15
N ALA F 248 -52.92 28.90 4.29
CA ALA F 248 -52.39 29.37 5.56
C ALA F 248 -52.74 28.37 6.64
N ILE F 249 -51.81 28.12 7.54
CA ILE F 249 -52.04 27.21 8.68
C ILE F 249 -52.46 28.01 9.92
N ASP F 250 -53.69 27.75 10.44
CA ASP F 250 -54.24 28.39 11.66
C ASP F 250 -53.86 27.65 12.86
N GLN F 251 -53.25 28.37 13.80
CA GLN F 251 -52.98 27.95 15.15
C GLN F 251 -53.87 28.57 16.18
N GLN F 252 -54.73 29.48 15.75
CA GLN F 252 -55.73 30.11 16.59
C GLN F 252 -55.08 30.92 17.74
N PRO F 253 -54.30 31.97 17.44
CA PRO F 253 -53.74 32.82 18.47
C PRO F 253 -54.78 33.38 19.46
N TYR F 254 -55.96 33.72 18.99
CA TYR F 254 -56.96 34.28 19.91
C TYR F 254 -57.25 33.24 21.00
N VAL F 255 -57.37 31.97 20.61
CA VAL F 255 -57.63 30.86 21.55
C VAL F 255 -56.47 30.66 22.51
N GLU F 256 -55.23 30.77 21.99
CA GLU F 256 -54.09 30.63 22.81
C GLU F 256 -54.08 31.69 23.94
N GLY F 257 -54.22 32.95 23.53
CA GLY F 257 -54.20 34.09 24.45
C GLY F 257 -55.35 33.97 25.43
N TYR F 258 -56.52 33.74 24.86
CA TYR F 258 -57.76 33.56 25.65
C TYR F 258 -57.62 32.49 26.74
N GLU F 259 -57.18 31.28 26.32
CA GLU F 259 -57.13 30.15 27.26
C GLU F 259 -56.01 30.27 28.21
N ALA F 260 -54.90 30.95 27.81
CA ALA F 260 -53.81 31.09 28.82
C ALA F 260 -54.34 31.93 30.03
N VAL F 261 -55.20 32.93 29.78
CA VAL F 261 -55.82 33.66 30.87
C VAL F 261 -56.95 32.91 31.57
N ASP F 262 -57.88 32.42 30.77
CA ASP F 262 -59.10 31.80 31.36
C ASP F 262 -58.74 30.52 32.12
N SER F 263 -57.73 29.75 31.64
CA SER F 263 -57.29 28.57 32.37
C SER F 263 -56.71 28.92 33.75
N LEU F 264 -55.95 30.01 33.85
CA LEU F 264 -55.48 30.50 35.12
C LEU F 264 -56.62 30.92 36.04
N TRP F 265 -57.65 31.53 35.43
CA TRP F 265 -58.81 31.85 36.24
C TRP F 265 -59.46 30.57 36.80
N LEU F 266 -59.61 29.56 35.95
CA LEU F 266 -60.20 28.30 36.38
C LEU F 266 -59.35 27.66 37.49
N TYR F 267 -58.04 27.69 37.34
CA TYR F 267 -57.17 27.11 38.33
C TYR F 267 -57.22 27.86 39.66
N ILE F 268 -57.15 29.17 39.61
CA ILE F 268 -57.04 29.96 40.85
C ILE F 268 -58.38 29.89 41.60
N THR F 269 -59.45 29.99 40.85
CA THR F 269 -60.79 30.05 41.52
C THR F 269 -61.34 28.68 41.91
N ASN F 270 -61.03 27.62 41.15
CA ASN F 270 -61.66 26.32 41.41
C ASN F 270 -60.69 25.15 41.36
N GLY F 271 -59.36 25.41 41.26
CA GLY F 271 -58.41 24.34 41.24
C GLY F 271 -58.36 23.50 39.96
N ASP F 272 -59.03 23.96 38.92
CA ASP F 272 -59.18 23.14 37.69
C ASP F 272 -58.01 23.30 36.72
N THR F 273 -57.85 22.26 35.91
N THR F 273 -57.74 22.23 35.99
CA THR F 273 -56.94 22.31 34.78
CA THR F 273 -56.90 22.29 34.79
C THR F 273 -57.64 21.70 33.57
C THR F 273 -57.70 21.82 33.59
N ILE F 274 -57.06 21.98 32.41
CA ILE F 274 -57.59 21.50 31.17
C ILE F 274 -56.45 20.74 30.50
N GLY F 275 -56.77 19.58 29.89
CA GLY F 275 -55.82 18.82 29.11
C GLY F 275 -55.49 17.43 29.61
N GLY F 276 -55.92 17.08 30.82
CA GLY F 276 -55.57 15.76 31.32
C GLY F 276 -54.09 15.51 31.48
N GLY F 277 -53.30 16.56 31.76
CA GLY F 277 -51.86 16.46 31.89
C GLY F 277 -51.06 16.61 30.63
N GLU F 278 -51.74 16.81 29.53
CA GLU F 278 -51.10 17.04 28.22
C GLU F 278 -51.53 18.36 27.62
N ALA F 279 -50.79 18.80 26.61
CA ALA F 279 -51.17 20.01 25.90
C ALA F 279 -52.54 20.00 25.39
N VAL F 280 -53.09 21.21 25.38
CA VAL F 280 -54.39 21.49 24.73
C VAL F 280 -54.11 22.14 23.37
N LYS F 281 -54.50 21.42 22.33
CA LYS F 281 -54.23 21.76 20.94
C LYS F 281 -55.19 22.82 20.44
N THR F 282 -54.59 23.78 19.68
CA THR F 282 -55.36 24.86 19.07
C THR F 282 -55.19 24.85 17.54
N GLY F 283 -54.49 23.85 17.05
CA GLY F 283 -54.17 23.75 15.63
C GLY F 283 -53.40 22.47 15.43
N PRO F 284 -52.97 22.17 14.21
CA PRO F 284 -53.09 22.99 13.03
C PRO F 284 -54.39 22.76 12.27
N PHE F 285 -54.80 23.77 11.53
CA PHE F 285 -55.89 23.68 10.57
C PHE F 285 -55.48 24.44 9.30
N PHE F 286 -55.70 23.87 8.12
CA PHE F 286 -55.35 24.46 6.87
C PHE F 286 -56.46 25.23 6.26
N VAL F 287 -56.21 26.48 5.93
CA VAL F 287 -57.21 27.31 5.27
C VAL F 287 -56.74 27.61 3.84
N ASP F 288 -57.69 27.50 2.92
CA ASP F 288 -57.48 27.65 1.51
C ASP F 288 -58.74 28.27 0.90
N LYS F 289 -58.80 28.32 -0.44
CA LYS F 289 -59.97 28.93 -1.07
C LYS F 289 -61.30 28.28 -0.68
N SER F 290 -61.26 27.00 -0.31
CA SER F 290 -62.52 26.29 0.05
C SER F 290 -63.14 26.63 1.40
N ASN F 291 -62.38 27.24 2.31
CA ASN F 291 -62.88 27.52 3.63
C ASN F 291 -62.45 28.88 4.20
N VAL F 292 -61.85 29.73 3.38
CA VAL F 292 -61.38 31.00 3.87
C VAL F 292 -62.55 31.93 4.15
N ALA F 293 -63.65 31.75 3.41
CA ALA F 293 -64.73 32.75 3.65
C ALA F 293 -65.23 32.78 5.10
N ALA F 294 -65.20 31.66 5.81
CA ALA F 294 -65.63 31.53 7.19
C ALA F 294 -64.74 32.30 8.14
N VAL F 295 -63.51 32.62 7.75
CA VAL F 295 -62.63 33.33 8.67
C VAL F 295 -62.32 34.76 8.23
N ALA F 296 -62.69 35.14 6.99
CA ALA F 296 -62.22 36.43 6.46
C ALA F 296 -62.54 37.65 7.33
N LYS F 297 -63.79 37.76 7.75
CA LYS F 297 -64.16 38.95 8.51
C LYS F 297 -63.44 39.02 9.84
N PHE F 298 -63.17 37.88 10.43
CA PHE F 298 -62.53 37.88 11.72
C PHE F 298 -61.07 38.21 11.60
N ALA F 299 -60.42 37.60 10.61
CA ALA F 299 -59.01 37.91 10.29
C ALA F 299 -58.83 39.39 9.96
N GLU F 300 -59.74 39.96 9.16
CA GLU F 300 -59.74 41.39 8.86
C GLU F 300 -59.87 42.30 10.03
N ARG F 301 -60.58 41.84 11.08
CA ARG F 301 -60.72 42.61 12.31
C ARG F 301 -59.64 42.32 13.34
N GLY F 302 -58.68 41.46 12.97
CA GLY F 302 -57.55 41.16 13.83
C GLY F 302 -57.86 40.18 14.95
N THR F 303 -58.95 39.42 14.90
CA THR F 303 -59.24 38.46 15.97
C THR F 303 -59.05 37.01 15.58
N ARG F 304 -58.53 36.76 14.40
CA ARG F 304 -58.14 35.47 13.88
C ARG F 304 -56.83 35.51 13.12
N PRO G 19 6.66 -50.83 26.94
CA PRO G 19 7.75 -50.42 27.85
C PRO G 19 9.03 -50.04 27.08
N HIS G 20 9.40 -48.76 27.14
CA HIS G 20 10.49 -48.17 26.33
C HIS G 20 11.86 -48.85 26.42
N LEU G 21 12.39 -49.16 25.24
CA LEU G 21 13.67 -49.76 25.16
C LEU G 21 14.52 -49.02 24.16
N THR G 22 15.81 -49.17 24.39
CA THR G 22 16.76 -48.63 23.47
C THR G 22 17.55 -49.81 22.88
N ILE G 23 17.55 -49.88 21.54
CA ILE G 23 18.28 -50.90 20.79
C ILE G 23 19.32 -50.23 19.90
N ALA G 24 20.56 -50.65 20.05
CA ALA G 24 21.67 -50.19 19.15
C ALA G 24 21.77 -51.12 17.98
N MET G 25 21.76 -50.54 16.77
CA MET G 25 22.01 -51.21 15.49
C MET G 25 23.37 -50.78 14.97
N ILE G 26 24.30 -51.72 14.81
CA ILE G 26 25.68 -51.39 14.47
C ILE G 26 26.03 -52.17 13.24
N THR G 27 26.30 -51.43 12.19
CA THR G 27 26.64 -52.10 10.94
C THR G 27 27.93 -51.65 10.30
N HIS G 28 28.23 -52.30 9.18
CA HIS G 28 29.46 -52.00 8.43
C HIS G 28 29.22 -51.10 7.18
N GLN G 29 28.03 -50.54 7.13
CA GLN G 29 27.60 -49.64 6.04
C GLN G 29 28.65 -48.63 5.62
N GLN G 30 28.97 -48.66 4.34
CA GLN G 30 29.70 -47.53 3.67
C GLN G 30 28.71 -46.41 3.47
N PRO G 31 29.00 -45.18 3.96
CA PRO G 31 28.04 -44.13 3.71
C PRO G 31 27.75 -44.00 2.22
N GLY G 32 26.49 -43.89 1.90
CA GLY G 32 26.12 -43.84 0.52
C GLY G 32 25.64 -45.15 -0.05
N ASP G 33 25.88 -46.29 0.60
CA ASP G 33 25.39 -47.58 0.09
C ASP G 33 23.91 -47.72 0.42
N THR G 34 23.08 -47.58 -0.61
CA THR G 34 21.61 -47.46 -0.43
C THR G 34 20.95 -48.78 0.04
N PHE G 35 21.62 -49.90 -0.06
CA PHE G 35 21.15 -51.13 0.53
C PHE G 35 20.77 -50.95 1.97
N TRP G 36 21.61 -50.24 2.74
CA TRP G 36 21.36 -50.08 4.17
C TRP G 36 20.15 -49.24 4.48
N ASP G 37 19.65 -48.48 3.51
CA ASP G 37 18.44 -47.71 3.72
C ASP G 37 17.25 -48.70 3.79
N ILE G 38 17.31 -49.82 3.08
CA ILE G 38 16.26 -50.79 3.12
C ILE G 38 16.32 -51.51 4.48
N ILE G 39 17.50 -51.91 4.93
CA ILE G 39 17.71 -52.42 6.27
C ILE G 39 17.08 -51.51 7.33
N ARG G 40 17.36 -50.24 7.22
CA ARG G 40 16.88 -49.28 8.22
C ARG G 40 15.39 -49.06 8.21
N LYS G 41 14.81 -49.07 7.04
CA LYS G 41 13.35 -48.99 6.92
C LYS G 41 12.74 -50.16 7.69
N GLY G 42 13.25 -51.38 7.52
CA GLY G 42 12.73 -52.48 8.33
C GLY G 42 12.91 -52.34 9.81
N ALA G 43 14.10 -51.91 10.19
CA ALA G 43 14.42 -51.72 11.63
C ALA G 43 13.54 -50.69 12.28
N LEU G 44 13.27 -49.63 11.52
CA LEU G 44 12.45 -48.50 12.02
C LEU G 44 11.00 -48.94 12.11
N ALA G 45 10.52 -49.76 11.18
CA ALA G 45 9.13 -50.19 11.24
C ALA G 45 8.86 -51.07 12.51
N ALA G 46 9.82 -51.90 12.85
CA ALA G 46 9.74 -52.68 14.04
C ALA G 46 9.89 -51.77 15.27
N ALA G 47 10.78 -50.80 15.21
CA ALA G 47 11.01 -49.95 16.40
C ALA G 47 9.76 -49.14 16.74
N ALA G 48 9.02 -48.72 15.71
CA ALA G 48 7.87 -47.87 15.91
C ALA G 48 6.80 -48.67 16.61
N LYS G 49 6.64 -49.96 16.24
CA LYS G 49 5.64 -50.79 16.87
C LYS G 49 6.01 -51.23 18.28
N ASP G 50 7.31 -51.28 18.56
CA ASP G 50 7.87 -51.88 19.74
C ASP G 50 8.27 -50.90 20.85
N ASN G 51 7.93 -49.63 20.66
CA ASN G 51 8.36 -48.62 21.61
C ASN G 51 9.89 -48.64 21.82
N VAL G 52 10.64 -48.71 20.70
CA VAL G 52 12.07 -48.72 20.77
C VAL G 52 12.65 -47.48 20.20
N THR G 53 13.63 -46.92 20.94
CA THR G 53 14.54 -45.96 20.33
C THR G 53 15.66 -46.72 19.61
N LEU G 54 15.70 -46.61 18.30
CA LEU G 54 16.77 -47.28 17.48
C LEU G 54 17.96 -46.31 17.38
N LYS G 55 19.08 -46.79 17.91
CA LYS G 55 20.36 -46.05 17.90
C LYS G 55 21.21 -46.69 16.83
N TYR G 56 21.33 -46.05 15.67
CA TYR G 56 21.96 -46.68 14.57
C TYR G 56 23.36 -46.05 14.41
N SER G 57 24.35 -46.91 14.27
CA SER G 57 25.71 -46.46 13.95
C SER G 57 26.33 -47.39 12.91
N ASN G 58 27.36 -46.94 12.21
CA ASN G 58 27.97 -47.72 11.16
C ASN G 58 29.40 -47.24 10.91
N ASP G 59 30.26 -48.15 10.46
CA ASP G 59 31.61 -47.75 10.02
C ASP G 59 32.05 -48.91 9.14
N PRO G 60 32.49 -48.65 7.89
CA PRO G 60 33.02 -49.68 7.03
C PRO G 60 34.43 -50.16 7.42
N ASP G 61 35.08 -49.53 8.41
CA ASP G 61 36.33 -50.03 8.99
C ASP G 61 35.99 -50.87 10.19
N SER G 62 36.30 -52.16 10.14
CA SER G 62 35.85 -53.12 11.21
C SER G 62 36.47 -52.78 12.57
N THR G 63 37.66 -52.21 12.58
CA THR G 63 38.28 -51.76 13.84
C THR G 63 37.41 -50.67 14.46
N LYS G 64 36.84 -49.82 13.64
CA LYS G 64 35.97 -48.72 14.12
C LYS G 64 34.59 -49.29 14.46
N GLU G 65 34.10 -50.22 13.62
CA GLU G 65 32.82 -50.86 14.01
C GLU G 65 32.90 -51.49 15.39
N ALA G 66 34.01 -52.10 15.73
CA ALA G 66 34.18 -52.70 17.02
C ALA G 66 34.06 -51.69 18.16
N VAL G 67 34.64 -50.49 17.99
CA VAL G 67 34.53 -49.41 19.00
C VAL G 67 33.06 -48.98 19.15
N LEU G 68 32.30 -49.02 18.06
CA LEU G 68 30.89 -48.65 18.15
C LEU G 68 30.10 -49.63 18.98
N ILE G 69 30.50 -50.89 18.89
CA ILE G 69 29.92 -51.89 19.79
C ILE G 69 30.16 -51.49 21.26
N GLN G 70 31.40 -51.18 21.60
CA GLN G 70 31.68 -50.81 22.95
C GLN G 70 30.98 -49.49 23.31
N ASP G 71 30.88 -48.52 22.39
CA ASP G 71 30.14 -47.31 22.68
C ASP G 71 28.68 -47.63 23.05
N ALA G 72 28.06 -48.61 22.36
CA ALA G 72 26.70 -49.04 22.76
C ALA G 72 26.60 -49.63 24.17
N VAL G 73 27.60 -50.41 24.53
CA VAL G 73 27.70 -51.01 25.86
C VAL G 73 27.87 -49.91 26.87
N ASN G 74 28.75 -48.95 26.57
CA ASN G 74 28.89 -47.82 27.50
C ASN G 74 27.59 -46.99 27.66
N ALA G 75 26.73 -47.02 26.65
CA ALA G 75 25.41 -46.34 26.71
C ALA G 75 24.36 -47.14 27.47
N LYS G 76 24.69 -48.38 27.84
CA LYS G 76 23.80 -49.33 28.56
C LYS G 76 22.51 -49.51 27.80
N VAL G 77 22.61 -49.75 26.47
CA VAL G 77 21.41 -50.06 25.68
C VAL G 77 20.83 -51.36 26.18
N ASP G 78 19.57 -51.57 25.87
CA ASP G 78 18.87 -52.79 26.25
C ASP G 78 19.18 -53.96 25.32
N GLY G 79 19.60 -53.72 24.05
CA GLY G 79 19.92 -54.81 23.15
C GLY G 79 20.83 -54.24 22.10
N ILE G 80 21.60 -55.13 21.47
CA ILE G 80 22.46 -54.76 20.32
C ILE G 80 22.15 -55.68 19.14
N ALA G 81 21.90 -55.09 17.99
CA ALA G 81 21.87 -55.78 16.70
C ALA G 81 23.14 -55.44 15.93
N VAL G 82 23.92 -56.46 15.55
CA VAL G 82 25.24 -56.20 14.97
C VAL G 82 25.44 -57.02 13.68
N THR G 83 26.22 -56.45 12.78
CA THR G 83 26.74 -57.17 11.62
C THR G 83 28.16 -57.65 11.85
N ILE G 84 28.49 -58.80 11.28
CA ILE G 84 29.84 -59.43 11.45
C ILE G 84 30.59 -59.75 10.13
N PRO G 85 30.94 -58.72 9.36
CA PRO G 85 31.66 -58.97 8.10
C PRO G 85 33.14 -59.39 8.29
N ASP G 86 33.70 -59.08 9.46
CA ASP G 86 35.10 -59.34 9.75
C ASP G 86 35.20 -60.00 11.15
N PRO G 87 34.95 -61.30 11.21
CA PRO G 87 34.93 -61.94 12.52
C PRO G 87 36.16 -61.72 13.43
N PRO G 88 37.40 -61.82 12.89
CA PRO G 88 38.54 -61.63 13.82
C PRO G 88 38.60 -60.23 14.47
N ALA G 89 38.12 -59.21 13.76
CA ALA G 89 38.07 -57.82 14.20
C ALA G 89 36.89 -57.44 15.13
N LEU G 90 35.81 -58.23 15.05
CA LEU G 90 34.57 -57.89 15.74
C LEU G 90 34.13 -58.82 16.83
N ILE G 91 34.53 -60.09 16.76
CA ILE G 91 34.03 -61.06 17.80
C ILE G 91 34.50 -60.68 19.24
N PRO G 92 35.76 -60.21 19.38
CA PRO G 92 36.11 -59.87 20.77
C PRO G 92 35.23 -58.80 21.38
N ALA G 93 34.86 -57.75 20.62
CA ALA G 93 33.93 -56.75 21.12
C ALA G 93 32.52 -57.30 21.35
N ILE G 94 32.04 -58.16 20.47
CA ILE G 94 30.69 -58.68 20.66
C ILE G 94 30.66 -59.52 21.97
N LYS G 95 31.73 -60.25 22.19
CA LYS G 95 31.82 -61.10 23.36
C LYS G 95 31.85 -60.19 24.61
N GLN G 96 32.49 -59.03 24.50
CA GLN G 96 32.39 -58.08 25.61
C GLN G 96 30.98 -57.55 25.87
N ALA G 97 30.17 -57.30 24.84
CA ALA G 97 28.79 -56.89 25.11
C ALA G 97 27.97 -57.98 25.84
N VAL G 98 28.12 -59.23 25.35
CA VAL G 98 27.42 -60.40 25.93
C VAL G 98 27.88 -60.53 27.42
N ALA G 99 29.17 -60.35 27.69
CA ALA G 99 29.65 -60.40 29.09
C ALA G 99 29.07 -59.25 29.93
N ALA G 100 28.80 -58.10 29.31
CA ALA G 100 28.17 -56.98 30.01
C ALA G 100 26.68 -57.20 30.32
N GLY G 101 26.08 -58.26 29.80
CA GLY G 101 24.65 -58.55 30.08
C GLY G 101 23.71 -57.95 29.04
N ILE G 102 24.24 -57.51 27.90
CA ILE G 102 23.43 -56.97 26.87
C ILE G 102 23.17 -58.09 25.85
N PRO G 103 21.88 -58.36 25.58
CA PRO G 103 21.55 -59.38 24.59
C PRO G 103 21.96 -58.86 23.18
N VAL G 104 22.52 -59.73 22.37
CA VAL G 104 23.01 -59.43 21.05
C VAL G 104 22.31 -60.34 20.02
N VAL G 105 21.84 -59.77 18.92
CA VAL G 105 21.43 -60.54 17.74
C VAL G 105 22.32 -60.08 16.58
N ALA G 106 22.74 -61.01 15.76
CA ALA G 106 23.57 -60.74 14.59
C ALA G 106 22.72 -60.86 13.34
N PHE G 107 23.10 -60.12 12.32
CA PHE G 107 22.35 -60.11 11.08
C PHE G 107 23.20 -59.66 9.91
N ASN G 108 22.76 -60.05 8.72
CA ASN G 108 23.34 -59.68 7.43
C ASN G 108 24.67 -60.29 7.07
N ALA G 109 25.63 -60.13 7.94
CA ALA G 109 26.92 -60.73 7.69
C ALA G 109 27.40 -61.51 8.87
N GLY G 110 27.96 -62.70 8.65
CA GLY G 110 28.54 -63.44 9.73
C GLY G 110 27.84 -64.75 10.05
N ILE G 111 27.15 -65.36 9.09
CA ILE G 111 26.26 -66.47 9.40
C ILE G 111 27.10 -67.65 9.90
N ASP G 112 28.38 -67.76 9.49
CA ASP G 112 29.17 -68.91 9.97
C ASP G 112 29.85 -68.66 11.32
N GLN G 113 29.73 -67.47 11.87
CA GLN G 113 30.49 -67.06 13.02
C GLN G 113 29.62 -66.49 14.15
N TRP G 114 28.30 -66.29 13.96
CA TRP G 114 27.55 -65.61 14.97
C TRP G 114 27.49 -66.36 16.30
N LYS G 115 27.48 -67.69 16.17
CA LYS G 115 27.31 -68.49 17.39
C LYS G 115 28.48 -68.34 18.35
N GLU G 116 29.68 -68.47 17.79
CA GLU G 116 30.94 -68.21 18.51
C GLU G 116 31.05 -66.81 19.11
N SER G 117 30.30 -65.82 18.61
CA SER G 117 30.30 -64.47 19.20
C SER G 117 29.53 -64.34 20.53
N GLY G 118 28.62 -65.31 20.81
CA GLY G 118 27.64 -65.18 21.92
C GLY G 118 26.29 -64.56 21.54
N ALA G 119 26.16 -64.11 20.30
CA ALA G 119 24.88 -63.61 19.80
C ALA G 119 23.85 -64.71 19.95
N LEU G 120 22.64 -64.27 20.23
CA LEU G 120 21.55 -65.22 20.51
C LEU G 120 20.88 -65.78 19.23
N MET G 121 20.95 -65.08 18.08
CA MET G 121 20.17 -65.34 16.93
C MET G 121 20.89 -64.76 15.76
N TYR G 122 20.53 -65.20 14.57
CA TYR G 122 21.00 -64.63 13.33
C TYR G 122 19.94 -64.51 12.30
N PHE G 123 19.91 -63.41 11.56
CA PHE G 123 18.98 -63.25 10.46
C PHE G 123 19.73 -62.88 9.18
N GLY G 124 19.55 -63.64 8.14
CA GLY G 124 20.22 -63.34 6.87
C GLY G 124 20.18 -64.59 5.99
N GLN G 125 20.90 -64.58 4.87
CA GLN G 125 20.97 -65.74 3.99
C GLN G 125 22.27 -66.46 4.09
N ASP G 126 22.26 -67.77 3.74
CA ASP G 126 23.52 -68.49 3.68
C ASP G 126 24.14 -68.09 2.36
N GLU G 127 25.19 -67.32 2.49
CA GLU G 127 25.74 -66.73 1.33
C GLU G 127 26.54 -67.72 0.44
N THR G 128 27.15 -68.74 1.06
CA THR G 128 27.79 -69.76 0.22
C THR G 128 26.73 -70.51 -0.67
N VAL G 129 25.60 -70.90 -0.05
CA VAL G 129 24.47 -71.50 -0.79
C VAL G 129 23.96 -70.57 -1.85
N ALA G 130 23.88 -69.28 -1.53
CA ALA G 130 23.40 -68.33 -2.50
C ALA G 130 24.42 -68.25 -3.69
N GLY G 131 25.70 -68.20 -3.40
CA GLY G 131 26.68 -68.19 -4.50
C GLY G 131 26.69 -69.46 -5.33
N GLN G 132 26.66 -70.60 -4.66
CA GLN G 132 26.50 -71.93 -5.33
C GLN G 132 25.29 -71.95 -6.28
N ALA G 133 24.17 -71.39 -5.83
CA ALA G 133 23.03 -71.36 -6.66
C ALA G 133 23.22 -70.50 -7.87
N ALA G 134 23.90 -69.38 -7.69
CA ALA G 134 24.23 -68.46 -8.77
C ALA G 134 25.19 -69.14 -9.82
N GLY G 135 26.22 -69.82 -9.33
CA GLY G 135 27.15 -70.52 -10.24
C GLY G 135 26.40 -71.57 -11.05
N ALA G 136 25.46 -72.27 -10.36
CA ALA G 136 24.69 -73.38 -11.01
C ALA G 136 23.81 -72.78 -12.08
N ARG G 137 23.09 -71.72 -11.75
CA ARG G 137 22.26 -71.08 -12.72
C ARG G 137 23.07 -70.50 -13.86
N ALA G 138 24.20 -69.87 -13.54
CA ALA G 138 24.98 -69.32 -14.66
C ALA G 138 25.47 -70.44 -15.63
N THR G 139 25.86 -71.60 -15.08
CA THR G 139 26.20 -72.75 -15.92
C THR G 139 25.00 -73.16 -16.81
N SER G 140 23.82 -73.28 -16.19
CA SER G 140 22.61 -73.72 -16.88
CA SER G 140 22.59 -73.70 -16.86
C SER G 140 22.25 -72.78 -17.99
N GLU G 141 22.54 -71.50 -17.78
CA GLU G 141 22.25 -70.48 -18.73
C GLU G 141 23.31 -70.35 -19.80
N GLY G 142 24.32 -71.21 -19.76
CA GLY G 142 25.28 -71.32 -20.88
C GLY G 142 26.50 -70.41 -20.76
N PHE G 143 26.70 -69.73 -19.64
CA PHE G 143 27.91 -68.90 -19.50
C PHE G 143 29.15 -69.76 -19.27
N LYS G 144 30.22 -69.20 -19.82
CA LYS G 144 31.54 -69.82 -19.88
C LYS G 144 32.67 -69.11 -19.11
N HIS G 145 32.50 -67.82 -18.80
CA HIS G 145 33.49 -67.00 -18.10
C HIS G 145 32.83 -65.88 -17.28
N VAL G 146 32.69 -66.12 -15.96
CA VAL G 146 32.05 -65.15 -15.01
C VAL G 146 33.17 -64.22 -14.48
N LEU G 147 32.81 -62.94 -14.35
CA LEU G 147 33.57 -61.89 -13.63
C LEU G 147 32.71 -61.60 -12.38
N CYS G 148 33.23 -61.89 -11.23
N CYS G 148 33.21 -61.98 -11.19
CA CYS G 148 32.56 -61.53 -10.00
CA CYS G 148 32.60 -61.58 -9.86
C CYS G 148 33.18 -60.27 -9.44
C CYS G 148 33.20 -60.26 -9.40
N VAL G 149 32.36 -59.23 -9.15
CA VAL G 149 32.86 -57.94 -8.79
C VAL G 149 32.54 -57.70 -7.34
N LEU G 150 33.60 -57.48 -6.55
CA LEU G 150 33.48 -57.34 -5.05
C LEU G 150 33.79 -55.91 -4.65
N GLN G 151 32.88 -55.24 -3.95
CA GLN G 151 33.04 -53.84 -3.70
C GLN G 151 33.78 -53.53 -2.42
N ALA G 152 34.30 -54.54 -1.75
CA ALA G 152 35.16 -54.43 -0.57
C ALA G 152 35.96 -55.71 -0.41
N GLN G 153 37.16 -55.62 0.21
CA GLN G 153 37.97 -56.76 0.58
C GLN G 153 37.77 -57.11 2.06
N GLY G 154 38.02 -58.39 2.36
CA GLY G 154 37.94 -58.93 3.70
C GLY G 154 36.54 -58.93 4.29
N GLN G 155 35.50 -59.14 3.47
CA GLN G 155 34.17 -59.24 4.02
C GLN G 155 33.64 -60.64 3.80
N VAL G 156 33.48 -61.38 4.93
CA VAL G 156 33.14 -62.81 4.80
C VAL G 156 31.89 -63.07 3.99
N GLN G 157 30.88 -62.21 4.08
CA GLN G 157 29.65 -62.44 3.36
C GLN G 157 29.84 -62.30 1.83
N LEU G 158 30.70 -61.36 1.41
CA LEU G 158 30.99 -61.19 0.01
C LEU G 158 31.88 -62.31 -0.49
N GLU G 159 32.87 -62.66 0.29
CA GLU G 159 33.82 -63.79 -0.07
C GLU G 159 33.04 -65.08 -0.18
N SER G 160 32.05 -65.27 0.70
CA SER G 160 31.27 -66.53 0.64
C SER G 160 30.50 -66.60 -0.66
N ARG G 161 29.96 -65.49 -1.13
CA ARG G 161 29.23 -65.46 -2.39
C ARG G 161 30.10 -65.89 -3.51
N CYS G 162 31.27 -65.28 -3.63
N CYS G 162 31.28 -65.29 -3.63
CA CYS G 162 32.12 -65.53 -4.79
CA CYS G 162 32.09 -65.58 -4.81
C CYS G 162 32.68 -66.95 -4.73
C CYS G 162 32.69 -66.96 -4.73
N ASN G 163 33.09 -67.41 -3.54
CA ASN G 163 33.60 -68.77 -3.41
C ASN G 163 32.54 -69.78 -3.81
N GLY G 164 31.28 -69.52 -3.48
CA GLY G 164 30.26 -70.41 -3.90
C GLY G 164 30.01 -70.39 -5.42
N VAL G 165 30.06 -69.21 -6.06
CA VAL G 165 29.94 -69.10 -7.49
C VAL G 165 31.04 -70.00 -8.14
N GLN G 166 32.25 -69.88 -7.63
CA GLN G 166 33.35 -70.61 -8.24
C GLN G 166 33.22 -72.10 -8.07
N GLN G 167 32.70 -72.55 -6.92
CA GLN G 167 32.41 -73.94 -6.71
C GLN G 167 31.52 -74.62 -7.76
N THR G 168 30.45 -73.97 -8.18
CA THR G 168 29.49 -74.59 -9.04
C THR G 168 29.50 -74.14 -10.49
N PHE G 169 30.20 -73.05 -10.78
CA PHE G 169 30.25 -72.56 -12.12
C PHE G 169 31.22 -73.42 -12.94
N LYS G 170 30.72 -74.09 -13.99
CA LYS G 170 31.56 -74.93 -14.87
C LYS G 170 32.14 -74.13 -15.97
N GLY G 171 33.09 -73.29 -15.55
CA GLY G 171 33.68 -72.30 -16.42
C GLY G 171 34.76 -71.52 -15.70
N GLN G 172 35.32 -70.56 -16.45
CA GLN G 172 36.36 -69.65 -15.99
CA GLN G 172 36.35 -69.73 -15.90
C GLN G 172 35.77 -68.68 -14.97
N TYR G 173 36.54 -68.42 -13.93
CA TYR G 173 36.13 -67.54 -12.82
C TYR G 173 37.19 -66.52 -12.58
N THR G 174 36.78 -65.23 -12.66
CA THR G 174 37.67 -64.13 -12.45
C THR G 174 37.03 -63.23 -11.42
N LYS G 175 37.82 -62.80 -10.45
CA LYS G 175 37.43 -61.89 -9.38
C LYS G 175 37.99 -60.50 -9.69
N LEU G 176 37.20 -59.43 -9.49
CA LEU G 176 37.67 -58.10 -9.55
C LEU G 176 37.22 -57.35 -8.32
N TYR G 177 38.15 -56.86 -7.52
CA TYR G 177 37.90 -55.98 -6.37
C TYR G 177 37.84 -54.54 -6.86
N VAL G 178 36.79 -53.81 -6.49
CA VAL G 178 36.60 -52.39 -6.81
C VAL G 178 36.31 -51.66 -5.52
N ASN G 179 36.60 -50.36 -5.54
CA ASN G 179 36.33 -49.58 -4.37
C ASN G 179 34.95 -49.05 -4.49
N GLY G 180 33.99 -49.73 -3.83
CA GLY G 180 32.56 -49.40 -4.00
C GLY G 180 32.18 -47.96 -3.78
N ALA G 181 32.88 -47.29 -2.87
CA ALA G 181 32.59 -45.95 -2.49
C ALA G 181 32.95 -44.93 -3.59
N ASP G 182 33.75 -45.34 -4.60
CA ASP G 182 34.27 -44.48 -5.64
C ASP G 182 33.62 -44.90 -6.97
N GLN G 183 32.45 -44.35 -7.30
CA GLN G 183 31.64 -44.82 -8.37
C GLN G 183 32.30 -44.65 -9.77
N PRO G 184 32.92 -43.49 -10.04
CA PRO G 184 33.67 -43.45 -11.28
C PRO G 184 34.77 -44.50 -11.38
N SER G 185 35.51 -44.77 -10.29
CA SER G 185 36.48 -45.85 -10.33
C SER G 185 35.91 -47.26 -10.59
N VAL G 186 34.73 -47.57 -10.02
CA VAL G 186 34.12 -48.83 -10.21
C VAL G 186 33.79 -49.05 -11.67
N ARG G 187 33.20 -48.01 -12.28
CA ARG G 187 32.86 -48.04 -13.72
C ARG G 187 34.04 -48.26 -14.64
N THR G 188 35.01 -47.41 -14.46
CA THR G 188 36.19 -47.52 -15.32
C THR G 188 36.96 -48.81 -15.11
N THR G 189 37.01 -49.30 -13.88
CA THR G 189 37.73 -50.55 -13.61
C THR G 189 37.01 -51.75 -14.24
N ILE G 190 35.67 -51.79 -14.17
CA ILE G 190 34.98 -52.87 -14.78
C ILE G 190 35.11 -52.80 -16.28
N ALA G 191 34.92 -51.62 -16.83
CA ALA G 191 35.00 -51.48 -18.30
C ALA G 191 36.34 -51.94 -18.87
N ALA G 192 37.41 -51.53 -18.21
CA ALA G 192 38.76 -51.95 -18.68
C ALA G 192 38.91 -53.47 -18.65
N LYS G 193 38.36 -54.15 -17.61
CA LYS G 193 38.43 -55.57 -17.52
C LYS G 193 37.72 -56.25 -18.63
N LEU G 194 36.54 -55.75 -19.00
CA LEU G 194 35.76 -56.37 -20.04
C LEU G 194 36.38 -56.21 -21.44
N LYS G 195 36.90 -55.02 -21.75
CA LYS G 195 37.60 -54.71 -23.00
C LYS G 195 38.85 -55.58 -23.10
N GLN G 196 39.58 -55.70 -22.02
CA GLN G 196 40.80 -56.51 -22.02
C GLN G 196 40.57 -58.04 -22.19
N ASP G 197 39.44 -58.57 -21.78
CA ASP G 197 39.06 -59.97 -22.00
C ASP G 197 37.60 -60.09 -22.54
N PRO G 198 37.41 -60.09 -23.85
CA PRO G 198 36.10 -60.28 -24.42
C PRO G 198 35.44 -61.61 -24.12
N SER G 199 36.20 -62.56 -23.58
CA SER G 199 35.67 -63.88 -23.28
C SER G 199 34.75 -63.84 -22.04
N ILE G 200 34.91 -62.79 -21.22
CA ILE G 200 34.03 -62.66 -20.06
C ILE G 200 32.58 -62.45 -20.60
N ASP G 201 31.65 -63.34 -20.19
CA ASP G 201 30.28 -63.29 -20.70
C ASP G 201 29.20 -63.02 -19.69
N LEU G 202 29.56 -63.08 -18.41
CA LEU G 202 28.65 -62.73 -17.34
C LEU G 202 29.43 -61.97 -16.28
N VAL G 203 28.86 -60.87 -15.85
CA VAL G 203 29.32 -60.10 -14.66
C VAL G 203 28.29 -60.33 -13.55
N ILE G 204 28.75 -60.86 -12.43
CA ILE G 204 27.94 -60.92 -11.23
C ILE G 204 28.41 -59.82 -10.28
N THR G 205 27.55 -58.90 -9.91
CA THR G 205 27.72 -57.91 -8.90
C THR G 205 27.07 -58.31 -7.58
N LEU G 206 27.63 -57.80 -6.48
CA LEU G 206 27.22 -58.22 -5.15
C LEU G 206 26.38 -57.19 -4.44
N GLY G 207 26.00 -56.15 -5.17
CA GLY G 207 25.02 -55.17 -4.68
C GLY G 207 24.38 -54.49 -5.90
N ALA G 208 23.15 -54.00 -5.71
CA ALA G 208 22.41 -53.38 -6.75
C ALA G 208 22.96 -52.06 -7.21
N PRO G 209 23.50 -51.22 -6.32
CA PRO G 209 24.20 -50.01 -6.81
C PRO G 209 25.33 -50.36 -7.74
N ILE G 210 26.05 -51.42 -7.42
CA ILE G 210 27.24 -51.81 -8.25
C ILE G 210 26.76 -52.36 -9.59
N ALA G 211 25.61 -53.04 -9.60
CA ALA G 211 25.01 -53.52 -10.83
C ALA G 211 24.74 -52.35 -11.82
N GLN G 212 24.31 -51.16 -11.30
CA GLN G 212 24.10 -50.00 -12.17
C GLN G 212 25.43 -49.61 -12.82
N LEU G 213 26.52 -49.64 -12.06
CA LEU G 213 27.80 -49.19 -12.63
C LEU G 213 28.31 -50.24 -13.64
N ALA G 214 28.06 -51.53 -13.40
CA ALA G 214 28.40 -52.56 -14.34
C ALA G 214 27.61 -52.42 -15.66
N ILE G 215 26.32 -52.10 -15.60
CA ILE G 215 25.54 -51.80 -16.80
C ILE G 215 26.21 -50.67 -17.63
N GLN G 216 26.67 -49.64 -16.97
CA GLN G 216 27.35 -48.52 -17.69
C GLN G 216 28.68 -49.00 -18.31
N ALA G 217 29.46 -49.73 -17.52
CA ALA G 217 30.72 -50.27 -17.96
C ALA G 217 30.62 -51.24 -19.17
N VAL G 218 29.58 -52.04 -19.23
CA VAL G 218 29.33 -52.96 -20.32
C VAL G 218 29.14 -52.09 -21.56
N LYS G 219 28.30 -51.10 -21.47
CA LYS G 219 28.14 -50.15 -22.59
C LYS G 219 29.48 -49.55 -23.02
N ASP G 220 30.20 -49.00 -22.06
CA ASP G 220 31.49 -48.36 -22.35
C ASP G 220 32.47 -49.32 -23.09
N ALA G 221 32.55 -50.57 -22.67
CA ALA G 221 33.53 -51.50 -23.25
C ALA G 221 33.05 -52.05 -24.62
N GLY G 222 31.79 -51.76 -24.99
CA GLY G 222 31.14 -52.44 -26.09
C GLY G 222 31.10 -53.95 -25.96
N SER G 223 31.04 -54.46 -24.72
CA SER G 223 31.00 -55.85 -24.37
C SER G 223 29.64 -56.44 -24.62
N ASN G 224 29.71 -57.71 -24.93
CA ASN G 224 28.58 -58.64 -25.04
C ASN G 224 28.17 -59.26 -23.69
N ALA G 225 28.86 -58.92 -22.62
CA ALA G 225 28.62 -59.55 -21.34
C ALA G 225 27.22 -59.21 -20.82
N LYS G 226 26.62 -60.21 -20.20
CA LYS G 226 25.39 -59.96 -19.50
C LYS G 226 25.73 -59.68 -18.04
N ILE G 227 24.72 -59.32 -17.25
CA ILE G 227 24.92 -58.89 -15.85
C ILE G 227 23.83 -59.49 -14.97
N ALA G 228 24.19 -59.95 -13.79
CA ALA G 228 23.26 -60.54 -12.77
C ALA G 228 23.70 -59.93 -11.44
N THR G 229 22.80 -59.81 -10.46
CA THR G 229 23.21 -59.19 -9.23
C THR G 229 22.60 -59.83 -8.01
N PHE G 230 23.24 -59.55 -6.89
CA PHE G 230 22.55 -59.62 -5.59
C PHE G 230 21.86 -58.32 -5.32
N ASP G 231 20.64 -58.50 -4.71
CA ASP G 231 19.79 -57.45 -4.18
C ASP G 231 18.99 -56.68 -5.18
N PHE G 232 17.94 -56.06 -4.64
CA PHE G 232 17.20 -55.03 -5.34
C PHE G 232 17.62 -53.63 -5.00
N ASN G 233 17.48 -52.75 -5.99
CA ASN G 233 17.22 -51.35 -5.68
C ASN G 233 16.03 -50.85 -6.51
N THR G 234 15.78 -49.53 -6.49
CA THR G 234 14.60 -48.99 -7.19
C THR G 234 14.64 -49.24 -8.70
N GLN G 235 15.86 -49.37 -9.25
CA GLN G 235 16.06 -49.60 -10.68
C GLN G 235 15.97 -51.07 -11.13
N VAL G 236 16.16 -52.04 -10.21
CA VAL G 236 16.38 -53.39 -10.64
C VAL G 236 15.18 -54.04 -11.32
N PRO G 237 13.96 -53.74 -10.82
CA PRO G 237 12.84 -54.37 -11.53
C PRO G 237 12.73 -54.04 -13.03
N ALA G 238 12.86 -52.78 -13.43
CA ALA G 238 12.80 -52.43 -14.84
C ALA G 238 13.92 -53.10 -15.63
N GLU G 239 15.07 -53.23 -14.95
CA GLU G 239 16.21 -53.88 -15.56
C GLU G 239 16.03 -55.35 -15.81
N ILE G 240 15.36 -56.05 -14.91
CA ILE G 240 15.00 -57.44 -15.17
C ILE G 240 13.98 -57.59 -16.34
N GLU G 241 13.02 -56.69 -16.30
CA GLU G 241 11.95 -56.66 -17.29
C GLU G 241 12.47 -56.34 -18.70
N ASN G 242 13.41 -55.39 -18.83
CA ASN G 242 14.00 -55.03 -20.14
C ASN G 242 15.29 -55.77 -20.55
N GLY G 243 15.76 -56.72 -19.76
CA GLY G 243 16.86 -57.60 -20.20
C GLY G 243 18.24 -57.11 -19.78
N GLN G 244 18.30 -55.98 -19.11
CA GLN G 244 19.57 -55.41 -18.69
C GLN G 244 20.22 -56.23 -17.54
N LEU G 245 19.39 -56.77 -16.65
CA LEU G 245 19.80 -57.82 -15.70
C LEU G 245 19.21 -59.19 -15.91
N GLN G 246 19.98 -60.29 -15.81
CA GLN G 246 19.44 -61.62 -16.06
C GLN G 246 18.53 -62.06 -14.89
N TRP G 247 18.92 -61.72 -13.65
CA TRP G 247 18.18 -62.10 -12.45
C TRP G 247 18.78 -61.29 -11.31
N ALA G 248 18.07 -61.25 -10.19
CA ALA G 248 18.55 -60.57 -8.97
C ALA G 248 18.25 -61.49 -7.81
N ILE G 249 19.16 -61.60 -6.85
CA ILE G 249 19.00 -62.50 -5.71
C ILE G 249 18.53 -61.70 -4.49
N ASP G 250 17.35 -62.04 -3.95
CA ASP G 250 16.75 -61.28 -2.82
C ASP G 250 17.08 -61.95 -1.47
N GLN G 251 17.72 -61.13 -0.61
CA GLN G 251 17.99 -61.53 0.76
C GLN G 251 16.99 -60.88 1.77
N GLN G 252 16.07 -60.05 1.28
CA GLN G 252 15.10 -59.38 2.10
C GLN G 252 15.75 -58.57 3.22
N PRO G 253 16.47 -57.54 2.89
CA PRO G 253 17.02 -56.63 3.91
C PRO G 253 15.95 -56.00 4.86
N TYR G 254 14.75 -55.79 4.33
CA TYR G 254 13.73 -55.25 5.24
C TYR G 254 13.51 -56.20 6.39
N VAL G 255 13.41 -57.47 6.08
CA VAL G 255 13.16 -58.51 7.10
C VAL G 255 14.36 -58.65 8.04
N GLU G 256 15.59 -58.57 7.50
CA GLU G 256 16.76 -58.67 8.34
C GLU G 256 16.76 -57.54 9.41
N GLY G 257 16.52 -56.29 8.99
CA GLY G 257 16.49 -55.17 9.90
C GLY G 257 15.29 -55.18 10.84
N TYR G 258 14.14 -55.55 10.30
CA TYR G 258 12.94 -55.66 11.12
C TYR G 258 13.07 -56.73 12.21
N GLU G 259 13.52 -57.93 11.82
CA GLU G 259 13.67 -58.98 12.78
C GLU G 259 14.80 -58.80 13.75
N ALA G 260 15.88 -58.10 13.33
CA ALA G 260 16.93 -57.84 14.28
C ALA G 260 16.38 -57.07 15.47
N VAL G 261 15.58 -56.08 15.21
CA VAL G 261 14.95 -55.33 16.31
C VAL G 261 13.79 -56.10 17.01
N ASP G 262 12.86 -56.68 16.19
CA ASP G 262 11.65 -57.31 16.78
C ASP G 262 12.04 -58.53 17.62
N SER G 263 13.04 -59.29 17.17
CA SER G 263 13.51 -60.45 17.89
C SER G 263 14.12 -60.07 19.29
N LEU G 264 14.83 -58.95 19.34
CA LEU G 264 15.32 -58.42 20.60
C LEU G 264 14.11 -58.00 21.48
N TRP G 265 13.10 -57.37 20.85
CA TRP G 265 11.85 -57.08 21.65
C TRP G 265 11.25 -58.36 22.28
N LEU G 266 11.14 -59.40 21.50
CA LEU G 266 10.63 -60.69 22.00
C LEU G 266 11.50 -61.25 23.09
N TYR G 267 12.81 -61.13 22.95
CA TYR G 267 13.73 -61.68 23.93
C TYR G 267 13.66 -60.89 25.27
N ILE G 268 13.68 -59.56 25.17
CA ILE G 268 13.79 -58.71 26.35
C ILE G 268 12.46 -58.79 27.11
N THR G 269 11.36 -58.78 26.37
CA THR G 269 10.06 -58.74 27.04
C THR G 269 9.53 -60.11 27.52
N ASN G 270 9.94 -61.22 26.87
CA ASN G 270 9.33 -62.50 27.14
C ASN G 270 10.33 -63.64 27.16
N GLY G 271 11.63 -63.35 26.97
CA GLY G 271 12.62 -64.39 26.95
C GLY G 271 12.65 -65.33 25.72
N ASP G 272 11.92 -64.93 24.67
CA ASP G 272 11.78 -65.76 23.50
C ASP G 272 12.96 -65.57 22.54
N THR G 273 13.15 -66.62 21.78
CA THR G 273 14.08 -66.62 20.65
C THR G 273 13.37 -67.18 19.42
N ILE G 274 13.94 -67.01 18.23
CA ILE G 274 13.49 -67.56 17.00
C ILE G 274 14.65 -68.32 16.38
N GLY G 275 14.34 -69.49 15.82
CA GLY G 275 15.26 -70.28 15.08
C GLY G 275 15.72 -71.59 15.67
N GLY G 276 15.33 -71.90 16.90
CA GLY G 276 15.71 -73.20 17.49
C GLY G 276 17.19 -73.42 17.61
N GLY G 277 17.92 -72.34 17.87
CA GLY G 277 19.36 -72.35 17.94
C GLY G 277 20.14 -72.24 16.67
N GLU G 278 19.45 -72.10 15.57
CA GLU G 278 20.12 -71.85 14.27
C GLU G 278 19.63 -70.56 13.61
N ALA G 279 20.32 -70.15 12.56
CA ALA G 279 20.00 -68.91 11.81
C ALA G 279 18.60 -68.99 11.31
N VAL G 280 17.94 -67.84 11.23
CA VAL G 280 16.65 -67.70 10.63
C VAL G 280 16.93 -67.15 9.22
N LYS G 281 16.57 -67.90 8.21
CA LYS G 281 16.90 -67.55 6.83
C LYS G 281 15.95 -66.49 6.28
N THR G 282 16.50 -65.55 5.53
CA THR G 282 15.69 -64.50 4.84
C THR G 282 15.90 -64.58 3.31
N GLY G 283 16.63 -65.59 2.83
CA GLY G 283 16.87 -65.79 1.43
C GLY G 283 17.76 -67.02 1.32
N PRO G 284 18.31 -67.32 0.14
CA PRO G 284 18.13 -66.59 -1.10
C PRO G 284 16.84 -66.94 -1.85
N PHE G 285 16.39 -65.97 -2.60
CA PHE G 285 15.32 -66.18 -3.54
C PHE G 285 15.72 -65.49 -4.89
N PHE G 286 15.63 -66.20 -6.03
CA PHE G 286 15.98 -65.65 -7.36
C PHE G 286 14.77 -64.97 -8.01
N VAL G 287 14.92 -63.71 -8.34
CA VAL G 287 13.89 -62.96 -9.07
C VAL G 287 14.34 -62.75 -10.55
N ASP G 288 13.43 -63.09 -11.45
CA ASP G 288 13.65 -63.03 -12.91
C ASP G 288 12.34 -62.52 -13.55
N LYS G 289 12.21 -62.63 -14.87
CA LYS G 289 11.04 -62.06 -15.53
C LYS G 289 9.80 -62.80 -15.05
N SER G 290 9.95 -64.04 -14.64
CA SER G 290 8.80 -64.90 -14.27
C SER G 290 8.10 -64.42 -13.00
N ASN G 291 8.81 -63.72 -12.11
CA ASN G 291 8.26 -63.40 -10.80
C ASN G 291 8.63 -62.00 -10.31
N VAL G 292 9.15 -61.15 -11.18
CA VAL G 292 9.47 -59.80 -10.74
C VAL G 292 8.27 -58.91 -10.46
N ALA G 293 7.16 -59.20 -11.15
CA ALA G 293 5.99 -58.32 -10.99
C ALA G 293 5.57 -58.17 -9.49
N ALA G 294 5.68 -59.28 -8.73
CA ALA G 294 5.29 -59.33 -7.30
C ALA G 294 6.04 -58.35 -6.44
N VAL G 295 7.29 -58.09 -6.79
CA VAL G 295 8.11 -57.25 -5.94
C VAL G 295 8.38 -55.84 -6.52
N ALA G 296 8.06 -55.63 -7.81
CA ALA G 296 8.42 -54.36 -8.47
C ALA G 296 8.12 -53.12 -7.67
N LYS G 297 6.86 -52.93 -7.30
CA LYS G 297 6.48 -51.68 -6.63
C LYS G 297 7.09 -51.42 -5.26
N PHE G 298 7.25 -52.50 -4.50
CA PHE G 298 7.93 -52.45 -3.20
C PHE G 298 9.43 -52.07 -3.39
N ALA G 299 10.10 -52.73 -4.34
CA ALA G 299 11.52 -52.38 -4.62
C ALA G 299 11.65 -50.90 -5.06
N GLU G 300 10.68 -50.52 -5.88
CA GLU G 300 10.60 -49.19 -6.38
C GLU G 300 10.38 -48.15 -5.28
N ARG G 301 9.63 -48.50 -4.25
CA ARG G 301 9.51 -47.60 -3.15
C ARG G 301 10.56 -47.74 -2.06
N GLY G 302 11.58 -48.58 -2.28
CA GLY G 302 12.71 -48.62 -1.36
C GLY G 302 12.55 -49.55 -0.14
N THR G 303 11.50 -50.42 -0.15
CA THR G 303 11.25 -51.30 1.00
C THR G 303 11.56 -52.77 0.71
N ARG G 304 12.06 -53.06 -0.49
CA ARG G 304 12.52 -54.42 -0.84
C ARG G 304 13.84 -54.31 -1.59
N PRO H 19 -23.97 125.72 50.85
CA PRO H 19 -22.86 124.99 51.52
C PRO H 19 -22.26 123.89 50.59
N HIS H 20 -20.94 123.84 50.35
CA HIS H 20 -20.40 122.81 49.42
C HIS H 20 -20.35 121.43 50.09
N LEU H 21 -20.84 120.40 49.37
CA LEU H 21 -20.88 119.03 49.89
C LEU H 21 -20.20 118.12 48.93
N THR H 22 -19.72 117.01 49.49
CA THR H 22 -19.17 115.90 48.72
C THR H 22 -19.98 114.65 49.02
N ILE H 23 -20.53 114.00 48.00
CA ILE H 23 -21.32 112.81 48.19
C ILE H 23 -20.67 111.66 47.44
N ALA H 24 -20.50 110.55 48.14
CA ALA H 24 -20.00 109.35 47.53
C ALA H 24 -21.19 108.46 47.12
N MET H 25 -21.24 108.14 45.83
CA MET H 25 -22.23 107.19 45.28
C MET H 25 -21.47 105.89 44.96
N ILE H 26 -21.85 104.82 45.64
CA ILE H 26 -21.11 103.51 45.68
C ILE H 26 -22.09 102.45 45.16
N THR H 27 -21.71 101.76 44.13
CA THR H 27 -22.66 100.75 43.51
C THR H 27 -21.97 99.42 43.16
N HIS H 28 -22.74 98.51 42.61
CA HIS H 28 -22.28 97.16 42.26
C HIS H 28 -22.10 97.05 40.72
N GLN H 29 -22.10 98.17 40.01
CA GLN H 29 -22.02 98.21 38.56
C GLN H 29 -20.87 97.31 38.12
N GLN H 30 -21.18 96.50 37.13
CA GLN H 30 -20.17 95.83 36.34
C GLN H 30 -19.68 96.76 35.30
N PRO H 31 -18.35 96.92 35.17
CA PRO H 31 -17.90 97.85 34.14
C PRO H 31 -18.49 97.53 32.73
N GLY H 32 -18.99 98.56 32.09
CA GLY H 32 -19.65 98.33 30.80
C GLY H 32 -21.17 98.17 30.80
N ASP H 33 -21.79 98.01 32.01
CA ASP H 33 -23.25 97.88 32.14
C ASP H 33 -23.80 99.31 31.99
N THR H 34 -24.48 99.54 30.88
CA THR H 34 -24.90 100.92 30.56
C THR H 34 -26.06 101.45 31.41
N PHE H 35 -26.79 100.51 32.07
CA PHE H 35 -27.85 100.93 33.02
C PHE H 35 -27.30 102.01 33.95
N TRP H 36 -26.07 101.80 34.42
CA TRP H 36 -25.51 102.69 35.44
C TRP H 36 -25.20 104.03 34.96
N ASP H 37 -25.12 104.19 33.62
CA ASP H 37 -24.86 105.50 33.08
C ASP H 37 -26.11 106.35 33.23
N ILE H 38 -27.26 105.70 33.21
CA ILE H 38 -28.51 106.46 33.38
C ILE H 38 -28.66 106.90 34.85
N ILE H 39 -28.30 106.01 35.78
CA ILE H 39 -28.23 106.34 37.23
C ILE H 39 -27.39 107.55 37.42
N ARG H 40 -26.18 107.53 36.86
CA ARG H 40 -25.23 108.63 37.00
C ARG H 40 -25.68 109.90 36.41
N LYS H 41 -26.33 109.89 35.25
CA LYS H 41 -26.93 111.15 34.70
C LYS H 41 -27.91 111.78 35.66
N GLY H 42 -28.80 111.00 36.24
CA GLY H 42 -29.67 111.53 37.31
C GLY H 42 -28.92 112.14 38.49
N ALA H 43 -27.91 111.42 39.00
CA ALA H 43 -27.13 111.83 40.14
C ALA H 43 -26.38 113.09 39.86
N LEU H 44 -25.81 113.19 38.67
CA LEU H 44 -25.11 114.41 38.27
C LEU H 44 -26.07 115.60 38.16
N ALA H 45 -27.27 115.38 37.62
CA ALA H 45 -28.22 116.44 37.54
C ALA H 45 -28.58 117.02 38.90
N ALA H 46 -28.80 116.20 39.92
CA ALA H 46 -29.02 116.68 41.26
C ALA H 46 -27.81 117.37 41.80
N ALA H 47 -26.64 116.79 41.61
CA ALA H 47 -25.42 117.32 42.17
C ALA H 47 -25.17 118.73 41.62
N ALA H 48 -25.46 118.94 40.33
CA ALA H 48 -25.19 120.27 39.74
C ALA H 48 -26.05 121.34 40.36
N LYS H 49 -27.25 120.99 40.80
CA LYS H 49 -28.17 121.95 41.45
C LYS H 49 -27.88 122.15 42.95
N ASP H 50 -27.20 121.18 43.57
CA ASP H 50 -27.10 121.05 44.95
C ASP H 50 -25.77 121.43 45.59
N ASN H 51 -24.88 121.93 44.73
CA ASN H 51 -23.53 122.30 45.17
C ASN H 51 -22.80 121.09 45.73
N VAL H 52 -22.96 119.99 45.00
CA VAL H 52 -22.40 118.73 45.40
C VAL H 52 -21.29 118.32 44.43
N THR H 53 -20.17 117.86 44.97
CA THR H 53 -19.24 117.08 44.18
C THR H 53 -19.56 115.58 44.41
N LEU H 54 -19.97 114.89 43.32
CA LEU H 54 -20.33 113.45 43.35
C LEU H 54 -19.01 112.66 43.15
N LYS H 55 -18.70 111.73 44.03
CA LYS H 55 -17.58 110.82 43.76
C LYS H 55 -18.28 109.46 43.54
N TYR H 56 -18.24 108.98 42.30
CA TYR H 56 -18.88 107.73 41.93
C TYR H 56 -17.81 106.63 41.97
N SER H 57 -18.12 105.54 42.62
CA SER H 57 -17.25 104.36 42.58
C SER H 57 -18.10 103.11 42.55
N ASN H 58 -17.56 102.00 42.08
CA ASN H 58 -18.30 100.80 41.85
C ASN H 58 -17.40 99.55 41.83
N ASP H 59 -17.96 98.43 42.31
CA ASP H 59 -17.33 97.12 42.08
C ASP H 59 -18.39 96.02 42.12
N PRO H 60 -18.46 95.11 41.10
CA PRO H 60 -19.44 94.03 41.13
C PRO H 60 -19.16 92.87 42.08
N ASP H 61 -18.02 92.93 42.74
CA ASP H 61 -17.69 92.03 43.88
C ASP H 61 -18.09 92.72 45.20
N SER H 62 -19.06 92.18 45.93
CA SER H 62 -19.61 92.86 47.13
C SER H 62 -18.55 93.07 48.21
N THR H 63 -17.57 92.17 48.33
CA THR H 63 -16.49 92.29 49.33
C THR H 63 -15.74 93.52 48.99
N LYS H 64 -15.46 93.79 47.68
CA LYS H 64 -14.79 95.02 47.26
C LYS H 64 -15.71 96.28 47.38
N GLU H 65 -16.98 96.10 47.07
CA GLU H 65 -17.89 97.24 47.30
C GLU H 65 -17.94 97.70 48.72
N ALA H 66 -17.86 96.74 49.63
CA ALA H 66 -17.73 97.07 51.07
C ALA H 66 -16.50 97.91 51.41
N VAL H 67 -15.36 97.58 50.81
CA VAL H 67 -14.15 98.43 50.91
C VAL H 67 -14.35 99.87 50.38
N LEU H 68 -15.07 100.02 49.29
CA LEU H 68 -15.43 101.33 48.77
C LEU H 68 -16.19 102.23 49.75
N ILE H 69 -16.98 101.64 50.61
CA ILE H 69 -17.76 102.37 51.63
C ILE H 69 -16.76 102.90 52.62
N GLN H 70 -15.86 102.01 53.08
CA GLN H 70 -14.85 102.40 54.06
C GLN H 70 -13.99 103.52 53.52
N ASP H 71 -13.69 103.46 52.22
CA ASP H 71 -12.89 104.48 51.57
C ASP H 71 -13.61 105.86 51.65
N ALA H 72 -14.94 105.87 51.40
CA ALA H 72 -15.73 107.10 51.50
C ALA H 72 -15.77 107.63 52.95
N VAL H 73 -15.87 106.71 53.93
CA VAL H 73 -15.77 107.14 55.29
C VAL H 73 -14.40 107.81 55.59
N ASN H 74 -13.35 107.14 55.19
CA ASN H 74 -11.99 107.68 55.40
C ASN H 74 -11.74 109.02 54.71
N ALA H 75 -12.41 109.25 53.59
CA ALA H 75 -12.36 110.55 52.90
C ALA H 75 -13.27 111.61 53.53
N LYS H 76 -14.12 111.27 54.50
CA LYS H 76 -14.94 112.25 55.21
C LYS H 76 -15.94 112.92 54.32
N VAL H 77 -16.52 112.10 53.44
CA VAL H 77 -17.61 112.60 52.61
C VAL H 77 -18.77 113.06 53.51
N ASP H 78 -19.62 113.98 53.00
CA ASP H 78 -20.78 114.46 53.77
C ASP H 78 -21.97 113.47 53.76
N GLY H 79 -21.93 112.53 52.84
CA GLY H 79 -23.02 111.56 52.70
C GLY H 79 -22.68 110.51 51.68
N ILE H 80 -23.30 109.33 51.86
CA ILE H 80 -23.09 108.13 51.06
C ILE H 80 -24.46 107.69 50.52
N ALA H 81 -24.49 107.48 49.22
CA ALA H 81 -25.57 106.74 48.54
C ALA H 81 -25.04 105.40 48.02
N VAL H 82 -25.69 104.32 48.47
CA VAL H 82 -25.11 102.99 48.26
C VAL H 82 -26.17 101.98 47.83
N THR H 83 -25.73 101.02 47.06
CA THR H 83 -26.52 99.87 46.68
C THR H 83 -26.24 98.62 47.51
N ILE H 84 -27.25 97.79 47.74
CA ILE H 84 -27.16 96.65 48.66
C ILE H 84 -27.57 95.37 47.97
N PRO H 85 -26.79 94.90 46.97
CA PRO H 85 -27.20 93.63 46.29
C PRO H 85 -26.94 92.39 47.15
N ASP H 86 -25.99 92.51 48.08
CA ASP H 86 -25.49 91.40 48.94
C ASP H 86 -25.50 91.94 50.36
N PRO H 87 -26.65 91.88 51.01
CA PRO H 87 -26.74 92.45 52.32
C PRO H 87 -25.77 91.89 53.36
N PRO H 88 -25.56 90.57 53.45
CA PRO H 88 -24.54 90.11 54.40
C PRO H 88 -23.16 90.72 54.22
N ALA H 89 -22.80 90.94 52.99
CA ALA H 89 -21.46 91.46 52.65
C ALA H 89 -21.34 92.93 52.95
N LEU H 90 -22.46 93.62 52.96
CA LEU H 90 -22.42 95.11 52.90
C LEU H 90 -23.01 95.83 54.12
N ILE H 91 -24.00 95.24 54.76
CA ILE H 91 -24.57 95.87 55.94
C ILE H 91 -23.52 96.24 57.00
N PRO H 92 -22.51 95.36 57.28
CA PRO H 92 -21.56 95.72 58.39
C PRO H 92 -20.86 97.05 58.11
N ALA H 93 -20.45 97.24 56.88
CA ALA H 93 -19.80 98.45 56.42
C ALA H 93 -20.74 99.65 56.50
N ILE H 94 -21.95 99.45 56.03
CA ILE H 94 -22.92 100.53 56.08
C ILE H 94 -23.11 100.97 57.54
N LYS H 95 -23.29 100.02 58.44
CA LYS H 95 -23.53 100.32 59.85
C LYS H 95 -22.29 101.04 60.41
N GLN H 96 -21.10 100.64 59.99
CA GLN H 96 -19.90 101.34 60.45
C GLN H 96 -19.88 102.79 59.93
N ALA H 97 -20.27 103.00 58.67
CA ALA H 97 -20.37 104.40 58.17
C ALA H 97 -21.38 105.27 58.98
N VAL H 98 -22.53 104.70 59.23
CA VAL H 98 -23.53 105.33 60.07
C VAL H 98 -22.91 105.65 61.46
N ALA H 99 -22.19 104.68 62.06
CA ALA H 99 -21.66 104.89 63.42
C ALA H 99 -20.55 105.91 63.39
N ALA H 100 -19.87 106.05 62.28
CA ALA H 100 -18.86 107.09 62.12
C ALA H 100 -19.37 108.51 61.90
N GLY H 101 -20.66 108.62 61.70
CA GLY H 101 -21.40 109.87 61.65
C GLY H 101 -21.77 110.36 60.24
N ILE H 102 -21.71 109.47 59.27
CA ILE H 102 -21.94 109.83 57.86
C ILE H 102 -23.33 109.35 57.52
N PRO H 103 -24.20 110.25 57.03
CA PRO H 103 -25.55 109.76 56.70
C PRO H 103 -25.52 108.96 55.40
N VAL H 104 -26.38 107.95 55.33
N VAL H 104 -26.40 107.94 55.37
CA VAL H 104 -26.39 107.11 54.16
CA VAL H 104 -26.46 106.97 54.29
C VAL H 104 -27.81 106.88 53.70
C VAL H 104 -27.87 106.93 53.72
N VAL H 105 -27.98 106.86 52.39
CA VAL H 105 -29.23 106.55 51.70
C VAL H 105 -28.91 105.36 50.85
N ALA H 106 -29.84 104.43 50.75
CA ALA H 106 -29.67 103.26 49.90
C ALA H 106 -30.56 103.40 48.67
N PHE H 107 -30.16 102.69 47.60
CA PHE H 107 -30.98 102.72 46.40
C PHE H 107 -30.71 101.56 45.50
N ASN H 108 -31.63 101.32 44.57
CA ASN H 108 -31.53 100.32 43.52
C ASN H 108 -31.64 98.83 43.93
N ALA H 109 -30.84 98.44 44.89
CA ALA H 109 -30.80 97.11 45.34
C ALA H 109 -30.82 97.10 46.88
N GLY H 110 -31.59 96.19 47.44
CA GLY H 110 -31.69 95.95 48.86
C GLY H 110 -32.92 96.53 49.55
N ILE H 111 -34.06 96.50 48.87
CA ILE H 111 -35.32 97.10 49.45
C ILE H 111 -35.75 96.41 50.73
N ASP H 112 -35.51 95.10 50.86
CA ASP H 112 -35.96 94.38 52.04
C ASP H 112 -34.91 94.45 53.17
N GLN H 113 -33.77 95.09 52.92
CA GLN H 113 -32.65 95.08 53.90
C GLN H 113 -32.08 96.47 54.28
N TRP H 114 -32.52 97.54 53.65
CA TRP H 114 -31.91 98.84 53.94
C TRP H 114 -32.20 99.31 55.35
N LYS H 115 -33.38 99.04 55.88
CA LYS H 115 -33.69 99.60 57.20
C LYS H 115 -32.72 99.05 58.22
N GLU H 116 -32.38 97.77 58.12
CA GLU H 116 -31.47 97.14 59.11
C GLU H 116 -30.06 97.74 59.09
N SER H 117 -29.73 98.41 57.99
CA SER H 117 -28.36 98.83 57.71
C SER H 117 -28.05 100.17 58.39
N GLY H 118 -29.08 100.94 58.68
CA GLY H 118 -28.91 102.23 59.30
C GLY H 118 -29.12 103.33 58.27
N ALA H 119 -29.29 102.92 57.00
CA ALA H 119 -29.59 103.89 55.97
C ALA H 119 -30.89 104.59 56.29
N LEU H 120 -30.93 105.88 55.95
CA LEU H 120 -32.10 106.69 56.24
C LEU H 120 -33.31 106.54 55.37
N MET H 121 -33.03 106.16 54.13
CA MET H 121 -34.04 106.19 53.09
C MET H 121 -33.67 105.16 52.03
N TYR H 122 -34.63 104.81 51.16
CA TYR H 122 -34.37 103.92 50.04
C TYR H 122 -35.14 104.39 48.85
N PHE H 123 -34.50 104.32 47.65
CA PHE H 123 -35.20 104.66 46.41
C PHE H 123 -35.06 103.52 45.42
N GLY H 124 -36.17 103.00 44.94
CA GLY H 124 -36.12 101.93 43.96
C GLY H 124 -37.49 101.29 43.79
N GLN H 125 -37.53 100.14 43.16
CA GLN H 125 -38.77 99.41 43.01
C GLN H 125 -38.81 98.11 43.79
N ASP H 126 -40.01 97.69 44.15
CA ASP H 126 -40.18 96.39 44.83
C ASP H 126 -40.07 95.37 43.70
N GLU H 127 -38.97 94.66 43.72
CA GLU H 127 -38.60 93.82 42.61
C GLU H 127 -39.43 92.53 42.65
N THR H 128 -39.80 92.05 43.84
CA THR H 128 -40.74 90.95 43.92
C THR H 128 -42.08 91.34 43.26
N VAL H 129 -42.63 92.53 43.53
CA VAL H 129 -43.86 92.98 42.93
C VAL H 129 -43.70 93.09 41.43
N ALA H 130 -42.57 93.63 40.99
CA ALA H 130 -42.34 93.72 39.56
C ALA H 130 -42.33 92.37 38.88
N GLY H 131 -41.65 91.41 39.51
CA GLY H 131 -41.71 90.05 38.97
C GLY H 131 -43.07 89.41 38.94
N GLN H 132 -43.82 89.58 40.04
CA GLN H 132 -45.19 89.09 40.06
C GLN H 132 -45.98 89.69 38.91
N ALA H 133 -45.85 90.97 38.72
CA ALA H 133 -46.62 91.62 37.67
C ALA H 133 -46.20 91.09 36.27
N ALA H 134 -44.91 90.90 36.09
CA ALA H 134 -44.40 90.30 34.84
C ALA H 134 -44.93 88.92 34.59
N GLY H 135 -44.95 88.05 35.60
CA GLY H 135 -45.47 86.67 35.47
C GLY H 135 -46.94 86.71 35.12
N ALA H 136 -47.69 87.55 35.82
CA ALA H 136 -49.13 87.65 35.53
C ALA H 136 -49.45 88.15 34.12
N ARG H 137 -48.71 89.20 33.74
CA ARG H 137 -48.82 89.75 32.41
C ARG H 137 -48.47 88.69 31.33
N ALA H 138 -47.34 88.03 31.44
CA ALA H 138 -46.97 86.96 30.57
C ALA H 138 -48.05 85.86 30.44
N THR H 139 -48.61 85.43 31.54
CA THR H 139 -49.74 84.49 31.48
C THR H 139 -50.92 85.07 30.74
N SER H 140 -51.24 86.32 31.03
CA SER H 140 -52.41 86.94 30.30
C SER H 140 -52.15 87.08 28.81
N GLU H 141 -50.88 87.17 28.36
CA GLU H 141 -50.53 87.33 26.94
C GLU H 141 -50.43 85.97 26.26
N GLY H 142 -50.77 84.87 26.96
CA GLY H 142 -50.77 83.55 26.33
C GLY H 142 -49.51 82.73 26.38
N PHE H 143 -48.53 83.20 27.14
CA PHE H 143 -47.25 82.51 27.23
C PHE H 143 -47.34 81.35 28.15
N LYS H 144 -46.64 80.27 27.77
CA LYS H 144 -46.80 78.99 28.49
C LYS H 144 -45.53 78.44 29.12
N HIS H 145 -44.39 78.97 28.69
CA HIS H 145 -43.12 78.56 29.24
C HIS H 145 -42.11 79.71 29.19
N VAL H 146 -41.95 80.32 30.37
CA VAL H 146 -40.98 81.41 30.51
C VAL H 146 -39.56 81.01 30.90
N LEU H 147 -38.58 81.73 30.38
CA LEU H 147 -37.20 81.64 30.76
C LEU H 147 -36.83 83.00 31.42
N CYS H 148 -36.49 83.01 32.70
CA CYS H 148 -36.04 84.20 33.40
C CYS H 148 -34.54 84.19 33.46
N VAL H 149 -33.89 85.19 32.92
CA VAL H 149 -32.46 85.20 32.76
C VAL H 149 -31.85 86.22 33.75
N LEU H 150 -30.97 85.75 34.63
CA LEU H 150 -30.25 86.59 35.61
C LEU H 150 -28.80 86.64 35.24
N GLN H 151 -28.22 87.81 35.30
CA GLN H 151 -26.84 88.05 34.75
C GLN H 151 -25.71 88.11 35.79
N ALA H 152 -26.09 87.83 37.03
CA ALA H 152 -25.15 87.71 38.17
C ALA H 152 -25.72 86.83 39.26
N GLN H 153 -24.87 86.27 40.12
CA GLN H 153 -25.23 85.47 41.26
C GLN H 153 -25.21 86.30 42.51
N GLY H 154 -25.99 85.94 43.53
CA GLY H 154 -25.90 86.65 44.82
C GLY H 154 -26.37 88.07 44.81
N GLN H 155 -27.32 88.36 43.94
CA GLN H 155 -27.88 89.73 43.91
C GLN H 155 -29.36 89.71 44.25
N VAL H 156 -29.72 90.22 45.44
CA VAL H 156 -31.08 90.07 45.95
C VAL H 156 -32.11 90.69 44.99
N GLN H 157 -31.74 91.75 44.29
CA GLN H 157 -32.74 92.45 43.47
C GLN H 157 -33.06 91.59 42.24
N LEU H 158 -32.08 90.85 41.70
CA LEU H 158 -32.32 89.97 40.58
C LEU H 158 -33.07 88.71 41.04
N GLU H 159 -32.69 88.15 42.18
CA GLU H 159 -33.36 86.98 42.67
C GLU H 159 -34.83 87.33 42.96
N SER H 160 -35.09 88.51 43.50
CA SER H 160 -36.48 88.88 43.82
C SER H 160 -37.36 88.97 42.56
N ARG H 161 -36.77 89.45 41.45
CA ARG H 161 -37.54 89.52 40.17
C ARG H 161 -37.99 88.10 39.79
N CYS H 162 -37.03 87.20 39.78
CA CYS H 162 -37.34 85.80 39.32
C CYS H 162 -38.31 85.07 40.23
N ASN H 163 -38.16 85.24 41.53
CA ASN H 163 -39.04 84.64 42.48
C ASN H 163 -40.46 85.16 42.24
N GLY H 164 -40.60 86.46 42.02
CA GLY H 164 -41.87 87.04 41.73
C GLY H 164 -42.51 86.41 40.45
N VAL H 165 -41.72 86.29 39.40
CA VAL H 165 -42.21 85.66 38.16
C VAL H 165 -42.70 84.23 38.47
N GLN H 166 -41.88 83.47 39.18
CA GLN H 166 -42.25 82.08 39.54
C GLN H 166 -43.57 82.01 40.34
N GLN H 167 -43.82 82.98 41.21
CA GLN H 167 -45.01 83.01 42.04
C GLN H 167 -46.32 83.10 41.20
N THR H 168 -46.29 83.91 40.12
CA THR H 168 -47.52 84.24 39.39
C THR H 168 -47.66 83.63 38.01
N PHE H 169 -46.57 83.25 37.38
CA PHE H 169 -46.62 82.66 36.02
C PHE H 169 -47.28 81.28 36.10
N LYS H 170 -48.41 81.08 35.41
CA LYS H 170 -49.15 79.82 35.62
C LYS H 170 -48.50 78.63 34.90
N GLY H 171 -47.78 78.88 33.82
CA GLY H 171 -47.14 77.83 33.01
C GLY H 171 -45.82 77.38 33.61
N GLN H 172 -44.97 76.84 32.74
CA GLN H 172 -43.64 76.29 33.13
C GLN H 172 -42.68 77.43 33.29
N TYR H 173 -41.94 77.38 34.40
CA TYR H 173 -40.94 78.35 34.78
C TYR H 173 -39.56 77.72 34.74
N THR H 174 -38.69 78.39 34.08
CA THR H 174 -37.25 78.09 34.01
C THR H 174 -36.41 79.29 34.34
N LYS H 175 -35.36 79.10 35.10
CA LYS H 175 -34.45 80.11 35.52
C LYS H 175 -33.07 79.81 34.96
N LEU H 176 -32.35 80.81 34.46
CA LEU H 176 -31.08 80.61 33.83
C LEU H 176 -30.14 81.70 34.28
N TYR H 177 -29.03 81.31 34.91
CA TYR H 177 -27.89 82.25 35.13
C TYR H 177 -26.96 82.35 33.88
N VAL H 178 -26.59 83.57 33.54
CA VAL H 178 -25.57 83.96 32.60
C VAL H 178 -24.52 84.84 33.23
N ASN H 179 -23.33 84.84 32.65
CA ASN H 179 -22.19 85.61 33.18
C ASN H 179 -22.11 86.98 32.53
N GLY H 180 -22.68 87.97 33.20
CA GLY H 180 -22.85 89.30 32.62
C GLY H 180 -21.54 90.03 32.29
N ALA H 181 -20.48 89.68 33.02
CA ALA H 181 -19.11 90.08 32.64
C ALA H 181 -18.73 89.69 31.17
N ASP H 182 -19.10 88.48 30.79
CA ASP H 182 -18.75 87.92 29.47
C ASP H 182 -19.96 87.86 28.56
N GLN H 183 -20.21 88.93 27.85
CA GLN H 183 -21.42 89.05 27.04
C GLN H 183 -21.47 88.10 25.86
N PRO H 184 -20.34 87.89 25.17
CA PRO H 184 -20.51 86.88 24.14
C PRO H 184 -20.98 85.52 24.72
N SER H 185 -20.56 85.18 25.95
CA SER H 185 -21.00 83.94 26.62
C SER H 185 -22.47 83.96 26.94
N VAL H 186 -23.00 85.17 27.09
CA VAL H 186 -24.38 85.31 27.45
C VAL H 186 -25.21 84.84 26.27
N ARG H 187 -24.85 85.27 25.09
CA ARG H 187 -25.59 84.92 23.89
C ARG H 187 -25.60 83.44 23.68
N THR H 188 -24.45 82.82 23.86
CA THR H 188 -24.37 81.42 23.58
C THR H 188 -25.07 80.59 24.68
N THR H 189 -25.01 81.02 25.93
CA THR H 189 -25.70 80.33 27.01
C THR H 189 -27.23 80.43 26.86
N ILE H 190 -27.79 81.61 26.52
CA ILE H 190 -29.21 81.68 26.23
C ILE H 190 -29.64 80.84 25.02
N ALA H 191 -28.89 80.93 23.94
CA ALA H 191 -29.17 80.16 22.74
C ALA H 191 -29.17 78.68 23.07
N ALA H 192 -28.18 78.23 23.85
CA ALA H 192 -28.11 76.79 24.19
C ALA H 192 -29.36 76.35 24.94
N LYS H 193 -29.80 77.16 25.91
CA LYS H 193 -31.01 76.82 26.67
C LYS H 193 -32.27 76.72 25.80
N LEU H 194 -32.39 77.63 24.85
CA LEU H 194 -33.54 77.69 24.00
C LEU H 194 -33.53 76.49 23.03
N LYS H 195 -32.36 76.09 22.54
CA LYS H 195 -32.28 74.88 21.77
C LYS H 195 -32.63 73.62 22.55
N GLN H 196 -32.24 73.54 23.80
CA GLN H 196 -32.63 72.35 24.61
C GLN H 196 -34.09 72.35 25.01
N ASP H 197 -34.70 73.53 25.12
CA ASP H 197 -36.09 73.67 25.54
C ASP H 197 -36.84 74.47 24.47
N PRO H 198 -37.20 73.84 23.38
CA PRO H 198 -37.90 74.56 22.37
C PRO H 198 -39.32 75.02 22.76
N SER H 199 -39.87 74.42 23.83
CA SER H 199 -41.14 74.91 24.34
C SER H 199 -41.06 76.27 25.03
N ILE H 200 -39.85 76.79 25.28
CA ILE H 200 -39.81 78.13 25.81
C ILE H 200 -40.46 79.10 24.80
N ASP H 201 -41.45 79.90 25.28
CA ASP H 201 -42.06 80.86 24.37
C ASP H 201 -41.90 82.33 24.77
N LEU H 202 -41.32 82.55 25.95
CA LEU H 202 -41.01 83.93 26.39
C LEU H 202 -39.73 83.93 27.17
N VAL H 203 -38.85 84.85 26.81
CA VAL H 203 -37.62 85.07 27.59
C VAL H 203 -37.79 86.41 28.25
N ILE H 204 -37.63 86.48 29.58
CA ILE H 204 -37.64 87.72 30.31
C ILE H 204 -36.21 87.98 30.78
N THR H 205 -35.59 89.04 30.27
CA THR H 205 -34.26 89.45 30.66
C THR H 205 -34.35 90.55 31.73
N LEU H 206 -33.34 90.61 32.58
CA LEU H 206 -33.36 91.51 33.77
C LEU H 206 -32.54 92.75 33.57
N GLY H 207 -32.10 92.96 32.34
CA GLY H 207 -31.50 94.22 31.91
C GLY H 207 -31.59 94.40 30.45
N ALA H 208 -31.57 95.63 30.00
CA ALA H 208 -31.73 95.93 28.61
C ALA H 208 -30.56 95.54 27.70
N PRO H 209 -29.33 95.57 28.22
CA PRO H 209 -28.26 95.00 27.37
C PRO H 209 -28.38 93.51 27.20
N ILE H 210 -28.91 92.82 28.18
CA ILE H 210 -29.14 91.38 28.09
C ILE H 210 -30.27 91.09 27.11
N ALA H 211 -31.28 91.98 27.01
CA ALA H 211 -32.32 91.79 26.07
C ALA H 211 -31.79 91.77 24.63
N GLN H 212 -30.83 92.64 24.34
CA GLN H 212 -30.18 92.65 23.02
C GLN H 212 -29.55 91.31 22.70
N LEU H 213 -28.87 90.72 23.69
CA LEU H 213 -28.25 89.35 23.54
C LEU H 213 -29.28 88.28 23.38
N ALA H 214 -30.41 88.38 24.07
CA ALA H 214 -31.50 87.41 23.97
C ALA H 214 -32.13 87.46 22.60
N ILE H 215 -32.32 88.67 22.09
CA ILE H 215 -32.89 88.85 20.72
C ILE H 215 -32.03 88.09 19.68
N GLN H 216 -30.72 88.20 19.81
CA GLN H 216 -29.75 87.45 18.99
C GLN H 216 -29.84 85.93 19.23
N ALA H 217 -29.82 85.52 20.50
CA ALA H 217 -29.84 84.10 20.87
C ALA H 217 -31.04 83.38 20.31
N VAL H 218 -32.20 84.04 20.26
CA VAL H 218 -33.39 83.44 19.76
C VAL H 218 -33.16 83.05 18.30
N LYS H 219 -32.60 83.96 17.53
CA LYS H 219 -32.30 83.72 16.13
C LYS H 219 -31.26 82.57 16.01
N ASP H 220 -30.22 82.65 16.84
CA ASP H 220 -29.18 81.58 16.90
C ASP H 220 -29.72 80.16 17.15
N ALA H 221 -30.77 80.08 17.98
CA ALA H 221 -31.32 78.82 18.44
C ALA H 221 -32.25 78.22 17.39
N GLY H 222 -32.79 79.10 16.56
CA GLY H 222 -33.92 78.78 15.68
C GLY H 222 -35.23 78.80 16.47
N SER H 223 -35.28 79.58 17.56
CA SER H 223 -36.45 79.55 18.48
C SER H 223 -37.58 80.50 18.03
N ASN H 224 -38.79 80.14 18.44
CA ASN H 224 -39.97 80.96 18.27
C ASN H 224 -40.29 81.81 19.52
N ALA H 225 -39.35 81.90 20.45
CA ALA H 225 -39.64 82.65 21.70
C ALA H 225 -39.70 84.13 21.42
N LYS H 226 -40.65 84.76 22.11
CA LYS H 226 -40.67 86.24 22.26
C LYS H 226 -39.78 86.64 23.43
N ILE H 227 -39.50 87.94 23.49
CA ILE H 227 -38.56 88.58 24.47
C ILE H 227 -39.25 89.78 25.17
N ALA H 228 -39.09 89.89 26.49
CA ALA H 228 -39.55 91.09 27.21
C ALA H 228 -38.42 91.39 28.21
N THR H 229 -38.41 92.59 28.78
CA THR H 229 -37.25 92.98 29.56
C THR H 229 -37.62 93.92 30.72
N PHE H 230 -36.75 93.95 31.71
CA PHE H 230 -36.57 95.08 32.58
C PHE H 230 -35.64 96.07 31.93
N ASP H 231 -36.01 97.35 32.15
CA ASP H 231 -35.27 98.56 31.82
C ASP H 231 -35.27 99.00 30.31
N PHE H 232 -34.95 100.28 30.08
CA PHE H 232 -34.64 100.78 28.79
C PHE H 232 -33.13 100.83 28.54
N ASN H 233 -32.69 100.67 27.28
CA ASN H 233 -31.48 101.32 26.78
C ASN H 233 -31.89 102.11 25.52
N THR H 234 -30.91 102.56 24.74
CA THR H 234 -31.23 103.37 23.58
C THR H 234 -31.99 102.61 22.47
N GLN H 235 -31.93 101.27 22.48
CA GLN H 235 -32.52 100.41 21.46
C GLN H 235 -33.90 99.92 21.79
N VAL H 236 -34.25 100.03 23.07
CA VAL H 236 -35.47 99.36 23.54
C VAL H 236 -36.72 100.02 22.96
N PRO H 237 -36.74 101.39 22.89
CA PRO H 237 -38.01 101.95 22.28
C PRO H 237 -38.34 101.45 20.85
N ALA H 238 -37.34 101.44 19.99
CA ALA H 238 -37.55 100.96 18.62
C ALA H 238 -37.96 99.50 18.64
N GLU H 239 -37.43 98.75 19.61
CA GLU H 239 -37.72 97.34 19.69
C GLU H 239 -39.13 97.09 20.14
N ILE H 240 -39.68 97.94 21.01
CA ILE H 240 -41.05 97.76 21.44
C ILE H 240 -41.91 98.12 20.18
N GLU H 241 -41.54 99.19 19.51
CA GLU H 241 -42.27 99.76 18.32
C GLU H 241 -42.35 98.78 17.15
N ASN H 242 -41.41 97.85 17.07
CA ASN H 242 -41.37 96.97 15.93
C ASN H 242 -41.67 95.51 16.35
N GLY H 243 -42.04 95.29 17.60
CA GLY H 243 -42.41 93.98 18.08
C GLY H 243 -41.24 93.07 18.48
N GLN H 244 -40.00 93.56 18.40
CA GLN H 244 -38.88 92.72 18.90
C GLN H 244 -38.89 92.55 20.42
N LEU H 245 -39.48 93.49 21.19
CA LEU H 245 -39.72 93.31 22.63
C LEU H 245 -41.23 93.45 22.92
N GLN H 246 -41.76 92.62 23.79
CA GLN H 246 -43.18 92.68 24.05
C GLN H 246 -43.49 93.87 24.92
N TRP H 247 -42.62 94.13 25.87
CA TRP H 247 -42.76 95.28 26.79
C TRP H 247 -41.47 95.47 27.54
N ALA H 248 -41.34 96.61 28.24
CA ALA H 248 -40.21 96.79 29.11
C ALA H 248 -40.72 97.35 30.41
N ILE H 249 -40.06 96.99 31.49
CA ILE H 249 -40.47 97.47 32.86
C ILE H 249 -39.51 98.55 33.29
N ASP H 250 -40.07 99.75 33.49
CA ASP H 250 -39.27 100.93 33.84
C ASP H 250 -39.19 101.09 35.36
N GLN H 251 -37.96 101.20 35.91
CA GLN H 251 -37.74 101.48 37.34
C GLN H 251 -37.22 102.92 37.57
N GLN H 252 -37.07 103.66 36.51
CA GLN H 252 -36.61 105.03 36.52
C GLN H 252 -35.26 105.19 37.24
N PRO H 253 -34.21 104.58 36.66
CA PRO H 253 -32.85 104.82 37.14
C PRO H 253 -32.46 106.27 37.28
N TYR H 254 -32.94 107.16 36.41
CA TYR H 254 -32.59 108.60 36.59
C TYR H 254 -33.13 109.14 37.89
N VAL H 255 -34.35 108.74 38.23
CA VAL H 255 -34.94 109.16 39.53
C VAL H 255 -34.19 108.52 40.68
N GLU H 256 -33.87 107.26 40.57
CA GLU H 256 -33.10 106.64 41.67
C GLU H 256 -31.78 107.37 41.99
N GLY H 257 -31.03 107.66 40.92
CA GLY H 257 -29.77 108.36 41.10
C GLY H 257 -29.95 109.79 41.56
N TYR H 258 -30.92 110.47 40.95
CA TYR H 258 -31.20 111.88 41.28
C TYR H 258 -31.60 111.97 42.79
N GLU H 259 -32.54 111.14 43.21
CA GLU H 259 -33.08 111.24 44.54
C GLU H 259 -32.06 110.84 45.55
N ALA H 260 -31.20 109.89 45.23
CA ALA H 260 -30.16 109.49 46.18
C ALA H 260 -29.33 110.66 46.59
N VAL H 261 -28.99 111.50 45.62
CA VAL H 261 -28.24 112.73 45.88
C VAL H 261 -29.08 113.83 46.45
N ASP H 262 -30.21 114.13 45.81
CA ASP H 262 -31.03 115.26 46.32
C ASP H 262 -31.61 115.02 47.70
N SER H 263 -31.93 113.75 48.03
CA SER H 263 -32.42 113.44 49.36
C SER H 263 -31.37 113.69 50.44
N LEU H 264 -30.12 113.42 50.13
CA LEU H 264 -29.03 113.66 51.06
C LEU H 264 -28.91 115.16 51.29
N TRP H 265 -28.96 115.90 50.20
CA TRP H 265 -29.04 117.38 50.26
C TRP H 265 -30.15 117.83 51.18
N LEU H 266 -31.36 117.30 51.01
CA LEU H 266 -32.47 117.67 51.95
C LEU H 266 -32.19 117.33 53.40
N TYR H 267 -31.58 116.21 53.62
CA TYR H 267 -31.28 115.73 54.96
C TYR H 267 -30.19 116.55 55.64
N ILE H 268 -29.10 116.77 54.89
CA ILE H 268 -27.99 117.53 55.47
C ILE H 268 -28.41 118.99 55.71
N THR H 269 -29.14 119.58 54.80
CA THR H 269 -29.46 121.01 54.90
C THR H 269 -30.66 121.33 55.76
N ASN H 270 -31.61 120.40 55.91
CA ASN H 270 -32.83 120.73 56.71
C ASN H 270 -33.37 119.58 57.53
N GLY H 271 -32.60 118.49 57.67
CA GLY H 271 -33.00 117.30 58.40
C GLY H 271 -34.11 116.46 57.86
N ASP H 272 -34.49 116.70 56.63
CA ASP H 272 -35.69 116.08 56.10
C ASP H 272 -35.41 114.71 55.56
N THR H 273 -36.45 113.89 55.58
CA THR H 273 -36.46 112.62 54.87
C THR H 273 -37.65 112.55 53.94
N ILE H 274 -37.60 111.57 53.02
CA ILE H 274 -38.69 111.27 52.13
C ILE H 274 -39.08 109.81 52.33
N GLY H 275 -40.39 109.51 52.45
CA GLY H 275 -40.84 108.11 52.53
C GLY H 275 -41.58 107.66 53.77
N GLY H 276 -41.64 108.50 54.82
CA GLY H 276 -42.44 108.10 56.00
C GLY H 276 -41.93 106.82 56.63
N GLY H 277 -40.64 106.59 56.57
CA GLY H 277 -39.99 105.39 57.15
C GLY H 277 -39.87 104.20 56.23
N GLU H 278 -40.36 104.35 55.02
CA GLU H 278 -40.47 103.25 54.06
C GLU H 278 -39.85 103.65 52.74
N ALA H 279 -39.58 102.68 51.88
CA ALA H 279 -38.97 102.94 50.57
C ALA H 279 -39.85 103.89 49.75
N VAL H 280 -39.17 104.77 49.00
CA VAL H 280 -39.80 105.58 48.00
C VAL H 280 -39.76 104.85 46.66
N LYS H 281 -40.92 104.63 46.13
CA LYS H 281 -41.09 103.81 44.91
C LYS H 281 -40.83 104.58 43.64
N THR H 282 -40.04 104.01 42.72
CA THR H 282 -39.73 104.61 41.44
C THR H 282 -40.25 103.73 40.29
N GLY H 283 -40.87 102.61 40.62
CA GLY H 283 -41.50 101.70 39.67
C GLY H 283 -42.15 100.58 40.40
N PRO H 284 -42.64 99.53 39.73
CA PRO H 284 -42.58 99.34 38.28
C PRO H 284 -43.65 100.01 37.46
N PHE H 285 -43.33 100.24 36.22
CA PHE H 285 -44.26 100.73 35.22
C PHE H 285 -43.97 100.00 33.92
N PHE H 286 -44.98 99.38 33.32
CA PHE H 286 -44.84 98.75 32.05
C PHE H 286 -45.02 99.70 30.89
N VAL H 287 -44.04 99.64 30.04
CA VAL H 287 -44.09 100.38 28.77
C VAL H 287 -44.21 99.37 27.62
N ASP H 288 -45.17 99.67 26.74
CA ASP H 288 -45.51 98.84 25.61
C ASP H 288 -45.88 99.72 24.48
N LYS H 289 -46.43 99.13 23.42
CA LYS H 289 -46.74 99.95 22.25
C LYS H 289 -47.68 101.10 22.59
N SER H 290 -48.58 100.93 23.54
CA SER H 290 -49.57 102.02 23.81
C SER H 290 -48.91 103.30 24.37
N ASN H 291 -47.75 103.19 25.04
CA ASN H 291 -47.18 104.36 25.73
C ASN H 291 -45.69 104.57 25.51
N VAL H 292 -45.08 103.82 24.60
CA VAL H 292 -43.66 103.98 24.40
C VAL H 292 -43.35 105.35 23.79
N ALA H 293 -44.28 105.93 23.02
CA ALA H 293 -43.99 107.23 22.37
C ALA H 293 -43.57 108.28 23.40
N ALA H 294 -44.12 108.20 24.62
CA ALA H 294 -43.85 109.24 25.62
C ALA H 294 -42.44 109.17 26.17
N VAL H 295 -41.80 108.02 26.08
CA VAL H 295 -40.42 107.90 26.62
C VAL H 295 -39.33 107.67 25.57
N ALA H 296 -39.68 107.40 24.31
CA ALA H 296 -38.72 107.04 23.32
C ALA H 296 -37.55 107.98 23.19
N LYS H 297 -37.78 109.29 23.11
CA LYS H 297 -36.71 110.25 22.86
C LYS H 297 -35.82 110.37 24.07
N PHE H 298 -36.40 110.24 25.25
CA PHE H 298 -35.60 110.28 26.49
C PHE H 298 -34.74 109.05 26.63
N ALA H 299 -35.33 107.88 26.39
CA ALA H 299 -34.51 106.69 26.46
C ALA H 299 -33.40 106.72 25.38
N GLU H 300 -33.70 107.26 24.19
CA GLU H 300 -32.74 107.34 23.12
C GLU H 300 -31.58 108.26 23.47
N ARG H 301 -31.81 109.24 24.33
CA ARG H 301 -30.72 110.14 24.76
C ARG H 301 -29.99 109.65 26.05
N GLY H 302 -30.38 108.49 26.54
CA GLY H 302 -29.74 107.86 27.69
C GLY H 302 -30.21 108.37 29.05
N THR H 303 -31.31 109.11 29.07
CA THR H 303 -31.71 109.65 30.34
C THR H 303 -32.93 108.91 30.94
N ARG H 304 -33.48 107.90 30.24
CA ARG H 304 -34.50 107.02 30.79
C ARG H 304 -34.15 105.59 30.56
N PRO I 19 57.69 -36.58 -48.76
CA PRO I 19 58.19 -36.75 -47.38
C PRO I 19 57.12 -37.33 -46.46
N HIS I 20 57.38 -38.48 -45.84
CA HIS I 20 56.28 -39.16 -45.13
C HIS I 20 55.79 -38.45 -43.84
N LEU I 21 54.46 -38.25 -43.75
CA LEU I 21 53.87 -37.57 -42.62
C LEU I 21 52.80 -38.43 -41.93
N THR I 22 52.71 -38.24 -40.62
CA THR I 22 51.65 -38.87 -39.83
C THR I 22 50.73 -37.76 -39.32
N ILE I 23 49.45 -37.85 -39.70
CA ILE I 23 48.43 -36.86 -39.28
C ILE I 23 47.35 -37.55 -38.46
N ALA I 24 47.09 -37.03 -37.25
CA ALA I 24 45.96 -37.45 -36.40
C ALA I 24 44.70 -36.68 -36.76
N MET I 25 43.65 -37.43 -37.07
CA MET I 25 42.29 -36.81 -37.24
C MET I 25 41.44 -37.28 -36.09
N ILE I 26 40.95 -36.31 -35.33
CA ILE I 26 40.34 -36.56 -34.01
C ILE I 26 38.97 -35.94 -34.05
N THR I 27 37.95 -36.78 -33.89
CA THR I 27 36.59 -36.27 -34.01
C THR I 27 35.66 -36.65 -32.85
N HIS I 28 34.41 -36.14 -32.88
CA HIS I 28 33.42 -36.43 -31.84
C HIS I 28 32.45 -37.50 -32.32
N GLN I 29 32.79 -38.21 -33.39
CA GLN I 29 31.88 -39.21 -33.98
C GLN I 29 31.24 -40.18 -32.97
N GLN I 30 29.94 -40.31 -33.00
CA GLN I 30 29.22 -41.37 -32.30
C GLN I 30 29.43 -42.65 -33.08
N PRO I 31 29.83 -43.74 -32.41
CA PRO I 31 29.91 -44.97 -33.20
C PRO I 31 28.65 -45.32 -33.96
N GLY I 32 28.83 -45.66 -35.23
CA GLY I 32 27.68 -45.93 -36.08
C GLY I 32 27.08 -44.77 -36.90
N ASP I 33 27.51 -43.54 -36.59
CA ASP I 33 27.04 -42.34 -37.34
C ASP I 33 27.77 -42.31 -38.66
N THR I 34 26.99 -42.63 -39.70
CA THR I 34 27.46 -42.82 -41.03
C THR I 34 27.97 -41.54 -41.72
N PHE I 35 27.61 -40.36 -41.20
CA PHE I 35 28.09 -39.13 -41.72
C PHE I 35 29.64 -39.18 -41.77
N TRP I 36 30.23 -39.74 -40.70
CA TRP I 36 31.65 -39.76 -40.54
C TRP I 36 32.37 -40.63 -41.51
N ASP I 37 31.67 -41.58 -42.10
CA ASP I 37 32.28 -42.36 -43.16
C ASP I 37 32.58 -41.46 -44.38
N ILE I 38 31.76 -40.44 -44.64
CA ILE I 38 31.95 -39.54 -45.79
C ILE I 38 33.16 -38.65 -45.57
N ILE I 39 33.23 -38.10 -44.35
CA ILE I 39 34.39 -37.36 -43.88
C ILE I 39 35.67 -38.21 -44.10
N ARG I 40 35.69 -39.47 -43.65
CA ARG I 40 36.91 -40.28 -43.76
C ARG I 40 37.19 -40.66 -45.20
N LYS I 41 36.19 -40.82 -46.09
CA LYS I 41 36.52 -41.07 -47.49
C LYS I 41 37.34 -39.91 -48.05
N GLY I 42 36.89 -38.70 -47.74
CA GLY I 42 37.61 -37.52 -48.15
C GLY I 42 39.04 -37.46 -47.59
N ALA I 43 39.12 -37.64 -46.29
CA ALA I 43 40.41 -37.66 -45.60
C ALA I 43 41.38 -38.69 -46.11
N LEU I 44 40.91 -39.91 -46.35
CA LEU I 44 41.72 -40.95 -46.99
C LEU I 44 42.11 -40.66 -48.42
N ALA I 45 41.27 -40.00 -49.19
CA ALA I 45 41.62 -39.60 -50.60
C ALA I 45 42.82 -38.61 -50.56
N ALA I 46 42.72 -37.62 -49.68
CA ALA I 46 43.87 -36.79 -49.46
C ALA I 46 45.14 -37.49 -48.94
N ALA I 47 44.99 -38.34 -47.91
CA ALA I 47 46.15 -39.03 -47.35
C ALA I 47 46.89 -39.85 -48.40
N ALA I 48 46.13 -40.52 -49.26
CA ALA I 48 46.70 -41.34 -50.32
C ALA I 48 47.57 -40.57 -51.30
N LYS I 49 47.07 -39.42 -51.71
CA LYS I 49 47.85 -38.57 -52.56
C LYS I 49 49.01 -37.91 -51.89
N ASP I 50 48.96 -37.71 -50.55
CA ASP I 50 49.90 -36.89 -49.83
C ASP I 50 51.01 -37.62 -49.05
N ASN I 51 51.13 -38.91 -49.22
CA ASN I 51 52.08 -39.65 -48.41
C ASN I 51 51.86 -39.53 -46.91
N VAL I 52 50.60 -39.65 -46.50
CA VAL I 52 50.25 -39.41 -45.12
C VAL I 52 49.65 -40.68 -44.62
N THR I 53 50.14 -41.05 -43.41
CA THR I 53 49.45 -42.06 -42.64
CA THR I 53 49.51 -42.06 -42.59
C THR I 53 48.49 -41.35 -41.73
N LEU I 54 47.22 -41.61 -42.01
CA LEU I 54 46.11 -40.99 -41.30
C LEU I 54 45.71 -41.86 -40.10
N LYS I 55 45.81 -41.30 -38.91
CA LYS I 55 45.39 -41.95 -37.67
C LYS I 55 44.11 -41.30 -37.18
N TYR I 56 43.04 -42.01 -37.38
CA TYR I 56 41.72 -41.50 -37.06
C TYR I 56 41.33 -41.98 -35.69
N SER I 57 40.87 -41.08 -34.86
CA SER I 57 40.28 -41.47 -33.56
C SER I 57 39.03 -40.63 -33.27
N ASN I 58 38.16 -41.11 -32.40
CA ASN I 58 36.91 -40.42 -32.13
C ASN I 58 36.34 -40.80 -30.77
N ASP I 59 35.70 -39.83 -30.12
CA ASP I 59 34.85 -40.11 -28.96
C ASP I 59 33.77 -39.06 -28.86
N PRO I 60 32.49 -39.51 -28.68
CA PRO I 60 31.41 -38.50 -28.56
C PRO I 60 31.43 -37.87 -27.20
N ASP I 61 32.21 -38.41 -26.24
CA ASP I 61 32.42 -37.79 -24.90
C ASP I 61 33.62 -36.86 -24.99
N SER I 62 33.37 -35.58 -24.76
CA SER I 62 34.41 -34.61 -25.10
C SER I 62 35.61 -34.72 -24.15
N THR I 63 35.41 -35.19 -22.93
CA THR I 63 36.57 -35.49 -22.06
C THR I 63 37.49 -36.47 -22.72
N LYS I 64 36.90 -37.50 -23.30
CA LYS I 64 37.58 -38.57 -23.99
C LYS I 64 38.21 -38.06 -25.23
N GLU I 65 37.49 -37.22 -25.98
CA GLU I 65 38.11 -36.60 -27.14
C GLU I 65 39.33 -35.73 -26.82
N ALA I 66 39.32 -34.97 -25.71
CA ALA I 66 40.46 -34.18 -25.32
C ALA I 66 41.66 -35.06 -25.03
N VAL I 67 41.40 -36.20 -24.41
CA VAL I 67 42.49 -37.17 -24.16
C VAL I 67 43.11 -37.69 -25.44
N LEU I 68 42.26 -38.00 -26.45
CA LEU I 68 42.74 -38.34 -27.79
C LEU I 68 43.67 -37.26 -28.40
N ILE I 69 43.36 -35.97 -28.17
CA ILE I 69 44.21 -34.87 -28.64
C ILE I 69 45.56 -34.98 -27.94
N GLN I 70 45.54 -35.03 -26.59
CA GLN I 70 46.74 -35.21 -25.79
C GLN I 70 47.57 -36.44 -26.19
N ASP I 71 46.91 -37.55 -26.58
CA ASP I 71 47.60 -38.78 -27.05
C ASP I 71 48.40 -38.46 -28.34
N ALA I 72 47.77 -37.82 -29.30
CA ALA I 72 48.43 -37.40 -30.58
C ALA I 72 49.60 -36.40 -30.31
N VAL I 73 49.49 -35.54 -29.30
CA VAL I 73 50.58 -34.64 -28.93
C VAL I 73 51.76 -35.47 -28.39
N ASN I 74 51.46 -36.44 -27.50
CA ASN I 74 52.53 -37.29 -26.94
C ASN I 74 53.21 -38.05 -28.02
N ALA I 75 52.48 -38.58 -29.00
CA ALA I 75 53.03 -39.28 -30.15
C ALA I 75 53.82 -38.41 -31.18
N LYS I 76 53.88 -37.11 -30.95
CA LYS I 76 54.58 -36.17 -31.82
C LYS I 76 54.14 -36.35 -33.25
N VAL I 77 52.82 -36.41 -33.48
CA VAL I 77 52.38 -36.53 -34.86
C VAL I 77 52.83 -35.25 -35.63
N ASP I 78 52.75 -35.31 -36.98
CA ASP I 78 53.14 -34.14 -37.83
C ASP I 78 52.06 -33.04 -37.89
N GLY I 79 50.81 -33.42 -37.61
CA GLY I 79 49.70 -32.50 -37.71
C GLY I 79 48.48 -33.14 -37.05
N ILE I 80 47.52 -32.31 -36.66
CA ILE I 80 46.26 -32.74 -36.07
C ILE I 80 45.14 -32.01 -36.80
N ALA I 81 44.16 -32.76 -37.29
CA ALA I 81 42.91 -32.21 -37.74
C ALA I 81 41.86 -32.54 -36.67
N VAL I 82 41.12 -31.56 -36.18
CA VAL I 82 40.32 -31.77 -34.99
C VAL I 82 38.94 -31.10 -35.07
N THR I 83 37.90 -31.74 -34.51
CA THR I 83 36.60 -31.12 -34.41
C THR I 83 36.45 -30.47 -33.03
N ILE I 84 35.69 -29.44 -32.96
CA ILE I 84 35.49 -28.65 -31.74
C ILE I 84 34.00 -28.46 -31.41
N PRO I 85 33.29 -29.58 -31.11
CA PRO I 85 31.90 -29.41 -30.72
C PRO I 85 31.71 -28.81 -29.33
N ASP I 86 32.71 -28.92 -28.48
CA ASP I 86 32.62 -28.59 -27.07
C ASP I 86 33.83 -27.78 -26.70
N PRO I 87 33.80 -26.49 -26.98
CA PRO I 87 34.98 -25.66 -26.76
C PRO I 87 35.56 -25.68 -25.33
N PRO I 88 34.73 -25.55 -24.29
CA PRO I 88 35.35 -25.57 -22.99
C PRO I 88 36.14 -26.85 -22.65
N ALA I 89 35.67 -27.96 -23.20
CA ALA I 89 36.26 -29.25 -22.95
C ALA I 89 37.50 -29.53 -23.79
N LEU I 90 37.61 -28.89 -24.96
CA LEU I 90 38.57 -29.21 -25.94
C LEU I 90 39.63 -28.15 -26.21
N ILE I 91 39.31 -26.89 -25.99
CA ILE I 91 40.25 -25.84 -26.34
C ILE I 91 41.59 -25.97 -25.53
N PRO I 92 41.51 -26.31 -24.23
CA PRO I 92 42.83 -26.38 -23.56
C PRO I 92 43.74 -27.43 -24.16
N ALA I 93 43.23 -28.61 -24.47
CA ALA I 93 44.03 -29.62 -25.15
C ALA I 93 44.55 -29.17 -26.55
N ILE I 94 43.76 -28.47 -27.31
CA ILE I 94 44.22 -27.88 -28.60
C ILE I 94 45.35 -26.85 -28.34
N LYS I 95 45.21 -26.02 -27.33
CA LYS I 95 46.22 -25.02 -27.08
C LYS I 95 47.56 -25.67 -26.73
N GLN I 96 47.52 -26.83 -26.08
CA GLN I 96 48.74 -27.56 -25.78
C GLN I 96 49.42 -28.10 -26.99
N ALA I 97 48.60 -28.58 -27.92
CA ALA I 97 49.11 -29.15 -29.13
C ALA I 97 49.83 -28.05 -29.91
N VAL I 98 49.17 -26.91 -30.02
CA VAL I 98 49.77 -25.79 -30.73
C VAL I 98 51.05 -25.29 -30.02
N ALA I 99 50.98 -25.10 -28.71
CA ALA I 99 52.20 -24.68 -27.97
C ALA I 99 53.28 -25.73 -28.05
N ALA I 100 52.93 -27.00 -28.28
CA ALA I 100 53.94 -28.08 -28.55
C ALA I 100 54.57 -28.12 -29.98
N GLY I 101 54.15 -27.17 -30.79
CA GLY I 101 54.71 -27.07 -32.13
C GLY I 101 54.04 -27.90 -33.19
N ILE I 102 52.87 -28.45 -32.88
CA ILE I 102 52.16 -29.27 -33.81
C ILE I 102 51.10 -28.44 -34.49
N PRO I 103 51.16 -28.41 -35.84
CA PRO I 103 50.10 -27.63 -36.55
C PRO I 103 48.70 -28.28 -36.42
N VAL I 104 47.70 -27.47 -36.12
CA VAL I 104 46.31 -27.97 -35.98
C VAL I 104 45.39 -27.26 -37.00
N VAL I 105 44.65 -28.04 -37.75
CA VAL I 105 43.50 -27.54 -38.54
C VAL I 105 42.21 -28.01 -37.86
N ALA I 106 41.24 -27.13 -37.70
CA ALA I 106 39.92 -27.47 -37.17
C ALA I 106 38.89 -27.66 -38.34
N PHE I 107 37.89 -28.52 -38.11
CA PHE I 107 36.93 -28.79 -39.15
C PHE I 107 35.62 -29.29 -38.54
N ASN I 108 34.54 -29.09 -39.30
CA ASN I 108 33.23 -29.62 -39.04
C ASN I 108 32.45 -28.93 -37.92
N ALA I 109 33.08 -28.80 -36.75
CA ALA I 109 32.42 -28.17 -35.63
C ALA I 109 33.40 -27.19 -34.97
N GLY I 110 32.85 -26.05 -34.56
CA GLY I 110 33.60 -25.05 -33.89
C GLY I 110 33.96 -23.85 -34.67
N ILE I 111 33.15 -23.47 -35.66
CA ILE I 111 33.55 -22.34 -36.53
C ILE I 111 33.74 -21.00 -35.80
N ASP I 112 33.05 -20.81 -34.70
CA ASP I 112 33.15 -19.62 -33.92
C ASP I 112 34.30 -19.65 -32.92
N GLN I 113 34.91 -20.79 -32.66
CA GLN I 113 35.94 -20.93 -31.68
C GLN I 113 37.32 -21.39 -32.18
N TRP I 114 37.49 -21.78 -33.44
CA TRP I 114 38.76 -22.31 -33.87
C TRP I 114 39.90 -21.27 -33.79
N LYS I 115 39.61 -20.00 -34.06
CA LYS I 115 40.67 -18.98 -34.13
C LYS I 115 41.30 -18.87 -32.71
N GLU I 116 40.47 -18.92 -31.67
CA GLU I 116 40.95 -18.80 -30.24
C GLU I 116 41.68 -20.04 -29.68
N SER I 117 41.61 -21.15 -30.40
CA SER I 117 42.31 -22.39 -30.00
C SER I 117 43.77 -22.39 -30.47
N GLY I 118 44.06 -21.50 -31.41
CA GLY I 118 45.34 -21.50 -32.14
C GLY I 118 45.39 -22.39 -33.35
N ALA I 119 44.27 -23.02 -33.73
CA ALA I 119 44.18 -23.76 -35.00
C ALA I 119 44.49 -22.78 -36.16
N LEU I 120 45.12 -23.32 -37.20
CA LEU I 120 45.56 -22.50 -38.31
C LEU I 120 44.46 -22.06 -39.28
N MET I 121 43.44 -22.92 -39.42
CA MET I 121 42.46 -22.85 -40.48
C MET I 121 41.24 -23.62 -40.01
N TYR I 122 40.11 -23.39 -40.68
CA TYR I 122 38.85 -24.09 -40.39
C TYR I 122 38.17 -24.42 -41.72
N PHE I 123 37.66 -25.63 -41.85
CA PHE I 123 36.83 -26.12 -42.96
C PHE I 123 35.46 -26.57 -42.48
N GLY I 124 34.43 -25.89 -42.92
CA GLY I 124 33.06 -26.28 -42.65
C GLY I 124 32.06 -25.23 -43.07
N GLN I 125 30.79 -25.32 -42.62
CA GLN I 125 29.82 -24.27 -43.00
C GLN I 125 29.48 -23.45 -41.76
N ASP I 126 29.03 -22.24 -41.95
CA ASP I 126 28.50 -21.40 -40.92
C ASP I 126 27.10 -21.96 -40.63
N GLU I 127 27.03 -22.62 -39.47
CA GLU I 127 25.85 -23.32 -39.10
C GLU I 127 24.73 -22.35 -38.65
N THR I 128 25.08 -21.22 -38.09
CA THR I 128 24.08 -20.22 -37.84
C THR I 128 23.43 -19.78 -39.15
N VAL I 129 24.23 -19.47 -40.14
CA VAL I 129 23.71 -19.09 -41.47
C VAL I 129 22.84 -20.19 -42.06
N ALA I 130 23.30 -21.45 -41.94
CA ALA I 130 22.61 -22.58 -42.51
C ALA I 130 21.22 -22.69 -41.79
N GLY I 131 21.20 -22.51 -40.48
CA GLY I 131 19.92 -22.53 -39.77
C GLY I 131 18.98 -21.41 -40.11
N GLN I 132 19.52 -20.20 -40.12
CA GLN I 132 18.69 -19.05 -40.62
C GLN I 132 18.12 -19.29 -42.05
N ALA I 133 18.94 -19.83 -42.95
CA ALA I 133 18.43 -20.14 -44.27
C ALA I 133 17.31 -21.14 -44.21
N ALA I 134 17.45 -22.15 -43.35
CA ALA I 134 16.43 -23.17 -43.23
C ALA I 134 15.13 -22.62 -42.67
N GLY I 135 15.20 -21.78 -41.64
CA GLY I 135 14.03 -21.10 -41.08
C GLY I 135 13.34 -20.27 -42.08
N ALA I 136 14.12 -19.53 -42.89
CA ALA I 136 13.51 -18.65 -43.92
C ALA I 136 12.81 -19.46 -44.98
N ARG I 137 13.42 -20.56 -45.38
CA ARG I 137 12.85 -21.44 -46.39
C ARG I 137 11.53 -22.06 -45.89
N ALA I 138 11.56 -22.51 -44.65
CA ALA I 138 10.40 -23.14 -44.01
C ALA I 138 9.24 -22.16 -43.92
N THR I 139 9.51 -20.92 -43.55
CA THR I 139 8.50 -19.82 -43.58
C THR I 139 7.89 -19.65 -44.97
N SER I 140 8.75 -19.69 -45.97
CA SER I 140 8.38 -19.43 -47.36
CA SER I 140 8.37 -19.41 -47.35
C SER I 140 7.51 -20.54 -47.86
N GLU I 141 7.77 -21.77 -47.41
CA GLU I 141 7.00 -22.94 -47.80
C GLU I 141 5.66 -23.06 -46.98
N GLY I 142 5.42 -22.15 -46.04
CA GLY I 142 4.08 -22.00 -45.39
C GLY I 142 3.90 -22.79 -44.09
N PHE I 143 4.98 -23.37 -43.60
CA PHE I 143 4.94 -24.07 -42.33
C PHE I 143 4.78 -23.08 -41.15
N LYS I 144 4.07 -23.49 -40.08
CA LYS I 144 3.80 -22.61 -38.93
C LYS I 144 4.31 -23.18 -37.57
N HIS I 145 4.86 -24.40 -37.54
CA HIS I 145 5.34 -24.97 -36.31
C HIS I 145 6.35 -26.07 -36.60
N VAL I 146 7.63 -25.69 -36.43
CA VAL I 146 8.72 -26.58 -36.70
C VAL I 146 9.15 -27.35 -35.44
N LEU I 147 9.50 -28.61 -35.63
CA LEU I 147 10.15 -29.42 -34.59
C LEU I 147 11.59 -29.65 -35.06
N CYS I 148 12.58 -29.25 -34.24
CA CYS I 148 14.03 -29.44 -34.55
C CYS I 148 14.53 -30.57 -33.73
N VAL I 149 15.12 -31.57 -34.30
CA VAL I 149 15.51 -32.75 -33.56
C VAL I 149 17.00 -32.77 -33.48
N LEU I 150 17.53 -32.86 -32.24
CA LEU I 150 18.98 -32.80 -31.99
C LEU I 150 19.40 -34.14 -31.43
N GLN I 151 20.44 -34.73 -31.98
CA GLN I 151 20.82 -36.07 -31.63
C GLN I 151 21.91 -36.12 -30.54
N ALA I 152 22.35 -34.98 -30.12
CA ALA I 152 23.25 -34.80 -29.01
C ALA I 152 23.02 -33.45 -28.33
N GLN I 153 23.32 -33.34 -27.03
CA GLN I 153 23.38 -32.08 -26.35
C GLN I 153 24.80 -31.62 -26.22
N GLY I 154 24.97 -30.35 -26.01
CA GLY I 154 26.26 -29.78 -25.76
C GLY I 154 27.18 -29.72 -26.97
N GLN I 155 26.60 -29.60 -28.17
CA GLN I 155 27.43 -29.53 -29.40
C GLN I 155 27.14 -28.23 -30.16
N VAL I 156 28.14 -27.37 -30.20
CA VAL I 156 27.93 -25.99 -30.70
C VAL I 156 27.42 -25.92 -32.14
N GLN I 157 27.84 -26.86 -32.97
CA GLN I 157 27.40 -26.89 -34.40
C GLN I 157 25.92 -27.23 -34.49
N LEU I 158 25.43 -28.10 -33.62
CA LEU I 158 24.04 -28.45 -33.64
C LEU I 158 23.24 -27.34 -33.05
N GLU I 159 23.67 -26.76 -31.96
CA GLU I 159 22.86 -25.68 -31.37
C GLU I 159 22.82 -24.47 -32.27
N SER I 160 23.91 -24.20 -32.99
CA SER I 160 23.87 -23.09 -33.90
C SER I 160 22.78 -23.27 -34.95
N ARG I 161 22.63 -24.48 -35.49
CA ARG I 161 21.64 -24.73 -36.51
C ARG I 161 20.29 -24.38 -35.94
N CYS I 162 20.00 -24.90 -34.78
CA CYS I 162 18.62 -24.78 -34.24
C CYS I 162 18.34 -23.37 -33.89
N ASN I 163 19.31 -22.68 -33.28
CA ASN I 163 19.18 -21.25 -33.02
C ASN I 163 18.93 -20.40 -34.23
N GLY I 164 19.59 -20.76 -35.31
CA GLY I 164 19.40 -19.99 -36.55
C GLY I 164 17.98 -20.22 -37.09
N VAL I 165 17.49 -21.44 -37.05
CA VAL I 165 16.11 -21.78 -37.50
C VAL I 165 15.16 -20.92 -36.67
N GLN I 166 15.37 -20.88 -35.36
CA GLN I 166 14.52 -20.11 -34.48
C GLN I 166 14.48 -18.68 -34.83
N GLN I 167 15.64 -18.10 -35.11
CA GLN I 167 15.79 -16.67 -35.45
C GLN I 167 14.93 -16.28 -36.65
N THR I 168 14.91 -17.10 -37.69
CA THR I 168 14.20 -16.68 -38.91
C THR I 168 12.85 -17.33 -39.15
N PHE I 169 12.54 -18.46 -38.50
CA PHE I 169 11.25 -19.13 -38.68
C PHE I 169 10.19 -18.22 -38.06
N LYS I 170 9.17 -17.90 -38.84
CA LYS I 170 8.07 -17.04 -38.33
C LYS I 170 6.90 -17.87 -37.93
N GLY I 171 7.08 -18.52 -36.79
CA GLY I 171 6.22 -19.62 -36.39
C GLY I 171 6.67 -20.20 -35.08
N GLN I 172 5.95 -21.18 -34.56
CA GLN I 172 6.39 -21.80 -33.32
C GLN I 172 7.59 -22.64 -33.54
N TYR I 173 8.47 -22.65 -32.54
CA TYR I 173 9.67 -23.44 -32.58
C TYR I 173 9.69 -24.42 -31.38
N THR I 174 9.97 -25.71 -31.61
CA THR I 174 10.14 -26.71 -30.53
C THR I 174 11.31 -27.59 -30.79
N LYS I 175 12.13 -27.78 -29.77
CA LYS I 175 13.24 -28.69 -29.78
C LYS I 175 13.01 -30.03 -29.09
N LEU I 176 13.61 -31.07 -29.63
CA LEU I 176 13.57 -32.39 -29.08
C LEU I 176 14.98 -32.98 -29.17
N TYR I 177 15.54 -33.28 -28.01
CA TYR I 177 16.75 -34.01 -27.86
C TYR I 177 16.42 -35.49 -27.86
N VAL I 178 17.12 -36.20 -28.74
CA VAL I 178 17.03 -37.65 -28.84
C VAL I 178 18.41 -38.25 -28.62
N ASN I 179 18.45 -39.53 -28.20
CA ASN I 179 19.73 -40.17 -27.99
C ASN I 179 20.11 -40.79 -29.28
N GLY I 180 21.02 -40.14 -30.03
CA GLY I 180 21.56 -40.68 -31.26
C GLY I 180 22.09 -42.11 -31.22
N ALA I 181 22.67 -42.51 -30.08
CA ALA I 181 23.25 -43.90 -29.85
C ALA I 181 22.18 -45.00 -29.66
N ASP I 182 20.93 -44.59 -29.62
CA ASP I 182 19.82 -45.51 -29.42
C ASP I 182 18.74 -45.24 -30.46
N GLN I 183 18.92 -45.77 -31.65
CA GLN I 183 18.03 -45.46 -32.74
C GLN I 183 16.57 -45.85 -32.52
N PRO I 184 16.33 -47.05 -31.95
CA PRO I 184 14.94 -47.36 -31.64
C PRO I 184 14.23 -46.23 -30.81
N SER I 185 14.91 -45.72 -29.76
N SER I 185 14.94 -45.72 -29.78
CA SER I 185 14.40 -44.61 -28.97
CA SER I 185 14.46 -44.62 -28.95
C SER I 185 14.17 -43.34 -29.75
C SER I 185 14.23 -43.32 -29.69
N VAL I 186 15.05 -43.06 -30.70
CA VAL I 186 14.87 -41.83 -31.53
C VAL I 186 13.50 -41.84 -32.25
N ARG I 187 13.22 -43.00 -32.90
CA ARG I 187 11.96 -43.16 -33.63
C ARG I 187 10.73 -43.06 -32.75
N THR I 188 10.76 -43.77 -31.63
CA THR I 188 9.55 -43.76 -30.77
C THR I 188 9.32 -42.40 -30.10
N THR I 189 10.45 -41.72 -29.77
CA THR I 189 10.44 -40.33 -29.20
C THR I 189 9.90 -39.24 -30.15
N ILE I 190 10.33 -39.30 -31.37
CA ILE I 190 9.79 -38.36 -32.35
C ILE I 190 8.30 -38.62 -32.57
N ALA I 191 7.90 -39.86 -32.69
CA ALA I 191 6.51 -40.16 -32.96
C ALA I 191 5.62 -39.68 -31.84
N ALA I 192 6.07 -39.89 -30.60
CA ALA I 192 5.26 -39.48 -29.44
C ALA I 192 5.04 -37.96 -29.45
N LYS I 193 6.07 -37.23 -29.81
CA LYS I 193 6.02 -35.77 -29.82
C LYS I 193 4.99 -35.26 -30.85
N LEU I 194 5.01 -35.88 -32.02
CA LEU I 194 4.04 -35.49 -33.07
C LEU I 194 2.59 -35.82 -32.68
N LYS I 195 2.40 -36.97 -32.01
CA LYS I 195 1.05 -37.38 -31.49
C LYS I 195 0.50 -36.38 -30.45
N GLN I 196 1.39 -35.93 -29.57
CA GLN I 196 1.05 -35.00 -28.51
C GLN I 196 0.77 -33.58 -29.01
N ASP I 197 1.36 -33.18 -30.14
CA ASP I 197 1.05 -31.88 -30.70
C ASP I 197 0.83 -31.89 -32.20
N PRO I 198 -0.41 -32.01 -32.62
CA PRO I 198 -0.62 -32.16 -34.04
C PRO I 198 -0.39 -30.87 -34.79
N SER I 199 -0.09 -29.77 -34.10
CA SER I 199 0.16 -28.51 -34.79
C SER I 199 1.56 -28.50 -35.42
N ILE I 200 2.46 -29.39 -34.98
CA ILE I 200 3.77 -29.52 -35.61
C ILE I 200 3.64 -30.01 -37.07
N ASP I 201 4.12 -29.20 -38.02
CA ASP I 201 3.93 -29.43 -39.46
C ASP I 201 5.22 -29.58 -40.24
N LEU I 202 6.36 -29.37 -39.59
CA LEU I 202 7.66 -29.67 -40.24
C LEU I 202 8.64 -30.18 -39.20
N VAL I 203 9.33 -31.24 -39.50
CA VAL I 203 10.38 -31.77 -38.63
C VAL I 203 11.71 -31.52 -39.39
N ILE I 204 12.64 -30.82 -38.72
CA ILE I 204 14.01 -30.63 -39.24
C ILE I 204 15.02 -31.49 -38.47
N THR I 205 15.67 -32.41 -39.14
CA THR I 205 16.67 -33.28 -38.54
C THR I 205 18.03 -32.77 -38.91
N LEU I 206 18.97 -33.01 -37.98
CA LEU I 206 20.35 -32.44 -38.13
C LEU I 206 21.31 -33.49 -38.67
N GLY I 207 20.83 -34.62 -39.13
CA GLY I 207 21.66 -35.66 -39.73
C GLY I 207 20.79 -36.50 -40.59
N ALA I 208 21.37 -37.13 -41.58
CA ALA I 208 20.55 -37.88 -42.52
C ALA I 208 20.09 -39.22 -41.97
N PRO I 209 20.86 -39.87 -41.05
CA PRO I 209 20.25 -41.08 -40.45
C PRO I 209 19.06 -40.72 -39.57
N ILE I 210 19.10 -39.56 -38.89
CA ILE I 210 17.98 -39.13 -38.08
C ILE I 210 16.77 -38.83 -38.96
N ALA I 211 17.05 -38.31 -40.14
CA ALA I 211 16.00 -38.06 -41.07
C ALA I 211 15.20 -39.36 -41.38
N GLN I 212 15.88 -40.47 -41.53
CA GLN I 212 15.23 -41.74 -41.86
C GLN I 212 14.29 -42.10 -40.74
N LEU I 213 14.73 -41.83 -39.50
CA LEU I 213 13.93 -42.24 -38.34
C LEU I 213 12.73 -41.33 -38.19
N ALA I 214 12.92 -40.04 -38.50
CA ALA I 214 11.84 -39.04 -38.54
C ALA I 214 10.79 -39.33 -39.60
N ILE I 215 11.21 -39.72 -40.82
CA ILE I 215 10.26 -40.14 -41.85
C ILE I 215 9.34 -41.29 -41.35
N GLN I 216 9.95 -42.26 -40.66
CA GLN I 216 9.16 -43.43 -40.14
C GLN I 216 8.26 -42.97 -39.03
N ALA I 217 8.78 -42.09 -38.16
CA ALA I 217 8.03 -41.60 -37.01
C ALA I 217 6.78 -40.84 -37.43
N VAL I 218 6.88 -39.95 -38.44
CA VAL I 218 5.73 -39.21 -38.95
C VAL I 218 4.62 -40.20 -39.36
N LYS I 219 5.01 -41.29 -39.98
CA LYS I 219 4.01 -42.33 -40.40
C LYS I 219 3.46 -43.06 -39.16
N ASP I 220 4.34 -43.55 -38.29
CA ASP I 220 3.92 -44.13 -36.98
C ASP I 220 2.80 -43.32 -36.29
N ALA I 221 2.96 -42.01 -36.31
CA ALA I 221 2.09 -41.12 -35.63
C ALA I 221 0.90 -40.70 -36.48
N GLY I 222 0.87 -41.07 -37.75
CA GLY I 222 -0.27 -40.74 -38.65
C GLY I 222 -0.27 -39.23 -38.85
N SER I 223 0.92 -38.64 -38.89
CA SER I 223 1.05 -37.20 -38.96
C SER I 223 1.12 -36.71 -40.41
N ASN I 224 0.75 -35.45 -40.55
CA ASN I 224 0.84 -34.70 -41.79
C ASN I 224 2.19 -33.94 -41.97
N ALA I 225 3.05 -33.98 -40.94
CA ALA I 225 4.23 -33.18 -40.91
C ALA I 225 5.13 -33.65 -42.04
N LYS I 226 5.82 -32.65 -42.59
CA LYS I 226 6.88 -32.91 -43.57
C LYS I 226 8.19 -33.01 -42.81
N ILE I 227 9.20 -33.47 -43.53
CA ILE I 227 10.56 -33.68 -42.98
C ILE I 227 11.57 -32.98 -43.93
N ALA I 228 12.48 -32.18 -43.39
CA ALA I 228 13.69 -31.69 -44.08
C ALA I 228 14.93 -32.00 -43.29
N THR I 229 16.12 -31.96 -43.90
CA THR I 229 17.30 -32.46 -43.17
C THR I 229 18.55 -31.68 -43.56
N PHE I 230 19.48 -31.67 -42.61
CA PHE I 230 20.92 -31.57 -42.91
C PHE I 230 21.46 -32.89 -43.42
N ASP I 231 22.36 -32.76 -44.40
CA ASP I 231 23.26 -33.84 -44.89
C ASP I 231 22.58 -34.78 -45.90
N PHE I 232 23.40 -35.53 -46.64
CA PHE I 232 23.01 -36.68 -47.42
C PHE I 232 23.44 -37.97 -46.75
N ASN I 233 22.65 -39.02 -47.00
CA ASN I 233 23.07 -40.39 -46.90
C ASN I 233 22.69 -41.04 -48.22
N THR I 234 22.87 -42.34 -48.36
CA THR I 234 22.59 -42.99 -49.67
C THR I 234 21.13 -43.00 -50.08
N GLN I 235 20.24 -42.72 -49.15
CA GLN I 235 18.80 -42.69 -49.32
C GLN I 235 18.24 -41.33 -49.69
N VAL I 236 18.97 -40.30 -49.30
CA VAL I 236 18.43 -38.98 -49.37
C VAL I 236 18.03 -38.59 -50.80
N PRO I 237 18.87 -38.89 -51.81
CA PRO I 237 18.42 -38.52 -53.16
C PRO I 237 17.04 -39.04 -53.56
N ALA I 238 16.82 -40.30 -53.30
CA ALA I 238 15.54 -40.97 -53.60
C ALA I 238 14.38 -40.30 -52.84
N GLU I 239 14.69 -39.95 -51.59
CA GLU I 239 13.76 -39.30 -50.74
C GLU I 239 13.42 -37.91 -51.19
N ILE I 240 14.39 -37.18 -51.77
CA ILE I 240 14.04 -35.89 -52.28
C ILE I 240 13.19 -36.08 -53.54
N GLU I 241 13.57 -37.00 -54.42
CA GLU I 241 12.80 -37.20 -55.68
C GLU I 241 11.32 -37.60 -55.37
N ASN I 242 11.11 -38.49 -54.40
CA ASN I 242 9.76 -39.01 -54.11
C ASN I 242 8.94 -38.24 -53.06
N GLY I 243 9.51 -37.12 -52.61
CA GLY I 243 8.85 -36.17 -51.70
C GLY I 243 8.79 -36.51 -50.23
N GLN I 244 9.53 -37.52 -49.82
CA GLN I 244 9.64 -37.85 -48.42
C GLN I 244 10.47 -36.83 -47.61
N LEU I 245 11.42 -36.18 -48.29
CA LEU I 245 12.16 -35.04 -47.76
C LEU I 245 11.89 -33.83 -48.63
N GLN I 246 11.69 -32.67 -48.03
CA GLN I 246 11.44 -31.45 -48.76
C GLN I 246 12.73 -30.89 -49.33
N TRP I 247 13.82 -30.98 -48.57
CA TRP I 247 15.14 -30.57 -49.07
C TRP I 247 16.18 -31.11 -48.10
N ALA I 248 17.43 -30.98 -48.50
CA ALA I 248 18.62 -31.41 -47.78
C ALA I 248 19.68 -30.36 -47.88
N ILE I 249 20.26 -30.00 -46.75
CA ILE I 249 21.39 -29.09 -46.72
C ILE I 249 22.74 -29.78 -46.75
N ASP I 250 23.49 -29.53 -47.82
CA ASP I 250 24.83 -30.10 -48.02
C ASP I 250 25.93 -29.18 -47.43
N GLN I 251 26.76 -29.78 -46.58
CA GLN I 251 27.97 -29.11 -46.01
C GLN I 251 29.24 -29.70 -46.59
N GLN I 252 29.08 -30.65 -47.49
CA GLN I 252 30.20 -31.34 -48.15
C GLN I 252 31.22 -31.99 -47.21
N PRO I 253 30.83 -33.01 -46.42
CA PRO I 253 31.79 -33.71 -45.57
C PRO I 253 33.05 -34.20 -46.28
N TYR I 254 32.92 -34.67 -47.53
CA TYR I 254 34.09 -35.21 -48.20
C TYR I 254 35.17 -34.09 -48.33
N VAL I 255 34.73 -32.86 -48.65
CA VAL I 255 35.61 -31.73 -48.73
C VAL I 255 36.22 -31.41 -47.35
N GLU I 256 35.41 -31.43 -46.25
CA GLU I 256 35.91 -31.11 -44.93
C GLU I 256 37.04 -32.04 -44.56
N GLY I 257 36.81 -33.33 -44.76
CA GLY I 257 37.82 -34.31 -44.40
C GLY I 257 39.05 -34.27 -45.29
N TYR I 258 38.79 -34.09 -46.59
CA TYR I 258 39.83 -34.00 -47.61
C TYR I 258 40.72 -32.79 -47.29
N GLU I 259 40.09 -31.61 -47.14
CA GLU I 259 40.85 -30.39 -46.93
C GLU I 259 41.57 -30.36 -45.58
N ALA I 260 40.94 -30.96 -44.54
CA ALA I 260 41.66 -30.99 -43.23
C ALA I 260 43.03 -31.64 -43.41
N VAL I 261 43.12 -32.66 -44.24
CA VAL I 261 44.36 -33.36 -44.46
C VAL I 261 45.27 -32.61 -45.47
N ASP I 262 44.67 -32.18 -46.58
CA ASP I 262 45.50 -31.67 -47.61
C ASP I 262 46.02 -30.30 -47.22
N SER I 263 45.23 -29.55 -46.49
CA SER I 263 45.71 -28.25 -45.98
C SER I 263 46.88 -28.37 -45.02
N LEU I 264 46.89 -29.38 -44.16
CA LEU I 264 48.04 -29.68 -43.35
C LEU I 264 49.25 -30.09 -44.18
N TRP I 265 48.99 -30.82 -45.24
CA TRP I 265 50.09 -31.12 -46.13
C TRP I 265 50.68 -29.82 -46.72
N LEU I 266 49.82 -28.91 -47.18
CA LEU I 266 50.31 -27.66 -47.71
C LEU I 266 51.09 -26.83 -46.77
N TYR I 267 50.66 -26.77 -45.53
CA TYR I 267 51.33 -26.02 -44.49
C TYR I 267 52.68 -26.67 -44.07
N ILE I 268 52.70 -27.99 -43.91
CA ILE I 268 53.95 -28.65 -43.44
C ILE I 268 55.01 -28.54 -44.53
N THR I 269 54.60 -28.76 -45.80
CA THR I 269 55.54 -28.86 -46.88
C THR I 269 55.89 -27.50 -47.46
N ASN I 270 54.98 -26.52 -47.42
CA ASN I 270 55.29 -25.24 -48.07
C ASN I 270 54.91 -24.00 -47.23
N GLY I 271 54.45 -24.18 -45.98
CA GLY I 271 54.09 -23.06 -45.13
C GLY I 271 52.78 -22.35 -45.48
N ASP I 272 52.04 -22.93 -46.41
CA ASP I 272 50.84 -22.31 -46.93
C ASP I 272 49.61 -22.49 -46.07
N THR I 273 48.72 -21.49 -46.10
CA THR I 273 47.36 -21.60 -45.53
C THR I 273 46.34 -21.29 -46.60
N ILE I 274 45.10 -21.64 -46.30
CA ILE I 274 43.95 -21.28 -47.13
C ILE I 274 42.92 -20.55 -46.30
N GLY I 275 42.33 -19.45 -46.83
CA GLY I 275 41.23 -18.77 -46.17
C GLY I 275 41.51 -17.33 -45.79
N GLY I 276 42.76 -16.86 -46.00
CA GLY I 276 43.15 -15.46 -45.62
C GLY I 276 42.83 -15.06 -44.19
N GLY I 277 42.96 -16.02 -43.28
CA GLY I 277 42.79 -15.93 -41.83
C GLY I 277 41.37 -16.13 -41.31
N GLU I 278 40.49 -16.54 -42.21
CA GLU I 278 39.12 -16.89 -41.89
C GLU I 278 38.75 -18.29 -42.39
N ALA I 279 37.61 -18.76 -41.91
CA ALA I 279 37.16 -20.09 -42.22
C ALA I 279 36.99 -20.24 -43.74
N VAL I 280 37.28 -21.45 -44.23
CA VAL I 280 36.99 -21.86 -45.63
C VAL I 280 35.65 -22.58 -45.63
N LYS I 281 34.70 -22.02 -46.33
CA LYS I 281 33.37 -22.53 -46.37
C LYS I 281 33.26 -23.70 -47.28
N THR I 282 32.46 -24.68 -46.82
CA THR I 282 32.14 -25.86 -47.57
C THR I 282 30.60 -25.99 -47.84
N GLY I 283 29.83 -24.99 -47.39
CA GLY I 283 28.38 -24.95 -47.57
C GLY I 283 27.92 -23.74 -46.83
N PRO I 284 26.60 -23.60 -46.59
CA PRO I 284 25.54 -24.53 -47.02
C PRO I 284 25.07 -24.43 -48.45
N PHE I 285 24.54 -25.55 -48.95
CA PHE I 285 23.87 -25.56 -50.23
C PHE I 285 22.64 -26.40 -50.12
N PHE I 286 21.51 -25.84 -50.51
CA PHE I 286 20.25 -26.57 -50.51
C PHE I 286 20.00 -27.37 -51.75
N VAL I 287 19.71 -28.64 -51.54
CA VAL I 287 19.38 -29.58 -52.61
C VAL I 287 17.94 -29.99 -52.50
N ASP I 288 17.26 -29.85 -53.63
CA ASP I 288 15.80 -30.20 -53.71
C ASP I 288 15.55 -30.88 -55.04
N LYS I 289 14.30 -31.00 -55.46
CA LYS I 289 14.07 -31.79 -56.69
C LYS I 289 14.69 -31.22 -57.90
N SER I 290 14.92 -29.91 -57.88
CA SER I 290 15.47 -29.21 -59.03
C SER I 290 16.97 -29.49 -59.31
N ASN I 291 17.72 -29.97 -58.33
CA ASN I 291 19.13 -30.12 -58.46
C ASN I 291 19.72 -31.37 -57.82
N VAL I 292 18.84 -32.23 -57.29
CA VAL I 292 19.28 -33.49 -56.72
C VAL I 292 19.94 -34.41 -57.75
N ALA I 293 19.56 -34.29 -59.04
CA ALA I 293 20.14 -35.17 -60.03
C ALA I 293 21.68 -35.10 -60.10
N ALA I 294 22.21 -33.91 -59.91
CA ALA I 294 23.65 -33.76 -59.96
C ALA I 294 24.38 -34.49 -58.81
N VAL I 295 23.71 -34.73 -57.69
CA VAL I 295 24.36 -35.34 -56.53
C VAL I 295 24.02 -36.80 -56.22
N ALA I 296 22.95 -37.30 -56.83
CA ALA I 296 22.42 -38.64 -56.48
C ALA I 296 23.35 -39.79 -56.55
N LYS I 297 24.07 -40.02 -57.66
CA LYS I 297 25.02 -41.16 -57.74
C LYS I 297 26.17 -40.99 -56.75
N PHE I 298 26.64 -39.74 -56.55
CA PHE I 298 27.73 -39.56 -55.58
C PHE I 298 27.28 -39.91 -54.20
N ALA I 299 26.11 -39.38 -53.85
CA ALA I 299 25.56 -39.66 -52.53
C ALA I 299 25.32 -41.17 -52.31
N GLU I 300 24.82 -41.83 -53.37
CA GLU I 300 24.48 -43.25 -53.31
C GLU I 300 25.73 -44.12 -53.16
N ARG I 301 26.87 -43.64 -53.60
CA ARG I 301 28.15 -44.33 -53.39
C ARG I 301 28.90 -43.91 -52.12
N GLY I 302 28.30 -42.99 -51.36
CA GLY I 302 28.80 -42.65 -50.06
C GLY I 302 29.89 -41.61 -50.07
N THR I 303 30.06 -40.87 -51.16
CA THR I 303 31.15 -39.85 -51.16
C THR I 303 30.59 -38.43 -51.10
N ARG I 304 29.28 -38.31 -50.95
CA ARG I 304 28.63 -37.04 -50.76
C ARG I 304 27.58 -37.09 -49.65
N PRO J 19 5.49 33.46 -22.63
CA PRO J 19 4.45 34.23 -23.31
C PRO J 19 3.49 34.85 -22.29
N HIS J 20 3.12 36.10 -22.54
CA HIS J 20 2.38 36.84 -21.56
C HIS J 20 0.89 36.39 -21.54
N LEU J 21 0.35 36.09 -20.35
CA LEU J 21 -1.02 35.63 -20.21
C LEU J 21 -1.76 36.58 -19.28
N THR J 22 -3.08 36.64 -19.48
CA THR J 22 -4.05 37.25 -18.54
C THR J 22 -4.97 36.20 -17.89
N ILE J 23 -4.92 36.11 -16.54
CA ILE J 23 -5.77 35.18 -15.77
C ILE J 23 -6.72 35.96 -14.91
N ALA J 24 -8.00 35.70 -15.09
CA ALA J 24 -9.02 36.17 -14.13
C ALA J 24 -9.17 35.24 -12.96
N MET J 25 -9.02 35.81 -11.77
CA MET J 25 -9.34 35.10 -10.51
C MET J 25 -10.61 35.73 -9.95
N ILE J 26 -11.65 34.89 -9.81
CA ILE J 26 -13.01 35.34 -9.49
C ILE J 26 -13.42 34.60 -8.24
N THR J 27 -13.76 35.36 -7.18
CA THR J 27 -14.12 34.77 -5.93
C THR J 27 -15.42 35.34 -5.36
N HIS J 28 -15.77 34.78 -4.21
CA HIS J 28 -16.98 35.16 -3.45
C HIS J 28 -16.63 36.06 -2.22
N GLN J 29 -15.38 36.49 -2.14
CA GLN J 29 -14.89 37.36 -1.00
C GLN J 29 -15.90 38.43 -0.60
N GLN J 30 -16.23 38.44 0.69
CA GLN J 30 -16.91 39.56 1.35
C GLN J 30 -15.90 40.66 1.67
N PRO J 31 -16.16 41.91 1.29
CA PRO J 31 -15.33 43.01 1.82
C PRO J 31 -15.14 42.90 3.31
N GLY J 32 -13.91 43.04 3.78
CA GLY J 32 -13.61 42.92 5.17
C GLY J 32 -12.99 41.56 5.50
N ASP J 33 -13.21 40.56 4.62
CA ASP J 33 -12.69 39.25 4.96
C ASP J 33 -11.24 39.10 4.49
N THR J 34 -10.31 39.19 5.44
CA THR J 34 -8.85 39.22 5.13
C THR J 34 -8.23 37.90 4.77
N PHE J 35 -9.01 36.80 4.90
CA PHE J 35 -8.57 35.53 4.42
C PHE J 35 -8.07 35.62 2.99
N TRP J 36 -8.81 36.39 2.19
CA TRP J 36 -8.57 36.45 0.78
C TRP J 36 -7.32 37.24 0.44
N ASP J 37 -6.77 37.96 1.39
CA ASP J 37 -5.46 38.62 1.12
C ASP J 37 -4.36 37.56 1.06
N ILE J 38 -4.54 36.46 1.79
CA ILE J 38 -3.51 35.40 1.79
C ILE J 38 -3.57 34.58 0.48
N ILE J 39 -4.81 34.31 0.06
CA ILE J 39 -5.11 33.78 -1.31
C ILE J 39 -4.37 34.58 -2.35
N ARG J 40 -4.60 35.88 -2.30
CA ARG J 40 -4.02 36.78 -3.29
C ARG J 40 -2.52 36.88 -3.24
N LYS J 41 -1.92 36.84 -2.06
CA LYS J 41 -0.48 36.78 -1.96
C LYS J 41 0.08 35.59 -2.71
N GLY J 42 -0.51 34.41 -2.58
CA GLY J 42 0.00 33.27 -3.35
C GLY J 42 -0.23 33.40 -4.80
N ALA J 43 -1.41 33.85 -5.20
CA ALA J 43 -1.74 34.06 -6.62
C ALA J 43 -0.78 35.01 -7.30
N LEU J 44 -0.44 36.11 -6.61
CA LEU J 44 0.48 37.11 -7.13
C LEU J 44 1.91 36.54 -7.18
N ALA J 45 2.31 35.73 -6.22
CA ALA J 45 3.65 35.13 -6.31
C ALA J 45 3.78 34.22 -7.57
N ALA J 46 2.80 33.37 -7.83
CA ALA J 46 2.78 32.62 -9.08
C ALA J 46 2.73 33.54 -10.30
N ALA J 47 1.86 34.54 -10.32
CA ALA J 47 1.71 35.41 -11.48
C ALA J 47 3.02 36.13 -11.81
N ALA J 48 3.77 36.58 -10.81
CA ALA J 48 5.04 37.22 -11.03
C ALA J 48 6.06 36.32 -11.68
N LYS J 49 6.05 35.02 -11.39
CA LYS J 49 7.00 34.08 -11.94
C LYS J 49 6.57 33.64 -13.35
N ASP J 50 5.29 33.77 -13.66
CA ASP J 50 4.67 33.15 -14.79
C ASP J 50 4.29 34.15 -15.92
N ASN J 51 4.69 35.41 -15.78
CA ASN J 51 4.36 36.47 -16.77
C ASN J 51 2.86 36.54 -17.04
N VAL J 52 2.14 36.52 -15.94
CA VAL J 52 0.69 36.64 -15.91
C VAL J 52 0.23 37.97 -15.36
N THR J 53 -0.71 38.60 -16.05
CA THR J 53 -1.47 39.70 -15.48
C THR J 53 -2.67 39.09 -14.78
N LEU J 54 -2.70 39.23 -13.46
CA LEU J 54 -3.78 38.66 -12.61
C LEU J 54 -4.81 39.71 -12.47
N LYS J 55 -6.01 39.44 -12.96
CA LYS J 55 -7.17 40.30 -12.72
C LYS J 55 -8.09 39.64 -11.71
N TYR J 56 -8.09 40.17 -10.49
CA TYR J 56 -8.84 39.66 -9.36
C TYR J 56 -10.20 40.43 -9.29
N SER J 57 -11.27 39.69 -9.13
CA SER J 57 -12.59 40.23 -8.90
C SER J 57 -13.38 39.33 -8.00
N ASN J 58 -14.40 39.88 -7.33
CA ASN J 58 -15.08 39.20 -6.24
C ASN J 58 -16.43 39.79 -6.06
N ASP J 59 -17.38 38.96 -5.63
CA ASP J 59 -18.63 39.43 -5.05
C ASP J 59 -19.27 38.37 -4.24
N PRO J 60 -19.70 38.70 -3.00
CA PRO J 60 -20.32 37.68 -2.16
C PRO J 60 -21.74 37.35 -2.58
N ASP J 61 -22.28 38.15 -3.52
CA ASP J 61 -23.55 37.78 -4.10
C ASP J 61 -23.28 36.85 -5.32
N SER J 62 -23.72 35.60 -5.25
CA SER J 62 -23.39 34.60 -6.28
C SER J 62 -23.99 34.99 -7.68
N THR J 63 -25.19 35.61 -7.72
CA THR J 63 -25.68 36.22 -8.99
C THR J 63 -24.61 37.14 -9.61
N LYS J 64 -24.02 38.03 -8.81
CA LYS J 64 -23.01 38.99 -9.27
C LYS J 64 -21.69 38.29 -9.54
N GLU J 65 -21.37 37.22 -8.78
CA GLU J 65 -20.12 36.47 -9.11
C GLU J 65 -20.23 35.78 -10.48
N ALA J 66 -21.43 35.29 -10.79
CA ALA J 66 -21.71 34.76 -12.13
C ALA J 66 -21.46 35.78 -13.23
N VAL J 67 -21.88 37.03 -13.02
CA VAL J 67 -21.70 38.10 -14.05
C VAL J 67 -20.18 38.33 -14.21
N LEU J 68 -19.41 38.26 -13.08
CA LEU J 68 -17.95 38.38 -13.19
C LEU J 68 -17.30 37.35 -14.08
N ILE J 69 -17.79 36.12 -14.03
CA ILE J 69 -17.30 35.04 -14.87
C ILE J 69 -17.58 35.37 -16.34
N GLN J 70 -18.79 35.83 -16.61
CA GLN J 70 -19.15 36.18 -18.01
C GLN J 70 -18.28 37.37 -18.48
N ASP J 71 -18.03 38.32 -17.60
CA ASP J 71 -17.15 39.44 -17.92
C ASP J 71 -15.80 38.92 -18.39
N ALA J 72 -15.27 37.91 -17.70
CA ALA J 72 -13.92 37.39 -18.07
C ALA J 72 -13.92 36.62 -19.38
N VAL J 73 -15.00 35.94 -19.65
CA VAL J 73 -15.19 35.23 -20.92
C VAL J 73 -15.24 36.31 -22.01
N ASN J 74 -16.10 37.30 -21.79
CA ASN J 74 -16.25 38.40 -22.77
C ASN J 74 -14.93 39.07 -23.10
N ALA J 75 -14.03 39.15 -22.12
CA ALA J 75 -12.71 39.81 -22.22
C ALA J 75 -11.61 38.89 -22.81
N LYS J 76 -11.95 37.63 -23.06
CA LYS J 76 -11.10 36.67 -23.74
C LYS J 76 -9.86 36.51 -22.94
N VAL J 77 -10.04 36.44 -21.63
CA VAL J 77 -8.91 36.06 -20.82
C VAL J 77 -8.34 34.67 -21.21
N ASP J 78 -7.07 34.47 -20.85
CA ASP J 78 -6.40 33.22 -21.14
C ASP J 78 -6.80 32.07 -20.25
N GLY J 79 -7.30 32.36 -19.05
CA GLY J 79 -7.75 31.32 -18.13
C GLY J 79 -8.46 31.95 -16.98
N ILE J 80 -9.32 31.14 -16.34
CA ILE J 80 -10.13 31.56 -15.18
C ILE J 80 -9.86 30.65 -14.00
N ALA J 81 -9.56 31.28 -12.87
CA ALA J 81 -9.52 30.56 -11.57
C ALA J 81 -10.76 31.05 -10.82
N VAL J 82 -11.61 30.11 -10.42
CA VAL J 82 -12.88 30.44 -9.81
C VAL J 82 -13.24 29.62 -8.60
N THR J 83 -14.01 30.27 -7.71
CA THR J 83 -14.53 29.62 -6.49
C THR J 83 -16.01 29.29 -6.74
N ILE J 84 -16.48 28.17 -6.17
CA ILE J 84 -17.87 27.74 -6.35
C ILE J 84 -18.61 27.42 -5.05
N PRO J 85 -18.91 28.48 -4.27
CA PRO J 85 -19.62 28.32 -3.02
C PRO J 85 -21.10 28.02 -3.28
N ASP J 86 -21.64 28.36 -4.47
CA ASP J 86 -23.09 28.33 -4.74
C ASP J 86 -23.26 27.65 -6.11
N PRO J 87 -23.06 26.34 -6.14
CA PRO J 87 -23.12 25.63 -7.43
C PRO J 87 -24.34 25.95 -8.36
N PRO J 88 -25.58 25.97 -7.83
CA PRO J 88 -26.72 26.22 -8.72
C PRO J 88 -26.67 27.59 -9.44
N ALA J 89 -25.97 28.55 -8.84
CA ALA J 89 -25.95 29.92 -9.29
C ALA J 89 -24.74 30.21 -10.20
N LEU J 90 -23.73 29.33 -10.18
CA LEU J 90 -22.42 29.55 -10.81
C LEU J 90 -22.06 28.54 -11.87
N ILE J 91 -22.48 27.29 -11.68
CA ILE J 91 -22.09 26.24 -12.70
C ILE J 91 -22.55 26.63 -14.11
N PRO J 92 -23.73 27.24 -14.29
CA PRO J 92 -24.05 27.46 -15.69
C PRO J 92 -23.11 28.53 -16.37
N ALA J 93 -22.65 29.52 -15.60
CA ALA J 93 -21.69 30.46 -16.14
C ALA J 93 -20.31 29.81 -16.37
N ILE J 94 -19.90 28.94 -15.46
CA ILE J 94 -18.65 28.22 -15.64
C ILE J 94 -18.67 27.33 -16.91
N LYS J 95 -19.78 26.62 -17.14
CA LYS J 95 -19.93 25.84 -18.35
C LYS J 95 -19.88 26.75 -19.58
N GLN J 96 -20.47 27.95 -19.52
CA GLN J 96 -20.27 28.93 -20.65
C GLN J 96 -18.81 29.26 -20.92
N ALA J 97 -18.01 29.49 -19.87
CA ALA J 97 -16.60 29.75 -20.09
C ALA J 97 -15.91 28.56 -20.73
N VAL J 98 -16.19 27.36 -20.21
CA VAL J 98 -15.62 26.14 -20.78
C VAL J 98 -16.02 26.02 -22.27
N ALA J 99 -17.29 26.17 -22.58
CA ALA J 99 -17.76 26.04 -23.96
C ALA J 99 -17.16 27.10 -24.89
N ALA J 100 -16.76 28.25 -24.36
CA ALA J 100 -16.08 29.32 -25.11
C ALA J 100 -14.58 29.09 -25.29
N GLY J 101 -14.04 27.96 -24.80
CA GLY J 101 -12.62 27.66 -24.96
C GLY J 101 -11.62 28.21 -23.96
N ILE J 102 -12.13 28.79 -22.87
CA ILE J 102 -11.23 29.24 -21.79
C ILE J 102 -11.06 28.22 -20.71
N PRO J 103 -9.80 27.85 -20.41
CA PRO J 103 -9.63 26.84 -19.40
C PRO J 103 -9.93 27.43 -17.98
N VAL J 104 -10.63 26.61 -17.18
CA VAL J 104 -11.08 27.01 -15.81
C VAL J 104 -10.44 26.08 -14.83
N VAL J 105 -9.85 26.61 -13.73
CA VAL J 105 -9.46 25.87 -12.56
C VAL J 105 -10.30 26.37 -11.43
N ALA J 106 -10.81 25.45 -10.62
CA ALA J 106 -11.59 25.84 -9.42
C ALA J 106 -10.74 25.69 -8.20
N PHE J 107 -11.10 26.47 -7.19
CA PHE J 107 -10.34 26.46 -5.98
C PHE J 107 -11.14 26.96 -4.79
N ASN J 108 -10.70 26.55 -3.61
CA ASN J 108 -11.23 26.99 -2.32
C ASN J 108 -12.63 26.53 -1.91
N ALA J 109 -13.61 26.75 -2.75
CA ALA J 109 -14.98 26.30 -2.50
C ALA J 109 -15.50 25.55 -3.74
N GLY J 110 -16.13 24.41 -3.49
CA GLY J 110 -16.77 23.60 -4.55
C GLY J 110 -16.15 22.25 -4.85
N ILE J 111 -15.50 21.66 -3.86
CA ILE J 111 -14.77 20.42 -4.08
C ILE J 111 -15.63 19.33 -4.62
N ASP J 112 -16.86 19.28 -4.18
CA ASP J 112 -17.78 18.24 -4.66
C ASP J 112 -18.43 18.53 -6.01
N GLN J 113 -18.30 19.75 -6.51
CA GLN J 113 -18.94 20.15 -7.71
C GLN J 113 -18.01 20.59 -8.84
N TRP J 114 -16.70 20.63 -8.64
CA TRP J 114 -15.86 21.20 -9.70
C TRP J 114 -15.95 20.37 -11.01
N LYS J 115 -15.88 19.04 -10.88
CA LYS J 115 -15.79 18.18 -12.07
C LYS J 115 -17.00 18.45 -12.99
N GLU J 116 -18.17 18.51 -12.40
CA GLU J 116 -19.40 18.67 -13.14
C GLU J 116 -19.54 20.06 -13.80
N SER J 117 -18.73 21.02 -13.35
CA SER J 117 -18.77 22.36 -13.89
C SER J 117 -17.94 22.41 -15.18
N GLY J 118 -17.03 21.48 -15.39
CA GLY J 118 -16.15 21.44 -16.56
C GLY J 118 -14.79 22.08 -16.23
N ALA J 119 -14.63 22.53 -14.97
CA ALA J 119 -13.33 22.89 -14.51
C ALA J 119 -12.36 21.73 -14.65
N LEU J 120 -11.10 22.12 -14.90
CA LEU J 120 -10.04 21.09 -15.17
C LEU J 120 -9.42 20.45 -13.96
N MET J 121 -9.41 21.22 -12.85
CA MET J 121 -8.66 20.88 -11.65
C MET J 121 -9.31 21.60 -10.48
N TYR J 122 -8.97 21.15 -9.24
CA TYR J 122 -9.42 21.83 -8.00
C TYR J 122 -8.33 21.82 -7.04
N PHE J 123 -8.14 22.92 -6.32
CA PHE J 123 -7.22 22.98 -5.19
C PHE J 123 -7.95 23.50 -3.95
N GLY J 124 -7.86 22.70 -2.92
CA GLY J 124 -8.47 23.01 -1.68
C GLY J 124 -8.54 21.88 -0.70
N GLN J 125 -9.31 22.00 0.37
CA GLN J 125 -9.42 20.79 1.24
C GLN J 125 -10.77 20.18 1.20
N ASP J 126 -10.85 18.89 1.63
CA ASP J 126 -12.16 18.25 1.70
C ASP J 126 -12.69 18.75 3.01
N GLU J 127 -13.69 19.59 2.89
CA GLU J 127 -14.26 20.24 4.07
C GLU J 127 -15.07 19.32 4.95
N THR J 128 -15.66 18.31 4.33
CA THR J 128 -16.33 17.23 5.08
C THR J 128 -15.33 16.49 5.97
N VAL J 129 -14.15 16.15 5.42
CA VAL J 129 -13.16 15.48 6.21
C VAL J 129 -12.65 16.39 7.33
N ALA J 130 -12.45 17.69 7.01
CA ALA J 130 -11.96 18.59 8.00
C ALA J 130 -12.95 18.74 9.14
N GLY J 131 -14.23 18.93 8.81
CA GLY J 131 -15.29 19.02 9.85
C GLY J 131 -15.36 17.76 10.70
N GLN J 132 -15.34 16.61 10.03
CA GLN J 132 -15.31 15.34 10.76
C GLN J 132 -14.14 15.32 11.72
N ALA J 133 -12.96 15.68 11.27
CA ALA J 133 -11.82 15.66 12.18
C ALA J 133 -12.00 16.61 13.35
N ALA J 134 -12.48 17.80 13.06
CA ALA J 134 -12.73 18.78 14.13
C ALA J 134 -13.71 18.26 15.19
N GLY J 135 -14.79 17.64 14.78
CA GLY J 135 -15.77 17.03 15.70
C GLY J 135 -15.09 15.98 16.55
N ALA J 136 -14.30 15.13 15.93
CA ALA J 136 -13.63 14.03 16.63
C ALA J 136 -12.68 14.59 17.62
N ARG J 137 -11.98 15.65 17.25
CA ARG J 137 -11.00 16.21 18.12
C ARG J 137 -11.64 16.89 19.34
N ALA J 138 -12.71 17.65 19.06
CA ALA J 138 -13.46 18.30 20.11
C ALA J 138 -14.00 17.31 21.15
N THR J 139 -14.52 16.19 20.67
CA THR J 139 -14.97 15.14 21.60
C THR J 139 -13.81 14.58 22.38
N SER J 140 -12.65 14.37 21.74
CA SER J 140 -11.46 13.88 22.48
C SER J 140 -10.97 14.79 23.55
N GLU J 141 -11.23 16.08 23.38
CA GLU J 141 -10.78 17.15 24.29
C GLU J 141 -11.80 17.41 25.40
N GLY J 142 -12.89 16.64 25.44
CA GLY J 142 -13.81 16.73 26.52
C GLY J 142 -14.98 17.70 26.40
N PHE J 143 -15.16 18.27 25.21
CA PHE J 143 -16.24 19.20 25.00
C PHE J 143 -17.57 18.50 24.79
N LYS J 144 -18.62 19.11 25.38
CA LYS J 144 -19.93 18.48 25.33
C LYS J 144 -20.98 19.19 24.54
N HIS J 145 -20.72 20.46 24.22
CA HIS J 145 -21.71 21.21 23.45
C HIS J 145 -21.03 22.26 22.62
N VAL J 146 -20.99 21.95 21.33
CA VAL J 146 -20.34 22.80 20.36
C VAL J 146 -21.35 23.70 19.70
N LEU J 147 -20.90 24.93 19.46
CA LEU J 147 -21.55 25.96 18.66
C LEU J 147 -20.75 26.16 17.43
N CYS J 148 -21.29 25.83 16.25
CA CYS J 148 -20.62 26.09 14.99
C CYS J 148 -21.13 27.39 14.44
N VAL J 149 -20.28 28.37 14.19
CA VAL J 149 -20.65 29.70 13.71
C VAL J 149 -20.35 29.78 12.20
N LEU J 150 -21.35 30.15 11.43
CA LEU J 150 -21.26 30.27 9.95
C LEU J 150 -21.49 31.72 9.60
N GLN J 151 -20.58 32.33 8.82
CA GLN J 151 -20.58 33.76 8.51
C GLN J 151 -21.31 34.08 7.23
N ALA J 152 -21.85 33.04 6.59
CA ALA J 152 -22.73 33.19 5.42
C ALA J 152 -23.63 32.01 5.33
N GLN J 153 -24.76 32.21 4.67
CA GLN J 153 -25.66 31.17 4.28
C GLN J 153 -25.52 30.77 2.84
N GLY J 154 -25.94 29.57 2.58
CA GLY J 154 -25.90 28.98 1.22
C GLY J 154 -24.51 28.65 0.66
N GLN J 155 -23.52 28.48 1.51
CA GLN J 155 -22.17 28.26 0.98
C GLN J 155 -21.73 26.82 1.26
N VAL J 156 -21.52 26.05 0.19
CA VAL J 156 -21.32 24.62 0.34
C VAL J 156 -20.08 24.30 1.21
N GLN J 157 -19.05 25.11 1.12
CA GLN J 157 -17.84 24.84 1.85
C GLN J 157 -18.00 25.04 3.35
N LEU J 158 -18.80 26.01 3.74
CA LEU J 158 -19.11 26.21 5.12
C LEU J 158 -20.06 25.16 5.69
N GLU J 159 -21.07 24.85 4.90
CA GLU J 159 -22.04 23.84 5.29
C GLU J 159 -21.38 22.45 5.47
N SER J 160 -20.45 22.14 4.55
CA SER J 160 -19.73 20.89 4.64
C SER J 160 -18.94 20.74 5.95
N ARG J 161 -18.27 21.83 6.36
CA ARG J 161 -17.52 21.78 7.60
C ARG J 161 -18.42 21.48 8.76
N CYS J 162 -19.56 22.18 8.87
CA CYS J 162 -20.46 22.02 10.01
C CYS J 162 -21.15 20.65 9.94
N ASN J 163 -21.56 20.15 8.75
CA ASN J 163 -22.17 18.83 8.69
C ASN J 163 -21.17 17.80 9.15
N GLY J 164 -19.89 17.94 8.77
CA GLY J 164 -18.83 17.07 9.24
C GLY J 164 -18.72 17.06 10.79
N VAL J 165 -18.64 18.26 11.39
CA VAL J 165 -18.58 18.31 12.85
C VAL J 165 -19.74 17.55 13.42
N GLN J 166 -20.91 17.69 12.86
CA GLN J 166 -22.13 17.09 13.46
C GLN J 166 -22.00 15.57 13.42
N GLN J 167 -21.37 15.04 12.40
CA GLN J 167 -21.35 13.60 12.24
C GLN J 167 -20.50 12.92 13.31
N THR J 168 -19.46 13.59 13.80
CA THR J 168 -18.51 12.96 14.66
C THR J 168 -18.50 13.52 16.08
N PHE J 169 -19.08 14.70 16.27
CA PHE J 169 -19.11 15.26 17.60
C PHE J 169 -20.13 14.51 18.39
N LYS J 170 -19.71 13.94 19.51
CA LYS J 170 -20.60 13.03 20.23
C LYS J 170 -21.64 13.76 21.15
N GLY J 171 -21.40 15.03 21.45
CA GLY J 171 -22.28 15.77 22.34
C GLY J 171 -23.35 16.60 21.62
N GLN J 172 -23.81 17.66 22.27
CA GLN J 172 -24.84 18.53 21.70
C GLN J 172 -24.23 19.42 20.62
N TYR J 173 -24.98 19.66 19.53
CA TYR J 173 -24.54 20.49 18.38
C TYR J 173 -25.55 21.53 18.08
N THR J 174 -25.07 22.76 17.93
CA THR J 174 -25.88 23.94 17.60
C THR J 174 -25.15 24.73 16.50
N LYS J 175 -25.92 25.30 15.57
CA LYS J 175 -25.42 26.19 14.51
CA LYS J 175 -25.45 26.16 14.51
C LYS J 175 -25.91 27.57 14.76
N LEU J 176 -25.06 28.57 14.44
CA LEU J 176 -25.41 29.98 14.51
C LEU J 176 -24.90 30.70 13.29
N TYR J 177 -25.81 31.27 12.50
CA TYR J 177 -25.54 32.11 11.35
C TYR J 177 -25.36 33.53 11.76
N VAL J 178 -24.18 34.10 11.42
CA VAL J 178 -23.86 35.51 11.65
C VAL J 178 -23.64 36.18 10.32
N ASN J 179 -23.85 37.49 10.30
CA ASN J 179 -23.57 38.28 9.14
C ASN J 179 -22.09 38.68 9.05
N GLY J 180 -21.27 37.95 8.28
CA GLY J 180 -19.83 38.26 8.22
C GLY J 180 -19.45 39.63 7.65
N ALA J 181 -20.36 40.25 6.93
CA ALA J 181 -20.18 41.65 6.54
C ALA J 181 -20.25 42.66 7.65
N ASP J 182 -20.84 42.28 8.80
CA ASP J 182 -21.08 43.26 9.86
C ASP J 182 -20.41 42.73 11.15
N GLN J 183 -19.16 43.03 11.29
CA GLN J 183 -18.34 42.42 12.33
C GLN J 183 -18.88 42.74 13.73
N PRO J 184 -19.34 44.00 14.02
CA PRO J 184 -19.94 44.22 15.35
C PRO J 184 -21.18 43.33 15.60
N SER J 185 -21.95 43.05 14.55
CA SER J 185 -23.11 42.13 14.62
C SER J 185 -22.69 40.74 14.95
N VAL J 186 -21.57 40.32 14.41
CA VAL J 186 -21.07 38.95 14.64
C VAL J 186 -20.75 38.83 16.12
N ARG J 187 -20.00 39.82 16.63
CA ARG J 187 -19.65 39.80 18.02
C ARG J 187 -20.88 39.84 18.92
N THR J 188 -21.78 40.76 18.71
CA THR J 188 -22.95 40.87 19.63
C THR J 188 -23.86 39.64 19.52
N THR J 189 -23.96 39.04 18.34
CA THR J 189 -24.84 37.90 18.15
C THR J 189 -24.23 36.67 18.82
N ILE J 190 -22.94 36.47 18.73
CA ILE J 190 -22.32 35.34 19.40
C ILE J 190 -22.44 35.54 20.92
N ALA J 191 -22.17 36.76 21.39
CA ALA J 191 -22.24 37.02 22.84
C ALA J 191 -23.65 36.71 23.38
N ALA J 192 -24.68 37.16 22.68
CA ALA J 192 -26.04 36.94 23.12
C ALA J 192 -26.34 35.47 23.15
N LYS J 193 -25.84 34.73 22.15
CA LYS J 193 -26.11 33.30 22.14
C LYS J 193 -25.46 32.55 23.31
N LEU J 194 -24.22 32.95 23.64
CA LEU J 194 -23.52 32.33 24.75
C LEU J 194 -24.17 32.63 26.08
N LYS J 195 -24.72 33.85 26.20
CA LYS J 195 -25.48 34.25 27.40
C LYS J 195 -26.76 33.41 27.57
N GLN J 196 -27.43 33.18 26.48
CA GLN J 196 -28.65 32.43 26.41
C GLN J 196 -28.45 30.94 26.72
N ASP J 197 -27.28 30.36 26.41
CA ASP J 197 -27.07 28.96 26.65
C ASP J 197 -25.67 28.73 27.23
N PRO J 198 -25.53 28.78 28.55
CA PRO J 198 -24.25 28.57 29.21
C PRO J 198 -23.69 27.21 29.04
N SER J 199 -24.46 26.24 28.55
CA SER J 199 -23.94 24.91 28.38
C SER J 199 -22.99 24.83 27.14
N ILE J 200 -22.99 25.83 26.27
CA ILE J 200 -22.05 25.82 25.13
C ILE J 200 -20.64 25.90 25.72
N ASP J 201 -19.78 24.91 25.44
CA ASP J 201 -18.42 24.96 25.93
C ASP J 201 -17.34 25.02 24.87
N LEU J 202 -17.71 24.96 23.59
CA LEU J 202 -16.77 25.16 22.50
C LEU J 202 -17.44 25.89 21.37
N VAL J 203 -16.83 26.96 20.92
CA VAL J 203 -17.28 27.68 19.69
C VAL J 203 -16.28 27.29 18.61
N ILE J 204 -16.74 26.73 17.49
CA ILE J 204 -15.92 26.56 16.32
C ILE J 204 -16.29 27.64 15.32
N THR J 205 -15.32 28.50 15.00
CA THR J 205 -15.47 29.45 13.94
C THR J 205 -14.87 28.98 12.63
N LEU J 206 -15.43 29.48 11.50
CA LEU J 206 -15.04 28.99 10.17
C LEU J 206 -14.12 29.93 9.42
N GLY J 207 -13.57 30.94 10.10
CA GLY J 207 -12.59 31.81 9.61
C GLY J 207 -11.89 32.53 10.74
N ALA J 208 -10.66 32.97 10.52
CA ALA J 208 -9.88 33.55 11.61
C ALA J 208 -10.38 34.91 12.01
N PRO J 209 -10.88 35.72 11.06
CA PRO J 209 -11.45 37.02 11.54
C PRO J 209 -12.62 36.72 12.52
N ILE J 210 -13.46 35.74 12.20
CA ILE J 210 -14.56 35.42 13.08
C ILE J 210 -14.07 34.86 14.42
N ALA J 211 -12.97 34.10 14.42
CA ALA J 211 -12.37 33.66 15.65
C ALA J 211 -12.06 34.81 16.61
N GLN J 212 -11.49 35.91 16.10
CA GLN J 212 -11.10 37.05 16.90
C GLN J 212 -12.38 37.57 17.57
N LEU J 213 -13.49 37.68 16.83
CA LEU J 213 -14.74 38.23 17.41
C LEU J 213 -15.34 37.24 18.37
N ALA J 214 -15.22 35.93 18.10
CA ALA J 214 -15.66 34.92 19.10
C ALA J 214 -14.86 34.97 20.40
N ILE J 215 -13.55 35.12 20.31
CA ILE J 215 -12.73 35.25 21.52
C ILE J 215 -13.20 36.38 22.39
N GLN J 216 -13.50 37.49 21.77
CA GLN J 216 -14.01 38.65 22.53
C GLN J 216 -15.46 38.41 23.05
N ALA J 217 -16.30 37.88 22.14
CA ALA J 217 -17.68 37.56 22.57
C ALA J 217 -17.80 36.68 23.79
N VAL J 218 -16.92 35.65 23.92
CA VAL J 218 -16.90 34.76 25.05
C VAL J 218 -16.72 35.60 26.32
N LYS J 219 -15.74 36.51 26.29
CA LYS J 219 -15.51 37.40 27.45
C LYS J 219 -16.66 38.37 27.67
N ASP J 220 -17.20 38.93 26.61
CA ASP J 220 -18.37 39.81 26.72
C ASP J 220 -19.53 39.12 27.49
N ALA J 221 -19.77 37.86 27.16
CA ALA J 221 -20.90 37.10 27.64
C ALA J 221 -20.70 36.55 29.06
N GLY J 222 -19.48 36.57 29.55
CA GLY J 222 -19.18 35.82 30.77
C GLY J 222 -19.30 34.30 30.62
N SER J 223 -19.02 33.83 29.40
CA SER J 223 -19.14 32.45 29.05
C SER J 223 -17.90 31.68 29.35
N ASN J 224 -18.11 30.44 29.73
CA ASN J 224 -17.03 29.55 29.94
C ASN J 224 -16.49 28.79 28.70
N ALA J 225 -17.01 29.12 27.54
CA ALA J 225 -16.62 28.40 26.35
C ALA J 225 -15.18 28.71 25.98
N LYS J 226 -14.59 27.72 25.30
CA LYS J 226 -13.35 27.86 24.58
C LYS J 226 -13.66 28.04 23.08
N ILE J 227 -12.64 28.36 22.30
CA ILE J 227 -12.74 28.72 20.87
C ILE J 227 -11.73 27.93 20.08
N ALA J 228 -12.15 27.35 18.94
CA ALA J 228 -11.23 26.75 17.97
C ALA J 228 -11.63 27.29 16.62
N THR J 229 -10.75 27.21 15.62
CA THR J 229 -11.07 27.84 14.35
C THR J 229 -10.52 27.10 13.13
N PHE J 230 -11.11 27.38 11.99
CA PHE J 230 -10.47 27.20 10.70
C PHE J 230 -9.65 28.47 10.38
N ASP J 231 -8.46 28.25 9.85
CA ASP J 231 -7.62 29.21 9.20
C ASP J 231 -6.73 29.97 10.19
N PHE J 232 -5.64 30.46 9.64
CA PHE J 232 -4.76 31.50 10.34
C PHE J 232 -5.11 32.88 9.86
N ASN J 233 -4.80 33.84 10.73
CA ASN J 233 -4.48 35.21 10.33
C ASN J 233 -3.29 35.62 11.19
N THR J 234 -2.95 36.90 11.23
CA THR J 234 -1.72 37.28 11.86
C THR J 234 -1.73 37.10 13.39
N GLN J 235 -2.91 36.98 14.01
CA GLN J 235 -3.14 36.93 15.44
C GLN J 235 -3.24 35.46 15.93
N VAL J 236 -3.51 34.52 15.03
CA VAL J 236 -3.74 33.20 15.43
C VAL J 236 -2.53 32.53 16.15
N PRO J 237 -1.31 32.72 15.69
CA PRO J 237 -0.21 32.01 16.40
C PRO J 237 -0.10 32.38 17.92
N ALA J 238 -0.21 33.68 18.16
CA ALA J 238 -0.18 34.15 19.55
C ALA J 238 -1.34 33.65 20.34
N GLU J 239 -2.51 33.54 19.70
CA GLU J 239 -3.70 33.04 20.38
C GLU J 239 -3.57 31.56 20.69
N ILE J 240 -2.91 30.76 19.85
CA ILE J 240 -2.67 29.37 20.15
C ILE J 240 -1.72 29.31 21.39
N GLU J 241 -0.66 30.11 21.34
CA GLU J 241 0.40 30.10 22.35
C GLU J 241 -0.14 30.51 23.70
N ASN J 242 -1.01 31.51 23.73
CA ASN J 242 -1.68 31.89 25.03
C ASN J 242 -3.04 31.22 25.42
N GLY J 243 -3.45 30.25 24.68
CA GLY J 243 -4.63 29.47 24.98
C GLY J 243 -5.96 30.13 24.59
N GLN J 244 -5.90 31.25 23.95
CA GLN J 244 -7.14 31.93 23.46
C GLN J 244 -7.82 31.02 22.44
N LEU J 245 -7.02 30.28 21.67
CA LEU J 245 -7.58 29.32 20.68
C LEU J 245 -7.02 27.94 20.95
N GLN J 246 -7.88 26.93 20.90
CA GLN J 246 -7.50 25.53 21.19
C GLN J 246 -6.60 24.96 20.06
N TRP J 247 -6.92 25.37 18.82
CA TRP J 247 -6.27 24.85 17.62
C TRP J 247 -6.84 25.59 16.45
N ALA J 248 -6.06 25.54 15.37
CA ALA J 248 -6.52 26.08 14.08
C ALA J 248 -6.30 25.06 12.97
N ILE J 249 -7.24 25.03 12.03
CA ILE J 249 -7.14 24.12 10.88
C ILE J 249 -6.58 24.89 9.68
N ASP J 250 -5.42 24.48 9.20
CA ASP J 250 -4.79 25.09 8.06
C ASP J 250 -5.21 24.43 6.73
N GLN J 251 -5.74 25.25 5.82
CA GLN J 251 -6.08 24.81 4.47
C GLN J 251 -5.09 25.33 3.46
N GLN J 252 -4.12 26.05 3.94
CA GLN J 252 -3.13 26.67 3.04
C GLN J 252 -3.69 27.54 1.91
N PRO J 253 -4.25 28.70 2.27
CA PRO J 253 -4.72 29.62 1.21
C PRO J 253 -3.63 30.05 0.25
N TYR J 254 -2.41 30.24 0.70
CA TYR J 254 -1.33 30.67 -0.20
C TYR J 254 -1.16 29.65 -1.29
N VAL J 255 -1.23 28.38 -0.94
CA VAL J 255 -1.06 27.27 -1.90
C VAL J 255 -2.24 27.25 -2.83
N GLU J 256 -3.48 27.41 -2.32
CA GLU J 256 -4.63 27.44 -3.16
C GLU J 256 -4.55 28.49 -4.24
N GLY J 257 -4.21 29.70 -3.83
CA GLY J 257 -4.07 30.83 -4.77
C GLY J 257 -2.90 30.69 -5.77
N TYR J 258 -1.72 30.27 -5.27
CA TYR J 258 -0.55 30.02 -6.03
C TYR J 258 -0.83 28.97 -7.08
N GLU J 259 -1.43 27.84 -6.66
CA GLU J 259 -1.63 26.78 -7.60
C GLU J 259 -2.75 27.05 -8.60
N ALA J 260 -3.77 27.82 -8.22
CA ALA J 260 -4.82 28.16 -9.16
C ALA J 260 -4.19 28.85 -10.39
N VAL J 261 -3.25 29.76 -10.13
CA VAL J 261 -2.56 30.42 -11.23
C VAL J 261 -1.53 29.53 -11.90
N ASP J 262 -0.63 28.96 -11.12
CA ASP J 262 0.52 28.21 -11.72
C ASP J 262 -0.02 26.99 -12.47
N SER J 263 -1.13 26.36 -12.02
CA SER J 263 -1.65 25.25 -12.75
C SER J 263 -2.22 25.67 -14.09
N LEU J 264 -2.78 26.90 -14.15
CA LEU J 264 -3.26 27.43 -15.42
C LEU J 264 -2.06 27.66 -16.33
N TRP J 265 -0.95 28.18 -15.77
CA TRP J 265 0.25 28.39 -16.56
C TRP J 265 0.73 26.99 -17.14
N LEU J 266 0.72 25.93 -16.33
CA LEU J 266 1.13 24.61 -16.74
C LEU J 266 0.25 24.09 -17.90
N TYR J 267 -1.05 24.29 -17.77
CA TYR J 267 -2.02 23.86 -18.76
C TYR J 267 -1.95 24.65 -20.07
N ILE J 268 -1.86 25.96 -19.95
CA ILE J 268 -1.78 26.80 -21.15
C ILE J 268 -0.48 26.56 -21.90
N THR J 269 0.63 26.42 -21.21
CA THR J 269 1.95 26.34 -21.86
C THR J 269 2.34 24.93 -22.24
N ASN J 270 1.86 23.91 -21.53
CA ASN J 270 2.28 22.53 -21.83
C ASN J 270 1.17 21.51 -21.75
N GLY J 271 -0.10 21.93 -21.60
CA GLY J 271 -1.20 20.99 -21.57
C GLY J 271 -1.32 20.16 -20.29
N ASP J 272 -0.58 20.52 -19.24
CA ASP J 272 -0.54 19.66 -18.09
C ASP J 272 -1.66 19.98 -17.11
N THR J 273 -1.97 18.93 -16.34
CA THR J 273 -2.84 19.09 -15.17
C THR J 273 -2.20 18.50 -13.94
N ILE J 274 -2.83 18.72 -12.75
CA ILE J 274 -2.30 18.17 -11.46
C ILE J 274 -3.55 17.59 -10.85
N GLY J 275 -3.43 16.33 -10.39
CA GLY J 275 -4.43 15.71 -9.56
C GLY J 275 -4.95 14.39 -10.09
N GLY J 276 -4.57 14.01 -11.28
CA GLY J 276 -5.03 12.62 -11.71
C GLY J 276 -6.52 12.51 -11.92
N GLY J 277 -7.17 13.64 -12.23
CA GLY J 277 -8.64 13.80 -12.38
C GLY J 277 -9.47 13.95 -11.12
N GLU J 278 -8.78 14.07 -10.00
CA GLU J 278 -9.41 14.38 -8.69
C GLU J 278 -8.80 15.63 -8.09
N ALA J 279 -9.45 16.16 -7.07
CA ALA J 279 -8.89 17.37 -6.36
C ALA J 279 -7.49 17.16 -5.81
N VAL J 280 -6.75 18.26 -5.86
CA VAL J 280 -5.45 18.31 -5.18
C VAL J 280 -5.67 18.96 -3.81
N LYS J 281 -5.38 18.15 -2.77
CA LYS J 281 -5.58 18.55 -1.36
C LYS J 281 -4.54 19.55 -0.90
N THR J 282 -4.98 20.57 -0.15
CA THR J 282 -4.09 21.54 0.47
C THR J 282 -4.25 21.53 1.95
N GLY J 283 -5.04 20.59 2.45
CA GLY J 283 -5.22 20.45 3.91
C GLY J 283 -6.22 19.33 4.05
N PRO J 284 -6.81 19.15 5.23
CA PRO J 284 -6.57 19.92 6.44
C PRO J 284 -5.32 19.50 7.22
N PHE J 285 -4.83 20.45 8.03
CA PHE J 285 -3.75 20.18 8.92
C PHE J 285 -4.04 20.91 10.22
N PHE J 286 -3.99 20.22 11.35
CA PHE J 286 -4.23 20.82 12.62
C PHE J 286 -3.01 21.44 13.25
N VAL J 287 -3.14 22.68 13.65
CA VAL J 287 -2.04 23.42 14.30
C VAL J 287 -2.43 23.73 15.74
N ASP J 288 -1.48 23.46 16.62
CA ASP J 288 -1.68 23.61 18.08
C ASP J 288 -0.40 24.06 18.74
N LYS J 289 -0.37 24.09 20.08
CA LYS J 289 0.84 24.54 20.79
C LYS J 289 2.06 23.67 20.42
N SER J 290 1.80 22.42 20.04
CA SER J 290 2.91 21.50 19.75
C SER J 290 3.63 21.83 18.45
N ASN J 291 2.95 22.46 17.49
CA ASN J 291 3.57 22.72 16.16
C ASN J 291 3.37 24.10 15.55
N VAL J 292 2.87 25.02 16.36
CA VAL J 292 2.62 26.37 15.90
C VAL J 292 3.92 27.17 15.61
N ALA J 293 5.02 26.82 16.29
CA ALA J 293 6.28 27.57 16.08
C ALA J 293 6.74 27.58 14.63
N ALA J 294 6.49 26.45 13.98
CA ALA J 294 6.91 26.24 12.61
C ALA J 294 6.25 27.20 11.64
N VAL J 295 5.04 27.64 11.95
CA VAL J 295 4.28 28.50 11.08
C VAL J 295 4.08 29.91 11.59
N ALA J 296 4.42 30.17 12.88
CA ALA J 296 4.08 31.45 13.49
C ALA J 296 4.59 32.71 12.68
N LYS J 297 5.86 32.72 12.28
CA LYS J 297 6.40 33.90 11.57
C LYS J 297 5.76 34.16 10.20
N PHE J 298 5.47 33.06 9.49
CA PHE J 298 4.83 33.12 8.17
C PHE J 298 3.40 33.60 8.30
N ALA J 299 2.69 33.11 9.31
CA ALA J 299 1.33 33.61 9.52
C ALA J 299 1.36 35.05 9.94
N GLU J 300 2.39 35.41 10.74
CA GLU J 300 2.52 36.82 11.25
C GLU J 300 2.71 37.82 10.14
N ARG J 301 3.33 37.34 9.05
CA ARG J 301 3.65 38.22 7.91
C ARG J 301 2.59 38.20 6.80
N GLY J 302 1.53 37.43 7.02
CA GLY J 302 0.41 37.50 6.15
C GLY J 302 0.41 36.47 5.02
N THR J 303 1.36 35.51 5.05
CA THR J 303 1.49 34.59 3.93
C THR J 303 1.06 33.13 4.28
N ARG J 304 0.54 32.91 5.48
CA ARG J 304 -0.07 31.61 5.87
C ARG J 304 -1.40 31.78 6.59
N PRO K 19 15.40 34.38 -2.88
CA PRO K 19 16.74 34.10 -2.33
C PRO K 19 17.31 32.78 -2.87
N HIS K 20 18.57 32.78 -3.32
CA HIS K 20 19.09 31.70 -4.16
C HIS K 20 19.20 30.35 -3.44
N LEU K 21 18.77 29.32 -4.14
CA LEU K 21 18.81 28.00 -3.60
C LEU K 21 19.48 27.04 -4.50
N THR K 22 19.99 25.97 -3.87
CA THR K 22 20.56 24.85 -4.60
C THR K 22 19.72 23.60 -4.24
N ILE K 23 19.18 22.94 -5.28
CA ILE K 23 18.38 21.73 -5.12
C ILE K 23 19.06 20.58 -5.86
N ALA K 24 19.26 19.48 -5.20
CA ALA K 24 19.79 18.26 -5.84
C ALA K 24 18.62 17.41 -6.26
N MET K 25 18.60 17.04 -7.54
CA MET K 25 17.61 16.02 -7.99
C MET K 25 18.39 14.73 -8.27
N ILE K 26 17.96 13.64 -7.66
CA ILE K 26 18.75 12.40 -7.68
C ILE K 26 17.82 11.28 -8.12
N THR K 27 18.16 10.63 -9.21
CA THR K 27 17.32 9.68 -9.80
C THR K 27 18.02 8.36 -10.13
N HIS K 28 17.22 7.44 -10.60
CA HIS K 28 17.62 6.10 -10.98
C HIS K 28 17.76 5.94 -12.53
N GLN K 29 17.78 7.07 -13.24
CA GLN K 29 17.85 7.08 -14.71
C GLN K 29 18.99 6.15 -15.22
N GLN K 30 18.67 5.31 -16.17
CA GLN K 30 19.69 4.61 -16.99
C GLN K 30 20.15 5.63 -18.07
N PRO K 31 21.48 5.85 -18.23
CA PRO K 31 21.94 6.66 -19.28
C PRO K 31 21.31 6.24 -20.62
N GLY K 32 20.80 7.24 -21.33
CA GLY K 32 20.15 7.03 -22.59
C GLY K 32 18.64 6.77 -22.51
N ASP K 33 18.07 6.65 -21.31
CA ASP K 33 16.62 6.56 -21.16
C ASP K 33 16.00 7.96 -21.30
N THR K 34 15.36 8.23 -22.45
CA THR K 34 14.89 9.58 -22.76
C THR K 34 13.72 10.08 -21.95
N PHE K 35 13.02 9.18 -21.27
CA PHE K 35 11.99 9.58 -20.34
C PHE K 35 12.50 10.67 -19.38
N TRP K 36 13.73 10.49 -18.89
CA TRP K 36 14.33 11.36 -17.88
C TRP K 36 14.70 12.74 -18.43
N ASP K 37 14.74 12.91 -19.77
CA ASP K 37 14.97 14.20 -20.31
C ASP K 37 13.68 15.06 -20.14
N ILE K 38 12.53 14.41 -20.12
CA ILE K 38 11.24 15.14 -19.99
C ILE K 38 11.16 15.57 -18.52
N ILE K 39 11.55 14.68 -17.62
CA ILE K 39 11.58 14.98 -16.17
C ILE K 39 12.47 16.22 -15.94
N ARG K 40 13.65 16.24 -16.56
CA ARG K 40 14.59 17.36 -16.39
C ARG K 40 14.09 18.65 -16.99
N LYS K 41 13.42 18.57 -18.10
CA LYS K 41 12.79 19.76 -18.70
C LYS K 41 11.86 20.43 -17.74
N GLY K 42 11.01 19.64 -17.03
CA GLY K 42 10.11 20.21 -16.00
C GLY K 42 10.86 20.83 -14.83
N ALA K 43 11.83 20.06 -14.33
CA ALA K 43 12.65 20.48 -13.21
C ALA K 43 13.41 21.78 -13.52
N LEU K 44 13.98 21.86 -14.73
CA LEU K 44 14.73 23.08 -15.16
C LEU K 44 13.78 24.26 -15.32
N ALA K 45 12.59 24.04 -15.82
CA ALA K 45 11.62 25.11 -15.96
C ALA K 45 11.27 25.70 -14.57
N ALA K 46 11.06 24.83 -13.57
CA ALA K 46 10.75 25.30 -12.25
C ALA K 46 11.97 26.05 -11.72
N ALA K 47 13.16 25.47 -11.92
CA ALA K 47 14.37 26.04 -11.31
C ALA K 47 14.65 27.47 -11.82
N ALA K 48 14.39 27.67 -13.07
CA ALA K 48 14.59 28.97 -13.69
C ALA K 48 13.68 30.06 -13.14
N LYS K 49 12.49 29.69 -12.71
CA LYS K 49 11.57 30.63 -12.09
C LYS K 49 11.86 30.83 -10.65
N ASP K 50 12.53 29.86 -10.03
CA ASP K 50 12.62 29.85 -8.61
C ASP K 50 13.94 30.27 -8.02
N ASN K 51 14.82 30.86 -8.85
CA ASN K 51 16.19 31.15 -8.46
C ASN K 51 16.93 29.94 -7.79
N VAL K 52 16.84 28.81 -8.46
CA VAL K 52 17.39 27.54 -8.05
C VAL K 52 18.46 27.08 -9.03
N THR K 53 19.63 26.69 -8.51
CA THR K 53 20.59 25.94 -9.26
C THR K 53 20.23 24.50 -8.99
N LEU K 54 19.88 23.78 -10.07
CA LEU K 54 19.49 22.41 -10.06
C LEU K 54 20.74 21.55 -10.28
N LYS K 55 21.01 20.63 -9.35
CA LYS K 55 22.08 19.66 -9.54
C LYS K 55 21.47 18.30 -9.76
N TYR K 56 21.48 17.84 -11.00
CA TYR K 56 20.97 16.56 -11.38
C TYR K 56 22.04 15.48 -11.32
N SER K 57 21.78 14.40 -10.61
CA SER K 57 22.62 13.20 -10.66
C SER K 57 21.74 11.94 -10.74
N ASN K 58 22.33 10.84 -11.20
CA ASN K 58 21.57 9.62 -11.41
C ASN K 58 22.49 8.39 -11.46
N ASP K 59 21.91 7.26 -11.01
CA ASP K 59 22.55 5.95 -11.16
C ASP K 59 21.50 4.86 -11.07
N PRO K 60 21.41 4.00 -12.10
CA PRO K 60 20.43 2.90 -12.09
C PRO K 60 20.77 1.76 -11.09
N ASP K 61 21.93 1.82 -10.46
CA ASP K 61 22.29 0.87 -9.38
C ASP K 61 21.91 1.61 -8.11
N SER K 62 20.96 1.05 -7.36
CA SER K 62 20.37 1.72 -6.18
C SER K 62 21.36 1.91 -5.05
N THR K 63 22.34 1.04 -4.99
CA THR K 63 23.46 1.21 -4.07
C THR K 63 24.22 2.47 -4.36
N LYS K 64 24.50 2.72 -5.64
CA LYS K 64 25.22 3.97 -6.07
C LYS K 64 24.30 5.19 -5.91
N GLU K 65 23.01 4.99 -6.15
CA GLU K 65 22.06 6.12 -5.93
C GLU K 65 22.05 6.57 -4.48
N ALA K 66 22.18 5.62 -3.56
CA ALA K 66 22.23 5.99 -2.11
C ALA K 66 23.47 6.88 -1.84
N VAL K 67 24.59 6.58 -2.49
CA VAL K 67 25.78 7.43 -2.32
C VAL K 67 25.58 8.85 -2.88
N LEU K 68 24.85 8.97 -4.00
CA LEU K 68 24.49 10.28 -4.47
C LEU K 68 23.71 11.14 -3.49
N ILE K 69 22.84 10.48 -2.75
CA ILE K 69 22.11 11.20 -1.70
C ILE K 69 23.07 11.75 -0.64
N GLN K 70 24.02 10.94 -0.18
CA GLN K 70 25.00 11.42 0.79
C GLN K 70 25.87 12.51 0.21
N ASP K 71 26.22 12.40 -1.05
CA ASP K 71 26.97 13.47 -1.71
C ASP K 71 26.28 14.83 -1.60
N ALA K 72 24.97 14.83 -1.88
CA ALA K 72 24.18 16.04 -1.83
C ALA K 72 24.04 16.63 -0.39
N VAL K 73 24.01 15.74 0.58
CA VAL K 73 23.98 16.13 2.01
C VAL K 73 25.35 16.78 2.38
N ASN K 74 26.43 16.09 2.01
CA ASN K 74 27.76 16.67 2.27
C ASN K 74 27.97 18.04 1.65
N ALA K 75 27.33 18.29 0.51
CA ALA K 75 27.37 19.62 -0.15
C ALA K 75 26.40 20.68 0.39
N LYS K 76 25.62 20.31 1.40
CA LYS K 76 24.74 21.25 2.12
C LYS K 76 23.76 21.94 1.18
N VAL K 77 23.21 21.12 0.28
CA VAL K 77 22.16 21.59 -0.60
C VAL K 77 20.96 22.03 0.24
N ASP K 78 20.14 22.91 -0.33
CA ASP K 78 18.97 23.36 0.38
C ASP K 78 17.82 22.40 0.39
N GLY K 79 17.77 21.53 -0.60
CA GLY K 79 16.64 20.55 -0.65
C GLY K 79 17.03 19.47 -1.62
N ILE K 80 16.38 18.31 -1.47
CA ILE K 80 16.68 17.10 -2.26
C ILE K 80 15.38 16.59 -2.84
N ALA K 81 15.38 16.36 -4.15
CA ALA K 81 14.26 15.64 -4.84
C ALA K 81 14.80 14.31 -5.28
N VAL K 82 14.19 13.25 -4.81
CA VAL K 82 14.76 11.89 -4.97
C VAL K 82 13.75 10.83 -5.43
N THR K 83 14.22 9.88 -6.28
CA THR K 83 13.35 8.73 -6.69
C THR K 83 13.68 7.52 -5.85
N ILE K 84 12.69 6.64 -5.60
CA ILE K 84 12.83 5.49 -4.67
C ILE K 84 12.45 4.14 -5.29
N PRO K 85 13.24 3.67 -6.27
CA PRO K 85 12.85 2.41 -6.95
C PRO K 85 13.13 1.22 -6.08
N ASP K 86 14.09 1.35 -5.15
CA ASP K 86 14.52 0.28 -4.27
C ASP K 86 14.49 0.81 -2.84
N PRO K 87 13.33 0.78 -2.20
CA PRO K 87 13.26 1.32 -0.85
C PRO K 87 14.32 0.74 0.13
N PRO K 88 14.55 -0.59 0.15
CA PRO K 88 15.59 -1.14 1.08
C PRO K 88 16.98 -0.48 1.00
N ALA K 89 17.43 -0.15 -0.20
CA ALA K 89 18.68 0.42 -0.48
C ALA K 89 18.73 1.93 -0.26
N LEU K 90 17.58 2.60 -0.33
CA LEU K 90 17.58 4.07 -0.41
C LEU K 90 16.93 4.77 0.83
N ILE K 91 15.99 4.11 1.52
CA ILE K 91 15.34 4.70 2.67
CA ILE K 91 15.34 4.70 2.68
C ILE K 91 16.34 5.05 3.79
N PRO K 92 17.30 4.18 4.11
CA PRO K 92 18.23 4.67 5.16
C PRO K 92 18.94 5.95 4.82
N ALA K 93 19.35 6.14 3.57
CA ALA K 93 20.10 7.35 3.21
C ALA K 93 19.19 8.57 3.24
N ILE K 94 17.94 8.36 2.82
CA ILE K 94 16.96 9.43 2.77
C ILE K 94 16.72 9.84 4.22
N LYS K 95 16.53 8.87 5.09
CA LYS K 95 16.33 9.16 6.52
C LYS K 95 17.53 9.95 7.07
N GLN K 96 18.73 9.52 6.73
CA GLN K 96 19.95 10.27 7.12
C GLN K 96 19.95 11.72 6.64
N ALA K 97 19.52 11.95 5.40
CA ALA K 97 19.39 13.27 4.88
C ALA K 97 18.40 14.09 5.69
N VAL K 98 17.26 13.52 6.02
CA VAL K 98 16.28 14.22 6.80
C VAL K 98 16.85 14.56 8.18
N ALA K 99 17.61 13.61 8.73
CA ALA K 99 18.11 13.72 10.11
C ALA K 99 19.21 14.73 10.17
N ALA K 100 19.89 14.92 9.04
CA ALA K 100 20.93 16.00 8.88
C ALA K 100 20.40 17.42 8.61
N GLY K 101 19.09 17.56 8.53
CA GLY K 101 18.41 18.82 8.36
C GLY K 101 18.09 19.24 6.94
N ILE K 102 18.16 18.31 5.99
CA ILE K 102 17.81 18.68 4.59
C ILE K 102 16.41 18.19 4.23
N PRO K 103 15.57 19.10 3.74
CA PRO K 103 14.20 18.68 3.34
C PRO K 103 14.24 17.86 2.06
N VAL K 104 13.40 16.86 2.01
CA VAL K 104 13.37 15.90 0.90
C VAL K 104 11.95 15.81 0.35
N VAL K 105 11.82 15.74 -0.98
CA VAL K 105 10.60 15.37 -1.59
C VAL K 105 10.92 14.18 -2.45
N ALA K 106 9.99 13.22 -2.53
CA ALA K 106 10.20 12.08 -3.37
C ALA K 106 9.30 12.20 -4.63
N PHE K 107 9.69 11.50 -5.68
CA PHE K 107 8.91 11.55 -6.93
C PHE K 107 9.20 10.33 -7.78
N ASN K 108 8.26 10.05 -8.69
CA ASN K 108 8.33 9.08 -9.77
C ASN K 108 8.25 7.59 -9.35
N ALA K 109 9.12 7.21 -8.40
CA ALA K 109 9.13 5.86 -7.87
C ALA K 109 9.15 5.87 -6.37
N GLY K 110 8.34 4.99 -5.80
CA GLY K 110 8.29 4.82 -4.37
C GLY K 110 7.05 5.30 -3.66
N ILE K 111 5.95 5.35 -4.37
CA ILE K 111 4.74 5.96 -3.75
C ILE K 111 4.28 5.22 -2.46
N ASP K 112 4.51 3.92 -2.36
CA ASP K 112 4.10 3.23 -1.13
C ASP K 112 5.13 3.36 -0.02
N GLN K 113 6.28 3.94 -0.29
CA GLN K 113 7.31 4.02 0.70
C GLN K 113 7.83 5.40 1.07
N TRP K 114 7.35 6.47 0.40
CA TRP K 114 7.93 7.78 0.66
C TRP K 114 7.67 8.28 2.06
N LYS K 115 6.52 7.96 2.62
CA LYS K 115 6.10 8.61 3.84
C LYS K 115 6.98 8.10 4.98
N GLU K 116 7.27 6.80 4.97
CA GLU K 116 8.18 6.20 5.95
C GLU K 116 9.61 6.73 5.89
N SER K 117 10.01 7.26 4.73
CA SER K 117 11.38 7.74 4.49
C SER K 117 11.62 9.09 5.18
N GLY K 118 10.54 9.80 5.48
CA GLY K 118 10.65 11.14 6.05
C GLY K 118 10.58 12.23 5.00
N ALA K 119 10.55 11.87 3.72
CA ALA K 119 10.17 12.81 2.71
C ALA K 119 8.85 13.54 2.97
N LEU K 120 8.80 14.79 2.60
CA LEU K 120 7.69 15.64 2.93
C LEU K 120 6.47 15.43 2.05
N MET K 121 6.74 15.02 0.80
CA MET K 121 5.75 14.97 -0.23
C MET K 121 6.18 14.00 -1.31
N TYR K 122 5.22 13.65 -2.19
CA TYR K 122 5.45 12.74 -3.30
C TYR K 122 4.69 13.19 -4.49
N PHE K 123 5.33 13.12 -5.65
CA PHE K 123 4.67 13.44 -6.91
C PHE K 123 4.83 12.28 -7.87
N GLY K 124 3.74 11.74 -8.37
CA GLY K 124 3.80 10.68 -9.41
C GLY K 124 2.42 10.06 -9.47
N GLN K 125 2.34 8.93 -10.13
CA GLN K 125 1.08 8.20 -10.17
C GLN K 125 1.17 6.94 -9.38
N ASP K 126 0.00 6.47 -8.87
CA ASP K 126 -0.09 5.17 -8.24
C ASP K 126 0.00 4.08 -9.30
N GLU K 127 1.13 3.34 -9.26
CA GLU K 127 1.47 2.51 -10.37
C GLU K 127 0.64 1.23 -10.27
N THR K 128 0.26 0.87 -9.09
CA THR K 128 -0.73 -0.24 -8.90
C THR K 128 -2.05 0.04 -9.55
N VAL K 129 -2.57 1.23 -9.25
CA VAL K 129 -3.79 1.72 -9.87
C VAL K 129 -3.67 1.77 -11.40
N ALA K 130 -2.54 2.34 -11.91
CA ALA K 130 -2.32 2.45 -13.34
C ALA K 130 -2.39 1.03 -13.95
N GLY K 131 -1.63 0.12 -13.35
CA GLY K 131 -1.61 -1.26 -13.83
C GLY K 131 -2.98 -1.87 -13.81
N GLN K 132 -3.72 -1.69 -12.72
CA GLN K 132 -5.10 -2.19 -12.64
C GLN K 132 -5.99 -1.60 -13.76
N ALA K 133 -5.84 -0.30 -14.01
CA ALA K 133 -6.61 0.33 -15.01
C ALA K 133 -6.25 -0.24 -16.36
N ALA K 134 -4.98 -0.46 -16.60
CA ALA K 134 -4.53 -1.10 -17.88
C ALA K 134 -5.07 -2.48 -18.12
N GLY K 135 -5.05 -3.33 -17.09
CA GLY K 135 -5.59 -4.68 -17.24
C GLY K 135 -7.07 -4.67 -17.46
N ALA K 136 -7.77 -3.75 -16.78
CA ALA K 136 -9.26 -3.66 -16.95
C ALA K 136 -9.58 -3.16 -18.33
N ARG K 137 -8.84 -2.17 -18.84
CA ARG K 137 -9.01 -1.71 -20.19
C ARG K 137 -8.74 -2.78 -21.23
N ALA K 138 -7.65 -3.49 -21.10
CA ALA K 138 -7.29 -4.50 -22.05
C ALA K 138 -8.39 -5.58 -22.09
N THR K 139 -8.92 -6.00 -20.92
CA THR K 139 -10.01 -6.98 -20.88
C THR K 139 -11.23 -6.40 -21.61
N SER K 140 -11.51 -5.13 -21.33
CA SER K 140 -12.67 -4.49 -22.00
C SER K 140 -12.56 -4.40 -23.51
N GLU K 141 -11.33 -4.26 -23.99
CA GLU K 141 -11.00 -4.16 -25.39
C GLU K 141 -10.91 -5.51 -26.13
N GLY K 142 -11.14 -6.63 -25.42
CA GLY K 142 -11.28 -7.93 -25.98
C GLY K 142 -10.00 -8.73 -26.07
N PHE K 143 -8.92 -8.29 -25.36
CA PHE K 143 -7.67 -9.01 -25.45
C PHE K 143 -7.73 -10.20 -24.58
N LYS K 144 -7.03 -11.25 -25.00
CA LYS K 144 -7.05 -12.54 -24.37
C LYS K 144 -5.80 -12.98 -23.69
N HIS K 145 -4.67 -12.40 -24.09
CA HIS K 145 -3.42 -12.81 -23.54
C HIS K 145 -2.38 -11.66 -23.62
N VAL K 146 -2.10 -11.04 -22.46
CA VAL K 146 -1.11 -9.96 -22.39
CA VAL K 146 -1.14 -9.95 -22.34
C VAL K 146 0.27 -10.43 -22.02
N LEU K 147 1.23 -9.80 -22.67
CA LEU K 147 2.66 -9.85 -22.36
C LEU K 147 2.99 -8.49 -21.73
N CYS K 148 3.42 -8.51 -20.47
CA CYS K 148 3.95 -7.29 -19.81
C CYS K 148 5.48 -7.35 -19.79
N VAL K 149 6.12 -6.34 -20.36
CA VAL K 149 7.60 -6.33 -20.51
C VAL K 149 8.20 -5.36 -19.53
N LEU K 150 9.10 -5.85 -18.70
CA LEU K 150 9.79 -4.96 -17.70
C LEU K 150 11.19 -4.79 -18.10
N GLN K 151 11.68 -3.57 -18.23
CA GLN K 151 13.01 -3.30 -18.80
C GLN K 151 14.15 -3.13 -17.79
N ALA K 152 13.84 -3.29 -16.50
CA ALA K 152 14.82 -3.32 -15.45
C ALA K 152 14.26 -4.17 -14.30
N GLN K 153 15.19 -4.67 -13.51
CA GLN K 153 14.95 -5.40 -12.29
C GLN K 153 15.10 -4.51 -11.08
N GLY K 154 14.52 -4.93 -10.01
CA GLY K 154 14.65 -4.17 -8.74
C GLY K 154 13.98 -2.82 -8.68
N GLN K 155 12.86 -2.66 -9.40
CA GLN K 155 12.21 -1.32 -9.58
C GLN K 155 10.77 -1.44 -9.08
N VAL K 156 10.52 -0.98 -7.87
CA VAL K 156 9.13 -1.14 -7.33
C VAL K 156 8.01 -0.56 -8.21
N GLN K 157 8.27 0.53 -8.94
CA GLN K 157 7.25 1.14 -9.76
C GLN K 157 6.92 0.32 -10.99
N LEU K 158 7.90 -0.40 -11.55
CA LEU K 158 7.63 -1.28 -12.69
C LEU K 158 6.92 -2.54 -12.18
N GLU K 159 7.40 -3.12 -11.09
CA GLU K 159 6.75 -4.32 -10.48
C GLU K 159 5.31 -4.01 -10.15
N SER K 160 5.02 -2.83 -9.63
CA SER K 160 3.63 -2.49 -9.32
C SER K 160 2.74 -2.47 -10.54
N ARG K 161 3.25 -1.90 -11.61
CA ARG K 161 2.45 -1.82 -12.88
C ARG K 161 2.13 -3.22 -13.34
N CYS K 162 3.12 -4.10 -13.44
CA CYS K 162 2.85 -5.44 -14.02
C CYS K 162 1.93 -6.22 -13.07
N ASN K 163 2.13 -6.10 -11.77
CA ASN K 163 1.28 -6.81 -10.85
C ASN K 163 -0.15 -6.31 -10.92
N GLY K 164 -0.31 -4.98 -11.09
CA GLY K 164 -1.67 -4.44 -11.28
C GLY K 164 -2.35 -4.97 -12.55
N VAL K 165 -1.64 -4.99 -13.62
CA VAL K 165 -2.17 -5.53 -14.90
C VAL K 165 -2.60 -6.99 -14.71
N GLN K 166 -1.76 -7.83 -14.11
CA GLN K 166 -2.09 -9.23 -13.93
C GLN K 166 -3.35 -9.34 -13.09
N GLN K 167 -3.45 -8.54 -12.04
CA GLN K 167 -4.62 -8.55 -11.17
C GLN K 167 -5.99 -8.39 -11.82
N THR K 168 -6.08 -7.42 -12.75
CA THR K 168 -7.35 -7.11 -13.33
C THR K 168 -7.57 -7.68 -14.67
N PHE K 169 -6.55 -8.15 -15.35
CA PHE K 169 -6.75 -8.71 -16.67
C PHE K 169 -7.35 -10.13 -16.54
N LYS K 170 -8.44 -10.42 -17.24
CA LYS K 170 -9.23 -11.65 -17.06
C LYS K 170 -8.73 -12.83 -17.88
N GLY K 171 -7.74 -12.59 -18.72
CA GLY K 171 -7.24 -13.64 -19.57
C GLY K 171 -5.89 -14.12 -19.12
N GLN K 172 -5.11 -14.59 -20.05
CA GLN K 172 -3.75 -15.11 -19.81
C GLN K 172 -2.75 -13.96 -19.68
N TYR K 173 -1.72 -14.21 -18.89
CA TYR K 173 -0.72 -13.22 -18.55
C TYR K 173 0.70 -13.78 -18.58
N THR K 174 1.61 -13.07 -19.25
CA THR K 174 3.03 -13.42 -19.39
C THR K 174 3.85 -12.21 -18.96
N LYS K 175 4.82 -12.49 -18.06
CA LYS K 175 5.71 -11.50 -17.49
C LYS K 175 7.11 -11.70 -18.05
N LEU K 176 7.67 -10.67 -18.69
CA LEU K 176 8.98 -10.79 -19.33
C LEU K 176 9.95 -9.70 -18.93
N TYR K 177 11.11 -10.09 -18.35
CA TYR K 177 12.23 -9.17 -18.18
C TYR K 177 13.05 -9.10 -19.44
N VAL K 178 13.41 -7.89 -19.82
CA VAL K 178 14.43 -7.52 -20.85
C VAL K 178 15.42 -6.56 -20.29
N ASN K 179 16.56 -6.43 -20.96
CA ASN K 179 17.58 -5.50 -20.50
C ASN K 179 17.43 -4.22 -21.29
N GLY K 180 16.73 -3.26 -20.72
CA GLY K 180 16.43 -2.01 -21.44
C GLY K 180 17.65 -1.22 -21.96
N ALA K 181 18.81 -1.40 -21.33
CA ALA K 181 20.07 -0.77 -21.76
C ALA K 181 20.56 -1.32 -23.11
N ASP K 182 20.14 -2.52 -23.46
CA ASP K 182 20.60 -3.24 -24.66
C ASP K 182 19.41 -3.44 -25.64
N GLN K 183 19.08 -2.36 -26.37
CA GLN K 183 17.92 -2.32 -27.25
C GLN K 183 17.85 -3.43 -28.32
N PRO K 184 18.96 -3.75 -28.98
CA PRO K 184 18.87 -4.90 -29.90
C PRO K 184 18.38 -6.20 -29.22
N SER K 185 18.80 -6.42 -27.97
CA SER K 185 18.40 -7.65 -27.25
C SER K 185 16.94 -7.61 -26.88
N VAL K 186 16.43 -6.42 -26.59
CA VAL K 186 15.06 -6.27 -26.18
C VAL K 186 14.17 -6.68 -27.34
N ARG K 187 14.51 -6.21 -28.53
CA ARG K 187 13.78 -6.54 -29.75
C ARG K 187 13.80 -8.01 -30.06
N THR K 188 14.97 -8.62 -30.01
CA THR K 188 15.01 -10.06 -30.26
C THR K 188 14.31 -10.91 -29.21
N THR K 189 14.43 -10.51 -27.94
CA THR K 189 13.81 -11.26 -26.85
C THR K 189 12.30 -11.23 -26.94
N ILE K 190 11.74 -10.04 -27.24
CA ILE K 190 10.28 -9.94 -27.36
C ILE K 190 9.79 -10.75 -28.58
N ALA K 191 10.51 -10.60 -29.70
CA ALA K 191 10.13 -11.31 -30.89
C ALA K 191 10.12 -12.80 -30.63
N ALA K 192 11.14 -13.31 -29.91
CA ALA K 192 11.23 -14.71 -29.62
C ALA K 192 10.06 -15.22 -28.74
N LYS K 193 9.73 -14.42 -27.74
CA LYS K 193 8.57 -14.72 -26.93
C LYS K 193 7.25 -14.76 -27.68
N LEU K 194 7.04 -13.84 -28.58
CA LEU K 194 5.84 -13.79 -29.36
C LEU K 194 5.72 -14.94 -30.31
N LYS K 195 6.86 -15.40 -30.82
CA LYS K 195 6.86 -16.56 -31.68
C LYS K 195 6.52 -17.82 -30.95
N GLN K 196 7.11 -17.94 -29.77
CA GLN K 196 6.85 -19.02 -28.84
C GLN K 196 5.45 -19.05 -28.23
N ASP K 197 4.80 -17.89 -28.17
CA ASP K 197 3.44 -17.69 -27.59
C ASP K 197 2.54 -16.95 -28.61
N PRO K 198 2.15 -17.62 -29.69
CA PRO K 198 1.32 -16.95 -30.65
C PRO K 198 -0.02 -16.48 -30.13
N SER K 199 -0.46 -17.06 -29.01
CA SER K 199 -1.70 -16.55 -28.40
C SER K 199 -1.61 -15.18 -27.77
N ILE K 200 -0.40 -14.66 -27.61
CA ILE K 200 -0.27 -13.33 -27.05
C ILE K 200 -0.86 -12.36 -28.04
N ASP K 201 -1.78 -11.48 -27.62
CA ASP K 201 -2.46 -10.54 -28.53
C ASP K 201 -2.34 -9.09 -28.09
N LEU K 202 -1.74 -8.86 -26.91
CA LEU K 202 -1.38 -7.53 -26.50
C LEU K 202 -0.06 -7.55 -25.72
N VAL K 203 0.84 -6.65 -26.14
CA VAL K 203 2.12 -6.38 -25.46
C VAL K 203 1.94 -5.05 -24.81
N ILE K 204 2.10 -5.03 -23.48
CA ILE K 204 2.14 -3.74 -22.79
C ILE K 204 3.56 -3.51 -22.34
N THR K 205 4.15 -2.43 -22.85
CA THR K 205 5.46 -2.00 -22.41
C THR K 205 5.40 -0.87 -21.37
N LEU K 206 6.50 -0.75 -20.61
CA LEU K 206 6.47 0.14 -19.42
C LEU K 206 7.24 1.42 -19.64
N GLY K 207 7.73 1.61 -20.85
CA GLY K 207 8.28 2.85 -21.28
C GLY K 207 8.15 3.05 -22.79
N ALA K 208 8.21 4.27 -23.26
CA ALA K 208 7.88 4.58 -24.66
C ALA K 208 9.03 4.11 -25.57
N PRO K 209 10.28 4.24 -25.12
CA PRO K 209 11.35 3.62 -25.99
C PRO K 209 11.23 2.15 -26.19
N ILE K 210 10.77 1.42 -25.17
CA ILE K 210 10.61 -0.01 -25.26
C ILE K 210 9.43 -0.31 -26.21
N ALA K 211 8.39 0.53 -26.22
CA ALA K 211 7.30 0.41 -27.13
C ALA K 211 7.78 0.33 -28.59
N GLN K 212 8.74 1.18 -28.94
CA GLN K 212 9.31 1.20 -30.31
C GLN K 212 9.88 -0.18 -30.62
N LEU K 213 10.54 -0.82 -29.65
CA LEU K 213 11.15 -2.12 -29.87
C LEU K 213 10.10 -3.27 -29.96
N ALA K 214 8.96 -3.11 -29.25
CA ALA K 214 7.92 -4.05 -29.30
C ALA K 214 7.18 -3.92 -30.61
N ILE K 215 6.97 -2.70 -31.08
CA ILE K 215 6.39 -2.52 -32.43
C ILE K 215 7.22 -3.31 -33.45
N GLN K 216 8.53 -3.15 -33.44
CA GLN K 216 9.41 -3.85 -34.38
C GLN K 216 9.35 -5.37 -34.15
N ALA K 217 9.37 -5.79 -32.89
CA ALA K 217 9.36 -7.25 -32.57
C ALA K 217 8.14 -7.96 -33.11
N VAL K 218 6.98 -7.29 -33.07
CA VAL K 218 5.73 -7.87 -33.49
C VAL K 218 5.82 -8.16 -35.03
N LYS K 219 6.37 -7.22 -35.76
CA LYS K 219 6.62 -7.40 -37.21
C LYS K 219 7.61 -8.52 -37.44
N ASP K 220 8.69 -8.53 -36.65
CA ASP K 220 9.76 -9.57 -36.76
C ASP K 220 9.18 -10.99 -36.61
N ALA K 221 8.21 -11.17 -35.70
CA ALA K 221 7.62 -12.45 -35.36
C ALA K 221 6.50 -12.96 -36.30
N GLY K 222 5.97 -12.02 -37.06
CA GLY K 222 4.79 -12.20 -37.88
C GLY K 222 3.58 -12.32 -36.97
N SER K 223 3.63 -11.65 -35.81
CA SER K 223 2.61 -11.73 -34.78
C SER K 223 1.46 -10.77 -35.14
N ASN K 224 0.26 -11.18 -34.72
CA ASN K 224 -0.95 -10.38 -34.74
C ASN K 224 -1.14 -9.54 -33.50
N ALA K 225 -0.26 -9.67 -32.52
CA ALA K 225 -0.41 -8.83 -31.31
C ALA K 225 -0.36 -7.33 -31.56
N LYS K 226 -1.17 -6.62 -30.78
CA LYS K 226 -1.18 -5.20 -30.65
C LYS K 226 -0.25 -4.83 -29.50
N ILE K 227 0.03 -3.52 -29.44
CA ILE K 227 0.98 -2.89 -28.48
C ILE K 227 0.30 -1.72 -27.82
N ALA K 228 0.58 -1.54 -26.53
CA ALA K 228 0.17 -0.37 -25.76
C ALA K 228 1.29 -0.06 -24.83
N THR K 229 1.35 1.20 -24.35
CA THR K 229 2.47 1.56 -23.49
C THR K 229 2.13 2.55 -22.38
N PHE K 230 3.01 2.53 -21.42
CA PHE K 230 3.20 3.68 -20.53
C PHE K 230 4.11 4.67 -21.24
N ASP K 231 3.77 5.94 -21.07
CA ASP K 231 4.53 7.14 -21.45
C ASP K 231 4.50 7.51 -22.90
N PHE K 232 4.80 8.78 -23.13
CA PHE K 232 5.10 9.29 -24.48
C PHE K 232 6.58 9.37 -24.72
N ASN K 233 6.93 9.24 -25.99
CA ASN K 233 8.11 9.91 -26.57
C ASN K 233 7.69 10.66 -27.85
N THR K 234 8.66 11.07 -28.67
CA THR K 234 8.31 11.94 -29.73
C THR K 234 7.53 11.15 -30.78
N GLN K 235 7.66 9.83 -30.79
CA GLN K 235 7.04 8.94 -31.77
C GLN K 235 5.63 8.44 -31.45
N VAL K 236 5.27 8.53 -30.18
CA VAL K 236 4.07 7.93 -29.71
C VAL K 236 2.81 8.54 -30.31
N PRO K 237 2.77 9.88 -30.47
CA PRO K 237 1.46 10.43 -30.94
C PRO K 237 1.13 9.90 -32.36
N ALA K 238 2.14 9.82 -33.25
CA ALA K 238 1.85 9.28 -34.62
C ALA K 238 1.45 7.81 -34.56
N GLU K 239 2.01 7.08 -33.59
CA GLU K 239 1.69 5.65 -33.42
C GLU K 239 0.27 5.42 -32.88
N ILE K 240 -0.20 6.34 -32.02
CA ILE K 240 -1.62 6.33 -31.65
C ILE K 240 -2.52 6.71 -32.83
N GLU K 241 -2.11 7.70 -33.59
CA GLU K 241 -2.92 8.10 -34.79
C GLU K 241 -3.03 7.02 -35.85
N ASN K 242 -2.01 6.20 -36.03
CA ASN K 242 -2.00 5.21 -37.14
C ASN K 242 -2.34 3.80 -36.66
N GLY K 243 -2.57 3.66 -35.38
CA GLY K 243 -2.97 2.37 -34.81
C GLY K 243 -1.86 1.39 -34.46
N GLN K 244 -0.62 1.88 -34.51
CA GLN K 244 0.55 1.10 -34.07
C GLN K 244 0.55 0.95 -32.57
N LEU K 245 0.04 1.92 -31.83
CA LEU K 245 -0.21 1.72 -30.41
C LEU K 245 -1.69 1.88 -30.09
N GLN K 246 -2.25 1.08 -29.19
CA GLN K 246 -3.63 1.18 -28.84
C GLN K 246 -3.94 2.37 -27.96
N TRP K 247 -3.00 2.62 -27.03
CA TRP K 247 -3.09 3.74 -26.13
C TRP K 247 -1.72 3.95 -25.47
N ALA K 248 -1.62 5.06 -24.77
CA ALA K 248 -0.43 5.35 -23.98
C ALA K 248 -0.93 5.95 -22.69
N ILE K 249 -0.37 5.48 -21.58
CA ILE K 249 -0.71 6.01 -20.24
C ILE K 249 0.25 7.13 -19.87
N ASP K 250 -0.29 8.34 -19.64
CA ASP K 250 0.52 9.51 -19.27
C ASP K 250 0.61 9.65 -17.74
N GLN K 251 1.85 9.74 -17.24
CA GLN K 251 2.14 10.09 -15.82
C GLN K 251 2.64 11.54 -15.64
N GLN K 252 2.78 12.27 -16.75
CA GLN K 252 3.26 13.65 -16.79
C GLN K 252 4.61 13.81 -16.13
N PRO K 253 5.65 13.22 -16.71
CA PRO K 253 7.00 13.51 -16.20
C PRO K 253 7.36 14.98 -16.03
N TYR K 254 6.91 15.84 -16.96
CA TYR K 254 7.24 17.27 -16.83
C TYR K 254 6.72 17.76 -15.48
N VAL K 255 5.47 17.37 -15.12
CA VAL K 255 4.87 17.84 -13.87
C VAL K 255 5.58 17.21 -12.69
N GLU K 256 5.95 15.92 -12.77
CA GLU K 256 6.81 15.31 -11.71
C GLU K 256 8.05 16.10 -11.42
N GLY K 257 8.82 16.37 -12.47
CA GLY K 257 10.06 17.09 -12.28
C GLY K 257 9.89 18.55 -11.84
N TYR K 258 8.91 19.22 -12.46
CA TYR K 258 8.61 20.59 -12.13
C TYR K 258 8.19 20.74 -10.65
N GLU K 259 7.22 19.93 -10.26
CA GLU K 259 6.73 20.00 -8.89
C GLU K 259 7.73 19.56 -7.87
N ALA K 260 8.60 18.59 -8.16
CA ALA K 260 9.62 18.21 -7.17
C ALA K 260 10.49 19.43 -6.83
N VAL K 261 10.81 20.27 -7.83
CA VAL K 261 11.57 21.51 -7.56
C VAL K 261 10.68 22.59 -6.95
N ASP K 262 9.53 22.85 -7.58
CA ASP K 262 8.70 23.97 -7.12
C ASP K 262 8.11 23.77 -5.74
N SER K 263 7.81 22.53 -5.38
CA SER K 263 7.29 22.22 -4.08
C SER K 263 8.34 22.47 -3.00
N LEU K 264 9.65 22.18 -3.27
CA LEU K 264 10.69 22.51 -2.38
C LEU K 264 10.87 24.02 -2.20
N TRP K 265 10.71 24.73 -3.27
CA TRP K 265 10.70 26.18 -3.19
C TRP K 265 9.55 26.67 -2.29
N LEU K 266 8.37 26.13 -2.48
CA LEU K 266 7.25 26.54 -1.59
C LEU K 266 7.50 26.21 -0.13
N TYR K 267 8.12 25.04 0.16
CA TYR K 267 8.38 24.61 1.51
C TYR K 267 9.46 25.49 2.17
N ILE K 268 10.55 25.72 1.45
CA ILE K 268 11.69 26.44 2.01
C ILE K 268 11.28 27.92 2.19
N THR K 269 10.56 28.51 1.22
CA THR K 269 10.25 29.95 1.31
C THR K 269 9.04 30.31 2.15
N ASN K 270 8.07 29.43 2.26
CA ASN K 270 6.88 29.72 3.07
C ASN K 270 6.34 28.57 3.88
N GLY K 271 7.05 27.45 3.99
CA GLY K 271 6.65 26.38 4.85
C GLY K 271 5.49 25.51 4.35
N ASP K 272 5.16 25.69 3.08
CA ASP K 272 3.95 25.05 2.53
C ASP K 272 4.26 23.64 2.04
N THR K 273 3.18 22.82 2.00
CA THR K 273 3.22 21.56 1.31
C THR K 273 2.01 21.48 0.45
N ILE K 274 2.01 20.47 -0.41
CA ILE K 274 0.88 20.11 -1.25
C ILE K 274 0.59 18.61 -1.07
N GLY K 275 -0.67 18.28 -0.91
CA GLY K 275 -1.17 16.93 -0.86
C GLY K 275 -1.94 16.56 0.37
N GLY K 276 -1.93 17.40 1.40
CA GLY K 276 -2.71 17.07 2.55
C GLY K 276 -2.19 15.84 3.27
N GLY K 277 -0.90 15.60 3.13
CA GLY K 277 -0.24 14.47 3.70
C GLY K 277 -0.20 13.16 2.92
N GLU K 278 -0.75 13.19 1.71
CA GLU K 278 -0.69 12.08 0.77
C GLU K 278 -0.08 12.54 -0.56
N ALA K 279 0.26 11.57 -1.39
CA ALA K 279 0.87 11.84 -2.69
C ALA K 279 0.04 12.74 -3.50
N VAL K 280 0.71 13.58 -4.30
CA VAL K 280 0.04 14.41 -5.32
C VAL K 280 0.06 13.67 -6.65
N LYS K 281 -1.12 13.40 -7.17
CA LYS K 281 -1.26 12.57 -8.39
C LYS K 281 -0.89 13.37 -9.62
N THR K 282 -0.16 12.74 -10.56
CA THR K 282 0.17 13.33 -11.85
C THR K 282 -0.38 12.47 -13.00
N GLY K 283 -1.12 11.44 -12.61
CA GLY K 283 -1.68 10.43 -13.50
C GLY K 283 -2.33 9.32 -12.69
N PRO K 284 -2.86 8.26 -13.31
CA PRO K 284 -2.72 7.98 -14.76
C PRO K 284 -3.74 8.69 -15.59
N PHE K 285 -3.42 8.81 -16.85
CA PHE K 285 -4.43 9.27 -17.81
C PHE K 285 -4.18 8.54 -19.14
N PHE K 286 -5.23 7.97 -19.71
CA PHE K 286 -5.12 7.24 -20.95
C PHE K 286 -5.31 8.15 -22.13
N VAL K 287 -4.30 8.15 -23.03
CA VAL K 287 -4.41 8.90 -24.26
C VAL K 287 -4.61 7.86 -25.40
N ASP K 288 -5.55 8.17 -26.24
CA ASP K 288 -5.94 7.32 -27.34
C ASP K 288 -6.30 8.22 -28.52
N LYS K 289 -6.84 7.66 -29.59
CA LYS K 289 -7.17 8.51 -30.75
C LYS K 289 -8.16 9.64 -30.42
N SER K 290 -9.00 9.45 -29.40
CA SER K 290 -9.96 10.50 -29.06
C SER K 290 -9.34 11.83 -28.52
N ASN K 291 -8.15 11.75 -27.89
CA ASN K 291 -7.53 12.88 -27.21
C ASN K 291 -6.02 13.07 -27.51
N VAL K 292 -5.49 12.35 -28.50
CA VAL K 292 -4.06 12.46 -28.76
C VAL K 292 -3.69 13.83 -29.37
N ALA K 293 -4.66 14.44 -30.07
CA ALA K 293 -4.35 15.67 -30.80
C ALA K 293 -3.99 16.80 -29.83
N ALA K 294 -4.51 16.77 -28.59
CA ALA K 294 -4.13 17.78 -27.59
C ALA K 294 -2.68 17.64 -27.12
N VAL K 295 -2.11 16.45 -27.16
CA VAL K 295 -0.79 16.24 -26.64
C VAL K 295 0.26 16.11 -27.67
N ALA K 296 -0.13 15.90 -28.94
CA ALA K 296 0.85 15.52 -29.95
C ALA K 296 2.02 16.49 -30.04
N LYS K 297 1.77 17.79 -30.23
CA LYS K 297 2.86 18.73 -30.46
C LYS K 297 3.79 18.80 -29.27
N PHE K 298 3.23 18.82 -28.05
CA PHE K 298 4.08 18.86 -26.85
C PHE K 298 4.99 17.61 -26.74
N ALA K 299 4.38 16.47 -26.97
CA ALA K 299 5.13 15.23 -26.94
C ALA K 299 6.25 15.23 -27.99
N GLU K 300 5.93 15.77 -29.17
CA GLU K 300 6.90 15.85 -30.24
C GLU K 300 8.08 16.75 -29.93
N ARG K 301 7.86 17.85 -29.21
CA ARG K 301 8.91 18.69 -28.71
C ARG K 301 9.64 18.18 -27.44
N GLY K 302 9.20 17.03 -26.90
CA GLY K 302 9.90 16.45 -25.80
C GLY K 302 9.55 16.98 -24.42
N THR K 303 8.41 17.71 -24.31
CA THR K 303 7.94 18.18 -23.00
C THR K 303 6.75 17.40 -22.45
N ARG K 304 6.22 16.40 -23.16
CA ARG K 304 5.20 15.50 -22.64
C ARG K 304 5.60 14.06 -22.81
N PRO L 19 19.08 54.69 4.17
CA PRO L 19 19.56 54.02 5.41
C PRO L 19 18.42 53.46 6.26
N HIS L 20 18.69 52.35 6.95
CA HIS L 20 17.66 51.71 7.75
C HIS L 20 17.29 52.48 8.99
N LEU L 21 15.98 52.64 9.17
CA LEU L 21 15.41 53.31 10.31
C LEU L 21 14.39 52.43 11.02
N THR L 22 14.29 52.69 12.31
CA THR L 22 13.24 52.10 13.16
C THR L 22 12.37 53.22 13.66
N ILE L 23 11.08 53.14 13.34
CA ILE L 23 10.07 54.15 13.77
CA ILE L 23 10.10 54.15 13.81
C ILE L 23 9.06 53.44 14.65
N ALA L 24 8.81 53.98 15.83
CA ALA L 24 7.75 53.46 16.68
C ALA L 24 6.49 54.27 16.41
N MET L 25 5.42 53.55 16.13
CA MET L 25 4.09 54.21 16.07
C MET L 25 3.30 53.76 17.26
N ILE L 26 2.91 54.76 18.07
CA ILE L 26 2.29 54.56 19.34
C ILE L 26 0.90 55.17 19.35
N THR L 27 -0.13 54.33 19.59
CA THR L 27 -1.53 54.80 19.53
C THR L 27 -2.39 54.36 20.73
N HIS L 28 -3.63 54.86 20.75
CA HIS L 28 -4.58 54.63 21.88
C HIS L 28 -5.60 53.55 21.41
N GLN L 29 -5.32 52.84 20.32
CA GLN L 29 -6.26 51.81 19.75
C GLN L 29 -6.81 50.86 20.82
N GLN L 30 -8.13 50.77 20.83
CA GLN L 30 -8.82 49.71 21.57
C GLN L 30 -8.69 48.47 20.68
N PRO L 31 -8.26 47.30 21.23
CA PRO L 31 -8.20 46.08 20.45
C PRO L 31 -9.47 45.75 19.69
N GLY L 32 -9.30 45.48 18.40
CA GLY L 32 -10.45 45.21 17.56
C GLY L 32 -11.09 46.40 16.85
N ASP L 33 -10.69 47.64 17.17
CA ASP L 33 -11.13 48.84 16.43
C ASP L 33 -10.39 48.90 15.13
N THR L 34 -11.12 48.55 14.08
CA THR L 34 -10.61 48.30 12.78
C THR L 34 -10.21 49.65 12.14
N PHE L 35 -10.68 50.80 12.68
CA PHE L 35 -10.16 52.10 12.18
C PHE L 35 -8.63 52.08 12.07
N TRP L 36 -7.97 51.50 13.07
CA TRP L 36 -6.57 51.59 13.21
C TRP L 36 -5.92 50.64 12.24
N ASP L 37 -6.63 49.68 11.70
CA ASP L 37 -6.05 48.89 10.62
C ASP L 37 -5.85 49.75 9.40
N ILE L 38 -6.74 50.71 9.14
CA ILE L 38 -6.58 51.57 8.00
C ILE L 38 -5.35 52.50 8.16
N ILE L 39 -5.25 53.08 9.33
CA ILE L 39 -3.99 53.81 9.73
C ILE L 39 -2.72 52.97 9.52
N ARG L 40 -2.68 51.72 9.99
CA ARG L 40 -1.48 50.89 9.81
C ARG L 40 -1.25 50.58 8.33
N LYS L 41 -2.31 50.41 7.52
CA LYS L 41 -2.09 50.19 6.07
C LYS L 41 -1.25 51.38 5.52
N GLY L 42 -1.68 52.59 5.83
CA GLY L 42 -0.97 53.74 5.35
C GLY L 42 0.44 53.82 5.85
N ALA L 43 0.62 53.59 7.10
CA ALA L 43 1.96 53.59 7.73
C ALA L 43 2.92 52.52 7.17
N LEU L 44 2.42 51.35 6.90
CA LEU L 44 3.23 50.26 6.41
C LEU L 44 3.58 50.55 4.97
N ALA L 45 2.67 51.22 4.24
CA ALA L 45 2.93 51.57 2.86
C ALA L 45 4.09 52.50 2.76
N ALA L 46 4.08 53.54 3.58
CA ALA L 46 5.25 54.42 3.65
C ALA L 46 6.51 53.71 4.13
N ALA L 47 6.41 52.84 5.14
CA ALA L 47 7.63 52.23 5.71
C ALA L 47 8.26 51.33 4.62
N ALA L 48 7.41 50.62 3.87
CA ALA L 48 7.96 49.75 2.81
C ALA L 48 8.81 50.52 1.79
N LYS L 49 8.38 51.71 1.43
CA LYS L 49 9.07 52.59 0.54
C LYS L 49 10.32 53.25 1.17
N ASP L 50 10.37 53.44 2.47
CA ASP L 50 11.34 54.23 3.17
C ASP L 50 12.42 53.44 3.94
N ASN L 51 12.50 52.12 3.73
CA ASN L 51 13.49 51.30 4.47
C ASN L 51 13.34 51.50 5.98
N VAL L 52 12.07 51.50 6.39
CA VAL L 52 11.72 51.60 7.80
C VAL L 52 11.15 50.31 8.34
N THR L 53 11.60 49.97 9.55
CA THR L 53 10.93 48.94 10.37
CA THR L 53 10.93 48.94 10.35
C THR L 53 10.00 49.67 11.30
N LEU L 54 8.69 49.42 11.12
CA LEU L 54 7.70 50.07 11.90
C LEU L 54 7.36 49.14 13.08
N LYS L 55 7.52 49.68 14.27
CA LYS L 55 7.08 48.99 15.50
C LYS L 55 5.79 49.69 15.94
N TYR L 56 4.70 48.95 15.84
CA TYR L 56 3.37 49.49 16.19
C TYR L 56 3.04 48.96 17.54
N SER L 57 2.67 49.84 18.45
CA SER L 57 2.14 49.47 19.78
C SER L 57 0.99 50.36 20.16
N ASN L 58 0.17 49.89 21.08
CA ASN L 58 -1.09 50.55 21.39
C ASN L 58 -1.65 50.10 22.70
N ASP L 59 -2.27 51.04 23.34
CA ASP L 59 -3.09 50.73 24.53
C ASP L 59 -4.13 51.81 24.70
N PRO L 60 -5.38 51.40 24.98
CA PRO L 60 -6.39 52.39 25.22
C PRO L 60 -6.34 53.04 26.60
N ASP L 61 -5.51 52.47 27.48
CA ASP L 61 -5.31 53.03 28.80
C ASP L 61 -4.16 54.01 28.65
N SER L 62 -4.38 55.31 28.86
CA SER L 62 -3.34 56.28 28.49
C SER L 62 -2.09 56.18 29.42
N THR L 63 -2.25 55.62 30.63
CA THR L 63 -1.11 55.38 31.54
C THR L 63 -0.22 54.38 30.85
N LYS L 64 -0.85 53.35 30.28
CA LYS L 64 -0.10 52.34 29.56
C LYS L 64 0.50 52.91 28.28
N GLU L 65 -0.23 53.80 27.62
CA GLU L 65 0.28 54.30 26.35
C GLU L 65 1.55 55.13 26.62
N ALA L 66 1.57 55.86 27.73
CA ALA L 66 2.72 56.68 28.13
C ALA L 66 3.95 55.75 28.37
N VAL L 67 3.73 54.58 28.97
CA VAL L 67 4.81 53.60 29.12
C VAL L 67 5.30 53.12 27.77
N LEU L 68 4.40 52.90 26.78
CA LEU L 68 4.87 52.44 25.47
C LEU L 68 5.78 53.51 24.86
N ILE L 69 5.52 54.80 25.12
CA ILE L 69 6.38 55.88 24.65
C ILE L 69 7.79 55.83 25.25
N GLN L 70 7.83 55.61 26.57
CA GLN L 70 9.10 55.49 27.28
C GLN L 70 9.86 54.24 26.81
N ASP L 71 9.13 53.17 26.46
CA ASP L 71 9.75 51.95 25.97
C ASP L 71 10.47 52.23 24.67
N ALA L 72 9.87 53.04 23.80
CA ALA L 72 10.55 53.43 22.55
C ALA L 72 11.72 54.36 22.74
N VAL L 73 11.63 55.27 23.67
CA VAL L 73 12.77 56.13 24.02
C VAL L 73 13.91 55.22 24.51
N ASN L 74 13.57 54.27 25.38
CA ASN L 74 14.65 53.39 25.88
C ASN L 74 15.33 52.54 24.81
N ALA L 75 14.55 52.05 23.84
CA ALA L 75 15.02 51.33 22.64
C ALA L 75 15.80 52.19 21.62
N LYS L 76 15.86 53.52 21.82
CA LYS L 76 16.63 54.44 21.02
C LYS L 76 16.11 54.33 19.57
N VAL L 77 14.78 54.31 19.40
CA VAL L 77 14.25 54.30 18.03
C VAL L 77 14.69 55.60 17.31
N ASP L 78 14.63 55.58 15.98
CA ASP L 78 14.97 56.74 15.17
C ASP L 78 13.91 57.85 15.16
N GLY L 79 12.64 57.48 15.42
CA GLY L 79 11.60 58.49 15.49
C GLY L 79 10.37 57.81 16.05
N ILE L 80 9.50 58.67 16.53
CA ILE L 80 8.22 58.30 17.12
C ILE L 80 7.08 58.99 16.49
N ALA L 81 6.07 58.16 16.11
CA ALA L 81 4.73 58.70 15.67
C ALA L 81 3.74 58.45 16.75
N VAL L 82 3.07 59.45 17.27
CA VAL L 82 2.29 59.25 18.48
C VAL L 82 0.91 59.92 18.43
N THR L 83 -0.08 59.33 19.12
CA THR L 83 -1.40 59.95 19.27
C THR L 83 -1.47 60.57 20.62
N ILE L 84 -2.26 61.63 20.75
CA ILE L 84 -2.41 62.38 22.03
C ILE L 84 -3.92 62.60 22.44
N PRO L 85 -4.64 61.52 22.66
CA PRO L 85 -6.06 61.65 23.11
C PRO L 85 -6.16 62.22 24.53
N ASP L 86 -5.13 62.04 25.37
CA ASP L 86 -5.19 62.37 26.78
C ASP L 86 -3.92 63.19 27.11
N PRO L 87 -3.99 64.49 26.89
CA PRO L 87 -2.77 65.26 27.01
C PRO L 87 -2.14 65.19 28.44
N PRO L 88 -2.96 65.32 29.49
CA PRO L 88 -2.23 65.27 30.78
C PRO L 88 -1.48 63.96 31.09
N ALA L 89 -1.98 62.83 30.59
CA ALA L 89 -1.36 61.53 30.77
C ALA L 89 -0.12 61.28 29.89
N LEU L 90 -0.01 62.00 28.77
CA LEU L 90 0.91 61.65 27.67
C LEU L 90 1.95 62.72 27.36
N ILE L 91 1.62 63.99 27.54
CA ILE L 91 2.56 65.09 27.25
C ILE L 91 3.91 64.91 27.98
N PRO L 92 3.88 64.53 29.27
CA PRO L 92 5.21 64.31 29.88
C PRO L 92 6.09 63.30 29.22
N ALA L 93 5.55 62.15 28.82
CA ALA L 93 6.35 61.16 28.13
C ALA L 93 6.83 61.70 26.76
N ILE L 94 5.98 62.47 26.08
CA ILE L 94 6.41 62.95 24.77
C ILE L 94 7.55 63.95 24.98
N LYS L 95 7.38 64.87 25.95
CA LYS L 95 8.47 65.84 26.29
C LYS L 95 9.77 65.08 26.58
N GLN L 96 9.63 63.99 27.34
CA GLN L 96 10.82 63.16 27.60
C GLN L 96 11.47 62.68 26.33
N ALA L 97 10.68 62.16 25.39
CA ALA L 97 11.27 61.68 24.12
C ALA L 97 12.00 62.77 23.31
N VAL L 98 11.37 63.93 23.22
CA VAL L 98 11.95 65.07 22.53
C VAL L 98 13.30 65.45 23.14
N ALA L 99 13.33 65.45 24.49
CA ALA L 99 14.53 65.83 25.25
C ALA L 99 15.64 64.78 25.12
N ALA L 100 15.30 63.56 24.79
CA ALA L 100 16.26 62.53 24.49
C ALA L 100 16.83 62.56 23.05
N GLY L 101 16.42 63.55 22.26
CA GLY L 101 16.87 63.71 20.87
C GLY L 101 16.12 62.87 19.85
N ILE L 102 14.99 62.31 20.26
CA ILE L 102 14.17 61.51 19.32
C ILE L 102 13.12 62.39 18.65
N PRO L 103 13.18 62.46 17.28
CA PRO L 103 12.09 63.23 16.69
C PRO L 103 10.69 62.60 16.85
N VAL L 104 9.72 63.48 17.13
CA VAL L 104 8.33 63.02 17.36
C VAL L 104 7.41 63.75 16.34
N VAL L 105 6.53 62.99 15.68
CA VAL L 105 5.38 63.53 14.94
C VAL L 105 4.12 63.02 15.63
N ALA L 106 3.15 63.94 15.81
CA ALA L 106 1.90 63.59 16.37
C ALA L 106 0.87 63.42 15.27
N PHE L 107 -0.14 62.58 15.53
CA PHE L 107 -1.18 62.32 14.53
C PHE L 107 -2.46 61.86 15.16
N ASN L 108 -3.55 62.06 14.43
CA ASN L 108 -4.90 61.57 14.75
C ASN L 108 -5.67 62.24 15.88
N ALA L 109 -5.04 62.34 17.03
CA ALA L 109 -5.58 63.01 18.18
C ALA L 109 -4.56 63.91 18.87
N GLY L 110 -5.03 65.07 19.27
CA GLY L 110 -4.22 66.10 19.90
C GLY L 110 -3.92 67.31 19.11
N ILE L 111 -4.78 67.70 18.16
CA ILE L 111 -4.45 68.82 17.28
C ILE L 111 -4.21 70.13 18.07
N ASP L 112 -4.88 70.30 19.18
CA ASP L 112 -4.67 71.55 19.95
C ASP L 112 -3.46 71.45 20.90
N GLN L 113 -2.88 70.26 21.10
CA GLN L 113 -1.85 70.02 22.08
C GLN L 113 -0.50 69.59 21.57
N TRP L 114 -0.38 69.16 20.31
CA TRP L 114 0.89 68.66 19.82
C TRP L 114 2.05 69.67 19.91
N LYS L 115 1.80 70.94 19.64
CA LYS L 115 2.90 71.89 19.65
C LYS L 115 3.53 71.96 21.01
N GLU L 116 2.73 72.04 22.07
CA GLU L 116 3.31 72.21 23.42
C GLU L 116 4.12 71.01 23.85
N SER L 117 3.89 69.91 23.16
CA SER L 117 4.58 68.65 23.48
C SER L 117 5.98 68.54 22.92
N GLY L 118 6.35 69.43 22.00
CA GLY L 118 7.65 69.36 21.30
C GLY L 118 7.59 68.54 20.01
N ALA L 119 6.47 67.88 19.70
CA ALA L 119 6.33 67.22 18.43
C ALA L 119 6.55 68.25 17.29
N LEU L 120 7.15 67.77 16.22
CA LEU L 120 7.61 68.58 15.10
C LEU L 120 6.45 68.99 14.15
N MET L 121 5.45 68.08 14.06
CA MET L 121 4.38 68.19 13.08
C MET L 121 3.16 67.45 13.64
N TYR L 122 1.99 67.67 13.00
CA TYR L 122 0.76 66.99 13.30
C TYR L 122 0.02 66.71 11.97
N PHE L 123 -0.54 65.50 11.89
CA PHE L 123 -1.39 65.04 10.74
C PHE L 123 -2.73 64.61 11.29
N GLY L 124 -3.79 65.28 10.86
CA GLY L 124 -5.14 64.89 11.24
C GLY L 124 -6.14 65.94 10.84
N GLN L 125 -7.37 65.87 11.35
CA GLN L 125 -8.32 66.92 11.07
C GLN L 125 -8.66 67.70 12.31
N ASP L 126 -9.16 68.96 12.07
CA ASP L 126 -9.67 69.84 13.13
C ASP L 126 -11.07 69.26 13.47
N GLU L 127 -11.12 68.64 14.62
CA GLU L 127 -12.26 67.92 15.03
C GLU L 127 -13.39 68.90 15.45
N THR L 128 -13.03 70.04 16.03
CA THR L 128 -14.00 71.07 16.32
C THR L 128 -14.70 71.50 15.02
N VAL L 129 -13.95 71.81 13.97
CA VAL L 129 -14.49 72.18 12.67
C VAL L 129 -15.39 71.08 12.08
N ALA L 130 -14.95 69.81 12.17
CA ALA L 130 -15.65 68.73 11.65
C ALA L 130 -17.03 68.60 12.38
N GLY L 131 -17.01 68.69 13.70
CA GLY L 131 -18.23 68.64 14.51
C GLY L 131 -19.15 69.81 14.17
N GLN L 132 -18.58 71.00 13.98
CA GLN L 132 -19.39 72.14 13.63
C GLN L 132 -20.10 71.93 12.32
N ALA L 133 -19.32 71.43 11.35
CA ALA L 133 -19.85 71.18 10.01
C ALA L 133 -20.98 70.08 10.10
N ALA L 134 -20.82 69.06 10.95
CA ALA L 134 -21.80 68.02 11.14
C ALA L 134 -23.09 68.64 11.68
N GLY L 135 -22.97 69.55 12.66
CA GLY L 135 -24.17 70.14 13.32
C GLY L 135 -24.92 71.03 12.34
N ALA L 136 -24.21 71.77 11.51
CA ALA L 136 -24.84 72.62 10.52
C ALA L 136 -25.52 71.75 9.44
N ARG L 137 -24.90 70.65 9.06
CA ARG L 137 -25.52 69.80 8.07
C ARG L 137 -26.79 69.15 8.57
N ALA L 138 -26.73 68.66 9.81
CA ALA L 138 -27.86 68.02 10.42
C ALA L 138 -29.03 69.02 10.48
N THR L 139 -28.73 70.28 10.84
CA THR L 139 -29.75 71.37 10.86
C THR L 139 -30.38 71.49 9.47
N SER L 140 -29.51 71.53 8.45
CA SER L 140 -30.00 71.80 7.08
C SER L 140 -30.86 70.60 6.61
N GLU L 141 -30.52 69.39 7.05
CA GLU L 141 -31.25 68.19 6.72
C GLU L 141 -32.59 68.02 7.49
N GLY L 142 -32.85 68.97 8.35
CA GLY L 142 -34.13 69.08 9.05
C GLY L 142 -34.27 68.29 10.33
N PHE L 143 -33.18 67.74 10.81
CA PHE L 143 -33.21 67.02 12.06
C PHE L 143 -33.40 67.98 13.29
N LYS L 144 -34.11 67.47 14.30
CA LYS L 144 -34.54 68.23 15.47
C LYS L 144 -33.89 67.87 16.80
N HIS L 145 -33.36 66.64 16.88
CA HIS L 145 -32.82 66.15 18.14
C HIS L 145 -31.74 65.10 17.86
N VAL L 146 -30.50 65.53 17.99
CA VAL L 146 -29.31 64.67 17.84
C VAL L 146 -28.87 63.99 19.14
N LEU L 147 -28.54 62.72 19.02
CA LEU L 147 -27.85 61.97 20.05
C LEU L 147 -26.41 61.71 19.52
N CYS L 148 -25.42 62.26 20.24
CA CYS L 148 -23.97 62.14 19.89
CA CYS L 148 -24.01 62.08 19.87
C CYS L 148 -23.49 61.02 20.79
N VAL L 149 -22.95 59.96 20.21
CA VAL L 149 -22.47 58.81 20.91
C VAL L 149 -20.95 58.87 20.94
N LEU L 150 -20.33 58.75 22.14
CA LEU L 150 -18.90 58.76 22.28
C LEU L 150 -18.50 57.41 22.88
N GLN L 151 -17.47 56.77 22.30
CA GLN L 151 -17.09 55.41 22.66
C GLN L 151 -16.00 55.33 23.69
N ALA L 152 -15.52 56.48 24.11
CA ALA L 152 -14.57 56.63 25.21
C ALA L 152 -14.77 57.95 25.90
N GLN L 153 -14.43 58.06 27.19
CA GLN L 153 -14.42 59.29 27.91
C GLN L 153 -13.02 59.88 27.98
N GLY L 154 -13.00 61.18 28.07
CA GLY L 154 -11.76 61.92 28.32
C GLY L 154 -10.80 61.95 27.15
N GLN L 155 -11.31 61.75 25.93
CA GLN L 155 -10.46 61.75 24.73
C GLN L 155 -10.70 63.08 23.96
N VAL L 156 -9.70 63.92 23.86
CA VAL L 156 -9.89 65.27 23.28
C VAL L 156 -10.43 65.32 21.84
N GLN L 157 -10.06 64.36 21.03
CA GLN L 157 -10.52 64.35 19.64
C GLN L 157 -12.00 64.04 19.61
N LEU L 158 -12.49 63.12 20.45
CA LEU L 158 -13.95 62.84 20.50
C LEU L 158 -14.77 63.95 21.14
N GLU L 159 -14.29 64.53 22.26
CA GLU L 159 -15.01 65.58 22.90
C GLU L 159 -15.09 66.79 21.98
N SER L 160 -14.04 67.07 21.21
CA SER L 160 -14.08 68.23 20.28
C SER L 160 -15.19 68.08 19.22
N ARG L 161 -15.31 66.81 18.71
CA ARG L 161 -16.36 66.58 17.72
C ARG L 161 -17.75 66.92 18.31
N CYS L 162 -18.05 66.31 19.44
CA CYS L 162 -19.39 66.46 19.98
CA CYS L 162 -19.32 66.44 20.14
C CYS L 162 -19.66 67.89 20.42
N ASN L 163 -18.68 68.57 21.00
CA ASN L 163 -18.85 69.95 21.32
C ASN L 163 -19.08 70.80 20.08
N GLY L 164 -18.41 70.51 18.96
CA GLY L 164 -18.66 71.21 17.72
C GLY L 164 -20.05 70.97 17.17
N VAL L 165 -20.54 69.72 17.27
CA VAL L 165 -21.95 69.44 16.84
C VAL L 165 -22.92 70.29 17.68
N GLN L 166 -22.72 70.29 18.99
CA GLN L 166 -23.61 71.06 19.90
C GLN L 166 -23.67 72.51 19.61
N GLN L 167 -22.56 73.11 19.21
CA GLN L 167 -22.52 74.51 18.93
C GLN L 167 -23.37 74.91 17.76
N THR L 168 -23.37 74.12 16.67
CA THR L 168 -24.01 74.60 15.44
C THR L 168 -25.38 73.94 15.20
N PHE L 169 -25.66 72.83 15.87
CA PHE L 169 -26.91 72.13 15.66
C PHE L 169 -27.99 72.98 16.30
N LYS L 170 -28.99 73.39 15.46
CA LYS L 170 -30.12 74.21 15.92
C LYS L 170 -31.29 73.30 16.30
N GLY L 171 -31.08 72.50 17.34
CA GLY L 171 -32.08 71.62 17.89
C GLY L 171 -31.63 71.06 19.23
N GLN L 172 -32.37 70.11 19.77
CA GLN L 172 -31.99 69.48 20.98
C GLN L 172 -30.79 68.58 20.78
N TYR L 173 -29.93 68.57 21.81
CA TYR L 173 -28.68 67.82 21.87
C TYR L 173 -28.56 66.96 23.11
N THR L 174 -28.31 65.68 22.88
CA THR L 174 -28.10 64.71 23.93
C THR L 174 -26.79 63.98 23.66
N LYS L 175 -25.98 63.85 24.73
CA LYS L 175 -24.70 63.15 24.68
C LYS L 175 -24.85 61.77 25.32
N LEU L 176 -24.28 60.69 24.76
CA LEU L 176 -24.29 59.40 25.38
C LEU L 176 -22.92 58.76 25.27
N TYR L 177 -22.32 58.46 26.41
CA TYR L 177 -21.08 57.69 26.48
C TYR L 177 -21.41 56.20 26.50
N VAL L 178 -20.68 55.42 25.70
CA VAL L 178 -20.88 53.98 25.62
C VAL L 178 -19.51 53.39 25.84
N ASN L 179 -19.50 52.14 26.29
CA ASN L 179 -18.24 51.44 26.56
C ASN L 179 -17.72 50.74 25.32
N GLY L 180 -16.82 51.40 24.62
CA GLY L 180 -16.25 50.85 23.41
C GLY L 180 -15.52 49.57 23.58
N ALA L 181 -15.09 49.25 24.79
CA ALA L 181 -14.55 47.91 25.06
C ALA L 181 -15.60 46.82 25.02
N ASP L 182 -16.88 47.17 25.16
CA ASP L 182 -17.98 46.17 25.36
C ASP L 182 -19.05 46.41 24.31
N GLN L 183 -18.86 45.88 23.11
CA GLN L 183 -19.79 46.18 21.98
C GLN L 183 -21.23 45.76 22.22
N PRO L 184 -21.46 44.60 22.84
CA PRO L 184 -22.82 44.28 23.22
C PRO L 184 -23.49 45.35 24.07
N SER L 185 -22.78 45.92 25.02
N SER L 185 -22.81 45.98 25.01
CA SER L 185 -23.27 47.01 25.84
CA SER L 185 -23.46 47.00 25.77
C SER L 185 -23.60 48.26 25.01
C SER L 185 -23.64 48.30 24.99
N VAL L 186 -22.79 48.57 24.02
CA VAL L 186 -22.99 49.70 23.17
C VAL L 186 -24.34 49.64 22.52
N ARG L 187 -24.64 48.47 21.94
CA ARG L 187 -25.90 48.34 21.17
C ARG L 187 -27.06 48.47 22.13
N THR L 188 -27.02 47.77 23.26
CA THR L 188 -28.17 47.81 24.19
C THR L 188 -28.31 49.21 24.81
N THR L 189 -27.22 49.94 25.05
CA THR L 189 -27.34 51.25 25.69
C THR L 189 -27.95 52.29 24.69
N ILE L 190 -27.51 52.24 23.43
CA ILE L 190 -28.06 53.08 22.39
C ILE L 190 -29.55 52.81 22.24
N ALA L 191 -29.93 51.53 22.12
CA ALA L 191 -31.35 51.10 21.94
C ALA L 191 -32.17 51.58 23.10
N ALA L 192 -31.71 51.44 24.32
CA ALA L 192 -32.51 51.95 25.49
C ALA L 192 -32.71 53.44 25.45
N LYS L 193 -31.70 54.19 25.05
CA LYS L 193 -31.85 55.61 25.00
C LYS L 193 -32.89 56.02 23.99
N LEU L 194 -32.88 55.33 22.85
CA LEU L 194 -33.83 55.68 21.73
C LEU L 194 -35.25 55.34 22.16
N LYS L 195 -35.40 54.22 22.85
CA LYS L 195 -36.73 53.83 23.36
C LYS L 195 -37.26 54.85 24.39
N GLN L 196 -36.36 55.38 25.23
CA GLN L 196 -36.68 56.32 26.32
C GLN L 196 -37.01 57.71 25.78
N ASP L 197 -36.46 58.08 24.63
CA ASP L 197 -36.75 59.38 24.04
C ASP L 197 -36.99 59.25 22.55
N PRO L 198 -38.24 58.92 22.14
CA PRO L 198 -38.55 58.78 20.70
C PRO L 198 -38.29 60.06 19.91
N SER L 199 -38.06 61.22 20.53
CA SER L 199 -37.86 62.48 19.82
C SER L 199 -36.47 62.53 19.21
N ILE L 200 -35.57 61.64 19.62
CA ILE L 200 -34.24 61.65 19.04
C ILE L 200 -34.40 61.25 17.55
N ASP L 201 -33.89 62.01 16.57
CA ASP L 201 -34.11 61.66 15.18
C ASP L 201 -32.86 61.53 14.35
N LEU L 202 -31.74 61.78 14.98
CA LEU L 202 -30.42 61.50 14.38
C LEU L 202 -29.39 61.07 15.44
N VAL L 203 -28.75 59.95 15.16
CA VAL L 203 -27.63 59.47 15.98
C VAL L 203 -26.35 59.73 15.22
N ILE L 204 -25.41 60.44 15.84
CA ILE L 204 -24.14 60.73 15.18
C ILE L 204 -23.13 59.91 15.97
N THR L 205 -22.52 58.97 15.28
CA THR L 205 -21.50 58.12 15.92
C THR L 205 -20.13 58.63 15.50
N LEU L 206 -19.13 58.31 16.35
CA LEU L 206 -17.76 58.85 16.19
C LEU L 206 -16.77 57.87 15.59
N GLY L 207 -17.26 56.70 15.22
CA GLY L 207 -16.52 55.75 14.43
C GLY L 207 -17.38 54.81 13.69
N ALA L 208 -16.92 54.25 12.60
CA ALA L 208 -17.77 53.43 11.77
C ALA L 208 -18.23 52.08 12.40
N PRO L 209 -17.38 51.38 13.15
CA PRO L 209 -17.92 50.19 13.88
C PRO L 209 -19.14 50.55 14.81
N ILE L 210 -19.02 51.69 15.48
CA ILE L 210 -20.08 52.15 16.32
C ILE L 210 -21.37 52.49 15.51
N ALA L 211 -21.22 53.06 14.34
CA ALA L 211 -22.33 53.30 13.47
C ALA L 211 -23.07 51.99 13.17
N GLN L 212 -22.35 50.89 13.01
CA GLN L 212 -23.03 49.60 12.81
C GLN L 212 -23.88 49.15 13.98
N LEU L 213 -23.40 49.41 15.17
CA LEU L 213 -24.11 49.12 16.37
C LEU L 213 -25.32 50.01 16.57
N ALA L 214 -25.19 51.28 16.23
CA ALA L 214 -26.31 52.24 16.22
C ALA L 214 -27.36 51.92 15.17
N ILE L 215 -26.96 51.47 14.00
CA ILE L 215 -27.96 51.09 12.95
C ILE L 215 -28.78 49.96 13.48
N GLN L 216 -28.16 48.98 14.14
CA GLN L 216 -28.94 47.91 14.76
C GLN L 216 -29.79 48.26 15.97
N ALA L 217 -29.33 49.21 16.75
CA ALA L 217 -30.00 49.65 17.95
C ALA L 217 -31.26 50.39 17.51
N VAL L 218 -31.18 51.16 16.45
CA VAL L 218 -32.36 51.84 16.00
C VAL L 218 -33.46 50.78 15.72
N LYS L 219 -33.09 49.74 14.98
CA LYS L 219 -34.05 48.66 14.68
C LYS L 219 -34.57 47.98 15.97
N ASP L 220 -33.67 47.73 16.91
CA ASP L 220 -34.09 47.16 18.21
C ASP L 220 -35.15 48.03 18.90
N ALA L 221 -34.97 49.34 18.88
CA ALA L 221 -35.85 50.29 19.52
C ALA L 221 -37.12 50.60 18.73
N GLY L 222 -37.22 50.19 17.48
CA GLY L 222 -38.30 50.62 16.58
C GLY L 222 -38.26 52.12 16.35
N SER L 223 -37.08 52.70 16.39
CA SER L 223 -36.95 54.15 16.38
C SER L 223 -37.00 54.73 14.95
N ASN L 224 -37.44 55.95 14.87
CA ASN L 224 -37.40 56.73 13.66
C ASN L 224 -36.05 57.32 13.34
N ALA L 225 -35.11 57.26 14.27
CA ALA L 225 -33.84 57.99 14.10
C ALA L 225 -33.04 57.53 12.86
N LYS L 226 -32.37 58.49 12.24
CA LYS L 226 -31.39 58.22 11.24
C LYS L 226 -29.98 58.16 11.90
N ILE L 227 -29.00 57.74 11.12
CA ILE L 227 -27.63 57.54 11.63
C ILE L 227 -26.70 58.20 10.66
N ALA L 228 -25.69 58.87 11.22
CA ALA L 228 -24.62 59.44 10.46
C ALA L 228 -23.34 59.16 11.22
N THR L 229 -22.17 59.21 10.56
CA THR L 229 -20.96 58.78 11.26
C THR L 229 -19.74 59.56 10.80
N PHE L 230 -18.72 59.53 11.67
CA PHE L 230 -17.31 59.73 11.29
C PHE L 230 -16.78 58.42 10.82
N ASP L 231 -15.97 58.53 9.77
CA ASP L 231 -15.11 57.45 9.16
C ASP L 231 -15.86 56.48 8.28
N PHE L 232 -15.08 55.78 7.46
CA PHE L 232 -15.48 54.52 6.75
C PHE L 232 -15.07 53.29 7.49
N ASN L 233 -15.86 52.28 7.27
CA ASN L 233 -15.39 50.90 7.31
C ASN L 233 -15.89 50.25 6.00
N THR L 234 -15.73 48.92 5.86
CA THR L 234 -16.11 48.27 4.60
C THR L 234 -17.62 48.29 4.25
N GLN L 235 -18.49 48.53 5.25
CA GLN L 235 -19.94 48.60 5.08
C GLN L 235 -20.42 50.00 4.71
N VAL L 236 -19.59 51.00 5.02
CA VAL L 236 -20.17 52.37 4.91
C VAL L 236 -20.60 52.77 3.52
N PRO L 237 -19.82 52.38 2.49
CA PRO L 237 -20.27 52.80 1.17
C PRO L 237 -21.66 52.32 0.79
N ALA L 238 -21.89 51.03 1.02
CA ALA L 238 -23.19 50.47 0.67
C ALA L 238 -24.28 51.13 1.51
N GLU L 239 -23.94 51.48 2.77
CA GLU L 239 -24.93 52.06 3.63
C GLU L 239 -25.29 53.46 3.25
N ILE L 240 -24.31 54.19 2.78
CA ILE L 240 -24.61 55.49 2.20
C ILE L 240 -25.52 55.35 0.95
N GLU L 241 -25.13 54.45 0.05
CA GLU L 241 -25.91 54.17 -1.15
C GLU L 241 -27.37 53.76 -0.88
N ASN L 242 -27.60 52.96 0.16
CA ASN L 242 -28.97 52.48 0.44
C ASN L 242 -29.78 53.30 1.51
N GLY L 243 -29.23 54.41 1.97
CA GLY L 243 -29.92 55.26 2.93
C GLY L 243 -29.78 54.91 4.38
N GLN L 244 -29.04 53.83 4.69
CA GLN L 244 -28.86 53.39 6.04
C GLN L 244 -28.01 54.39 6.83
N LEU L 245 -27.08 55.10 6.16
CA LEU L 245 -26.29 56.22 6.75
C LEU L 245 -26.55 57.47 5.94
N GLN L 246 -26.63 58.60 6.58
CA GLN L 246 -26.93 59.86 5.91
C GLN L 246 -25.68 60.33 5.19
N TRP L 247 -24.54 60.14 5.83
CA TRP L 247 -23.26 60.60 5.31
C TRP L 247 -22.18 60.08 6.26
N ALA L 248 -20.92 60.20 5.78
CA ALA L 248 -19.75 59.81 6.59
C ALA L 248 -18.73 60.90 6.45
N ILE L 249 -18.03 61.23 7.52
CA ILE L 249 -16.96 62.21 7.48
C ILE L 249 -15.62 61.45 7.38
N ASP L 250 -14.84 61.79 6.33
CA ASP L 250 -13.56 61.13 6.07
C ASP L 250 -12.50 62.04 6.63
N GLN L 251 -11.65 61.46 7.45
CA GLN L 251 -10.42 62.11 7.95
C GLN L 251 -9.16 61.53 7.31
N GLN L 252 -9.30 60.54 6.44
CA GLN L 252 -8.21 59.89 5.74
C GLN L 252 -7.17 59.24 6.62
N PRO L 253 -7.55 58.22 7.42
CA PRO L 253 -6.61 57.51 8.25
C PRO L 253 -5.37 56.98 7.47
N TYR L 254 -5.58 56.53 6.27
CA TYR L 254 -4.43 56.02 5.49
C TYR L 254 -3.36 57.17 5.28
N VAL L 255 -3.80 58.39 5.04
CA VAL L 255 -2.87 59.53 4.88
C VAL L 255 -2.25 59.85 6.27
N GLU L 256 -3.03 59.83 7.35
CA GLU L 256 -2.47 60.08 8.69
C GLU L 256 -1.32 59.15 9.06
N GLY L 257 -1.55 57.87 8.86
CA GLY L 257 -0.50 56.91 9.12
C GLY L 257 0.68 56.99 8.16
N TYR L 258 0.36 57.11 6.87
CA TYR L 258 1.38 57.27 5.85
C TYR L 258 2.27 58.48 6.12
N GLU L 259 1.70 59.66 6.40
CA GLU L 259 2.49 60.84 6.52
C GLU L 259 3.25 60.84 7.84
N ALA L 260 2.66 60.29 8.89
CA ALA L 260 3.40 60.21 10.18
C ALA L 260 4.77 59.52 9.95
N VAL L 261 4.78 58.46 9.17
CA VAL L 261 6.01 57.77 8.88
C VAL L 261 6.82 58.53 7.81
N ASP L 262 6.17 58.88 6.69
CA ASP L 262 6.98 59.49 5.60
C ASP L 262 7.58 60.79 6.03
N SER L 263 6.87 61.55 6.86
CA SER L 263 7.37 62.86 7.31
C SER L 263 8.60 62.70 8.20
N LEU L 264 8.59 61.65 9.04
CA LEU L 264 9.78 61.31 9.82
C LEU L 264 10.95 60.98 8.94
N TRP L 265 10.70 60.20 7.91
CA TRP L 265 11.74 59.93 6.90
C TRP L 265 12.28 61.22 6.30
N LEU L 266 11.43 62.14 5.91
CA LEU L 266 11.86 63.44 5.33
C LEU L 266 12.71 64.20 6.29
N TYR L 267 12.32 64.22 7.54
CA TYR L 267 13.03 64.92 8.61
C TYR L 267 14.39 64.28 8.87
N ILE L 268 14.42 62.94 8.93
CA ILE L 268 15.66 62.28 9.36
C ILE L 268 16.69 62.32 8.23
N THR L 269 16.24 62.10 6.99
CA THR L 269 17.12 62.00 5.87
C THR L 269 17.52 63.37 5.26
N ASN L 270 16.65 64.39 5.34
CA ASN L 270 16.85 65.68 4.75
C ASN L 270 16.56 66.85 5.60
N GLY L 271 16.23 66.67 6.89
CA GLY L 271 15.89 67.78 7.78
C GLY L 271 14.60 68.52 7.46
N ASP L 272 13.77 67.93 6.63
CA ASP L 272 12.54 68.65 6.18
C ASP L 272 11.37 68.49 7.17
N THR L 273 10.48 69.47 7.13
CA THR L 273 9.17 69.33 7.74
C THR L 273 8.07 69.71 6.72
N ILE L 274 6.79 69.43 7.06
CA ILE L 274 5.63 69.72 6.29
C ILE L 274 4.71 70.46 7.20
N GLY L 275 4.17 71.60 6.78
CA GLY L 275 3.15 72.31 7.53
C GLY L 275 3.41 73.78 7.86
N GLY L 276 4.63 74.24 7.62
CA GLY L 276 4.99 75.60 7.94
C GLY L 276 4.79 75.91 9.41
N GLY L 277 4.97 74.94 10.28
CA GLY L 277 4.76 75.18 11.70
C GLY L 277 3.37 74.92 12.25
N GLU L 278 2.40 74.60 11.38
CA GLU L 278 1.06 74.25 11.78
CA GLU L 278 1.06 74.25 11.79
C GLU L 278 0.70 72.84 11.33
N ALA L 279 -0.42 72.34 11.82
CA ALA L 279 -0.91 71.07 11.46
C ALA L 279 -1.15 70.92 9.97
N VAL L 280 -0.94 69.69 9.48
CA VAL L 280 -1.25 69.26 8.10
C VAL L 280 -2.62 68.58 8.14
N LYS L 281 -3.60 69.18 7.50
CA LYS L 281 -5.01 68.74 7.53
C LYS L 281 -5.18 67.56 6.60
N THR L 282 -5.91 66.55 7.07
CA THR L 282 -6.28 65.37 6.29
C THR L 282 -7.82 65.25 6.12
N GLY L 283 -8.55 66.28 6.60
CA GLY L 283 -10.02 66.30 6.54
C GLY L 283 -10.45 67.53 7.27
N PRO L 284 -11.76 67.69 7.52
CA PRO L 284 -12.82 66.77 7.15
C PRO L 284 -13.24 66.88 5.70
N PHE L 285 -13.83 65.80 5.24
CA PHE L 285 -14.55 65.79 3.94
C PHE L 285 -15.80 64.91 4.07
N PHE L 286 -16.95 65.44 3.70
CA PHE L 286 -18.19 64.69 3.79
C PHE L 286 -18.45 63.87 2.58
N VAL L 287 -18.75 62.60 2.81
CA VAL L 287 -19.10 61.67 1.75
C VAL L 287 -20.56 61.27 1.88
N ASP L 288 -21.29 61.46 0.77
CA ASP L 288 -22.71 61.17 0.67
C ASP L 288 -23.01 60.45 -0.64
N LYS L 289 -24.29 60.32 -0.98
CA LYS L 289 -24.65 59.61 -2.21
C LYS L 289 -24.02 60.24 -3.46
N SER L 290 -23.75 61.53 -3.45
CA SER L 290 -23.21 62.23 -4.61
C SER L 290 -21.75 61.93 -4.89
N ASN L 291 -20.99 61.39 -3.93
CA ASN L 291 -19.56 61.25 -4.16
C ASN L 291 -18.98 59.95 -3.57
N VAL L 292 -19.88 59.06 -3.12
CA VAL L 292 -19.40 57.82 -2.49
C VAL L 292 -18.84 56.88 -3.56
N ALA L 293 -19.36 56.94 -4.80
CA ALA L 293 -18.78 56.09 -5.86
C ALA L 293 -17.24 56.05 -5.95
N ALA L 294 -16.62 57.21 -5.82
CA ALA L 294 -15.16 57.35 -5.96
C ALA L 294 -14.39 56.67 -4.82
N VAL L 295 -15.06 56.37 -3.70
CA VAL L 295 -14.28 55.83 -2.59
C VAL L 295 -14.67 54.40 -2.20
N ALA L 296 -15.78 53.89 -2.74
CA ALA L 296 -16.43 52.62 -2.34
C ALA L 296 -15.45 51.48 -2.38
N LYS L 297 -14.74 51.30 -3.49
CA LYS L 297 -13.85 50.15 -3.59
C LYS L 297 -12.69 50.29 -2.67
N PHE L 298 -12.21 51.50 -2.54
CA PHE L 298 -11.10 51.69 -1.65
C PHE L 298 -11.53 51.38 -0.19
N ALA L 299 -12.66 51.97 0.22
CA ALA L 299 -13.17 51.65 1.56
C ALA L 299 -13.36 50.14 1.77
N GLU L 300 -13.87 49.48 0.73
CA GLU L 300 -14.16 48.05 0.84
C GLU L 300 -12.93 47.16 0.92
N ARG L 301 -11.76 47.65 0.44
CA ARG L 301 -10.51 46.91 0.58
C ARG L 301 -9.71 47.34 1.84
N GLY L 302 -10.25 48.25 2.67
CA GLY L 302 -9.59 48.57 3.93
C GLY L 302 -8.59 49.74 3.91
N THR L 303 -8.50 50.48 2.80
CA THR L 303 -7.49 51.50 2.69
C THR L 303 -8.01 52.89 2.76
N ARG L 304 -9.32 53.02 2.92
CA ARG L 304 -9.98 54.32 3.12
C ARG L 304 -10.94 54.19 4.31
#